data_8VM7
#
_entry.id   8VM7
#
_cell.length_a   1.00
_cell.length_b   1.00
_cell.length_c   1.00
_cell.angle_alpha   90.00
_cell.angle_beta   90.00
_cell.angle_gamma   90.00
#
_symmetry.space_group_name_H-M   'P 1'
#
loop_
_entity.id
_entity.type
_entity.pdbx_description
1 polymer 'Fatty acid synthase'
2 non-polymer 'NADPH DIHYDRO-NICOTINAMIDE-ADENINE-DINUCLEOTIDE PHOSPHATE'
#
_entity_poly.entity_id   1
_entity_poly.type   'polypeptide(L)'
_entity_poly.pdbx_seq_one_letter_code
;MSYYDYKDDDDKDYDIPTTENLYFQGAMGSGIPEEVVIAGMSGKLPESENLQEFWDNLIGGVDMVTDDDRRWKAGLYGLP
RRSGKLKDLSRFDASFFGVHPKQAHTMDPQLRLLLEVTYEAIVDGGINPDSLRGTHTGVWVGVSGSETSEALSRDPETLV
GYSMVGCQRAMMANRLSFFFDFRGPSIALDTACSSSLMALQNAYQAIHSGQCPAAIVGGINVLLKPNTSVQFLRLGMLSP
EGTCKAFDTAGNGYCRSEGVVAVLLTKKSLARRVYATILNAGTNTDGFKEQGVTFPSGDIQEQLIRSLYQSAGVAPESFE
YIEAHGTGTKVGDPQELNGITRALCATRQEPLLIGSTKSNMGHPEPASGLAALAKVLLSLEHGLWAPNLHFHSPNPEIPA
LLDGRLQVVDQPLPVRGGNVGINSFGFGGSNVHIILRPNTQPPPAPAPHATLPRLLRASGRTPEAVQKLLEQGLRHSQDL
AFLSMLNDIAAVPATAMPFRGYAVLGGERGGPEVQQVPAGERPLWFICSGMGTQWRGMGLSLMRLDRFRDSILRSDEAVK
PFGLKVSQLLLSTDESTFDDIVHSFVSLTAIQIGLIDLLSCMGLRPDGIVGHSLGEVACGYADGCLSQEEAVLAAYWRGQ
CIKEAHLPPGAMAAVGLSWEECKQRCPPGVVPACHNSKDTVTISGPQAPVFEFVEQLRKEGVFAKEVRTGGMAFHSYFME
AIAPPLLQELKKVIREPKPRSARWLSTSIPEAQWHSSLARTSSAEYNVNNLVSPVLFQEALWHVPEHAVVLEIAPHALLQ
AVLKRGLKPSCTIIPLMKKDHRDNLEFFLAGIGRLHLSGIDANPNALFPPVEFPAPRGTPLISPLIKWDHSLAWDVPAAE
DFPNGSGSPSAAIYNIDTSSESPDHYLVDHTLDGRVLFPATGYLSIVWKTLARALGLGVEQLPVVFEDVVLHQATILPKT
GTVSLEVRLLEASRAFEVSENGNLVVSGKVYQWDDPDPRLFDHPESPTPNPTEPLFLAQAEVYKELRLRGYDYGPHFQGI
LEASLEGDSGRLLWKDNWVSFMDTMLQMSILGSAKHGLYLPTRVTAIHIDPATHRQKLYTLQDKAQVADVVVSRWLRVTV
AGGVHISGLHTESAPRRQQEQQVPILEKFCFTPHTEEGCLSERAALQEELQLCKGLVQALQTTVTQQGLKMVVPGLDGAQ
IPRDPSQQELPRLLSAACRLQLNGNLQLELAQVLAQERPKLPEDPLLSGLLDSPALKACLDTAVENMPSLKMKVVEVLAG
HGHLYSRIPGLLSPHPLLQLSYTATDRHPQALEAAQAELQQHDVAQGQWDPADPAPSALGSADLLVCNCAVAALGDPASA
LSNMVAALREGGFLLLHTLLRGHPLGDIVAFLTSTEPQYGQGILSQDAWESLFSRVSLRLVGLKKSFYGSTLFLCRRPTP
QDSPIFLPVDDTSFRWVESLKGILADEDSSRPVWLKAINCATSGVVGLVNCLRREPGGNRLRCVLLSNLSSTSHVPEVDP
GSAELQKVLQGDLVMNVYRDGAWGAFRHFLLEEDKPEEPTAHAFVSTLTRGDLSSIRWVCSSLRHAQPTCPGAQLCTVYY
ASLNFRDIMLATGKLSPDAIPGKWTSQDSLLGMEFSGRDASGKRVMGLVPAKGLATSVLLSPDFLWDVPSNWTLEEAASV
PVVYSTAYYALVVRGRVRPGETLLIHSGSGGVGQAAIAIALSLGCRVFTTVGSAEKRAYLQARFPQLDSTSFANSRDTSF
EQHVLWHTGGKGVDLVLNSLAEEKLQASVRCLATHGRFLEIGKFDLSQNHPLGMAIFLKNVTFHGVLLDAFFNESSADWR
EVWALVQAGIRDGVVRPLKCTVFHGAQVEDAFRYMAQGKHIGKVVVQVLAEEPEAVLKGAKPKLMSAISKTFCPAHKSYI
IAGGLGGFGLELAQWLIQRGVQKLVLTSRSGIRTGYQAKQVRRWRRQGVQVQVSTSNISSLEGARGLIAEAAQLGPVGGV
FNLAVVLRDGLLENQTPEFFQDVCKPKYSGTLNLDRVTREACPELDYFVVFSSVSCGRGNAGQSNYGFANSAMERICEKR
RHEGLPGLAVQWGAIGDVGILVETMSTNDTIVSGTLPQRMASCLEVLDLFLNQPHMVLSSFVLAEKAAAYRDRDSQRDLV
EAVAHILGIRDLAAVNLDSSLADLGLDSLMSVEVRQTLERELNLVLSVREVRQLTLRKLQELSSKADEASELACPTPKED
GLAQQQTQLNLRSLLVNPEGPTLMRLNSVQSSERPLFLVHPIEGSTTVFHSLASRLSIPTYGLQCTRAAPLDSIHSLAAY
YIDCIRQVQPEGPYRVAGYSYGACVAFEMCSQLQAQQSPAPTHNSLFLFDGSPTYVLAYTQSYRAKLTPGCEAEAETEAI
CFFVQQFTDMEHNRVLEALLPLKGLEERVAAAVDLIIKSHQGLDRQELSFAARSFYYKLRAAEQYTPKAKYHGNVMLLRA
KTGGAYGEDLGADYNLSQVCDGKVSVHVIEGDHRTLLEGSGLESIISIIHSSLAEPRVSVREGLEHHHHHHHH
;
_entity_poly.pdbx_strand_id   A,B
#
loop_
_chem_comp.id
_chem_comp.type
_chem_comp.name
_chem_comp.formula
NDP non-polymer 'NADPH DIHYDRO-NICOTINAMIDE-ADENINE-DINUCLEOTIDE PHOSPHATE' 'C21 H30 N7 O17 P3'
#
# COMPACT_ATOMS: atom_id res chain seq x y z
N PRO A 33 -22.83 5.17 -54.60
CA PRO A 33 -23.63 4.22 -53.84
C PRO A 33 -24.90 4.82 -53.27
N GLU A 34 -25.00 4.85 -51.94
CA GLU A 34 -26.16 5.37 -51.25
C GLU A 34 -25.72 6.49 -50.31
N GLU A 35 -26.53 7.54 -50.23
CA GLU A 35 -26.20 8.68 -49.38
C GLU A 35 -26.23 8.26 -47.91
N VAL A 36 -25.20 8.67 -47.17
CA VAL A 36 -25.06 8.31 -45.76
C VAL A 36 -25.47 9.52 -44.92
N VAL A 37 -26.27 9.28 -43.88
CA VAL A 37 -26.78 10.33 -43.02
C VAL A 37 -26.45 9.97 -41.57
N ILE A 38 -26.69 10.93 -40.69
CA ILE A 38 -26.51 10.72 -39.24
C ILE A 38 -27.92 10.70 -38.65
N ALA A 39 -28.48 9.50 -38.52
CA ALA A 39 -29.86 9.37 -38.08
C ALA A 39 -30.04 9.81 -36.64
N GLY A 40 -29.19 9.31 -35.73
CA GLY A 40 -29.35 9.58 -34.33
C GLY A 40 -28.01 9.79 -33.65
N MET A 41 -28.07 10.43 -32.49
CA MET A 41 -26.87 10.74 -31.72
C MET A 41 -27.22 10.74 -30.24
N SER A 42 -26.21 10.53 -29.41
CA SER A 42 -26.39 10.56 -27.97
C SER A 42 -25.02 10.31 -27.32
N GLY A 43 -24.90 10.72 -26.07
CA GLY A 43 -23.67 10.48 -25.33
C GLY A 43 -23.68 11.20 -24.00
N LYS A 44 -22.81 10.73 -23.11
CA LYS A 44 -22.59 11.36 -21.83
C LYS A 44 -21.24 12.07 -21.86
N LEU A 45 -21.24 13.35 -21.50
CA LEU A 45 -20.07 14.19 -21.59
C LEU A 45 -19.86 14.90 -20.25
N PRO A 46 -18.67 15.44 -20.02
CA PRO A 46 -18.35 16.00 -18.70
C PRO A 46 -19.39 17.01 -18.25
N GLU A 47 -19.82 16.86 -16.99
CA GLU A 47 -20.83 17.73 -16.40
C GLU A 47 -22.09 17.82 -17.25
N SER A 48 -22.49 16.69 -17.83
CA SER A 48 -23.69 16.63 -18.65
C SER A 48 -24.12 15.19 -18.78
N GLU A 49 -25.30 14.85 -18.24
CA GLU A 49 -25.81 13.50 -18.32
C GLU A 49 -26.34 13.16 -19.70
N ASN A 50 -26.64 14.16 -20.52
CA ASN A 50 -27.17 13.94 -21.86
C ASN A 50 -26.84 15.14 -22.72
N LEU A 51 -27.00 14.97 -24.04
CA LEU A 51 -26.63 16.03 -24.97
C LEU A 51 -27.39 17.33 -24.71
N GLN A 52 -28.55 17.27 -24.07
CA GLN A 52 -29.26 18.49 -23.71
C GLN A 52 -28.45 19.32 -22.74
N GLU A 53 -27.92 18.68 -21.69
CA GLU A 53 -27.04 19.39 -20.77
C GLU A 53 -25.78 19.84 -21.47
N PHE A 54 -25.27 19.03 -22.40
CA PHE A 54 -24.07 19.41 -23.15
C PHE A 54 -24.30 20.72 -23.91
N TRP A 55 -25.44 20.83 -24.59
CA TRP A 55 -25.74 22.07 -25.31
C TRP A 55 -25.98 23.22 -24.35
N ASP A 56 -26.72 22.97 -23.26
CA ASP A 56 -26.99 24.04 -22.31
C ASP A 56 -25.70 24.60 -21.73
N ASN A 57 -24.71 23.74 -21.53
CA ASN A 57 -23.42 24.20 -21.03
C ASN A 57 -22.62 24.91 -22.12
N LEU A 58 -22.63 24.36 -23.34
CA LEU A 58 -21.86 24.97 -24.42
C LEU A 58 -22.35 26.38 -24.73
N ILE A 59 -23.66 26.55 -24.89
CA ILE A 59 -24.21 27.86 -25.21
C ILE A 59 -23.99 28.83 -24.06
N GLY A 60 -24.20 28.37 -22.83
CA GLY A 60 -24.07 29.24 -21.67
C GLY A 60 -22.65 29.60 -21.29
N GLY A 61 -21.67 28.90 -21.86
CA GLY A 61 -20.27 29.21 -21.57
C GLY A 61 -19.72 28.60 -20.31
N VAL A 62 -20.47 27.73 -19.63
CA VAL A 62 -19.97 27.13 -18.40
C VAL A 62 -18.81 26.21 -18.73
N ASP A 63 -17.73 26.32 -17.94
CA ASP A 63 -16.54 25.52 -18.17
C ASP A 63 -16.78 24.12 -17.62
N MET A 64 -16.66 23.11 -18.50
CA MET A 64 -16.93 21.73 -18.13
C MET A 64 -15.76 21.05 -17.44
N VAL A 65 -14.60 21.68 -17.42
CA VAL A 65 -13.47 21.14 -16.67
C VAL A 65 -13.67 21.43 -15.19
N THR A 66 -13.23 20.51 -14.34
CA THR A 66 -13.53 20.59 -12.92
C THR A 66 -12.28 20.34 -12.10
N ASP A 67 -12.27 20.90 -10.89
CA ASP A 67 -11.18 20.70 -9.94
C ASP A 67 -11.55 19.72 -8.83
N ASP A 68 -12.72 19.09 -8.92
CA ASP A 68 -13.10 18.11 -7.91
C ASP A 68 -12.09 16.98 -7.86
N ASP A 69 -12.09 16.26 -6.74
CA ASP A 69 -11.13 15.19 -6.50
C ASP A 69 -11.77 13.82 -6.42
N ARG A 70 -12.79 13.55 -7.24
CA ARG A 70 -13.47 12.26 -7.15
C ARG A 70 -12.63 11.14 -7.76
N ARG A 71 -11.97 11.41 -8.89
CA ARG A 71 -11.20 10.35 -9.54
C ARG A 71 -9.95 9.99 -8.74
N TRP A 72 -9.17 10.98 -8.33
CA TRP A 72 -8.00 10.74 -7.49
C TRP A 72 -7.70 12.01 -6.71
N LYS A 73 -6.91 11.85 -5.64
CA LYS A 73 -6.52 12.98 -4.82
C LYS A 73 -5.99 14.11 -5.68
N ALA A 74 -6.68 15.26 -5.64
CA ALA A 74 -6.34 16.37 -6.52
C ALA A 74 -4.88 16.77 -6.34
N GLY A 75 -4.17 16.95 -7.45
CA GLY A 75 -2.76 17.25 -7.40
C GLY A 75 -1.88 16.05 -7.15
N LEU A 76 -2.41 14.84 -7.24
CA LEU A 76 -1.62 13.64 -7.00
C LEU A 76 -0.49 13.54 -8.00
N TYR A 77 0.71 13.21 -7.51
CA TYR A 77 1.88 13.03 -8.35
C TYR A 77 2.28 14.31 -9.08
N GLY A 78 1.73 15.44 -8.67
CA GLY A 78 2.00 16.70 -9.34
C GLY A 78 1.19 16.94 -10.60
N LEU A 79 0.25 16.06 -10.92
CA LEU A 79 -0.57 16.20 -12.11
C LEU A 79 -1.40 17.47 -12.05
N PRO A 80 -2.04 17.86 -13.16
CA PRO A 80 -2.95 19.01 -13.10
C PRO A 80 -4.16 18.72 -12.25
N ARG A 81 -4.72 19.78 -11.67
CA ARG A 81 -5.85 19.67 -10.77
C ARG A 81 -7.19 19.68 -11.49
N ARG A 82 -7.20 19.88 -12.80
CA ARG A 82 -8.43 20.06 -13.56
C ARG A 82 -8.52 19.03 -14.68
N SER A 83 -9.72 18.49 -14.87
CA SER A 83 -9.97 17.54 -15.95
C SER A 83 -11.46 17.44 -16.16
N GLY A 84 -11.85 16.85 -17.29
CA GLY A 84 -13.25 16.65 -17.59
C GLY A 84 -13.75 15.31 -17.09
N LYS A 85 -14.56 15.32 -16.04
CA LYS A 85 -15.01 14.11 -15.37
C LYS A 85 -16.52 14.02 -15.44
N LEU A 86 -17.03 12.85 -15.84
CA LEU A 86 -18.46 12.61 -15.84
C LEU A 86 -19.00 12.61 -14.42
N LYS A 87 -20.29 12.90 -14.29
CA LYS A 87 -20.89 13.03 -12.97
C LYS A 87 -20.95 11.67 -12.25
N ASP A 88 -21.43 10.64 -12.94
CA ASP A 88 -21.60 9.33 -12.33
C ASP A 88 -21.13 8.23 -13.26
N LEU A 89 -20.53 7.19 -12.69
CA LEU A 89 -20.12 6.01 -13.43
C LEU A 89 -20.67 4.71 -12.86
N SER A 90 -21.38 4.75 -11.74
CA SER A 90 -21.82 3.56 -11.03
C SER A 90 -23.32 3.34 -11.15
N ARG A 91 -23.87 3.60 -12.34
CA ARG A 91 -25.28 3.36 -12.60
C ARG A 91 -25.41 2.56 -13.89
N PHE A 92 -26.26 1.53 -13.87
CA PHE A 92 -26.46 0.68 -15.02
C PHE A 92 -27.71 -0.17 -14.86
N ASP A 93 -28.56 -0.21 -15.88
CA ASP A 93 -29.80 -0.97 -15.83
C ASP A 93 -29.51 -2.38 -16.32
N ALA A 94 -29.01 -3.19 -15.38
CA ALA A 94 -28.62 -4.56 -15.73
C ALA A 94 -29.80 -5.39 -16.21
N SER A 95 -30.97 -5.20 -15.58
CA SER A 95 -32.11 -6.03 -15.92
C SER A 95 -32.50 -5.88 -17.39
N PHE A 96 -32.49 -4.65 -17.90
CA PHE A 96 -32.91 -4.43 -19.28
C PHE A 96 -31.99 -5.13 -20.26
N PHE A 97 -30.69 -5.09 -20.01
CA PHE A 97 -29.71 -5.69 -20.91
C PHE A 97 -29.39 -7.13 -20.54
N GLY A 98 -30.07 -7.70 -19.55
CA GLY A 98 -29.89 -9.10 -19.22
C GLY A 98 -28.51 -9.44 -18.70
N VAL A 99 -27.94 -8.58 -17.88
CA VAL A 99 -26.64 -8.81 -17.26
C VAL A 99 -26.88 -9.14 -15.80
N HIS A 100 -26.44 -10.32 -15.38
CA HIS A 100 -26.62 -10.73 -13.99
C HIS A 100 -25.74 -9.88 -13.07
N PRO A 101 -26.16 -9.70 -11.81
CA PRO A 101 -25.44 -8.76 -10.94
C PRO A 101 -23.95 -9.04 -10.80
N LYS A 102 -23.56 -10.31 -10.70
CA LYS A 102 -22.13 -10.62 -10.59
C LYS A 102 -21.40 -10.19 -11.86
N GLN A 103 -21.99 -10.43 -13.03
CA GLN A 103 -21.37 -9.98 -14.27
C GLN A 103 -21.34 -8.46 -14.35
N ALA A 104 -22.37 -7.79 -13.83
CA ALA A 104 -22.42 -6.33 -13.90
C ALA A 104 -21.27 -5.69 -13.14
N HIS A 105 -20.96 -6.21 -11.96
CA HIS A 105 -19.90 -5.61 -11.15
C HIS A 105 -18.54 -5.68 -11.83
N THR A 106 -18.24 -6.81 -12.45
CA THR A 106 -16.98 -7.03 -13.14
C THR A 106 -16.98 -6.48 -14.55
N MET A 107 -17.87 -5.55 -14.86
CA MET A 107 -18.02 -5.02 -16.21
C MET A 107 -17.41 -3.63 -16.29
N ASP A 108 -16.68 -3.38 -17.37
CA ASP A 108 -16.05 -2.09 -17.58
C ASP A 108 -17.11 -0.99 -17.59
N PRO A 109 -16.92 0.10 -16.85
CA PRO A 109 -17.91 1.18 -16.89
C PRO A 109 -18.12 1.73 -18.29
N GLN A 110 -17.09 1.71 -19.13
CA GLN A 110 -17.23 2.17 -20.50
C GLN A 110 -18.34 1.41 -21.21
N LEU A 111 -18.31 0.07 -21.13
CA LEU A 111 -19.34 -0.74 -21.77
C LEU A 111 -20.71 -0.50 -21.13
N ARG A 112 -20.75 -0.35 -19.81
CA ARG A 112 -22.02 -0.13 -19.12
C ARG A 112 -22.69 1.14 -19.63
N LEU A 113 -21.93 2.23 -19.75
CA LEU A 113 -22.51 3.47 -20.26
C LEU A 113 -22.76 3.39 -21.77
N LEU A 114 -21.92 2.65 -22.50
CA LEU A 114 -22.05 2.62 -23.95
C LEU A 114 -23.31 1.87 -24.37
N LEU A 115 -23.70 0.82 -23.64
CA LEU A 115 -24.96 0.16 -23.95
C LEU A 115 -26.13 1.15 -23.89
N GLU A 116 -26.23 1.89 -22.79
CA GLU A 116 -27.31 2.85 -22.63
C GLU A 116 -27.24 3.93 -23.69
N VAL A 117 -26.04 4.44 -23.96
CA VAL A 117 -25.91 5.53 -24.93
C VAL A 117 -26.28 5.05 -26.33
N THR A 118 -25.90 3.82 -26.67
CA THR A 118 -26.26 3.27 -27.97
C THR A 118 -27.77 3.10 -28.10
N TYR A 119 -28.42 2.59 -27.05
CA TYR A 119 -29.87 2.47 -27.11
C TYR A 119 -30.53 3.84 -27.25
N GLU A 120 -30.03 4.83 -26.52
CA GLU A 120 -30.58 6.18 -26.62
C GLU A 120 -30.35 6.77 -28.01
N ALA A 121 -29.23 6.43 -28.64
CA ALA A 121 -28.95 6.96 -29.97
C ALA A 121 -29.84 6.32 -31.03
N ILE A 122 -30.06 5.01 -30.93
CA ILE A 122 -30.92 4.33 -31.90
C ILE A 122 -32.33 4.90 -31.83
N VAL A 123 -32.88 5.01 -30.61
CA VAL A 123 -34.22 5.56 -30.45
C VAL A 123 -34.25 7.04 -30.78
N ASP A 124 -33.14 7.74 -30.56
CA ASP A 124 -33.11 9.17 -30.84
C ASP A 124 -33.45 9.47 -32.28
N GLY A 125 -33.13 8.56 -33.20
CA GLY A 125 -33.41 8.74 -34.60
C GLY A 125 -34.82 8.39 -35.02
N GLY A 126 -35.69 8.06 -34.07
CA GLY A 126 -37.04 7.65 -34.39
C GLY A 126 -37.19 6.20 -34.81
N ILE A 127 -36.12 5.41 -34.72
CA ILE A 127 -36.14 4.02 -35.12
C ILE A 127 -36.34 3.15 -33.88
N ASN A 128 -37.08 2.07 -34.04
CA ASN A 128 -37.21 1.08 -32.97
C ASN A 128 -36.02 0.14 -33.03
N PRO A 129 -35.27 -0.02 -31.94
CA PRO A 129 -34.07 -0.88 -31.98
C PRO A 129 -34.35 -2.32 -32.36
N ASP A 130 -35.62 -2.71 -32.52
CA ASP A 130 -35.94 -4.08 -32.90
C ASP A 130 -35.89 -4.27 -34.41
N SER A 131 -36.28 -3.24 -35.17
CA SER A 131 -36.27 -3.36 -36.62
C SER A 131 -34.88 -3.61 -37.17
N LEU A 132 -33.84 -3.27 -36.40
CA LEU A 132 -32.46 -3.56 -36.79
C LEU A 132 -32.00 -4.94 -36.34
N ARG A 133 -32.81 -5.67 -35.57
CA ARG A 133 -32.41 -6.98 -35.10
C ARG A 133 -32.37 -7.97 -36.25
N GLY A 134 -31.24 -8.68 -36.37
CA GLY A 134 -31.04 -9.63 -37.42
C GLY A 134 -30.48 -9.06 -38.69
N THR A 135 -30.37 -7.73 -38.80
CA THR A 135 -29.83 -7.09 -39.99
C THR A 135 -28.32 -7.23 -40.02
N HIS A 136 -27.70 -6.72 -41.07
CA HIS A 136 -26.21 -6.77 -41.17
C HIS A 136 -25.63 -5.44 -40.66
N THR A 137 -26.28 -4.81 -39.69
CA THR A 137 -25.74 -3.61 -39.09
C THR A 137 -24.40 -3.89 -38.41
N GLY A 138 -23.48 -2.95 -38.53
CA GLY A 138 -22.16 -3.10 -37.93
C GLY A 138 -21.92 -2.16 -36.78
N VAL A 139 -20.87 -2.42 -36.00
CA VAL A 139 -20.51 -1.60 -34.86
C VAL A 139 -19.02 -1.30 -34.93
N TRP A 140 -18.66 -0.02 -34.83
CA TRP A 140 -17.27 0.41 -34.78
C TRP A 140 -17.10 1.29 -33.55
N VAL A 141 -16.24 0.86 -32.63
CA VAL A 141 -16.01 1.56 -31.37
C VAL A 141 -14.55 1.95 -31.28
N GLY A 142 -14.30 3.20 -30.94
CA GLY A 142 -12.94 3.68 -30.78
C GLY A 142 -12.57 3.86 -29.31
N VAL A 143 -11.72 2.99 -28.81
CA VAL A 143 -11.30 3.01 -27.41
C VAL A 143 -9.78 2.98 -27.35
N SER A 144 -9.23 3.52 -26.27
CA SER A 144 -7.79 3.56 -26.09
C SER A 144 -7.36 3.21 -24.67
N GLY A 145 -8.26 2.70 -23.83
CA GLY A 145 -7.91 2.34 -22.48
C GLY A 145 -8.64 1.13 -21.96
N SER A 146 -7.89 0.19 -21.39
CA SER A 146 -8.44 -1.02 -20.78
C SER A 146 -8.10 -1.07 -19.30
N GLU A 147 -8.25 0.08 -18.62
CA GLU A 147 -7.85 0.16 -17.22
C GLU A 147 -8.64 -0.82 -16.35
N THR A 148 -9.93 -1.01 -16.64
CA THR A 148 -10.74 -1.88 -15.81
C THR A 148 -10.22 -3.31 -15.81
N SER A 149 -9.78 -3.79 -16.98
CA SER A 149 -9.25 -5.15 -17.05
C SER A 149 -8.00 -5.30 -16.18
N GLU A 150 -7.14 -4.29 -16.17
CA GLU A 150 -5.93 -4.36 -15.36
C GLU A 150 -6.25 -4.41 -13.87
N ALA A 151 -7.34 -3.75 -13.47
CA ALA A 151 -7.70 -3.75 -12.06
C ALA A 151 -8.34 -5.06 -11.63
N LEU A 152 -9.16 -5.66 -12.49
CA LEU A 152 -9.86 -6.87 -12.12
C LEU A 152 -8.98 -8.11 -12.20
N SER A 153 -7.81 -8.02 -12.81
CA SER A 153 -6.91 -9.15 -12.99
C SER A 153 -5.60 -8.92 -12.24
N ARG A 154 -5.67 -8.44 -11.01
CA ARG A 154 -4.48 -8.17 -10.23
C ARG A 154 -4.26 -9.15 -9.09
N ASP A 155 -5.25 -9.96 -8.74
CA ASP A 155 -5.13 -10.97 -7.69
C ASP A 155 -5.58 -12.31 -8.28
N PRO A 156 -4.63 -13.13 -8.75
CA PRO A 156 -5.02 -14.41 -9.33
C PRO A 156 -5.78 -15.31 -8.37
N GLU A 157 -5.57 -15.15 -7.07
CA GLU A 157 -6.27 -15.99 -6.10
C GLU A 157 -7.77 -15.77 -6.14
N THR A 158 -8.21 -14.51 -6.27
CA THR A 158 -9.63 -14.17 -6.16
C THR A 158 -10.23 -13.62 -7.44
N LEU A 159 -9.44 -13.38 -8.48
CA LEU A 159 -10.00 -12.83 -9.70
C LEU A 159 -10.94 -13.82 -10.35
N VAL A 160 -11.99 -13.29 -10.99
CA VAL A 160 -13.01 -14.10 -11.63
C VAL A 160 -12.86 -13.97 -13.14
N GLY A 161 -13.28 -15.00 -13.86
CA GLY A 161 -13.13 -15.04 -15.30
C GLY A 161 -14.17 -14.24 -16.07
N TYR A 162 -15.22 -13.76 -15.40
CA TYR A 162 -16.20 -12.94 -16.10
C TYR A 162 -15.59 -11.63 -16.57
N SER A 163 -14.56 -11.14 -15.87
CA SER A 163 -13.97 -9.86 -16.23
C SER A 163 -13.40 -9.88 -17.64
N MET A 164 -12.98 -11.06 -18.11
CA MET A 164 -12.47 -11.15 -19.48
C MET A 164 -13.55 -10.79 -20.49
N VAL A 165 -14.76 -11.30 -20.29
CA VAL A 165 -15.85 -10.99 -21.22
C VAL A 165 -16.29 -9.55 -21.06
N GLY A 166 -16.42 -9.07 -19.82
CA GLY A 166 -16.94 -7.74 -19.57
C GLY A 166 -15.94 -6.61 -19.60
N CYS A 167 -14.66 -6.91 -19.74
CA CYS A 167 -13.63 -5.87 -19.71
C CYS A 167 -12.65 -5.92 -20.86
N GLN A 168 -12.71 -6.92 -21.72
CA GLN A 168 -11.82 -6.97 -22.88
C GLN A 168 -12.12 -5.83 -23.84
N ARG A 169 -11.08 -5.35 -24.51
CA ARG A 169 -11.26 -4.24 -25.44
C ARG A 169 -12.17 -4.61 -26.60
N ALA A 170 -12.08 -5.84 -27.10
CA ALA A 170 -12.92 -6.26 -28.21
C ALA A 170 -14.39 -6.30 -27.82
N MET A 171 -14.67 -6.65 -26.57
CA MET A 171 -16.04 -6.75 -26.10
C MET A 171 -16.76 -5.41 -26.04
N MET A 172 -16.04 -4.29 -26.20
CA MET A 172 -16.68 -3.00 -26.23
C MET A 172 -17.57 -2.83 -27.46
N ALA A 173 -17.43 -3.72 -28.44
CA ALA A 173 -18.30 -3.77 -29.61
C ALA A 173 -19.07 -5.07 -29.72
N ASN A 174 -18.44 -6.20 -29.37
CA ASN A 174 -19.12 -7.48 -29.47
C ASN A 174 -20.30 -7.55 -28.51
N ARG A 175 -20.21 -6.91 -27.34
CA ARG A 175 -21.35 -6.90 -26.44
C ARG A 175 -22.55 -6.18 -27.06
N LEU A 176 -22.30 -5.04 -27.72
CA LEU A 176 -23.37 -4.35 -28.40
C LEU A 176 -23.96 -5.19 -29.52
N SER A 177 -23.08 -5.81 -30.33
CA SER A 177 -23.56 -6.68 -31.41
C SER A 177 -24.40 -7.82 -30.86
N PHE A 178 -24.02 -8.34 -29.70
CA PHE A 178 -24.73 -9.47 -29.11
C PHE A 178 -26.09 -9.05 -28.56
N PHE A 179 -26.14 -7.90 -27.88
CA PHE A 179 -27.41 -7.46 -27.30
C PHE A 179 -28.39 -7.03 -28.38
N PHE A 180 -27.94 -6.22 -29.33
CA PHE A 180 -28.81 -5.68 -30.37
C PHE A 180 -28.96 -6.64 -31.55
N ASP A 181 -28.30 -7.80 -31.51
CA ASP A 181 -28.38 -8.78 -32.57
C ASP A 181 -28.00 -8.16 -33.92
N PHE A 182 -26.76 -7.68 -33.98
CA PHE A 182 -26.20 -7.09 -35.18
C PHE A 182 -25.30 -8.12 -35.85
N ARG A 183 -25.58 -8.42 -37.12
CA ARG A 183 -24.82 -9.41 -37.87
C ARG A 183 -23.68 -8.82 -38.67
N GLY A 184 -23.52 -7.49 -38.65
CA GLY A 184 -22.49 -6.86 -39.41
C GLY A 184 -21.16 -6.84 -38.68
N PRO A 185 -20.17 -6.22 -39.32
CA PRO A 185 -18.84 -6.14 -38.70
C PRO A 185 -18.90 -5.42 -37.36
N SER A 186 -18.11 -5.92 -36.40
CA SER A 186 -18.03 -5.35 -35.05
C SER A 186 -16.56 -5.33 -34.66
N ILE A 187 -15.91 -4.20 -34.87
CA ILE A 187 -14.49 -4.04 -34.57
C ILE A 187 -14.33 -3.05 -33.43
N ALA A 188 -13.10 -2.91 -32.94
CA ALA A 188 -12.75 -1.98 -31.88
C ALA A 188 -11.44 -1.31 -32.28
N LEU A 189 -11.54 -0.16 -32.95
CA LEU A 189 -10.36 0.54 -33.41
C LEU A 189 -9.55 1.06 -32.22
N ASP A 190 -8.27 1.35 -32.47
CA ASP A 190 -7.35 1.70 -31.42
C ASP A 190 -6.52 2.95 -31.66
N THR A 191 -6.60 3.56 -32.85
CA THR A 191 -5.82 4.77 -33.10
C THR A 191 -6.18 5.84 -32.09
N ALA A 192 -5.17 6.46 -31.50
CA ALA A 192 -5.37 7.41 -30.42
C ALA A 192 -5.73 8.79 -30.98
N CYS A 193 -6.72 9.41 -30.35
CA CYS A 193 -7.23 10.74 -30.70
C CYS A 193 -8.02 10.74 -32.00
N SER A 194 -8.08 9.62 -32.71
CA SER A 194 -8.84 9.53 -33.94
C SER A 194 -9.71 8.29 -34.01
N SER A 195 -9.77 7.49 -32.95
CA SER A 195 -10.49 6.23 -33.01
C SER A 195 -11.98 6.46 -33.29
N SER A 196 -12.57 7.49 -32.69
CA SER A 196 -13.99 7.74 -32.92
C SER A 196 -14.25 8.18 -34.35
N LEU A 197 -13.49 9.16 -34.84
CA LEU A 197 -13.66 9.59 -36.22
C LEU A 197 -13.20 8.53 -37.20
N MET A 198 -12.18 7.75 -36.83
CA MET A 198 -11.77 6.64 -37.69
C MET A 198 -12.89 5.61 -37.81
N ALA A 199 -13.57 5.32 -36.70
CA ALA A 199 -14.71 4.41 -36.75
C ALA A 199 -15.84 4.99 -37.59
N LEU A 200 -16.07 6.30 -37.48
CA LEU A 200 -17.09 6.93 -38.31
C LEU A 200 -16.75 6.79 -39.79
N GLN A 201 -15.48 7.00 -40.13
CA GLN A 201 -15.05 6.84 -41.52
C GLN A 201 -15.21 5.41 -42.00
N ASN A 202 -14.86 4.44 -41.14
CA ASN A 202 -15.04 3.04 -41.51
C ASN A 202 -16.51 2.72 -41.75
N ALA A 203 -17.40 3.22 -40.88
CA ALA A 203 -18.83 2.98 -41.07
C ALA A 203 -19.33 3.64 -42.34
N TYR A 204 -18.86 4.85 -42.63
CA TYR A 204 -19.24 5.51 -43.87
C TYR A 204 -18.81 4.71 -45.08
N GLN A 205 -17.59 4.19 -45.07
CA GLN A 205 -17.12 3.38 -46.20
C GLN A 205 -17.91 2.09 -46.32
N ALA A 206 -18.24 1.46 -45.18
CA ALA A 206 -19.01 0.23 -45.22
C ALA A 206 -20.40 0.46 -45.81
N ILE A 207 -21.07 1.54 -45.39
CA ILE A 207 -22.40 1.83 -45.91
C ILE A 207 -22.35 2.24 -47.36
N HIS A 208 -21.37 3.08 -47.73
CA HIS A 208 -21.32 3.64 -49.07
C HIS A 208 -21.13 2.56 -50.12
N SER A 209 -20.51 1.44 -49.76
CA SER A 209 -20.29 0.34 -50.69
C SER A 209 -21.40 -0.70 -50.65
N GLY A 210 -22.43 -0.49 -49.85
CA GLY A 210 -23.50 -1.45 -49.72
C GLY A 210 -23.22 -2.59 -48.78
N GLN A 211 -22.06 -2.60 -48.12
CA GLN A 211 -21.72 -3.71 -47.23
C GLN A 211 -22.69 -3.80 -46.04
N CYS A 212 -23.03 -2.65 -45.46
CA CYS A 212 -23.92 -2.62 -44.31
C CYS A 212 -25.03 -1.59 -44.53
N PRO A 213 -26.22 -1.84 -43.98
CA PRO A 213 -27.31 -0.86 -44.07
C PRO A 213 -27.43 0.07 -42.88
N ALA A 214 -26.57 -0.07 -41.87
CA ALA A 214 -26.62 0.75 -40.67
C ALA A 214 -25.40 0.45 -39.83
N ALA A 215 -24.95 1.45 -39.07
CA ALA A 215 -23.79 1.32 -38.21
C ALA A 215 -24.01 2.10 -36.92
N ILE A 216 -23.32 1.67 -35.86
CA ILE A 216 -23.35 2.34 -34.58
C ILE A 216 -21.93 2.78 -34.28
N VAL A 217 -21.61 4.02 -34.61
CA VAL A 217 -20.28 4.58 -34.40
C VAL A 217 -20.25 5.24 -33.04
N GLY A 218 -19.28 4.84 -32.20
CA GLY A 218 -19.19 5.36 -30.87
C GLY A 218 -17.77 5.34 -30.33
N GLY A 219 -17.54 6.14 -29.30
CA GLY A 219 -16.27 6.17 -28.62
C GLY A 219 -16.46 6.16 -27.11
N ILE A 220 -15.36 5.93 -26.40
CA ILE A 220 -15.40 5.84 -24.95
C ILE A 220 -14.03 6.21 -24.39
N ASN A 221 -14.03 6.84 -23.23
CA ASN A 221 -12.80 7.19 -22.53
C ASN A 221 -13.15 7.50 -21.08
N VAL A 222 -12.53 6.78 -20.15
CA VAL A 222 -12.77 6.97 -18.72
C VAL A 222 -11.43 7.01 -18.00
N LEU A 223 -11.29 7.95 -17.07
CA LEU A 223 -10.07 8.14 -16.31
C LEU A 223 -10.15 7.35 -15.01
N LEU A 224 -9.31 6.33 -14.87
CA LEU A 224 -9.32 5.52 -13.67
C LEU A 224 -7.92 5.36 -13.09
N LYS A 225 -6.90 5.37 -13.94
CA LYS A 225 -5.53 5.17 -13.51
C LYS A 225 -4.75 6.47 -13.66
N PRO A 226 -4.25 7.06 -12.57
CA PRO A 226 -3.45 8.28 -12.70
C PRO A 226 -2.13 8.07 -13.42
N ASN A 227 -1.67 6.82 -13.54
CA ASN A 227 -0.37 6.56 -14.16
C ASN A 227 -0.33 7.04 -15.61
N THR A 228 -1.44 6.90 -16.33
CA THR A 228 -1.48 7.40 -17.71
C THR A 228 -1.33 8.91 -17.74
N SER A 229 -1.96 9.61 -16.81
CA SER A 229 -1.78 11.05 -16.72
C SER A 229 -0.35 11.40 -16.37
N VAL A 230 0.29 10.60 -15.52
CA VAL A 230 1.70 10.82 -15.21
C VAL A 230 2.55 10.67 -16.46
N GLN A 231 2.27 9.65 -17.27
CA GLN A 231 2.98 9.48 -18.53
C GLN A 231 2.80 10.69 -19.44
N PHE A 232 1.56 11.15 -19.58
CA PHE A 232 1.31 12.30 -20.45
C PHE A 232 2.02 13.55 -19.94
N LEU A 233 2.02 13.74 -18.62
CA LEU A 233 2.76 14.87 -18.05
C LEU A 233 4.25 14.75 -18.36
N ARG A 234 4.81 13.54 -18.24
CA ARG A 234 6.21 13.34 -18.56
C ARG A 234 6.51 13.68 -20.02
N LEU A 235 5.63 13.27 -20.94
CA LEU A 235 5.85 13.58 -22.35
C LEU A 235 5.78 15.07 -22.61
N GLY A 236 5.03 15.82 -21.81
CA GLY A 236 4.87 17.25 -21.99
C GLY A 236 3.58 17.67 -22.67
N MET A 237 2.68 16.73 -22.97
CA MET A 237 1.45 17.07 -23.65
C MET A 237 0.49 17.82 -22.73
N LEU A 238 0.34 17.38 -21.49
CA LEU A 238 -0.61 18.00 -20.59
C LEU A 238 -0.15 19.40 -20.21
N SER A 239 -1.12 20.31 -20.13
CA SER A 239 -0.88 21.71 -19.78
C SER A 239 -1.00 21.90 -18.28
N PRO A 240 -0.02 22.52 -17.63
CA PRO A 240 -0.12 22.69 -16.16
C PRO A 240 -1.36 23.45 -15.73
N GLU A 241 -1.86 24.37 -16.55
CA GLU A 241 -3.08 25.08 -16.21
C GLU A 241 -4.34 24.27 -16.43
N GLY A 242 -4.27 23.18 -17.18
CA GLY A 242 -5.42 22.32 -17.38
C GLY A 242 -6.48 22.85 -18.32
N THR A 243 -6.20 23.92 -19.05
CA THR A 243 -7.16 24.53 -19.97
C THR A 243 -6.63 24.43 -21.38
N CYS A 244 -7.44 23.90 -22.30
CA CYS A 244 -7.05 23.76 -23.70
C CYS A 244 -7.28 25.09 -24.39
N LYS A 245 -6.34 26.01 -24.19
CA LYS A 245 -6.43 27.36 -24.75
C LYS A 245 -6.09 27.28 -26.24
N ALA A 246 -7.05 26.79 -27.01
CA ALA A 246 -6.85 26.63 -28.44
C ALA A 246 -6.75 27.98 -29.13
N PHE A 247 -5.84 28.07 -30.10
CA PHE A 247 -5.69 29.24 -30.96
C PHE A 247 -5.20 30.47 -30.22
N ASP A 248 -4.66 30.30 -29.02
CA ASP A 248 -4.22 31.42 -28.21
C ASP A 248 -2.70 31.38 -28.01
N THR A 249 -2.14 32.52 -27.66
CA THR A 249 -0.69 32.61 -27.50
C THR A 249 -0.20 31.71 -26.38
N ALA A 250 -0.92 31.68 -25.26
CA ALA A 250 -0.50 30.92 -24.09
C ALA A 250 -1.17 29.55 -24.10
N GLY A 251 -0.72 28.71 -25.04
CA GLY A 251 -1.22 27.35 -25.12
C GLY A 251 -0.17 26.33 -24.75
N ASN A 252 -0.33 25.70 -23.59
CA ASN A 252 0.67 24.76 -23.09
C ASN A 252 0.40 23.32 -23.51
N GLY A 253 -0.87 22.92 -23.59
CA GLY A 253 -1.20 21.56 -23.94
C GLY A 253 -2.70 21.31 -23.88
N TYR A 254 -3.10 20.15 -23.37
CA TYR A 254 -4.50 19.82 -23.24
C TYR A 254 -4.76 19.15 -21.90
N CYS A 255 -5.99 19.24 -21.44
CA CYS A 255 -6.42 18.65 -20.18
C CYS A 255 -7.24 17.39 -20.47
N ARG A 256 -6.91 16.30 -19.79
CA ARG A 256 -7.60 15.05 -20.03
C ARG A 256 -9.07 15.15 -19.63
N SER A 257 -9.91 14.47 -20.40
CA SER A 257 -11.35 14.46 -20.15
C SER A 257 -11.87 13.06 -20.44
N GLU A 258 -13.19 12.91 -20.43
CA GLU A 258 -13.80 11.61 -20.66
C GLU A 258 -15.20 11.81 -21.23
N GLY A 259 -15.69 10.78 -21.89
CA GLY A 259 -17.01 10.83 -22.47
C GLY A 259 -17.36 9.50 -23.12
N VAL A 260 -18.66 9.30 -23.31
CA VAL A 260 -19.20 8.12 -23.97
C VAL A 260 -20.21 8.62 -24.99
N VAL A 261 -19.83 8.63 -26.26
CA VAL A 261 -20.67 9.18 -27.33
C VAL A 261 -20.86 8.09 -28.38
N ALA A 262 -22.11 7.91 -28.81
CA ALA A 262 -22.45 6.95 -29.85
C ALA A 262 -23.38 7.61 -30.86
N VAL A 263 -23.18 7.30 -32.14
CA VAL A 263 -23.97 7.88 -33.21
C VAL A 263 -24.47 6.77 -34.12
N LEU A 264 -25.63 6.98 -34.72
CA LEU A 264 -26.26 6.01 -35.60
C LEU A 264 -26.18 6.50 -37.04
N LEU A 265 -25.32 5.86 -37.84
CA LEU A 265 -25.21 6.14 -39.26
C LEU A 265 -26.04 5.11 -40.03
N THR A 266 -26.85 5.60 -40.96
CA THR A 266 -27.73 4.74 -41.73
C THR A 266 -27.90 5.32 -43.12
N LYS A 267 -28.35 4.47 -44.04
CA LYS A 267 -28.61 4.93 -45.39
C LYS A 267 -29.82 5.85 -45.41
N LYS A 268 -29.97 6.58 -46.51
CA LYS A 268 -31.03 7.58 -46.61
C LYS A 268 -32.41 6.93 -46.49
N SER A 269 -32.59 5.77 -47.11
CA SER A 269 -33.91 5.14 -47.12
C SER A 269 -34.36 4.78 -45.71
N LEU A 270 -33.47 4.21 -44.90
CA LEU A 270 -33.83 3.78 -43.56
C LEU A 270 -33.92 4.93 -42.56
N ALA A 271 -33.35 6.08 -42.88
CA ALA A 271 -33.30 7.17 -41.92
C ALA A 271 -34.69 7.73 -41.63
N ARG A 272 -34.86 8.25 -40.42
CA ARG A 272 -36.08 8.92 -40.00
C ARG A 272 -35.86 10.39 -39.73
N ARG A 273 -34.86 10.73 -38.92
CA ARG A 273 -34.42 12.10 -38.72
C ARG A 273 -32.97 12.21 -39.16
N VAL A 274 -32.67 13.21 -39.98
CA VAL A 274 -31.33 13.41 -40.53
C VAL A 274 -30.72 14.64 -39.86
N TYR A 275 -29.58 14.44 -39.21
CA TYR A 275 -28.83 15.57 -38.67
C TYR A 275 -28.00 16.24 -39.75
N ALA A 276 -27.15 15.46 -40.43
CA ALA A 276 -26.36 15.94 -41.55
C ALA A 276 -26.02 14.75 -42.42
N THR A 277 -25.69 15.04 -43.68
CA THR A 277 -25.33 14.02 -44.65
C THR A 277 -23.83 14.05 -44.85
N ILE A 278 -23.17 12.91 -44.61
CA ILE A 278 -21.72 12.83 -44.71
C ILE A 278 -21.32 12.80 -46.18
N LEU A 279 -20.91 13.95 -46.71
CA LEU A 279 -20.54 14.03 -48.11
C LEU A 279 -19.32 13.15 -48.41
N ASN A 280 -18.35 13.13 -47.51
CA ASN A 280 -17.16 12.31 -47.70
C ASN A 280 -16.46 12.15 -46.37
N ALA A 281 -15.60 11.13 -46.29
CA ALA A 281 -14.85 10.85 -45.07
C ALA A 281 -13.62 10.05 -45.46
N GLY A 282 -12.44 10.63 -45.25
CA GLY A 282 -11.21 9.97 -45.62
C GLY A 282 -10.23 9.85 -44.47
N THR A 283 -9.01 9.39 -44.76
CA THR A 283 -7.99 9.23 -43.73
C THR A 283 -6.63 9.14 -44.40
N ASN A 284 -5.59 9.34 -43.60
CA ASN A 284 -4.22 9.19 -44.06
C ASN A 284 -3.30 9.37 -42.85
N THR A 285 -2.02 9.07 -43.05
CA THR A 285 -1.02 9.13 -42.00
C THR A 285 0.07 10.12 -42.39
N ASP A 286 0.63 10.78 -41.38
CA ASP A 286 1.68 11.76 -41.64
C ASP A 286 2.90 11.14 -42.28
N GLY A 287 3.05 9.82 -42.22
CA GLY A 287 4.24 9.20 -42.76
C GLY A 287 5.46 9.54 -41.93
N PHE A 288 6.62 9.52 -42.59
CA PHE A 288 7.87 9.83 -41.90
C PHE A 288 7.97 11.32 -41.62
N LYS A 289 8.28 11.67 -40.38
CA LYS A 289 8.47 13.05 -39.97
C LYS A 289 9.84 13.18 -39.34
N GLU A 290 10.65 14.11 -39.85
CA GLU A 290 12.00 14.27 -39.33
C GLU A 290 11.98 14.71 -37.88
N GLN A 291 11.04 15.58 -37.51
CA GLN A 291 11.02 16.11 -36.15
C GLN A 291 10.81 15.01 -35.13
N GLY A 292 9.90 14.08 -35.41
CA GLY A 292 9.64 13.00 -34.48
C GLY A 292 8.32 12.33 -34.79
N VAL A 293 8.01 11.33 -33.97
CA VAL A 293 6.77 10.57 -34.17
C VAL A 293 5.56 11.41 -33.80
N THR A 294 5.66 12.19 -32.72
CA THR A 294 4.52 12.93 -32.19
C THR A 294 4.35 14.31 -32.81
N PHE A 295 5.30 14.77 -33.61
CA PHE A 295 5.21 16.10 -34.18
C PHE A 295 4.14 16.14 -35.25
N PRO A 296 3.11 16.97 -35.13
CA PRO A 296 2.10 17.07 -36.18
C PRO A 296 2.66 17.70 -37.44
N SER A 297 2.17 17.23 -38.59
CA SER A 297 2.62 17.72 -39.89
C SER A 297 1.43 18.33 -40.61
N GLY A 298 1.57 19.61 -41.01
CA GLY A 298 0.47 20.30 -41.66
C GLY A 298 0.28 19.92 -43.12
N ASP A 299 1.36 19.57 -43.82
CA ASP A 299 1.23 19.24 -45.23
C ASP A 299 0.33 18.03 -45.45
N ILE A 300 0.49 17.00 -44.62
CA ILE A 300 -0.32 15.80 -44.78
C ILE A 300 -1.79 16.10 -44.54
N GLN A 301 -2.09 16.86 -43.48
CA GLN A 301 -3.46 17.23 -43.19
C GLN A 301 -4.06 18.07 -44.32
N GLU A 302 -3.27 19.01 -44.85
CA GLU A 302 -3.74 19.82 -45.96
C GLU A 302 -4.06 18.97 -47.17
N GLN A 303 -3.18 18.01 -47.49
CA GLN A 303 -3.45 17.12 -48.61
C GLN A 303 -4.69 16.29 -48.37
N LEU A 304 -4.88 15.81 -47.15
CA LEU A 304 -6.08 15.03 -46.83
C LEU A 304 -7.33 15.86 -47.07
N ILE A 305 -7.34 17.10 -46.57
CA ILE A 305 -8.52 17.95 -46.73
C ILE A 305 -8.78 18.23 -48.20
N ARG A 306 -7.72 18.58 -48.95
CA ARG A 306 -7.88 18.89 -50.35
C ARG A 306 -8.41 17.69 -51.13
N SER A 307 -7.85 16.51 -50.88
CA SER A 307 -8.30 15.32 -51.58
C SER A 307 -9.75 15.01 -51.24
N LEU A 308 -10.13 15.13 -49.97
CA LEU A 308 -11.51 14.86 -49.60
C LEU A 308 -12.47 15.79 -50.32
N TYR A 309 -12.22 17.10 -50.24
CA TYR A 309 -13.18 18.03 -50.81
C TYR A 309 -13.06 18.14 -52.34
N GLN A 310 -12.04 17.53 -52.94
CA GLN A 310 -11.99 17.45 -54.40
C GLN A 310 -12.68 16.19 -54.92
N SER A 311 -12.45 15.06 -54.26
CA SER A 311 -13.15 13.83 -54.64
C SER A 311 -14.64 13.95 -54.40
N ALA A 312 -15.03 14.57 -53.28
CA ALA A 312 -16.45 14.74 -52.98
C ALA A 312 -17.13 15.75 -53.89
N GLY A 313 -16.37 16.50 -54.69
CA GLY A 313 -16.95 17.48 -55.58
C GLY A 313 -17.60 18.65 -54.86
N VAL A 314 -16.96 19.16 -53.80
CA VAL A 314 -17.46 20.29 -53.05
C VAL A 314 -16.49 21.45 -53.19
N ALA A 315 -17.01 22.62 -53.56
CA ALA A 315 -16.17 23.79 -53.72
C ALA A 315 -15.69 24.28 -52.35
N PRO A 316 -14.43 24.74 -52.25
CA PRO A 316 -13.94 25.20 -50.95
C PRO A 316 -14.76 26.32 -50.35
N GLU A 317 -15.28 27.23 -51.18
CA GLU A 317 -16.06 28.36 -50.67
C GLU A 317 -17.39 27.95 -50.07
N SER A 318 -17.82 26.70 -50.27
CA SER A 318 -19.06 26.24 -49.67
C SER A 318 -18.94 26.17 -48.15
N PHE A 319 -17.77 25.79 -47.64
CA PHE A 319 -17.61 25.61 -46.21
C PHE A 319 -17.91 26.89 -45.45
N GLU A 320 -18.53 26.74 -44.28
CA GLU A 320 -18.82 27.85 -43.39
C GLU A 320 -18.23 27.68 -42.00
N TYR A 321 -17.86 26.47 -41.60
CA TYR A 321 -17.34 26.23 -40.26
C TYR A 321 -16.48 24.98 -40.28
N ILE A 322 -15.33 25.05 -39.62
CA ILE A 322 -14.39 23.93 -39.54
C ILE A 322 -14.13 23.65 -38.06
N GLU A 323 -14.19 22.38 -37.69
CA GLU A 323 -13.98 21.96 -36.29
C GLU A 323 -12.51 21.62 -36.11
N ALA A 324 -11.69 22.64 -35.86
CA ALA A 324 -10.27 22.43 -35.68
C ALA A 324 -10.00 21.53 -34.48
N HIS A 325 -8.98 20.70 -34.60
CA HIS A 325 -8.61 19.81 -33.50
C HIS A 325 -8.35 20.63 -32.24
N GLY A 326 -7.51 21.66 -32.34
CA GLY A 326 -7.38 22.65 -31.29
C GLY A 326 -6.99 22.09 -29.94
N THR A 327 -5.99 21.21 -29.90
CA THR A 327 -5.55 20.62 -28.65
C THR A 327 -4.84 21.62 -27.75
N GLY A 328 -4.50 22.80 -28.24
CA GLY A 328 -3.79 23.79 -27.46
C GLY A 328 -2.29 23.64 -27.45
N THR A 329 -1.74 22.71 -28.22
CA THR A 329 -0.29 22.54 -28.28
C THR A 329 0.37 23.76 -28.92
N LYS A 330 1.55 24.11 -28.42
CA LYS A 330 2.32 25.20 -29.02
C LYS A 330 2.72 24.91 -30.45
N VAL A 331 2.75 23.64 -30.84
CA VAL A 331 3.17 23.25 -32.17
C VAL A 331 1.99 22.79 -33.03
N GLY A 332 1.07 22.01 -32.46
CA GLY A 332 -0.02 21.47 -33.25
C GLY A 332 -0.94 22.52 -33.82
N ASP A 333 -1.26 23.54 -33.02
CA ASP A 333 -2.21 24.55 -33.47
C ASP A 333 -1.71 25.30 -34.70
N PRO A 334 -0.49 25.85 -34.73
CA PRO A 334 -0.03 26.54 -35.94
C PRO A 334 -0.03 25.64 -37.16
N GLN A 335 0.42 24.39 -37.01
CA GLN A 335 0.43 23.47 -38.14
C GLN A 335 -0.99 23.24 -38.68
N GLU A 336 -1.91 22.90 -37.79
CA GLU A 336 -3.27 22.59 -38.22
C GLU A 336 -3.93 23.80 -38.87
N LEU A 337 -3.78 24.98 -38.25
CA LEU A 337 -4.45 26.16 -38.81
C LEU A 337 -3.81 26.63 -40.10
N ASN A 338 -2.49 26.52 -40.23
CA ASN A 338 -1.85 26.85 -41.51
C ASN A 338 -2.29 25.89 -42.60
N GLY A 339 -2.41 24.59 -42.27
CA GLY A 339 -2.93 23.65 -43.24
C GLY A 339 -4.35 23.98 -43.65
N ILE A 340 -5.19 24.34 -42.69
CA ILE A 340 -6.56 24.72 -43.02
C ILE A 340 -6.57 25.96 -43.91
N THR A 341 -5.72 26.93 -43.61
CA THR A 341 -5.65 28.15 -44.41
C THR A 341 -5.22 27.84 -45.85
N ARG A 342 -4.22 26.98 -46.01
CA ARG A 342 -3.75 26.65 -47.35
C ARG A 342 -4.70 25.72 -48.09
N ALA A 343 -5.60 25.04 -47.37
CA ALA A 343 -6.51 24.10 -48.04
C ALA A 343 -7.82 24.77 -48.43
N LEU A 344 -8.45 25.49 -47.50
CA LEU A 344 -9.78 26.05 -47.72
C LEU A 344 -9.81 27.57 -47.81
N CYS A 345 -8.82 28.27 -47.27
CA CYS A 345 -8.83 29.72 -47.19
C CYS A 345 -7.89 30.35 -48.22
N ALA A 346 -7.80 29.79 -49.41
CA ALA A 346 -6.89 30.32 -50.42
C ALA A 346 -7.56 31.41 -51.26
N THR A 347 -8.76 31.15 -51.76
CA THR A 347 -9.43 32.06 -52.68
C THR A 347 -10.88 32.28 -52.28
N ARG A 348 -11.12 32.57 -51.00
CA ARG A 348 -12.45 32.88 -50.50
C ARG A 348 -12.44 34.25 -49.85
N GLN A 349 -13.43 35.08 -50.19
CA GLN A 349 -13.51 36.42 -49.64
C GLN A 349 -14.05 36.41 -48.22
N GLU A 350 -15.26 35.91 -48.02
CA GLU A 350 -15.84 35.88 -46.69
C GLU A 350 -15.01 34.97 -45.78
N PRO A 351 -14.75 35.38 -44.54
CA PRO A 351 -13.89 34.58 -43.66
C PRO A 351 -14.53 33.26 -43.30
N LEU A 352 -13.68 32.31 -42.90
CA LEU A 352 -14.10 30.99 -42.50
C LEU A 352 -14.06 30.88 -40.99
N LEU A 353 -15.19 30.49 -40.40
CA LEU A 353 -15.27 30.35 -38.96
C LEU A 353 -14.63 29.05 -38.51
N ILE A 354 -13.93 29.09 -37.38
CA ILE A 354 -13.22 27.93 -36.85
C ILE A 354 -13.42 27.89 -35.34
N GLY A 355 -13.47 26.68 -34.79
CA GLY A 355 -13.60 26.50 -33.36
C GLY A 355 -13.36 25.07 -32.93
N SER A 356 -12.78 24.89 -31.74
CA SER A 356 -12.51 23.57 -31.19
C SER A 356 -13.36 23.40 -29.93
N THR A 357 -14.17 22.34 -29.92
CA THR A 357 -14.99 22.05 -28.74
C THR A 357 -14.14 21.70 -27.54
N LYS A 358 -12.87 21.35 -27.74
CA LYS A 358 -12.02 20.97 -26.62
C LYS A 358 -11.75 22.13 -25.68
N SER A 359 -12.02 23.36 -26.10
CA SER A 359 -11.88 24.50 -25.21
C SER A 359 -13.01 24.59 -24.19
N ASN A 360 -14.09 23.84 -24.39
CA ASN A 360 -15.23 23.85 -23.48
C ASN A 360 -15.17 22.72 -22.46
N MET A 361 -14.94 21.49 -22.92
CA MET A 361 -15.03 20.32 -22.05
C MET A 361 -13.70 19.61 -21.80
N GLY A 362 -12.69 19.83 -22.62
CA GLY A 362 -11.45 19.11 -22.53
C GLY A 362 -11.22 18.22 -23.73
N HIS A 363 -10.31 17.26 -23.56
CA HIS A 363 -9.88 16.39 -24.65
C HIS A 363 -10.12 14.93 -24.30
N PRO A 364 -11.25 14.35 -24.70
CA PRO A 364 -11.40 12.89 -24.65
C PRO A 364 -10.69 12.26 -25.82
N GLU A 365 -9.58 11.57 -25.54
CA GLU A 365 -8.66 11.15 -26.58
C GLU A 365 -9.37 10.31 -27.64
N PRO A 366 -9.88 9.14 -27.29
CA PRO A 366 -10.56 8.31 -28.31
C PRO A 366 -11.95 8.80 -28.67
N ALA A 367 -12.50 9.75 -27.91
CA ALA A 367 -13.83 10.28 -28.18
C ALA A 367 -13.79 11.71 -28.68
N SER A 368 -12.63 12.19 -29.14
CA SER A 368 -12.51 13.57 -29.59
C SER A 368 -13.43 13.85 -30.77
N GLY A 369 -13.44 12.94 -31.75
CA GLY A 369 -14.23 13.19 -32.94
C GLY A 369 -15.73 13.24 -32.68
N LEU A 370 -16.22 12.31 -31.86
CA LEU A 370 -17.66 12.25 -31.60
C LEU A 370 -18.13 13.46 -30.79
N ALA A 371 -17.31 13.94 -29.85
CA ALA A 371 -17.69 15.12 -29.10
C ALA A 371 -17.83 16.34 -30.01
N ALA A 372 -16.86 16.52 -30.92
CA ALA A 372 -16.93 17.62 -31.88
C ALA A 372 -18.15 17.47 -32.79
N LEU A 373 -18.42 16.24 -33.24
CA LEU A 373 -19.59 16.00 -34.08
C LEU A 373 -20.87 16.35 -33.34
N ALA A 374 -20.95 15.99 -32.06
CA ALA A 374 -22.12 16.31 -31.26
C ALA A 374 -22.29 17.81 -31.14
N LYS A 375 -21.20 18.52 -30.86
CA LYS A 375 -21.28 19.98 -30.76
C LYS A 375 -21.76 20.60 -32.06
N VAL A 376 -21.21 20.13 -33.19
CA VAL A 376 -21.59 20.70 -34.48
C VAL A 376 -23.05 20.42 -34.79
N LEU A 377 -23.50 19.18 -34.54
CA LEU A 377 -24.88 18.83 -34.83
C LEU A 377 -25.84 19.62 -33.95
N LEU A 378 -25.51 19.78 -32.67
CA LEU A 378 -26.35 20.58 -31.79
C LEU A 378 -26.39 22.03 -32.24
N SER A 379 -25.23 22.57 -32.65
CA SER A 379 -25.19 23.95 -33.12
C SER A 379 -26.06 24.13 -34.35
N LEU A 380 -25.98 23.20 -35.30
CA LEU A 380 -26.81 23.28 -36.49
C LEU A 380 -28.29 23.16 -36.13
N GLU A 381 -28.64 22.26 -35.21
CA GLU A 381 -30.03 22.06 -34.84
C GLU A 381 -30.61 23.31 -34.20
N HIS A 382 -29.88 23.91 -33.24
CA HIS A 382 -30.37 25.06 -32.52
C HIS A 382 -30.13 26.39 -33.23
N GLY A 383 -29.43 26.37 -34.37
CA GLY A 383 -29.25 27.58 -35.14
C GLY A 383 -28.22 28.55 -34.59
N LEU A 384 -27.30 28.10 -33.75
CA LEU A 384 -26.23 28.94 -33.24
C LEU A 384 -24.95 28.14 -33.17
N TRP A 385 -23.83 28.85 -33.11
CA TRP A 385 -22.51 28.25 -32.96
C TRP A 385 -22.03 28.45 -31.54
N ALA A 386 -21.62 27.37 -30.89
CA ALA A 386 -21.17 27.45 -29.50
C ALA A 386 -19.83 28.17 -29.45
N PRO A 387 -19.71 29.24 -28.66
CA PRO A 387 -18.44 29.97 -28.61
C PRO A 387 -17.33 29.16 -27.97
N ASN A 388 -16.10 29.44 -28.41
CA ASN A 388 -14.91 28.82 -27.83
C ASN A 388 -14.45 29.62 -26.63
N LEU A 389 -14.18 28.95 -25.52
CA LEU A 389 -13.70 29.60 -24.33
C LEU A 389 -12.19 29.85 -24.42
N HIS A 390 -11.68 30.65 -23.48
CA HIS A 390 -10.24 30.82 -23.31
C HIS A 390 -9.56 31.25 -24.61
N PHE A 391 -10.10 32.30 -25.24
CA PHE A 391 -9.48 32.89 -26.41
C PHE A 391 -9.45 34.40 -26.22
N HIS A 392 -8.26 34.96 -26.00
CA HIS A 392 -8.07 36.39 -25.79
C HIS A 392 -7.18 37.01 -26.85
N SER A 393 -6.03 36.40 -27.15
CA SER A 393 -5.11 36.92 -28.15
C SER A 393 -4.71 35.79 -29.09
N PRO A 394 -4.83 35.99 -30.40
CA PRO A 394 -4.48 34.93 -31.34
C PRO A 394 -2.99 34.63 -31.33
N ASN A 395 -2.66 33.40 -31.72
CA ASN A 395 -1.28 32.97 -31.73
C ASN A 395 -0.51 33.73 -32.80
N PRO A 396 0.59 34.42 -32.47
CA PRO A 396 1.31 35.19 -33.48
C PRO A 396 2.03 34.35 -34.52
N GLU A 397 1.94 33.02 -34.44
CA GLU A 397 2.53 32.15 -35.45
C GLU A 397 1.53 31.75 -36.52
N ILE A 398 0.27 32.15 -36.41
CA ILE A 398 -0.73 31.85 -37.41
C ILE A 398 -1.18 33.17 -38.05
N PRO A 399 -0.67 33.52 -39.22
CA PRO A 399 -1.09 34.79 -39.85
C PRO A 399 -2.56 34.84 -40.20
N ALA A 400 -3.22 33.69 -40.38
CA ALA A 400 -4.61 33.68 -40.79
C ALA A 400 -5.51 34.35 -39.75
N LEU A 401 -5.24 34.10 -38.47
CA LEU A 401 -6.04 34.72 -37.42
C LEU A 401 -5.88 36.24 -37.42
N LEU A 402 -4.67 36.72 -37.67
CA LEU A 402 -4.41 38.16 -37.59
C LEU A 402 -4.98 38.93 -38.77
N ASP A 403 -5.02 38.32 -39.96
CA ASP A 403 -5.48 39.02 -41.15
C ASP A 403 -6.97 38.85 -41.40
N GLY A 404 -7.68 38.12 -40.54
CA GLY A 404 -9.12 38.05 -40.59
C GLY A 404 -9.71 36.95 -41.46
N ARG A 405 -8.89 36.20 -42.19
CA ARG A 405 -9.44 35.14 -43.03
C ARG A 405 -10.12 34.07 -42.18
N LEU A 406 -9.49 33.67 -41.09
CA LEU A 406 -10.05 32.69 -40.17
C LEU A 406 -10.54 33.40 -38.92
N GLN A 407 -11.80 33.15 -38.57
CA GLN A 407 -12.44 33.81 -37.42
C GLN A 407 -12.79 32.75 -36.40
N VAL A 408 -12.29 32.93 -35.18
CA VAL A 408 -12.57 32.02 -34.08
C VAL A 408 -13.85 32.47 -33.37
N VAL A 409 -14.81 31.56 -33.26
CA VAL A 409 -16.07 31.86 -32.62
C VAL A 409 -15.84 32.17 -31.14
N ASP A 410 -16.06 33.42 -30.75
CA ASP A 410 -15.93 33.85 -29.36
C ASP A 410 -17.25 34.22 -28.72
N GLN A 411 -18.23 34.63 -29.51
CA GLN A 411 -19.59 34.89 -29.05
C GLN A 411 -20.58 34.11 -29.92
N PRO A 412 -21.74 33.75 -29.39
CA PRO A 412 -22.69 32.93 -30.16
C PRO A 412 -23.09 33.62 -31.44
N LEU A 413 -22.83 32.95 -32.57
CA LEU A 413 -23.21 33.47 -33.87
C LEU A 413 -24.32 32.63 -34.50
N PRO A 414 -25.17 33.24 -35.31
CA PRO A 414 -26.19 32.48 -36.02
C PRO A 414 -25.58 31.67 -37.17
N VAL A 415 -26.32 30.64 -37.57
CA VAL A 415 -25.90 29.76 -38.65
C VAL A 415 -26.50 30.28 -39.96
N ARG A 416 -25.64 30.62 -40.92
CA ARG A 416 -26.08 31.15 -42.20
C ARG A 416 -26.31 30.06 -43.24
N GLY A 417 -25.38 29.10 -43.32
CA GLY A 417 -25.53 28.01 -44.26
C GLY A 417 -24.25 27.63 -44.97
N GLY A 418 -24.05 26.33 -45.16
CA GLY A 418 -22.86 25.84 -45.83
C GLY A 418 -22.35 24.55 -45.27
N ASN A 419 -21.42 23.90 -45.96
CA ASN A 419 -20.88 22.63 -45.50
C ASN A 419 -20.02 22.85 -44.26
N VAL A 420 -19.87 21.78 -43.48
CA VAL A 420 -19.08 21.80 -42.26
C VAL A 420 -17.98 20.77 -42.38
N GLY A 421 -16.89 20.99 -41.65
CA GLY A 421 -15.77 20.08 -41.68
C GLY A 421 -15.20 19.79 -40.31
N ILE A 422 -14.94 18.52 -40.03
CA ILE A 422 -14.39 18.08 -38.76
C ILE A 422 -13.13 17.27 -39.04
N ASN A 423 -12.08 17.50 -38.24
CA ASN A 423 -10.82 16.81 -38.41
C ASN A 423 -10.23 16.49 -37.05
N SER A 424 -10.03 15.20 -36.77
CA SER A 424 -9.38 14.75 -35.55
C SER A 424 -8.05 14.09 -35.94
N PHE A 425 -6.98 14.59 -35.34
CA PHE A 425 -5.63 14.11 -35.63
C PHE A 425 -5.05 13.45 -34.39
N GLY A 426 -4.61 12.21 -34.53
CA GLY A 426 -3.94 11.53 -33.44
C GLY A 426 -2.52 12.02 -33.28
N PHE A 427 -1.91 11.61 -32.17
CA PHE A 427 -0.52 11.99 -31.89
C PHE A 427 0.47 10.97 -32.40
N GLY A 428 0.01 9.91 -33.04
CA GLY A 428 0.90 8.93 -33.64
C GLY A 428 1.09 9.19 -35.12
N GLY A 429 0.26 10.06 -35.69
CA GLY A 429 0.38 10.42 -37.09
C GLY A 429 -0.79 9.98 -37.94
N SER A 430 -1.98 9.89 -37.34
CA SER A 430 -3.18 9.49 -38.04
C SER A 430 -4.14 10.66 -38.16
N ASN A 431 -4.73 10.82 -39.33
CA ASN A 431 -5.60 11.95 -39.64
C ASN A 431 -6.92 11.46 -40.21
N VAL A 432 -8.01 12.09 -39.79
CA VAL A 432 -9.35 11.79 -40.29
C VAL A 432 -10.09 13.10 -40.52
N HIS A 433 -10.79 13.18 -41.64
CA HIS A 433 -11.55 14.38 -41.99
C HIS A 433 -12.93 13.97 -42.51
N ILE A 434 -13.91 14.82 -42.22
CA ILE A 434 -15.30 14.58 -42.61
C ILE A 434 -15.91 15.87 -43.11
N ILE A 435 -16.72 15.78 -44.17
CA ILE A 435 -17.48 16.89 -44.71
C ILE A 435 -18.95 16.60 -44.52
N LEU A 436 -19.67 17.53 -43.89
CA LEU A 436 -21.08 17.36 -43.57
C LEU A 436 -21.91 18.41 -44.30
N ARG A 437 -23.01 17.97 -44.89
CA ARG A 437 -23.98 18.87 -45.51
C ARG A 437 -25.21 18.95 -44.63
N PRO A 438 -25.40 20.05 -43.89
CA PRO A 438 -26.48 20.09 -42.90
C PRO A 438 -27.85 19.95 -43.54
N ASN A 439 -28.76 19.32 -42.81
CA ASN A 439 -30.16 19.26 -43.22
C ASN A 439 -30.84 20.59 -42.93
N THR A 440 -31.68 21.03 -43.85
CA THR A 440 -32.37 22.32 -43.74
C THR A 440 -33.82 22.19 -44.16
N GLN A 441 -34.41 21.03 -43.92
CA GLN A 441 -35.80 20.80 -44.29
C GLN A 441 -36.69 21.76 -43.49
N PRO A 442 -37.46 22.62 -44.15
CA PRO A 442 -38.25 23.60 -43.42
C PRO A 442 -39.45 22.94 -42.73
N PRO A 443 -40.00 23.59 -41.71
CA PRO A 443 -41.21 23.05 -41.09
C PRO A 443 -42.30 22.92 -42.12
N PRO A 444 -43.14 21.89 -42.02
CA PRO A 444 -44.17 21.67 -43.04
C PRO A 444 -45.22 22.77 -43.02
N ALA A 445 -45.77 23.03 -44.20
CA ALA A 445 -46.86 23.99 -44.30
C ALA A 445 -48.08 23.45 -43.55
N PRO A 446 -48.74 24.26 -42.73
CA PRO A 446 -49.86 23.74 -41.93
C PRO A 446 -50.94 23.15 -42.82
N ALA A 447 -51.55 22.07 -42.33
CA ALA A 447 -52.60 21.35 -43.02
C ALA A 447 -53.78 21.14 -42.09
N PRO A 448 -54.97 20.90 -42.64
CA PRO A 448 -56.16 20.77 -41.78
C PRO A 448 -56.07 19.63 -40.79
N HIS A 449 -55.25 18.61 -41.05
CA HIS A 449 -55.16 17.47 -40.13
C HIS A 449 -54.42 17.81 -38.84
N ALA A 450 -53.79 18.97 -38.75
CA ALA A 450 -53.10 19.35 -37.53
C ALA A 450 -54.07 19.62 -36.39
N THR A 451 -55.24 20.20 -36.71
CA THR A 451 -56.20 20.54 -35.66
C THR A 451 -56.71 19.31 -34.94
N LEU A 452 -57.01 18.25 -35.67
CA LEU A 452 -57.60 17.07 -35.06
C LEU A 452 -56.60 16.44 -34.09
N PRO A 453 -57.08 15.97 -32.93
CA PRO A 453 -56.17 15.52 -31.89
C PRO A 453 -55.40 14.27 -32.30
N ARG A 454 -54.23 14.09 -31.68
CA ARG A 454 -53.35 12.97 -31.96
C ARG A 454 -53.08 12.20 -30.67
N LEU A 455 -53.00 10.89 -30.79
CA LEU A 455 -52.73 10.03 -29.65
C LEU A 455 -51.22 9.85 -29.49
N LEU A 456 -50.74 10.00 -28.26
CA LEU A 456 -49.34 9.82 -27.94
C LEU A 456 -49.20 8.68 -26.93
N ARG A 457 -48.38 7.70 -27.27
CA ARG A 457 -48.17 6.52 -26.44
C ARG A 457 -46.70 6.40 -26.08
N ALA A 458 -46.42 6.08 -24.82
CA ALA A 458 -45.06 5.98 -24.32
C ALA A 458 -44.90 4.72 -23.49
N SER A 459 -43.68 4.18 -23.50
CA SER A 459 -43.31 3.05 -22.66
C SER A 459 -41.97 3.35 -22.00
N GLY A 460 -41.77 2.82 -20.80
CA GLY A 460 -40.55 3.11 -20.07
C GLY A 460 -40.29 2.12 -18.96
N ARG A 461 -39.09 2.26 -18.38
CA ARG A 461 -38.68 1.36 -17.31
C ARG A 461 -39.35 1.71 -15.98
N THR A 462 -39.55 3.00 -15.73
CA THR A 462 -40.11 3.47 -14.48
C THR A 462 -41.16 4.54 -14.79
N PRO A 463 -42.07 4.81 -13.86
CA PRO A 463 -43.09 5.83 -14.12
C PRO A 463 -42.52 7.18 -14.48
N GLU A 464 -41.34 7.51 -13.94
CA GLU A 464 -40.74 8.81 -14.23
C GLU A 464 -40.46 8.96 -15.71
N ALA A 465 -39.97 7.91 -16.37
CA ALA A 465 -39.66 8.00 -17.79
C ALA A 465 -40.92 8.22 -18.62
N VAL A 466 -41.99 7.50 -18.29
CA VAL A 466 -43.24 7.67 -19.01
C VAL A 466 -43.78 9.08 -18.80
N GLN A 467 -43.73 9.57 -17.56
CA GLN A 467 -44.16 10.93 -17.30
C GLN A 467 -43.33 11.93 -18.09
N LYS A 468 -42.03 11.71 -18.18
CA LYS A 468 -41.16 12.60 -18.94
C LYS A 468 -41.55 12.62 -20.41
N LEU A 469 -41.73 11.45 -21.00
CA LEU A 469 -42.10 11.38 -22.41
C LEU A 469 -43.44 12.06 -22.66
N LEU A 470 -44.42 11.79 -21.80
CA LEU A 470 -45.74 12.38 -21.99
C LEU A 470 -45.71 13.89 -21.80
N GLU A 471 -44.93 14.38 -20.83
CA GLU A 471 -44.80 15.81 -20.62
C GLU A 471 -44.14 16.48 -21.82
N GLN A 472 -43.09 15.86 -22.36
CA GLN A 472 -42.47 16.42 -23.56
C GLN A 472 -43.44 16.42 -24.73
N GLY A 473 -44.26 15.36 -24.85
CA GLY A 473 -45.26 15.35 -25.89
C GLY A 473 -46.27 16.48 -25.73
N LEU A 474 -46.71 16.72 -24.50
CA LEU A 474 -47.63 17.83 -24.25
C LEU A 474 -46.98 19.16 -24.59
N ARG A 475 -45.71 19.32 -24.25
CA ARG A 475 -45.02 20.57 -24.56
C ARG A 475 -44.95 20.84 -26.05
N HIS A 476 -45.06 19.81 -26.89
CA HIS A 476 -45.00 19.99 -28.33
C HIS A 476 -46.23 19.38 -29.00
N SER A 477 -47.42 19.71 -28.51
CA SER A 477 -48.63 19.11 -29.04
C SER A 477 -48.83 19.44 -30.51
N GLN A 478 -48.33 20.58 -30.96
CA GLN A 478 -48.53 21.01 -32.35
C GLN A 478 -47.53 20.38 -33.31
N ASP A 479 -46.46 19.76 -32.82
CA ASP A 479 -45.48 19.12 -33.69
C ASP A 479 -46.03 17.79 -34.19
N LEU A 480 -45.53 17.36 -35.35
CA LEU A 480 -45.97 16.12 -35.97
C LEU A 480 -44.86 15.11 -36.12
N ALA A 481 -43.70 15.51 -36.63
CA ALA A 481 -42.59 14.56 -36.79
C ALA A 481 -42.14 14.04 -35.43
N PHE A 482 -42.07 14.92 -34.43
CA PHE A 482 -41.68 14.51 -33.08
C PHE A 482 -42.66 13.47 -32.53
N LEU A 483 -43.95 13.72 -32.68
CA LEU A 483 -44.95 12.78 -32.19
C LEU A 483 -44.89 11.46 -32.93
N SER A 484 -44.70 11.50 -34.25
CA SER A 484 -44.60 10.26 -35.02
C SER A 484 -43.40 9.44 -34.58
N MET A 485 -42.25 10.09 -34.41
CA MET A 485 -41.07 9.37 -33.95
C MET A 485 -41.28 8.80 -32.56
N LEU A 486 -41.91 9.57 -31.66
CA LEU A 486 -42.18 9.05 -30.33
C LEU A 486 -43.09 7.83 -30.38
N ASN A 487 -44.14 7.89 -31.19
CA ASN A 487 -45.04 6.75 -31.31
C ASN A 487 -44.32 5.53 -31.87
N ASP A 488 -43.39 5.74 -32.80
CA ASP A 488 -42.68 4.60 -33.40
C ASP A 488 -41.87 3.84 -32.35
N ILE A 489 -41.23 4.56 -31.43
CA ILE A 489 -40.27 3.94 -30.53
C ILE A 489 -40.94 3.54 -29.21
N ALA A 490 -42.26 3.59 -29.17
CA ALA A 490 -43.00 3.28 -27.96
C ALA A 490 -43.56 1.86 -27.95
N ALA A 491 -43.24 1.05 -28.96
CA ALA A 491 -43.76 -0.31 -29.05
C ALA A 491 -42.66 -1.29 -28.64
N VAL A 492 -42.60 -1.55 -27.34
CA VAL A 492 -41.62 -2.48 -26.77
C VAL A 492 -42.36 -3.44 -25.84
N PRO A 493 -41.94 -4.70 -25.75
CA PRO A 493 -42.69 -5.65 -24.93
C PRO A 493 -42.73 -5.24 -23.47
N ALA A 494 -43.83 -5.57 -22.81
CA ALA A 494 -43.99 -5.21 -21.40
C ALA A 494 -42.88 -5.77 -20.54
N THR A 495 -42.32 -6.92 -20.91
CA THR A 495 -41.25 -7.51 -20.12
C THR A 495 -40.04 -6.57 -20.07
N ALA A 496 -39.68 -5.98 -21.21
CA ALA A 496 -38.55 -5.07 -21.24
C ALA A 496 -38.87 -3.76 -20.53
N MET A 497 -40.03 -3.18 -20.84
CA MET A 497 -40.46 -1.90 -20.29
C MET A 497 -41.87 -2.05 -19.72
N PRO A 498 -42.00 -2.28 -18.42
CA PRO A 498 -43.31 -2.64 -17.87
C PRO A 498 -44.31 -1.50 -17.82
N PHE A 499 -43.85 -0.29 -17.56
CA PHE A 499 -44.74 0.85 -17.37
C PHE A 499 -45.08 1.50 -18.69
N ARG A 500 -46.38 1.75 -18.91
CA ARG A 500 -46.88 2.33 -20.15
C ARG A 500 -47.88 3.43 -19.83
N GLY A 501 -48.04 4.34 -20.79
CA GLY A 501 -48.99 5.43 -20.64
C GLY A 501 -49.26 6.09 -21.99
N TYR A 502 -50.32 6.90 -22.02
CA TYR A 502 -50.72 7.60 -23.22
C TYR A 502 -51.16 9.01 -22.87
N ALA A 503 -51.52 9.77 -23.90
CA ALA A 503 -52.06 11.11 -23.73
C ALA A 503 -52.68 11.56 -25.04
N VAL A 504 -53.87 12.13 -24.96
CA VAL A 504 -54.57 12.65 -26.14
C VAL A 504 -54.30 14.13 -26.21
N LEU A 505 -53.47 14.54 -27.18
CA LEU A 505 -53.00 15.90 -27.27
C LEU A 505 -53.90 16.72 -28.20
N GLY A 506 -54.17 17.96 -27.79
CA GLY A 506 -54.99 18.87 -28.57
C GLY A 506 -56.46 18.80 -28.28
N GLY A 507 -56.92 17.85 -27.47
CA GLY A 507 -58.32 17.72 -27.17
C GLY A 507 -58.78 18.73 -26.14
N GLU A 508 -60.10 18.77 -25.95
CA GLU A 508 -60.69 19.69 -24.98
C GLU A 508 -60.18 19.44 -23.57
N ARG A 509 -59.72 18.23 -23.27
CA ARG A 509 -59.27 17.86 -21.94
C ARG A 509 -58.51 16.54 -22.06
N GLY A 510 -58.15 15.96 -20.93
CA GLY A 510 -57.47 14.68 -20.91
C GLY A 510 -55.99 14.78 -20.63
N GLY A 511 -55.58 14.46 -19.41
CA GLY A 511 -54.20 14.48 -19.03
C GLY A 511 -53.53 13.13 -19.17
N PRO A 512 -52.27 13.03 -18.76
CA PRO A 512 -51.57 11.75 -18.86
C PRO A 512 -52.17 10.69 -17.95
N GLU A 513 -52.06 9.44 -18.38
CA GLU A 513 -52.47 8.30 -17.57
C GLU A 513 -51.47 7.17 -17.79
N VAL A 514 -50.70 6.85 -16.75
CA VAL A 514 -49.69 5.81 -16.83
C VAL A 514 -50.11 4.66 -15.92
N GLN A 515 -49.67 3.46 -16.30
CA GLN A 515 -50.06 2.27 -15.54
C GLN A 515 -49.08 1.14 -15.87
N GLN A 516 -48.83 0.29 -14.89
CA GLN A 516 -47.98 -0.88 -15.11
C GLN A 516 -48.73 -1.91 -15.93
N VAL A 517 -48.02 -2.54 -16.86
CA VAL A 517 -48.60 -3.52 -17.76
C VAL A 517 -48.37 -4.91 -17.15
N PRO A 518 -49.42 -5.63 -16.76
CA PRO A 518 -49.23 -7.01 -16.32
C PRO A 518 -48.60 -7.84 -17.44
N ALA A 519 -47.69 -8.73 -17.06
CA ALA A 519 -46.97 -9.52 -18.04
C ALA A 519 -47.86 -10.61 -18.64
N GLY A 520 -47.43 -11.13 -19.77
CA GLY A 520 -48.13 -12.21 -20.42
C GLY A 520 -48.92 -11.74 -21.63
N GLU A 521 -49.01 -12.61 -22.64
CA GLU A 521 -49.81 -12.30 -23.83
C GLU A 521 -51.29 -12.26 -23.47
N ARG A 522 -52.02 -11.36 -24.14
CA ARG A 522 -53.42 -11.14 -23.84
C ARG A 522 -54.22 -11.18 -25.14
N PRO A 523 -55.21 -12.07 -25.26
CA PRO A 523 -56.00 -12.13 -26.49
C PRO A 523 -56.88 -10.90 -26.66
N LEU A 524 -57.16 -10.58 -27.92
CA LEU A 524 -58.03 -9.47 -28.27
C LEU A 524 -59.32 -10.01 -28.88
N TRP A 525 -60.45 -9.60 -28.32
CA TRP A 525 -61.77 -10.05 -28.77
C TRP A 525 -62.62 -8.87 -29.18
N PHE A 526 -63.46 -9.08 -30.18
CA PHE A 526 -64.38 -8.07 -30.68
C PHE A 526 -65.81 -8.45 -30.31
N ILE A 527 -66.56 -7.47 -29.82
CA ILE A 527 -67.99 -7.62 -29.57
C ILE A 527 -68.70 -6.56 -30.39
N CYS A 528 -69.64 -6.99 -31.23
CA CYS A 528 -70.34 -6.12 -32.16
C CYS A 528 -71.78 -5.95 -31.67
N SER A 529 -72.05 -4.83 -31.03
CA SER A 529 -73.37 -4.58 -30.48
C SER A 529 -74.41 -4.53 -31.60
N GLY A 530 -75.62 -4.94 -31.27
CA GLY A 530 -76.70 -5.04 -32.22
C GLY A 530 -77.53 -3.78 -32.30
N MET A 531 -78.80 -3.96 -32.67
CA MET A 531 -79.73 -2.86 -32.85
C MET A 531 -79.90 -2.08 -31.54
N GLY A 532 -80.53 -0.91 -31.66
CA GLY A 532 -80.89 -0.12 -30.50
C GLY A 532 -79.87 0.91 -30.06
N THR A 533 -78.71 0.97 -30.70
CA THR A 533 -77.66 1.91 -30.32
C THR A 533 -77.42 2.96 -31.40
N GLN A 534 -78.48 3.47 -32.01
CA GLN A 534 -78.38 4.51 -33.02
C GLN A 534 -78.78 5.85 -32.42
N TRP A 535 -77.89 6.83 -32.52
CA TRP A 535 -78.11 8.15 -31.94
C TRP A 535 -77.90 9.22 -32.99
N ARG A 536 -78.56 10.36 -32.81
CA ARG A 536 -78.48 11.44 -33.79
C ARG A 536 -77.05 11.93 -33.96
N GLY A 537 -76.64 12.06 -35.22
CA GLY A 537 -75.30 12.55 -35.51
C GLY A 537 -74.20 11.56 -35.24
N MET A 538 -74.51 10.28 -35.16
CA MET A 538 -73.49 9.27 -34.89
C MET A 538 -72.40 9.32 -35.97
N GLY A 539 -71.15 9.23 -35.52
CA GLY A 539 -70.03 9.06 -36.42
C GLY A 539 -69.54 10.31 -37.13
N LEU A 540 -70.13 11.47 -36.86
CA LEU A 540 -69.68 12.68 -37.54
C LEU A 540 -68.23 13.01 -37.20
N SER A 541 -67.86 12.84 -35.93
CA SER A 541 -66.49 13.14 -35.52
C SER A 541 -65.49 12.26 -36.26
N LEU A 542 -65.78 10.97 -36.38
CA LEU A 542 -64.85 10.05 -37.03
C LEU A 542 -64.71 10.34 -38.51
N MET A 543 -65.67 11.03 -39.12
CA MET A 543 -65.57 11.33 -40.54
C MET A 543 -64.29 12.09 -40.88
N ARG A 544 -63.74 12.83 -39.91
CA ARG A 544 -62.53 13.60 -40.17
C ARG A 544 -61.36 12.70 -40.51
N LEU A 545 -61.25 11.55 -39.86
CA LEU A 545 -60.21 10.60 -40.20
C LEU A 545 -60.40 10.12 -41.64
N ASP A 546 -59.31 10.05 -42.38
CA ASP A 546 -59.39 9.71 -43.80
C ASP A 546 -59.94 8.31 -44.00
N ARG A 547 -59.45 7.35 -43.21
CA ARG A 547 -59.85 5.95 -43.41
C ARG A 547 -61.35 5.76 -43.19
N PHE A 548 -61.89 6.32 -42.10
CA PHE A 548 -63.30 6.14 -41.80
C PHE A 548 -64.17 6.82 -42.85
N ARG A 549 -63.79 8.01 -43.31
CA ARG A 549 -64.56 8.70 -44.33
C ARG A 549 -64.54 7.92 -45.64
N ASP A 550 -63.37 7.38 -46.01
CA ASP A 550 -63.29 6.56 -47.21
C ASP A 550 -64.15 5.31 -47.08
N SER A 551 -64.15 4.68 -45.91
CA SER A 551 -64.99 3.51 -45.71
C SER A 551 -66.47 3.85 -45.84
N ILE A 552 -66.87 5.00 -45.29
CA ILE A 552 -68.27 5.40 -45.41
C ILE A 552 -68.63 5.70 -46.85
N LEU A 553 -67.72 6.33 -47.61
CA LEU A 553 -67.97 6.57 -49.02
C LEU A 553 -68.10 5.24 -49.78
N ARG A 554 -67.25 4.27 -49.46
CA ARG A 554 -67.35 2.97 -50.10
C ARG A 554 -68.70 2.30 -49.79
N SER A 555 -69.13 2.38 -48.54
CA SER A 555 -70.44 1.83 -48.19
C SER A 555 -71.55 2.53 -48.97
N ASP A 556 -71.48 3.86 -49.06
CA ASP A 556 -72.46 4.60 -49.84
C ASP A 556 -72.50 4.12 -51.28
N GLU A 557 -71.34 4.04 -51.92
CA GLU A 557 -71.30 3.56 -53.30
C GLU A 557 -71.86 2.14 -53.40
N ALA A 558 -71.66 1.33 -52.36
CA ALA A 558 -72.26 0.01 -52.34
C ALA A 558 -73.78 0.10 -52.35
N VAL A 559 -74.35 1.02 -51.58
CA VAL A 559 -75.80 1.11 -51.43
C VAL A 559 -76.39 2.23 -52.28
N LYS A 560 -75.70 2.64 -53.35
CA LYS A 560 -76.20 3.71 -54.20
C LYS A 560 -77.52 3.37 -54.89
N PRO A 561 -77.67 2.19 -55.50
CA PRO A 561 -78.86 1.96 -56.34
C PRO A 561 -80.18 2.12 -55.59
N PHE A 562 -80.21 1.88 -54.29
CA PHE A 562 -81.45 1.92 -53.54
C PHE A 562 -81.84 3.33 -53.11
N GLY A 563 -81.06 4.34 -53.47
CA GLY A 563 -81.33 5.70 -53.09
C GLY A 563 -80.79 6.11 -51.73
N LEU A 564 -80.16 5.20 -51.01
CA LEU A 564 -79.60 5.50 -49.70
C LEU A 564 -78.17 5.98 -49.84
N LYS A 565 -77.88 7.13 -49.26
CA LYS A 565 -76.53 7.68 -49.20
C LYS A 565 -76.11 7.72 -47.74
N VAL A 566 -75.17 6.83 -47.38
CA VAL A 566 -74.82 6.66 -45.98
C VAL A 566 -74.35 7.98 -45.37
N SER A 567 -73.46 8.68 -46.08
CA SER A 567 -72.99 9.96 -45.58
C SER A 567 -74.15 10.95 -45.43
N GLN A 568 -75.06 10.98 -46.39
CA GLN A 568 -76.21 11.86 -46.29
C GLN A 568 -77.08 11.51 -45.10
N LEU A 569 -77.27 10.22 -44.84
CA LEU A 569 -78.04 9.80 -43.67
C LEU A 569 -77.35 10.25 -42.38
N LEU A 570 -76.03 10.11 -42.32
CA LEU A 570 -75.31 10.54 -41.13
C LEU A 570 -75.44 12.04 -40.92
N LEU A 571 -75.37 12.81 -42.00
CA LEU A 571 -75.34 14.27 -41.89
C LEU A 571 -76.68 14.85 -41.51
N SER A 572 -77.79 14.23 -41.95
CA SER A 572 -79.10 14.81 -41.72
C SER A 572 -79.32 15.11 -40.24
N THR A 573 -79.83 16.32 -39.98
CA THR A 573 -80.00 16.78 -38.60
C THR A 573 -81.35 16.39 -38.00
N ASP A 574 -82.38 16.22 -38.82
CA ASP A 574 -83.70 15.88 -38.31
C ASP A 574 -83.64 14.54 -37.57
N GLU A 575 -84.34 14.47 -36.44
CA GLU A 575 -84.37 13.24 -35.66
C GLU A 575 -85.13 12.13 -36.38
N SER A 576 -85.91 12.46 -37.41
CA SER A 576 -86.73 11.47 -38.08
C SER A 576 -85.89 10.46 -38.84
N THR A 577 -84.64 10.82 -39.17
CA THR A 577 -83.83 9.97 -40.04
C THR A 577 -83.72 8.56 -39.50
N PHE A 578 -83.63 8.41 -38.18
CA PHE A 578 -83.43 7.10 -37.57
C PHE A 578 -84.73 6.40 -37.22
N ASP A 579 -85.88 7.02 -37.50
CA ASP A 579 -87.16 6.35 -37.25
C ASP A 579 -87.35 5.15 -38.16
N ASP A 580 -87.07 5.32 -39.46
CA ASP A 580 -87.22 4.23 -40.41
C ASP A 580 -86.06 3.25 -40.25
N ILE A 581 -86.37 1.98 -40.01
CA ILE A 581 -85.37 0.98 -39.65
C ILE A 581 -84.33 0.79 -40.75
N VAL A 582 -84.66 1.11 -42.00
CA VAL A 582 -83.68 0.94 -43.07
C VAL A 582 -82.45 1.79 -42.80
N HIS A 583 -82.67 3.07 -42.53
CA HIS A 583 -81.55 3.97 -42.26
C HIS A 583 -80.79 3.51 -41.02
N SER A 584 -81.52 3.14 -39.97
CA SER A 584 -80.87 2.74 -38.73
C SER A 584 -79.95 1.55 -38.97
N PHE A 585 -80.46 0.50 -39.59
CA PHE A 585 -79.65 -0.70 -39.78
C PHE A 585 -78.48 -0.42 -40.70
N VAL A 586 -78.72 0.28 -41.81
CA VAL A 586 -77.65 0.53 -42.77
C VAL A 586 -76.54 1.36 -42.12
N SER A 587 -76.93 2.43 -41.42
CA SER A 587 -75.94 3.30 -40.79
C SER A 587 -75.18 2.57 -39.69
N LEU A 588 -75.88 1.75 -38.91
CA LEU A 588 -75.20 1.01 -37.85
C LEU A 588 -74.15 0.07 -38.43
N THR A 589 -74.54 -0.70 -39.46
CA THR A 589 -73.59 -1.61 -40.08
C THR A 589 -72.43 -0.85 -40.71
N ALA A 590 -72.72 0.28 -41.35
CA ALA A 590 -71.66 1.07 -41.98
C ALA A 590 -70.67 1.59 -40.95
N ILE A 591 -71.18 2.09 -39.81
CA ILE A 591 -70.30 2.61 -38.78
C ILE A 591 -69.44 1.49 -38.20
N GLN A 592 -70.03 0.31 -37.98
CA GLN A 592 -69.25 -0.80 -37.47
C GLN A 592 -68.18 -1.22 -38.47
N ILE A 593 -68.51 -1.23 -39.76
CA ILE A 593 -67.53 -1.57 -40.78
C ILE A 593 -66.40 -0.55 -40.79
N GLY A 594 -66.74 0.74 -40.67
CA GLY A 594 -65.71 1.77 -40.63
C GLY A 594 -64.80 1.62 -39.43
N LEU A 595 -65.37 1.32 -38.26
CA LEU A 595 -64.54 1.11 -37.07
C LEU A 595 -63.64 -0.10 -37.24
N ILE A 596 -64.16 -1.18 -37.83
CA ILE A 596 -63.33 -2.37 -38.04
C ILE A 596 -62.20 -2.06 -39.02
N ASP A 597 -62.49 -1.25 -40.04
CA ASP A 597 -61.44 -0.83 -40.96
C ASP A 597 -60.38 -0.02 -40.24
N LEU A 598 -60.80 0.88 -39.35
CA LEU A 598 -59.84 1.65 -38.56
C LEU A 598 -58.94 0.71 -37.74
N LEU A 599 -59.56 -0.22 -37.00
CA LEU A 599 -58.78 -1.14 -36.18
C LEU A 599 -57.82 -1.96 -37.02
N SER A 600 -58.30 -2.52 -38.14
CA SER A 600 -57.45 -3.34 -38.98
C SER A 600 -56.30 -2.53 -39.58
N CYS A 601 -56.47 -1.21 -39.71
CA CYS A 601 -55.41 -0.38 -40.25
C CYS A 601 -54.15 -0.45 -39.39
N MET A 602 -54.33 -0.44 -38.07
CA MET A 602 -53.20 -0.48 -37.15
C MET A 602 -52.64 -1.89 -36.95
N GLY A 603 -53.26 -2.91 -37.55
CA GLY A 603 -52.76 -4.26 -37.47
C GLY A 603 -53.50 -5.16 -36.51
N LEU A 604 -54.36 -4.61 -35.65
CA LEU A 604 -55.06 -5.42 -34.68
C LEU A 604 -55.88 -6.51 -35.36
N ARG A 605 -55.49 -7.77 -35.15
CA ARG A 605 -56.24 -8.91 -35.66
C ARG A 605 -57.00 -9.56 -34.51
N PRO A 606 -58.33 -9.62 -34.59
CA PRO A 606 -59.08 -10.21 -33.47
C PRO A 606 -58.78 -11.68 -33.28
N ASP A 607 -58.82 -12.11 -32.03
CA ASP A 607 -58.72 -13.53 -31.72
C ASP A 607 -60.08 -14.21 -31.67
N GLY A 608 -61.11 -13.49 -31.22
CA GLY A 608 -62.47 -13.98 -31.27
C GLY A 608 -63.40 -12.90 -31.77
N ILE A 609 -64.65 -13.29 -32.00
CA ILE A 609 -65.69 -12.36 -32.46
C ILE A 609 -67.03 -12.85 -31.95
N VAL A 610 -67.80 -11.95 -31.34
CA VAL A 610 -69.11 -12.25 -30.82
C VAL A 610 -70.08 -11.17 -31.28
N GLY A 611 -71.23 -11.58 -31.82
CA GLY A 611 -72.21 -10.64 -32.31
C GLY A 611 -73.48 -10.63 -31.48
N HIS A 612 -74.37 -9.67 -31.76
CA HIS A 612 -75.62 -9.53 -31.01
C HIS A 612 -76.71 -9.08 -31.96
N SER A 613 -77.68 -9.95 -32.22
CA SER A 613 -78.74 -9.65 -33.19
C SER A 613 -78.05 -9.26 -34.49
N LEU A 614 -78.51 -8.21 -35.18
CA LEU A 614 -77.71 -7.65 -36.26
C LEU A 614 -76.37 -7.22 -35.71
N GLY A 615 -75.31 -7.58 -36.43
CA GLY A 615 -73.97 -7.44 -35.90
C GLY A 615 -73.12 -8.60 -36.34
N GLU A 616 -73.77 -9.73 -36.63
CA GLU A 616 -73.09 -10.82 -37.31
C GLU A 616 -72.56 -10.36 -38.65
N VAL A 617 -73.33 -9.55 -39.36
CA VAL A 617 -72.87 -8.96 -40.62
C VAL A 617 -71.57 -8.19 -40.37
N ALA A 618 -71.56 -7.34 -39.35
CA ALA A 618 -70.32 -6.68 -38.96
C ALA A 618 -69.30 -7.71 -38.49
N CYS A 619 -69.75 -8.69 -37.70
CA CYS A 619 -68.88 -9.79 -37.33
C CYS A 619 -68.42 -10.55 -38.56
N GLY A 620 -69.33 -10.76 -39.52
CA GLY A 620 -68.92 -11.43 -40.76
C GLY A 620 -67.80 -10.71 -41.45
N TYR A 621 -67.91 -9.38 -41.59
CA TYR A 621 -66.85 -8.62 -42.25
C TYR A 621 -65.57 -8.67 -41.43
N ALA A 622 -65.67 -8.54 -40.11
CA ALA A 622 -64.47 -8.54 -39.28
C ALA A 622 -63.72 -9.86 -39.39
N ASP A 623 -64.45 -10.98 -39.37
CA ASP A 623 -63.81 -12.28 -39.49
C ASP A 623 -63.19 -12.47 -40.86
N GLY A 624 -63.80 -11.89 -41.90
CA GLY A 624 -63.32 -12.02 -43.26
C GLY A 624 -64.20 -12.86 -44.16
N CYS A 625 -65.32 -13.38 -43.65
CA CYS A 625 -66.18 -14.22 -44.47
C CYS A 625 -67.02 -13.42 -45.45
N LEU A 626 -67.11 -12.12 -45.29
CA LEU A 626 -67.94 -11.27 -46.13
C LEU A 626 -67.18 -10.02 -46.52
N SER A 627 -67.59 -9.42 -47.64
CA SER A 627 -67.03 -8.17 -48.12
C SER A 627 -67.92 -7.01 -47.71
N GLN A 628 -67.35 -5.81 -47.75
CA GLN A 628 -68.08 -4.63 -47.32
C GLN A 628 -69.36 -4.45 -48.12
N GLU A 629 -69.27 -4.57 -49.44
CA GLU A 629 -70.46 -4.44 -50.29
C GLU A 629 -71.51 -5.47 -49.90
N GLU A 630 -71.10 -6.73 -49.75
CA GLU A 630 -72.04 -7.79 -49.41
C GLU A 630 -72.65 -7.55 -48.04
N ALA A 631 -71.84 -7.13 -47.07
CA ALA A 631 -72.37 -6.90 -45.72
C ALA A 631 -73.40 -5.78 -45.72
N VAL A 632 -73.07 -4.66 -46.38
CA VAL A 632 -74.01 -3.55 -46.42
C VAL A 632 -75.27 -3.93 -47.17
N LEU A 633 -75.14 -4.72 -48.25
CA LEU A 633 -76.33 -5.19 -48.96
C LEU A 633 -77.19 -6.06 -48.06
N ALA A 634 -76.57 -6.95 -47.31
CA ALA A 634 -77.33 -7.81 -46.41
C ALA A 634 -78.06 -6.99 -45.37
N ALA A 635 -77.39 -6.01 -44.78
CA ALA A 635 -78.03 -5.15 -43.79
C ALA A 635 -79.21 -4.41 -44.39
N TYR A 636 -79.00 -3.79 -45.55
CA TYR A 636 -80.08 -3.01 -46.15
C TYR A 636 -81.26 -3.88 -46.54
N TRP A 637 -81.00 -5.09 -47.05
CA TRP A 637 -82.10 -5.94 -47.45
C TRP A 637 -82.83 -6.53 -46.25
N ARG A 638 -82.12 -6.79 -45.15
CA ARG A 638 -82.80 -7.09 -43.90
C ARG A 638 -83.76 -5.97 -43.53
N GLY A 639 -83.27 -4.74 -43.55
CA GLY A 639 -84.14 -3.61 -43.23
C GLY A 639 -85.32 -3.51 -44.19
N GLN A 640 -85.07 -3.69 -45.48
CA GLN A 640 -86.13 -3.57 -46.47
C GLN A 640 -87.20 -4.64 -46.25
N CYS A 641 -86.78 -5.90 -46.08
CA CYS A 641 -87.74 -6.97 -45.84
C CYS A 641 -88.54 -6.70 -44.58
N ILE A 642 -87.87 -6.28 -43.50
CA ILE A 642 -88.60 -6.03 -42.27
C ILE A 642 -89.60 -4.88 -42.45
N LYS A 643 -89.22 -3.86 -43.22
CA LYS A 643 -90.15 -2.76 -43.47
C LYS A 643 -91.38 -3.23 -44.24
N GLU A 644 -91.18 -4.10 -45.24
CA GLU A 644 -92.29 -4.57 -46.05
C GLU A 644 -93.29 -5.37 -45.22
N ALA A 645 -92.85 -5.93 -44.09
CA ALA A 645 -93.69 -6.83 -43.33
C ALA A 645 -95.04 -6.21 -43.00
N HIS A 646 -95.04 -4.97 -42.51
CA HIS A 646 -96.27 -4.29 -42.09
C HIS A 646 -97.02 -5.14 -41.07
N LEU A 647 -96.27 -5.81 -40.19
CA LEU A 647 -96.86 -6.73 -39.23
C LEU A 647 -97.47 -5.97 -38.06
N PRO A 648 -98.35 -6.62 -37.29
CA PRO A 648 -98.93 -5.96 -36.13
C PRO A 648 -97.84 -5.54 -35.17
N PRO A 649 -98.00 -4.39 -34.53
CA PRO A 649 -96.97 -3.92 -33.58
C PRO A 649 -96.76 -4.93 -32.47
N GLY A 650 -95.49 -5.21 -32.18
CA GLY A 650 -95.12 -6.09 -31.09
C GLY A 650 -93.91 -5.57 -30.35
N ALA A 651 -94.06 -5.35 -29.04
CA ALA A 651 -93.01 -4.74 -28.24
C ALA A 651 -92.08 -5.80 -27.66
N MET A 652 -90.80 -5.43 -27.52
CA MET A 652 -89.79 -6.28 -26.91
C MET A 652 -89.11 -5.49 -25.80
N ALA A 653 -89.15 -6.02 -24.58
CA ALA A 653 -88.60 -5.33 -23.41
C ALA A 653 -87.75 -6.29 -22.60
N ALA A 654 -86.82 -5.73 -21.85
CA ALA A 654 -85.95 -6.51 -20.98
C ALA A 654 -86.53 -6.58 -19.58
N VAL A 655 -86.29 -7.71 -18.91
CA VAL A 655 -86.77 -7.96 -17.56
C VAL A 655 -85.63 -8.52 -16.73
N GLY A 656 -85.66 -8.23 -15.43
CA GLY A 656 -84.58 -8.64 -14.54
C GLY A 656 -84.62 -10.09 -14.10
N LEU A 657 -85.66 -10.84 -14.45
CA LEU A 657 -85.75 -12.23 -14.07
C LEU A 657 -84.70 -13.05 -14.82
N SER A 658 -84.64 -14.34 -14.49
CA SER A 658 -83.65 -15.24 -15.07
C SER A 658 -84.20 -15.90 -16.34
N TRP A 659 -83.28 -16.32 -17.20
CA TRP A 659 -83.67 -16.92 -18.47
C TRP A 659 -84.50 -18.18 -18.26
N GLU A 660 -84.02 -19.10 -17.43
CA GLU A 660 -84.76 -20.33 -17.18
C GLU A 660 -86.10 -20.03 -16.53
N GLU A 661 -86.09 -19.24 -15.46
CA GLU A 661 -87.33 -18.94 -14.76
C GLU A 661 -88.29 -18.13 -15.64
N CYS A 662 -87.77 -17.15 -16.38
CA CYS A 662 -88.64 -16.27 -17.14
C CYS A 662 -89.41 -17.03 -18.21
N LYS A 663 -88.75 -17.95 -18.92
CA LYS A 663 -89.39 -18.59 -20.06
C LYS A 663 -90.64 -19.37 -19.62
N GLN A 664 -90.58 -20.02 -18.47
CA GLN A 664 -91.79 -20.60 -17.90
C GLN A 664 -92.80 -19.51 -17.56
N ARG A 665 -92.32 -18.41 -16.97
CA ARG A 665 -93.20 -17.30 -16.59
C ARG A 665 -93.72 -16.54 -17.79
N CYS A 666 -93.17 -16.73 -18.98
CA CYS A 666 -93.59 -15.95 -20.13
C CYS A 666 -95.03 -16.28 -20.51
N PRO A 667 -95.90 -15.28 -20.66
CA PRO A 667 -97.26 -15.56 -21.09
C PRO A 667 -97.25 -16.14 -22.49
N PRO A 668 -98.25 -16.96 -22.83
CA PRO A 668 -98.27 -17.58 -24.16
C PRO A 668 -98.21 -16.54 -25.26
N GLY A 669 -97.48 -16.86 -26.32
CA GLY A 669 -97.26 -15.94 -27.41
C GLY A 669 -96.12 -14.97 -27.20
N VAL A 670 -95.45 -15.02 -26.06
CA VAL A 670 -94.32 -14.14 -25.76
C VAL A 670 -93.13 -15.00 -25.37
N VAL A 671 -91.98 -14.73 -25.99
CA VAL A 671 -90.78 -15.53 -25.77
C VAL A 671 -89.65 -14.60 -25.36
N PRO A 672 -88.70 -15.10 -24.58
CA PRO A 672 -87.54 -14.28 -24.23
C PRO A 672 -86.82 -13.78 -25.48
N ALA A 673 -86.48 -12.49 -25.46
CA ALA A 673 -85.93 -11.88 -26.67
C ALA A 673 -84.47 -12.25 -26.87
N CYS A 674 -83.60 -11.87 -25.95
CA CYS A 674 -82.18 -12.17 -26.06
C CYS A 674 -81.64 -12.60 -24.70
N HIS A 675 -80.82 -13.65 -24.69
CA HIS A 675 -80.17 -14.11 -23.48
C HIS A 675 -78.96 -13.23 -23.18
N ASN A 676 -79.22 -11.97 -22.81
CA ASN A 676 -78.12 -11.03 -22.59
C ASN A 676 -77.17 -11.52 -21.52
N SER A 677 -77.71 -11.89 -20.36
CA SER A 677 -76.89 -12.34 -19.24
C SER A 677 -77.80 -13.01 -18.22
N LYS A 678 -77.19 -13.67 -17.25
CA LYS A 678 -77.98 -14.34 -16.21
C LYS A 678 -78.84 -13.35 -15.45
N ASP A 679 -78.29 -12.19 -15.10
CA ASP A 679 -79.04 -11.22 -14.31
C ASP A 679 -80.15 -10.58 -15.12
N THR A 680 -79.85 -10.13 -16.34
CA THR A 680 -80.78 -9.37 -17.15
C THR A 680 -81.10 -10.12 -18.43
N VAL A 681 -82.39 -10.21 -18.75
CA VAL A 681 -82.85 -10.84 -19.98
C VAL A 681 -83.97 -9.98 -20.57
N THR A 682 -84.03 -9.93 -21.89
CA THR A 682 -85.04 -9.14 -22.59
C THR A 682 -86.04 -10.07 -23.25
N ILE A 683 -87.31 -9.65 -23.23
CA ILE A 683 -88.42 -10.45 -23.77
C ILE A 683 -89.06 -9.70 -24.92
N SER A 684 -89.39 -10.41 -25.98
CA SER A 684 -89.99 -9.85 -27.18
C SER A 684 -91.26 -10.61 -27.53
N GLY A 685 -92.29 -9.87 -27.92
CA GLY A 685 -93.56 -10.47 -28.26
C GLY A 685 -94.62 -9.44 -28.62
N PRO A 686 -95.87 -9.89 -28.70
CA PRO A 686 -96.97 -8.97 -29.03
C PRO A 686 -97.05 -7.83 -28.02
N GLN A 687 -97.41 -6.64 -28.51
CA GLN A 687 -97.36 -5.44 -27.69
C GLN A 687 -98.21 -5.59 -26.43
N ALA A 688 -99.46 -6.01 -26.59
CA ALA A 688 -100.35 -6.09 -25.43
C ALA A 688 -99.86 -7.08 -24.39
N PRO A 689 -99.57 -8.34 -24.74
CA PRO A 689 -99.05 -9.28 -23.72
C PRO A 689 -97.74 -8.82 -23.10
N VAL A 690 -96.84 -8.25 -23.90
CA VAL A 690 -95.56 -7.80 -23.37
C VAL A 690 -95.78 -6.69 -22.35
N PHE A 691 -96.63 -5.72 -22.69
CA PHE A 691 -96.89 -4.62 -21.76
C PHE A 691 -97.56 -5.11 -20.49
N GLU A 692 -98.55 -6.01 -20.62
CA GLU A 692 -99.23 -6.50 -19.43
C GLU A 692 -98.26 -7.28 -18.54
N PHE A 693 -97.42 -8.12 -19.12
CA PHE A 693 -96.45 -8.87 -18.33
C PHE A 693 -95.45 -7.94 -17.67
N VAL A 694 -95.01 -6.90 -18.38
CA VAL A 694 -94.06 -5.95 -17.81
C VAL A 694 -94.69 -5.22 -16.62
N GLU A 695 -95.95 -4.82 -16.76
CA GLU A 695 -96.62 -4.16 -15.64
C GLU A 695 -96.76 -5.10 -14.45
N GLN A 696 -97.12 -6.36 -14.70
CA GLN A 696 -97.24 -7.32 -13.61
C GLN A 696 -95.89 -7.54 -12.93
N LEU A 697 -94.82 -7.64 -13.73
CA LEU A 697 -93.48 -7.78 -13.16
C LEU A 697 -93.11 -6.58 -12.31
N ARG A 698 -93.41 -5.37 -12.79
CA ARG A 698 -93.22 -4.19 -11.97
C ARG A 698 -93.98 -4.32 -10.66
N LYS A 699 -95.20 -4.87 -10.73
CA LYS A 699 -95.88 -5.27 -9.50
C LYS A 699 -95.04 -6.26 -8.71
N GLU A 700 -94.22 -7.06 -9.40
CA GLU A 700 -93.30 -7.97 -8.73
C GLU A 700 -91.99 -7.30 -8.33
N GLY A 701 -91.74 -6.08 -8.80
CA GLY A 701 -90.57 -5.33 -8.43
C GLY A 701 -89.30 -5.66 -9.21
N VAL A 702 -89.36 -6.59 -10.16
CA VAL A 702 -88.19 -6.97 -10.93
C VAL A 702 -87.84 -5.85 -11.91
N PHE A 703 -86.63 -5.91 -12.47
CA PHE A 703 -86.21 -4.90 -13.43
C PHE A 703 -87.13 -4.88 -14.65
N ALA A 704 -87.58 -3.69 -15.04
CA ALA A 704 -88.51 -3.54 -16.15
C ALA A 704 -88.04 -2.42 -17.05
N LYS A 705 -87.99 -2.70 -18.36
CA LYS A 705 -87.62 -1.69 -19.34
C LYS A 705 -87.96 -2.16 -20.75
N GLU A 706 -88.64 -1.31 -21.52
CA GLU A 706 -88.97 -1.60 -22.90
C GLU A 706 -88.03 -0.78 -23.79
N VAL A 707 -87.12 -1.47 -24.49
CA VAL A 707 -86.17 -0.77 -25.33
C VAL A 707 -86.84 -0.32 -26.62
N ARG A 708 -86.40 0.82 -27.13
CA ARG A 708 -86.90 1.33 -28.41
C ARG A 708 -86.58 0.32 -29.51
N THR A 709 -87.61 -0.34 -30.03
CA THR A 709 -87.43 -1.39 -31.04
C THR A 709 -88.18 -1.09 -32.33
N GLY A 710 -88.42 0.18 -32.63
CA GLY A 710 -89.18 0.52 -33.81
C GLY A 710 -90.57 -0.06 -33.84
N GLY A 711 -91.12 -0.41 -32.67
CA GLY A 711 -92.46 -0.97 -32.59
C GLY A 711 -92.58 -2.40 -33.04
N MET A 712 -91.49 -3.04 -33.45
CA MET A 712 -91.53 -4.41 -33.96
C MET A 712 -90.77 -5.32 -33.01
N ALA A 713 -91.42 -6.40 -32.58
CA ALA A 713 -90.73 -7.44 -31.84
C ALA A 713 -89.71 -8.14 -32.74
N PHE A 714 -88.70 -8.73 -32.11
CA PHE A 714 -87.61 -9.34 -32.85
C PHE A 714 -87.31 -10.73 -32.32
N HIS A 715 -86.89 -11.61 -33.23
CA HIS A 715 -86.49 -12.97 -32.89
C HIS A 715 -87.67 -13.81 -32.41
N SER A 716 -88.89 -13.32 -32.60
CA SER A 716 -90.10 -14.03 -32.23
C SER A 716 -90.68 -14.73 -33.45
N TYR A 717 -91.80 -15.42 -33.23
CA TYR A 717 -92.52 -16.02 -34.34
C TYR A 717 -93.03 -14.99 -35.33
N PHE A 718 -93.14 -13.72 -34.90
CA PHE A 718 -93.56 -12.67 -35.83
C PHE A 718 -92.58 -12.55 -36.99
N MET A 719 -91.28 -12.61 -36.70
CA MET A 719 -90.28 -12.50 -37.76
C MET A 719 -90.32 -13.68 -38.72
N GLU A 720 -90.97 -14.78 -38.34
CA GLU A 720 -91.04 -15.95 -39.23
C GLU A 720 -91.74 -15.62 -40.54
N ALA A 721 -92.62 -14.62 -40.53
CA ALA A 721 -93.36 -14.27 -41.75
C ALA A 721 -92.40 -13.76 -42.82
N ILE A 722 -91.44 -12.93 -42.44
CA ILE A 722 -90.56 -12.28 -43.41
C ILE A 722 -89.51 -13.22 -43.99
N ALA A 723 -89.46 -14.46 -43.54
CA ALA A 723 -88.35 -15.34 -43.91
C ALA A 723 -88.25 -15.58 -45.41
N PRO A 724 -89.30 -15.99 -46.12
CA PRO A 724 -89.15 -16.43 -47.51
C PRO A 724 -88.59 -15.34 -48.39
N PRO A 725 -89.24 -14.17 -48.45
CA PRO A 725 -88.71 -13.09 -49.29
C PRO A 725 -87.30 -12.70 -48.91
N LEU A 726 -87.00 -12.68 -47.60
CA LEU A 726 -85.63 -12.39 -47.16
C LEU A 726 -84.67 -13.45 -47.69
N LEU A 727 -85.06 -14.72 -47.62
CA LEU A 727 -84.18 -15.79 -48.10
C LEU A 727 -83.89 -15.61 -49.58
N GLN A 728 -84.93 -15.39 -50.39
CA GLN A 728 -84.70 -15.25 -51.82
C GLN A 728 -83.84 -14.02 -52.14
N GLU A 729 -84.12 -12.89 -51.49
CA GLU A 729 -83.37 -11.68 -51.78
C GLU A 729 -81.91 -11.81 -51.35
N LEU A 730 -81.66 -12.43 -50.19
CA LEU A 730 -80.27 -12.62 -49.76
C LEU A 730 -79.55 -13.63 -50.64
N LYS A 731 -80.25 -14.64 -51.14
CA LYS A 731 -79.64 -15.51 -52.14
C LYS A 731 -79.24 -14.71 -53.37
N LYS A 732 -80.11 -13.80 -53.81
CA LYS A 732 -79.72 -12.88 -54.87
C LYS A 732 -78.53 -12.02 -54.48
N VAL A 733 -78.40 -11.68 -53.20
CA VAL A 733 -77.35 -10.78 -52.76
C VAL A 733 -76.03 -11.53 -52.61
N ILE A 734 -76.00 -12.52 -51.71
CA ILE A 734 -74.78 -13.28 -51.46
C ILE A 734 -74.70 -14.43 -52.45
N ARG A 735 -73.59 -14.49 -53.19
CA ARG A 735 -73.41 -15.49 -54.24
C ARG A 735 -72.51 -16.65 -53.82
N GLU A 736 -71.29 -16.36 -53.37
CA GLU A 736 -70.31 -17.40 -53.06
C GLU A 736 -70.05 -17.42 -51.55
N PRO A 737 -70.85 -18.15 -50.78
CA PRO A 737 -70.55 -18.28 -49.35
C PRO A 737 -69.18 -18.89 -49.12
N LYS A 738 -68.52 -18.44 -48.08
CA LYS A 738 -67.18 -18.89 -47.72
C LYS A 738 -67.19 -19.39 -46.28
N PRO A 739 -66.21 -20.22 -45.92
CA PRO A 739 -66.24 -20.87 -44.61
C PRO A 739 -66.14 -19.87 -43.47
N ARG A 740 -66.81 -20.20 -42.36
CA ARG A 740 -66.66 -19.43 -41.14
C ARG A 740 -65.34 -19.78 -40.48
N SER A 741 -64.99 -19.03 -39.44
CA SER A 741 -63.73 -19.19 -38.75
C SER A 741 -63.95 -19.62 -37.30
N ALA A 742 -62.94 -20.27 -36.74
CA ALA A 742 -62.99 -20.62 -35.32
C ALA A 742 -63.00 -19.38 -34.44
N ARG A 743 -62.47 -18.26 -34.94
CA ARG A 743 -62.49 -17.03 -34.17
C ARG A 743 -63.93 -16.55 -33.94
N TRP A 744 -64.77 -16.67 -34.97
CA TRP A 744 -66.16 -16.27 -34.85
C TRP A 744 -66.94 -17.31 -34.06
N LEU A 745 -67.73 -16.85 -33.10
CA LEU A 745 -68.55 -17.72 -32.24
C LEU A 745 -70.00 -17.36 -32.50
N SER A 746 -70.66 -18.13 -33.36
CA SER A 746 -72.04 -17.84 -33.73
C SER A 746 -72.93 -17.78 -32.50
N THR A 747 -73.77 -16.75 -32.43
CA THR A 747 -74.72 -16.58 -31.34
C THR A 747 -76.15 -16.88 -31.76
N SER A 748 -76.38 -17.18 -33.03
CA SER A 748 -77.70 -17.57 -33.51
C SER A 748 -77.86 -19.08 -33.59
N ILE A 749 -76.84 -19.83 -33.23
CA ILE A 749 -76.86 -21.29 -33.23
C ILE A 749 -76.42 -21.76 -31.85
N PRO A 750 -77.22 -22.55 -31.13
CA PRO A 750 -76.75 -23.12 -29.86
C PRO A 750 -75.38 -23.78 -30.00
N GLU A 751 -74.68 -23.93 -28.88
CA GLU A 751 -73.28 -24.35 -28.93
C GLU A 751 -73.12 -25.71 -29.60
N ALA A 752 -73.96 -26.68 -29.20
CA ALA A 752 -73.76 -28.05 -29.67
C ALA A 752 -73.89 -28.16 -31.18
N GLN A 753 -74.59 -27.23 -31.82
CA GLN A 753 -74.90 -27.32 -33.24
C GLN A 753 -73.83 -26.67 -34.12
N TRP A 754 -72.73 -26.20 -33.54
CA TRP A 754 -71.71 -25.50 -34.32
C TRP A 754 -71.12 -26.36 -35.43
N HIS A 755 -71.42 -27.66 -35.47
CA HIS A 755 -70.97 -28.53 -36.54
C HIS A 755 -71.97 -28.65 -37.67
N SER A 756 -73.10 -27.95 -37.57
CA SER A 756 -74.15 -28.06 -38.58
C SER A 756 -73.69 -27.43 -39.90
N SER A 757 -74.56 -27.55 -40.91
CA SER A 757 -74.26 -26.95 -42.21
C SER A 757 -74.43 -25.43 -42.19
N LEU A 758 -75.47 -24.95 -41.50
CA LEU A 758 -75.71 -23.52 -41.44
C LEU A 758 -74.55 -22.79 -40.79
N ALA A 759 -74.07 -23.30 -39.66
CA ALA A 759 -72.97 -22.66 -38.94
C ALA A 759 -71.65 -22.74 -39.68
N ARG A 760 -71.54 -23.55 -40.72
CA ARG A 760 -70.27 -23.71 -41.40
C ARG A 760 -69.94 -22.49 -42.26
N THR A 761 -70.93 -21.93 -42.93
CA THR A 761 -70.70 -20.79 -43.81
C THR A 761 -71.81 -19.76 -43.61
N SER A 762 -71.51 -18.52 -43.99
CA SER A 762 -72.44 -17.40 -43.80
C SER A 762 -73.29 -17.21 -45.05
N SER A 763 -74.32 -18.02 -45.15
CA SER A 763 -75.28 -17.94 -46.25
C SER A 763 -76.58 -17.31 -45.77
N ALA A 764 -77.57 -17.29 -46.66
CA ALA A 764 -78.88 -16.76 -46.29
C ALA A 764 -79.45 -17.46 -45.06
N GLU A 765 -79.15 -18.76 -44.91
CA GLU A 765 -79.63 -19.49 -43.75
C GLU A 765 -79.08 -18.91 -42.45
N TYR A 766 -77.79 -18.54 -42.46
CA TYR A 766 -77.19 -17.97 -41.26
C TYR A 766 -77.89 -16.67 -40.88
N ASN A 767 -78.13 -15.80 -41.87
CA ASN A 767 -78.78 -14.53 -41.57
C ASN A 767 -80.21 -14.75 -41.07
N VAL A 768 -80.95 -15.65 -41.72
CA VAL A 768 -82.32 -15.90 -41.30
C VAL A 768 -82.36 -16.44 -39.89
N ASN A 769 -81.46 -17.38 -39.57
CA ASN A 769 -81.41 -17.91 -38.22
C ASN A 769 -81.05 -16.83 -37.20
N ASN A 770 -80.08 -15.98 -37.53
CA ASN A 770 -79.74 -14.87 -36.64
C ASN A 770 -80.90 -13.91 -36.47
N LEU A 771 -81.82 -13.87 -37.43
CA LEU A 771 -82.97 -12.99 -37.34
C LEU A 771 -84.17 -13.63 -36.65
N VAL A 772 -84.23 -14.97 -36.60
CA VAL A 772 -85.40 -15.65 -36.09
C VAL A 772 -85.19 -16.08 -34.64
N SER A 773 -84.19 -16.92 -34.40
CA SER A 773 -83.98 -17.48 -33.07
C SER A 773 -83.44 -16.43 -32.11
N PRO A 774 -83.63 -16.63 -30.81
CA PRO A 774 -83.12 -15.66 -29.84
C PRO A 774 -81.60 -15.66 -29.79
N VAL A 775 -81.06 -14.56 -29.29
CA VAL A 775 -79.61 -14.34 -29.29
C VAL A 775 -79.03 -14.93 -28.01
N LEU A 776 -78.07 -15.84 -28.16
CA LEU A 776 -77.41 -16.47 -27.01
C LEU A 776 -76.13 -15.70 -26.66
N PHE A 777 -76.30 -14.41 -26.37
CA PHE A 777 -75.16 -13.54 -26.13
C PHE A 777 -74.34 -14.02 -24.95
N GLN A 778 -75.02 -14.36 -23.84
CA GLN A 778 -74.30 -14.80 -22.65
C GLN A 778 -73.55 -16.10 -22.91
N GLU A 779 -74.18 -17.03 -23.63
CA GLU A 779 -73.56 -18.34 -23.84
C GLU A 779 -72.16 -18.22 -24.43
N ALA A 780 -71.95 -17.22 -25.29
CA ALA A 780 -70.63 -17.03 -25.89
C ALA A 780 -69.64 -16.40 -24.92
N LEU A 781 -70.12 -15.75 -23.86
CA LEU A 781 -69.20 -15.10 -22.93
C LEU A 781 -68.47 -16.11 -22.06
N TRP A 782 -69.09 -17.26 -21.79
CA TRP A 782 -68.39 -18.30 -21.03
C TRP A 782 -67.14 -18.79 -21.75
N HIS A 783 -67.07 -18.61 -23.07
CA HIS A 783 -65.94 -19.06 -23.85
C HIS A 783 -64.82 -18.03 -23.91
N VAL A 784 -65.00 -16.86 -23.33
CA VAL A 784 -63.97 -15.82 -23.37
C VAL A 784 -62.88 -16.17 -22.35
N PRO A 785 -61.65 -16.39 -22.80
CA PRO A 785 -60.59 -16.75 -21.85
C PRO A 785 -60.29 -15.61 -20.88
N GLU A 786 -59.80 -15.98 -19.70
CA GLU A 786 -59.39 -14.98 -18.73
C GLU A 786 -58.24 -14.15 -19.29
N HIS A 787 -58.15 -12.90 -18.82
CA HIS A 787 -57.12 -11.97 -19.29
C HIS A 787 -57.27 -11.71 -20.79
N ALA A 788 -58.43 -11.17 -21.15
CA ALA A 788 -58.74 -10.85 -22.53
C ALA A 788 -59.19 -9.40 -22.65
N VAL A 789 -58.88 -8.79 -23.79
CA VAL A 789 -59.27 -7.43 -24.10
C VAL A 789 -60.54 -7.50 -24.94
N VAL A 790 -61.59 -6.82 -24.49
CA VAL A 790 -62.89 -6.85 -25.16
C VAL A 790 -63.18 -5.45 -25.67
N LEU A 791 -63.33 -5.33 -27.00
CA LEU A 791 -63.61 -4.06 -27.65
C LEU A 791 -65.05 -4.07 -28.14
N GLU A 792 -65.80 -3.03 -27.79
CA GLU A 792 -67.21 -2.92 -28.15
C GLU A 792 -67.32 -2.15 -29.45
N ILE A 793 -67.50 -2.87 -30.55
CA ILE A 793 -67.59 -2.25 -31.88
C ILE A 793 -69.03 -1.80 -32.08
N ALA A 794 -69.32 -0.55 -31.73
CA ALA A 794 -70.67 -0.03 -31.85
C ALA A 794 -70.66 1.49 -31.67
N PRO A 795 -71.63 2.20 -32.26
CA PRO A 795 -71.68 3.66 -32.07
C PRO A 795 -72.14 4.05 -30.67
N HIS A 796 -72.35 3.04 -29.82
CA HIS A 796 -72.66 3.27 -28.42
C HIS A 796 -72.45 1.98 -27.65
N ALA A 797 -71.65 2.04 -26.59
CA ALA A 797 -71.35 0.85 -25.81
C ALA A 797 -72.53 0.46 -24.93
N LEU A 798 -73.64 0.07 -25.57
CA LEU A 798 -74.83 -0.31 -24.81
C LEU A 798 -74.59 -1.58 -24.00
N LEU A 799 -73.95 -2.58 -24.61
CA LEU A 799 -73.73 -3.88 -23.97
C LEU A 799 -72.59 -3.87 -22.99
N GLN A 800 -72.11 -2.69 -22.58
CA GLN A 800 -70.98 -2.64 -21.67
C GLN A 800 -71.32 -3.27 -20.32
N ALA A 801 -72.53 -3.00 -19.81
CA ALA A 801 -72.95 -3.60 -18.55
C ALA A 801 -73.05 -5.11 -18.66
N VAL A 802 -73.64 -5.60 -19.76
CA VAL A 802 -73.78 -7.03 -19.93
C VAL A 802 -72.42 -7.71 -19.95
N LEU A 803 -71.47 -7.14 -20.68
CA LEU A 803 -70.12 -7.70 -20.71
C LEU A 803 -69.46 -7.63 -19.35
N LYS A 804 -69.64 -6.52 -18.64
CA LYS A 804 -69.02 -6.37 -17.32
C LYS A 804 -69.54 -7.42 -16.34
N ARG A 805 -70.85 -7.68 -16.37
CA ARG A 805 -71.43 -8.58 -15.39
C ARG A 805 -71.27 -10.05 -15.79
N GLY A 806 -71.36 -10.36 -17.07
CA GLY A 806 -71.36 -11.74 -17.52
C GLY A 806 -70.03 -12.27 -18.00
N LEU A 807 -69.03 -11.38 -18.07
CA LEU A 807 -67.70 -11.78 -18.48
C LEU A 807 -66.78 -11.83 -17.27
N LYS A 808 -65.73 -12.66 -17.38
CA LYS A 808 -64.86 -12.90 -16.25
C LYS A 808 -64.18 -11.61 -15.81
N PRO A 809 -63.92 -11.45 -14.51
CA PRO A 809 -63.38 -10.17 -14.03
C PRO A 809 -62.03 -9.82 -14.62
N SER A 810 -61.25 -10.79 -15.07
CA SER A 810 -59.92 -10.50 -15.60
C SER A 810 -59.97 -9.69 -16.89
N CYS A 811 -61.08 -9.74 -17.62
CA CYS A 811 -61.15 -9.07 -18.91
C CYS A 811 -61.35 -7.56 -18.74
N THR A 812 -60.91 -6.81 -19.75
CA THR A 812 -61.07 -5.37 -19.81
C THR A 812 -62.04 -5.01 -20.93
N ILE A 813 -62.83 -3.97 -20.71
CA ILE A 813 -63.84 -3.52 -21.67
C ILE A 813 -63.47 -2.12 -22.13
N ILE A 814 -63.54 -1.89 -23.45
CA ILE A 814 -63.19 -0.61 -24.03
C ILE A 814 -64.29 -0.21 -25.00
N PRO A 815 -64.97 0.93 -24.79
CA PRO A 815 -66.13 1.27 -25.62
C PRO A 815 -65.80 1.48 -27.09
N LEU A 816 -64.82 2.34 -27.38
CA LEU A 816 -64.43 2.78 -28.72
C LEU A 816 -65.38 3.83 -29.27
N MET A 817 -66.49 4.13 -28.59
CA MET A 817 -67.38 5.20 -29.01
C MET A 817 -68.49 5.40 -27.99
N LYS A 818 -69.05 6.59 -27.92
CA LYS A 818 -70.06 6.91 -26.92
C LYS A 818 -71.10 7.84 -27.53
N LYS A 819 -72.27 7.85 -26.91
CA LYS A 819 -73.39 8.63 -27.43
C LYS A 819 -73.35 10.06 -26.92
N ASP A 820 -73.68 11.00 -27.80
CA ASP A 820 -73.76 12.42 -27.47
C ASP A 820 -72.47 12.95 -26.85
N HIS A 821 -71.35 12.27 -27.07
CA HIS A 821 -70.07 12.81 -26.63
C HIS A 821 -69.69 14.01 -27.47
N ARG A 822 -68.92 14.93 -26.87
CA ARG A 822 -68.60 16.18 -27.55
C ARG A 822 -67.83 15.93 -28.84
N ASP A 823 -66.84 15.04 -28.79
CA ASP A 823 -66.06 14.70 -29.98
C ASP A 823 -65.59 13.27 -29.84
N ASN A 824 -66.11 12.39 -30.70
CA ASN A 824 -65.86 10.96 -30.57
C ASN A 824 -64.45 10.54 -30.99
N LEU A 825 -63.74 11.38 -31.74
CA LEU A 825 -62.36 11.04 -32.10
C LEU A 825 -61.50 10.95 -30.85
N GLU A 826 -61.72 11.85 -29.89
CA GLU A 826 -60.99 11.79 -28.64
C GLU A 826 -61.30 10.50 -27.88
N PHE A 827 -62.56 10.07 -27.90
CA PHE A 827 -62.93 8.84 -27.23
C PHE A 827 -62.30 7.62 -27.90
N PHE A 828 -62.26 7.63 -29.24
CA PHE A 828 -61.60 6.53 -29.96
C PHE A 828 -60.11 6.50 -29.63
N LEU A 829 -59.46 7.66 -29.59
CA LEU A 829 -58.05 7.71 -29.23
C LEU A 829 -57.82 7.25 -27.79
N ALA A 830 -58.74 7.58 -26.89
CA ALA A 830 -58.63 7.10 -25.51
C ALA A 830 -58.77 5.58 -25.46
N GLY A 831 -59.68 5.02 -26.26
CA GLY A 831 -59.77 3.57 -26.34
C GLY A 831 -58.50 2.93 -26.86
N ILE A 832 -57.89 3.53 -27.88
CA ILE A 832 -56.63 3.01 -28.40
C ILE A 832 -55.53 3.13 -27.34
N GLY A 833 -55.54 4.22 -26.58
CA GLY A 833 -54.57 4.35 -25.49
C GLY A 833 -54.74 3.29 -24.42
N ARG A 834 -55.99 2.99 -24.06
CA ARG A 834 -56.23 1.92 -23.10
C ARG A 834 -55.83 0.58 -23.67
N LEU A 835 -55.97 0.40 -24.98
CA LEU A 835 -55.45 -0.80 -25.62
C LEU A 835 -53.94 -0.89 -25.48
N HIS A 836 -53.27 0.26 -25.61
CA HIS A 836 -51.82 0.30 -25.41
C HIS A 836 -51.47 -0.07 -23.97
N LEU A 837 -52.23 0.45 -23.00
CA LEU A 837 -51.95 0.18 -21.59
C LEU A 837 -52.18 -1.28 -21.22
N SER A 838 -52.98 -2.02 -21.99
CA SER A 838 -53.33 -3.38 -21.65
C SER A 838 -52.36 -4.40 -22.24
N GLY A 839 -51.34 -3.97 -22.98
CA GLY A 839 -50.36 -4.86 -23.55
C GLY A 839 -50.54 -5.14 -25.02
N ILE A 840 -51.66 -4.74 -25.62
CA ILE A 840 -51.91 -4.97 -27.03
C ILE A 840 -51.29 -3.84 -27.83
N ASP A 841 -50.39 -4.17 -28.75
CA ASP A 841 -49.70 -3.15 -29.53
C ASP A 841 -50.63 -2.62 -30.63
N ALA A 842 -50.70 -1.31 -30.73
CA ALA A 842 -51.49 -0.65 -31.78
C ALA A 842 -50.83 0.68 -32.10
N ASN A 843 -50.55 0.93 -33.38
CA ASN A 843 -49.84 2.12 -33.79
C ASN A 843 -50.85 3.18 -34.23
N PRO A 844 -50.96 4.30 -33.52
CA PRO A 844 -51.93 5.33 -33.91
C PRO A 844 -51.50 6.16 -35.11
N ASN A 845 -50.28 5.95 -35.62
CA ASN A 845 -49.84 6.70 -36.80
C ASN A 845 -50.70 6.37 -38.01
N ALA A 846 -51.04 5.09 -38.20
CA ALA A 846 -51.78 4.68 -39.39
C ALA A 846 -53.09 5.43 -39.53
N LEU A 847 -53.69 5.84 -38.40
CA LEU A 847 -54.98 6.53 -38.47
C LEU A 847 -54.86 7.84 -39.23
N PHE A 848 -53.79 8.59 -39.00
CA PHE A 848 -53.60 9.90 -39.59
C PHE A 848 -52.70 9.83 -40.81
N PRO A 849 -52.69 10.88 -41.62
CA PRO A 849 -51.87 10.85 -42.83
C PRO A 849 -50.40 10.76 -42.49
N PRO A 850 -49.60 10.15 -43.36
CA PRO A 850 -48.17 10.00 -43.06
C PRO A 850 -47.46 11.33 -42.95
N VAL A 851 -46.41 11.37 -42.14
CA VAL A 851 -45.56 12.53 -42.00
C VAL A 851 -44.30 12.30 -42.84
N GLU A 852 -44.01 13.23 -43.74
CA GLU A 852 -42.91 13.05 -44.67
C GLU A 852 -41.57 13.19 -43.96
N PHE A 853 -40.62 12.35 -44.35
CA PHE A 853 -39.26 12.37 -43.84
C PHE A 853 -38.28 12.65 -44.98
N PRO A 854 -37.09 13.17 -44.68
CA PRO A 854 -36.52 13.45 -43.34
C PRO A 854 -37.31 14.48 -42.56
N ALA A 855 -37.17 14.46 -41.23
CA ALA A 855 -37.93 15.37 -40.39
C ALA A 855 -37.38 16.79 -40.47
N PRO A 856 -38.19 17.78 -40.12
CA PRO A 856 -37.74 19.17 -40.21
C PRO A 856 -36.56 19.44 -39.30
N ARG A 857 -35.67 20.33 -39.74
CA ARG A 857 -34.54 20.73 -38.92
C ARG A 857 -35.04 21.47 -37.69
N GLY A 858 -34.54 21.09 -36.52
CA GLY A 858 -34.94 21.68 -35.27
C GLY A 858 -35.95 20.90 -34.47
N THR A 859 -36.29 19.69 -34.89
CA THR A 859 -37.22 18.88 -34.12
C THR A 859 -36.60 18.51 -32.77
N PRO A 860 -37.39 18.50 -31.70
CA PRO A 860 -36.80 18.26 -30.37
C PRO A 860 -36.09 16.92 -30.30
N LEU A 861 -34.99 16.90 -29.54
CA LEU A 861 -34.23 15.68 -29.36
C LEU A 861 -35.02 14.67 -28.52
N ILE A 862 -34.83 13.40 -28.84
CA ILE A 862 -35.49 12.32 -28.09
C ILE A 862 -34.54 11.59 -27.15
N SER A 863 -33.23 11.68 -27.37
CA SER A 863 -32.29 10.96 -26.52
C SER A 863 -32.39 11.37 -25.06
N PRO A 864 -32.40 12.66 -24.71
CA PRO A 864 -32.42 13.03 -23.28
C PRO A 864 -33.62 12.51 -22.52
N LEU A 865 -34.74 12.23 -23.21
CA LEU A 865 -35.96 11.86 -22.52
C LEU A 865 -35.90 10.45 -21.95
N ILE A 866 -35.12 9.56 -22.56
CA ILE A 866 -35.11 8.16 -22.16
C ILE A 866 -34.44 8.04 -20.79
N LYS A 867 -35.23 7.73 -19.77
CA LYS A 867 -34.72 7.51 -18.42
C LYS A 867 -34.71 6.03 -18.11
N TRP A 868 -33.73 5.60 -17.33
CA TRP A 868 -33.51 4.20 -17.01
C TRP A 868 -33.80 3.94 -15.54
N ASP A 869 -33.62 2.68 -15.14
CA ASP A 869 -33.81 2.24 -13.77
C ASP A 869 -32.43 2.13 -13.12
N HIS A 870 -31.97 3.23 -12.53
CA HIS A 870 -30.65 3.32 -11.92
C HIS A 870 -30.71 3.15 -10.41
N SER A 871 -31.60 2.29 -9.91
CA SER A 871 -31.77 2.15 -8.47
C SER A 871 -30.50 1.62 -7.82
N LEU A 872 -29.87 0.63 -8.43
CA LEU A 872 -28.71 -0.02 -7.83
C LEU A 872 -27.42 0.68 -8.24
N ALA A 873 -26.41 0.57 -7.37
CA ALA A 873 -25.09 1.16 -7.61
C ALA A 873 -24.08 0.04 -7.78
N TRP A 874 -23.37 0.04 -8.90
CA TRP A 874 -22.41 -0.99 -9.21
C TRP A 874 -20.99 -0.52 -8.87
N ASP A 875 -20.05 -1.46 -8.96
CA ASP A 875 -18.67 -1.19 -8.59
C ASP A 875 -17.99 -0.32 -9.65
N VAL A 876 -16.97 0.40 -9.20
CA VAL A 876 -16.10 1.17 -10.09
C VAL A 876 -14.70 1.15 -9.51
N PRO A 877 -13.68 0.74 -10.27
CA PRO A 877 -12.34 0.66 -9.72
C PRO A 877 -11.88 2.00 -9.16
N ALA A 878 -11.23 1.95 -8.00
CA ALA A 878 -10.70 3.13 -7.36
C ALA A 878 -9.22 3.30 -7.70
N ALA A 879 -8.68 4.49 -7.39
CA ALA A 879 -7.31 4.78 -7.71
C ALA A 879 -6.32 3.97 -6.89
N GLU A 880 -6.79 3.30 -5.83
CA GLU A 880 -5.92 2.49 -4.99
C GLU A 880 -5.75 1.07 -5.50
N ASP A 881 -6.55 0.65 -6.47
CA ASP A 881 -6.38 -0.69 -7.04
C ASP A 881 -5.12 -0.76 -7.89
N PHE A 882 -4.89 0.26 -8.71
CA PHE A 882 -3.73 0.27 -9.58
C PHE A 882 -2.45 0.47 -8.76
N PRO A 883 -1.32 -0.02 -9.24
CA PRO A 883 -0.09 0.00 -8.44
C PRO A 883 0.47 1.41 -8.24
N ASN A 884 1.56 1.50 -7.50
CA ASN A 884 2.24 2.78 -7.28
C ASN A 884 3.67 2.55 -6.81
N ALA A 891 7.15 -2.75 2.92
CA ALA A 891 7.58 -4.13 3.01
C ALA A 891 8.79 -4.36 2.11
N ALA A 892 9.80 -3.52 2.26
CA ALA A 892 11.00 -3.66 1.45
C ALA A 892 11.65 -5.00 1.69
N ILE A 893 12.01 -5.69 0.62
CA ILE A 893 12.67 -6.99 0.68
C ILE A 893 14.09 -6.81 0.18
N TYR A 894 15.06 -7.05 1.06
CA TYR A 894 16.48 -6.97 0.73
C TYR A 894 17.03 -8.40 0.70
N ASN A 895 17.57 -8.81 -0.43
CA ASN A 895 18.10 -10.14 -0.61
C ASN A 895 19.63 -10.08 -0.51
N ILE A 896 20.18 -10.71 0.51
CA ILE A 896 21.62 -10.71 0.76
C ILE A 896 22.22 -11.93 0.08
N ASP A 897 23.12 -11.69 -0.87
CA ASP A 897 23.79 -12.74 -1.62
C ASP A 897 25.29 -12.59 -1.44
N THR A 898 25.93 -13.61 -0.91
CA THR A 898 27.36 -13.60 -0.66
C THR A 898 28.17 -14.21 -1.80
N SER A 899 27.54 -14.49 -2.93
CA SER A 899 28.26 -15.04 -4.08
C SER A 899 29.39 -14.11 -4.50
N SER A 900 30.31 -14.67 -5.30
CA SER A 900 31.52 -13.92 -5.66
C SER A 900 31.23 -12.73 -6.55
N GLU A 901 30.05 -12.64 -7.15
CA GLU A 901 29.70 -11.54 -8.03
C GLU A 901 28.66 -10.60 -7.45
N SER A 902 28.03 -10.97 -6.33
CA SER A 902 27.02 -10.12 -5.74
C SER A 902 27.66 -8.85 -5.16
N PRO A 903 26.96 -7.72 -5.18
CA PRO A 903 27.53 -6.50 -4.58
C PRO A 903 27.82 -6.64 -3.09
N ASP A 904 27.16 -7.56 -2.40
CA ASP A 904 27.33 -7.75 -0.96
C ASP A 904 28.39 -8.81 -0.63
N HIS A 905 29.37 -9.00 -1.51
CA HIS A 905 30.40 -9.99 -1.28
C HIS A 905 31.32 -9.64 -0.13
N TYR A 906 31.30 -8.39 0.34
CA TYR A 906 32.16 -8.00 1.45
C TYR A 906 31.69 -8.58 2.77
N LEU A 907 30.44 -9.02 2.85
CA LEU A 907 29.94 -9.61 4.09
C LEU A 907 30.59 -10.96 4.39
N VAL A 908 31.26 -11.56 3.41
CA VAL A 908 31.93 -12.84 3.64
C VAL A 908 33.04 -12.70 4.67
N ASP A 909 33.55 -11.49 4.88
CA ASP A 909 34.65 -11.24 5.80
C ASP A 909 34.21 -11.08 7.24
N HIS A 910 32.91 -10.94 7.50
CA HIS A 910 32.41 -10.77 8.86
C HIS A 910 32.18 -12.14 9.49
N THR A 911 33.29 -12.79 9.81
CA THR A 911 33.29 -14.14 10.38
C THR A 911 33.48 -14.02 11.88
N LEU A 912 32.41 -14.28 12.64
CA LEU A 912 32.43 -14.24 14.09
C LEU A 912 32.35 -15.67 14.63
N ASP A 913 33.43 -16.12 15.26
CA ASP A 913 33.54 -17.46 15.83
C ASP A 913 33.55 -18.55 14.77
N GLY A 914 33.79 -18.19 13.51
CA GLY A 914 33.89 -19.14 12.42
C GLY A 914 32.73 -19.10 11.45
N ARG A 915 31.54 -18.72 11.92
CA ARG A 915 30.36 -18.67 11.08
C ARG A 915 30.04 -17.21 10.74
N VAL A 916 29.70 -16.97 9.48
CA VAL A 916 29.48 -15.62 8.99
C VAL A 916 28.14 -15.11 9.54
N LEU A 917 28.17 -13.93 10.16
CA LEU A 917 26.99 -13.30 10.72
C LEU A 917 26.75 -11.95 10.06
N PHE A 918 25.48 -11.60 9.93
CA PHE A 918 25.13 -10.30 9.35
C PHE A 918 25.41 -9.20 10.35
N PRO A 919 26.22 -8.19 10.01
CA PRO A 919 26.49 -7.12 10.97
C PRO A 919 25.24 -6.36 11.36
N ALA A 920 25.21 -5.91 12.61
CA ALA A 920 24.12 -5.05 13.06
C ALA A 920 24.11 -3.75 12.26
N THR A 921 25.29 -3.21 11.95
CA THR A 921 25.39 -2.04 11.11
C THR A 921 24.75 -2.30 9.75
N GLY A 922 24.72 -3.56 9.31
CA GLY A 922 23.99 -3.89 8.11
C GLY A 922 22.49 -3.66 8.26
N TYR A 923 21.94 -4.05 9.41
CA TYR A 923 20.52 -3.76 9.67
C TYR A 923 20.29 -2.26 9.69
N LEU A 924 21.19 -1.51 10.33
CA LEU A 924 21.07 -0.06 10.33
C LEU A 924 21.08 0.49 8.90
N SER A 925 21.98 -0.04 8.06
CA SER A 925 22.08 0.44 6.69
C SER A 925 20.81 0.16 5.91
N ILE A 926 20.25 -1.05 6.04
CA ILE A 926 19.07 -1.39 5.25
C ILE A 926 17.87 -0.57 5.73
N VAL A 927 17.75 -0.37 7.05
CA VAL A 927 16.66 0.47 7.55
C VAL A 927 16.82 1.91 7.05
N TRP A 928 18.06 2.41 7.05
CA TRP A 928 18.31 3.75 6.56
C TRP A 928 17.94 3.88 5.08
N LYS A 929 18.30 2.88 4.28
CA LYS A 929 17.97 2.93 2.86
C LYS A 929 16.47 2.85 2.63
N THR A 930 15.76 2.04 3.42
CA THR A 930 14.31 1.97 3.29
C THR A 930 13.68 3.31 3.64
N LEU A 931 14.16 3.96 4.71
CA LEU A 931 13.64 5.27 5.06
C LEU A 931 13.93 6.28 3.95
N ALA A 932 15.13 6.25 3.38
CA ALA A 932 15.46 7.17 2.31
C ALA A 932 14.55 6.96 1.10
N ARG A 933 14.29 5.71 0.75
CA ARG A 933 13.36 5.44 -0.34
C ARG A 933 11.97 5.96 -0.01
N ALA A 934 11.50 5.73 1.22
CA ALA A 934 10.15 6.16 1.58
C ALA A 934 10.01 7.67 1.51
N LEU A 935 11.00 8.40 2.00
CA LEU A 935 10.91 9.85 2.00
C LEU A 935 11.17 10.45 0.62
N GLY A 936 11.84 9.72 -0.25
CA GLY A 936 12.17 10.20 -1.58
C GLY A 936 13.56 10.79 -1.69
N LEU A 937 14.29 10.89 -0.58
CA LEU A 937 15.65 11.42 -0.59
C LEU A 937 16.65 10.29 -0.74
N GLY A 938 17.91 10.66 -0.98
CA GLY A 938 18.99 9.70 -1.04
C GLY A 938 19.51 9.33 0.32
N VAL A 939 20.52 8.46 0.32
CA VAL A 939 21.15 8.04 1.57
C VAL A 939 22.28 8.97 1.98
N GLU A 940 22.77 9.80 1.06
CA GLU A 940 23.79 10.79 1.38
C GLU A 940 23.22 12.17 1.68
N GLN A 941 21.89 12.31 1.68
CA GLN A 941 21.23 13.57 1.98
C GLN A 941 20.20 13.43 3.09
N LEU A 942 20.26 12.36 3.88
CA LEU A 942 19.28 12.06 4.90
C LEU A 942 19.97 11.77 6.22
N PRO A 943 20.35 12.80 6.98
CA PRO A 943 20.80 12.55 8.35
C PRO A 943 19.68 11.92 9.16
N VAL A 944 20.03 10.89 9.93
CA VAL A 944 19.04 10.03 10.56
C VAL A 944 19.42 9.78 12.02
N VAL A 945 18.42 9.37 12.80
CA VAL A 945 18.58 9.04 14.20
C VAL A 945 17.95 7.68 14.46
N PHE A 946 18.72 6.78 15.04
CA PHE A 946 18.21 5.49 15.49
C PHE A 946 18.08 5.53 17.00
N GLU A 947 16.93 5.08 17.51
CA GLU A 947 16.67 5.07 18.93
C GLU A 947 16.14 3.72 19.37
N ASP A 948 16.62 3.25 20.53
CA ASP A 948 16.16 2.01 21.14
C ASP A 948 16.26 0.84 20.14
N VAL A 949 17.45 0.63 19.62
CA VAL A 949 17.70 -0.48 18.70
C VAL A 949 17.93 -1.75 19.51
N VAL A 950 17.16 -2.79 19.20
CA VAL A 950 17.22 -4.06 19.92
C VAL A 950 17.38 -5.17 18.90
N LEU A 951 18.38 -6.02 19.09
CA LEU A 951 18.64 -7.17 18.24
C LEU A 951 18.23 -8.43 18.98
N HIS A 952 17.29 -9.18 18.41
CA HIS A 952 16.75 -10.36 19.06
C HIS A 952 17.43 -11.65 18.64
N GLN A 953 18.08 -11.66 17.48
CA GLN A 953 18.81 -12.84 17.04
C GLN A 953 19.80 -12.43 15.96
N ALA A 954 20.81 -13.27 15.77
CA ALA A 954 21.84 -13.05 14.76
C ALA A 954 21.57 -13.97 13.58
N THR A 955 21.40 -13.39 12.39
CA THR A 955 21.09 -14.16 11.20
C THR A 955 22.38 -14.65 10.56
N ILE A 956 22.45 -15.95 10.32
CA ILE A 956 23.64 -16.57 9.76
C ILE A 956 23.52 -16.55 8.24
N LEU A 957 24.60 -16.13 7.57
CA LEU A 957 24.61 -16.05 6.12
C LEU A 957 25.13 -17.36 5.55
N PRO A 958 24.30 -18.18 4.90
CA PRO A 958 24.79 -19.44 4.36
C PRO A 958 25.76 -19.23 3.21
N LYS A 959 26.67 -20.20 3.04
CA LYS A 959 27.62 -20.13 1.95
C LYS A 959 26.93 -20.14 0.59
N THR A 960 25.91 -20.99 0.44
CA THR A 960 25.08 -21.03 -0.76
C THR A 960 23.65 -20.68 -0.36
N GLY A 961 22.94 -20.04 -1.29
CA GLY A 961 21.61 -19.54 -1.00
C GLY A 961 21.63 -18.12 -0.48
N THR A 962 20.42 -17.59 -0.28
CA THR A 962 20.26 -16.21 0.15
C THR A 962 19.21 -16.13 1.25
N VAL A 963 19.32 -15.09 2.07
CA VAL A 963 18.41 -14.83 3.17
C VAL A 963 17.67 -13.54 2.88
N SER A 964 16.34 -13.58 2.96
CA SER A 964 15.52 -12.41 2.68
C SER A 964 15.17 -11.69 3.96
N LEU A 965 15.40 -10.39 3.99
CA LEU A 965 15.06 -9.54 5.12
C LEU A 965 13.95 -8.58 4.72
N GLU A 966 13.01 -8.36 5.62
CA GLU A 966 11.86 -7.49 5.38
C GLU A 966 11.89 -6.34 6.36
N VAL A 967 11.84 -5.11 5.84
CA VAL A 967 11.92 -3.90 6.65
C VAL A 967 10.58 -3.18 6.53
N ARG A 968 9.95 -2.93 7.68
CA ARG A 968 8.67 -2.23 7.74
C ARG A 968 8.82 -0.99 8.62
N LEU A 969 8.24 0.11 8.17
CA LEU A 969 8.28 1.37 8.89
C LEU A 969 6.88 1.77 9.33
N LEU A 970 6.81 2.42 10.50
CA LEU A 970 5.59 3.02 11.01
C LEU A 970 5.88 4.51 11.21
N GLU A 971 5.50 5.32 10.22
CA GLU A 971 5.87 6.73 10.24
C GLU A 971 5.26 7.44 11.46
N ALA A 972 4.00 7.14 11.77
CA ALA A 972 3.35 7.81 12.89
C ALA A 972 4.07 7.53 14.20
N SER A 973 4.47 6.27 14.43
CA SER A 973 5.19 5.88 15.63
C SER A 973 6.70 5.97 15.46
N ARG A 974 7.19 6.27 14.26
CA ARG A 974 8.63 6.37 14.02
C ARG A 974 9.34 5.08 14.42
N ALA A 975 8.67 3.94 14.20
CA ALA A 975 9.18 2.64 14.57
C ALA A 975 9.43 1.81 13.33
N PHE A 976 10.53 1.06 13.35
CA PHE A 976 10.88 0.15 12.25
C PHE A 976 10.94 -1.27 12.79
N GLU A 977 10.98 -2.22 11.86
CA GLU A 977 11.03 -3.63 12.22
C GLU A 977 11.65 -4.40 11.07
N VAL A 978 12.65 -5.23 11.39
CA VAL A 978 13.28 -6.12 10.43
C VAL A 978 12.96 -7.55 10.85
N SER A 979 12.57 -8.38 9.87
CA SER A 979 12.17 -9.75 10.15
C SER A 979 12.74 -10.67 9.08
N GLU A 980 13.00 -11.92 9.49
CA GLU A 980 13.49 -12.96 8.61
C GLU A 980 12.56 -14.16 8.71
N ASN A 981 11.86 -14.46 7.61
CA ASN A 981 10.92 -15.56 7.57
C ASN A 981 9.93 -15.48 8.73
N GLY A 982 9.48 -14.26 9.04
CA GLY A 982 8.46 -14.06 10.05
C GLY A 982 8.96 -14.02 11.47
N ASN A 983 10.26 -14.20 11.70
CA ASN A 983 10.84 -14.11 13.03
C ASN A 983 11.53 -12.75 13.18
N LEU A 984 11.09 -11.98 14.17
CA LEU A 984 11.65 -10.65 14.40
C LEU A 984 13.14 -10.75 14.69
N VAL A 985 13.92 -9.87 14.04
CA VAL A 985 15.37 -9.85 14.22
C VAL A 985 15.84 -8.52 14.81
N VAL A 986 15.28 -7.40 14.36
CA VAL A 986 15.66 -6.08 14.86
C VAL A 986 14.41 -5.22 14.98
N SER A 987 14.34 -4.46 16.07
CA SER A 987 13.25 -3.52 16.29
C SER A 987 13.81 -2.26 16.95
N GLY A 988 13.16 -1.13 16.68
CA GLY A 988 13.61 0.13 17.22
C GLY A 988 12.88 1.29 16.59
N LYS A 989 13.45 2.48 16.76
CA LYS A 989 12.88 3.72 16.28
C LYS A 989 13.84 4.40 15.31
N VAL A 990 13.29 5.09 14.31
CA VAL A 990 14.08 5.78 13.30
C VAL A 990 13.29 6.98 12.78
N TYR A 991 14.00 8.05 12.47
CA TYR A 991 13.37 9.24 11.93
C TYR A 991 14.45 10.19 11.43
N GLN A 992 14.10 10.97 10.41
CA GLN A 992 15.03 11.94 9.85
C GLN A 992 15.43 12.97 10.89
N TRP A 993 16.72 13.30 10.93
CA TRP A 993 17.24 14.30 11.85
C TRP A 993 16.94 15.67 11.26
N ASP A 994 15.99 16.39 11.87
CA ASP A 994 15.49 17.62 11.27
C ASP A 994 16.58 18.67 11.14
N ASP A 995 17.29 18.95 12.24
CA ASP A 995 18.28 20.03 12.30
C ASP A 995 19.59 19.47 12.83
N PRO A 996 20.41 18.88 11.97
CA PRO A 996 21.70 18.35 12.43
C PRO A 996 22.57 19.44 13.03
N ASP A 997 23.32 19.07 14.07
CA ASP A 997 24.23 19.98 14.75
C ASP A 997 25.65 19.45 14.62
N PRO A 998 26.54 20.14 13.91
CA PRO A 998 27.94 19.66 13.83
C PRO A 998 28.63 19.58 15.18
N ARG A 999 28.13 20.30 16.19
CA ARG A 999 28.74 20.22 17.52
C ARG A 999 28.66 18.81 18.08
N LEU A 1000 27.66 18.02 17.65
CA LEU A 1000 27.48 16.68 18.21
C LEU A 1000 28.65 15.77 17.89
N PHE A 1001 29.47 16.11 16.91
CA PHE A 1001 30.58 15.25 16.48
C PHE A 1001 31.94 15.76 16.93
N ASP A 1002 32.00 16.87 17.65
CA ASP A 1002 33.26 17.31 18.22
C ASP A 1002 33.77 16.27 19.20
N HIS A 1003 35.04 15.91 19.08
CA HIS A 1003 35.56 14.78 19.82
C HIS A 1003 35.47 15.04 21.32
N PRO A 1004 34.92 14.11 22.10
CA PRO A 1004 34.68 14.40 23.53
C PRO A 1004 35.97 14.52 24.31
N GLU A 1005 35.88 15.21 25.44
CA GLU A 1005 37.00 15.32 26.37
C GLU A 1005 37.57 13.94 26.67
N SER A 1006 38.85 13.75 26.35
CA SER A 1006 39.45 12.44 26.41
C SER A 1006 39.45 11.92 27.86
N PRO A 1007 39.16 10.62 28.07
CA PRO A 1007 39.24 10.10 29.43
C PRO A 1007 40.62 10.27 30.07
N THR A 1008 41.68 10.07 29.28
CA THR A 1008 43.05 10.24 29.75
C THR A 1008 43.67 11.43 29.01
N PRO A 1009 43.78 12.60 29.64
CA PRO A 1009 44.24 13.78 28.89
C PRO A 1009 45.62 13.63 28.27
N ASN A 1010 46.56 12.98 28.98
CA ASN A 1010 47.95 12.89 28.55
C ASN A 1010 48.44 11.45 28.67
N PRO A 1011 48.10 10.58 27.71
CA PRO A 1011 48.70 9.24 27.71
C PRO A 1011 50.22 9.26 27.65
N THR A 1012 50.79 10.19 26.88
CA THR A 1012 52.24 10.38 26.79
C THR A 1012 52.94 9.05 26.48
N GLU A 1013 52.52 8.42 25.40
CA GLU A 1013 53.12 7.16 24.95
C GLU A 1013 53.30 7.19 23.44
N PRO A 1014 54.54 7.27 22.94
CA PRO A 1014 54.72 7.23 21.46
C PRO A 1014 54.21 5.94 20.84
N LEU A 1015 54.31 4.82 21.54
CA LEU A 1015 53.90 3.54 20.97
C LEU A 1015 52.40 3.49 20.78
N PHE A 1016 51.97 2.81 19.72
CA PHE A 1016 50.56 2.64 19.42
C PHE A 1016 50.37 1.31 18.73
N LEU A 1017 49.13 0.82 18.75
CA LEU A 1017 48.80 -0.43 18.09
C LEU A 1017 48.61 -0.19 16.60
N ALA A 1018 49.35 -0.93 15.78
CA ALA A 1018 49.15 -0.91 14.34
C ALA A 1018 48.00 -1.85 13.98
N GLN A 1019 47.69 -1.90 12.68
CA GLN A 1019 46.56 -2.70 12.23
C GLN A 1019 46.76 -4.18 12.58
N ALA A 1020 47.95 -4.71 12.26
CA ALA A 1020 48.20 -6.13 12.47
C ALA A 1020 48.06 -6.52 13.93
N GLU A 1021 48.60 -5.70 14.84
CA GLU A 1021 48.49 -6.01 16.26
C GLU A 1021 47.05 -5.95 16.73
N VAL A 1022 46.30 -4.94 16.28
CA VAL A 1022 44.90 -4.83 16.66
C VAL A 1022 44.14 -6.09 16.29
N TYR A 1023 44.31 -6.55 15.06
CA TYR A 1023 43.52 -7.69 14.62
C TYR A 1023 44.09 -9.01 15.12
N LYS A 1024 45.38 -9.05 15.47
CA LYS A 1024 45.89 -10.21 16.22
C LYS A 1024 45.19 -10.31 17.56
N GLU A 1025 45.04 -9.19 18.27
CA GLU A 1025 44.34 -9.22 19.55
C GLU A 1025 42.89 -9.64 19.37
N LEU A 1026 42.22 -9.08 18.36
CA LEU A 1026 40.83 -9.43 18.14
C LEU A 1026 40.68 -10.90 17.73
N ARG A 1027 41.65 -11.46 17.02
CA ARG A 1027 41.61 -12.88 16.71
C ARG A 1027 41.78 -13.72 17.97
N LEU A 1028 42.78 -13.39 18.79
CA LEU A 1028 42.95 -14.09 20.06
C LEU A 1028 41.67 -14.06 20.87
N ARG A 1029 40.97 -12.93 20.85
CA ARG A 1029 39.70 -12.84 21.58
C ARG A 1029 38.64 -13.74 20.98
N GLY A 1030 38.59 -13.84 19.65
CA GLY A 1030 37.62 -14.69 18.99
C GLY A 1030 37.04 -14.08 17.73
N TYR A 1031 37.34 -12.81 17.48
CA TYR A 1031 36.82 -12.12 16.29
C TYR A 1031 37.74 -12.39 15.10
N ASP A 1032 37.17 -12.86 14.00
CA ASP A 1032 37.93 -13.22 12.81
C ASP A 1032 37.42 -12.35 11.65
N TYR A 1033 38.09 -11.22 11.42
CA TYR A 1033 37.69 -10.28 10.41
C TYR A 1033 38.56 -10.41 9.16
N GLY A 1034 37.97 -10.09 8.01
CA GLY A 1034 38.68 -10.08 6.76
C GLY A 1034 39.05 -8.67 6.35
N PRO A 1035 39.71 -8.54 5.19
CA PRO A 1035 40.20 -7.21 4.79
C PRO A 1035 39.11 -6.15 4.71
N HIS A 1036 37.90 -6.50 4.28
CA HIS A 1036 36.86 -5.50 4.13
C HIS A 1036 36.37 -4.95 5.45
N PHE A 1037 36.71 -5.61 6.57
CA PHE A 1037 36.35 -5.13 7.89
C PHE A 1037 37.58 -4.79 8.73
N GLN A 1038 38.74 -4.69 8.09
CA GLN A 1038 39.97 -4.27 8.77
C GLN A 1038 40.18 -2.79 8.51
N GLY A 1039 39.42 -1.96 9.22
CA GLY A 1039 39.43 -0.53 8.98
C GLY A 1039 40.23 0.29 9.96
N ILE A 1040 40.74 -0.34 11.02
CA ILE A 1040 41.49 0.38 12.05
C ILE A 1040 42.95 0.48 11.61
N LEU A 1041 43.36 1.66 11.15
CA LEU A 1041 44.75 1.85 10.80
C LEU A 1041 45.64 1.85 12.03
N GLU A 1042 45.19 2.52 13.10
CA GLU A 1042 45.95 2.53 14.34
C GLU A 1042 45.02 2.91 15.48
N ALA A 1043 45.43 2.58 16.69
CA ALA A 1043 44.65 2.88 17.88
C ALA A 1043 45.60 3.03 19.07
N SER A 1044 45.16 3.79 20.06
CA SER A 1044 45.98 3.98 21.25
C SER A 1044 46.03 2.70 22.07
N LEU A 1045 47.05 2.61 22.92
CA LEU A 1045 47.23 1.41 23.72
C LEU A 1045 46.03 1.17 24.63
N GLU A 1046 45.53 2.23 25.26
CA GLU A 1046 44.34 2.08 26.10
C GLU A 1046 43.11 1.75 25.26
N GLY A 1047 43.14 2.04 23.97
CA GLY A 1047 42.02 1.76 23.10
C GLY A 1047 40.93 2.82 23.11
N ASP A 1048 41.28 4.07 23.44
CA ASP A 1048 40.32 5.15 23.51
C ASP A 1048 40.48 6.16 22.39
N SER A 1049 41.32 5.89 21.40
CA SER A 1049 41.50 6.76 20.26
C SER A 1049 42.10 5.97 19.11
N GLY A 1050 41.99 6.51 17.91
CA GLY A 1050 42.55 5.84 16.75
C GLY A 1050 42.15 6.54 15.47
N ARG A 1051 42.39 5.84 14.36
CA ARG A 1051 42.05 6.32 13.03
C ARG A 1051 41.45 5.19 12.23
N LEU A 1052 40.35 5.48 11.53
CA LEU A 1052 39.60 4.47 10.80
C LEU A 1052 39.64 4.77 9.30
N LEU A 1053 39.47 3.71 8.51
CA LEU A 1053 39.51 3.81 7.06
C LEU A 1053 38.12 4.08 6.51
N TRP A 1054 38.06 4.84 5.42
CA TRP A 1054 36.82 5.12 4.70
C TRP A 1054 36.95 4.51 3.31
N LYS A 1055 36.11 3.50 3.04
CA LYS A 1055 36.08 2.83 1.74
C LYS A 1055 34.72 3.00 1.07
N ASP A 1056 34.08 4.13 1.30
CA ASP A 1056 32.74 4.43 0.79
C ASP A 1056 31.69 3.45 1.28
N ASN A 1057 32.00 2.67 2.31
CA ASN A 1057 31.09 1.68 2.86
C ASN A 1057 30.71 2.09 4.28
N TRP A 1058 29.45 1.87 4.64
CA TRP A 1058 28.92 2.25 5.93
C TRP A 1058 28.90 1.11 6.93
N VAL A 1059 28.52 -0.09 6.48
CA VAL A 1059 28.54 -1.25 7.36
C VAL A 1059 29.94 -1.43 7.95
N SER A 1060 30.96 -1.37 7.09
CA SER A 1060 32.33 -1.53 7.55
C SER A 1060 32.71 -0.45 8.53
N PHE A 1061 32.35 0.80 8.24
CA PHE A 1061 32.76 1.92 9.10
C PHE A 1061 32.15 1.80 10.50
N MET A 1062 30.84 1.57 10.56
CA MET A 1062 30.21 1.46 11.88
C MET A 1062 30.64 0.19 12.61
N ASP A 1063 30.85 -0.90 11.87
CA ASP A 1063 31.37 -2.10 12.51
C ASP A 1063 32.76 -1.85 13.07
N THR A 1064 33.56 -1.06 12.37
CA THR A 1064 34.88 -0.71 12.87
C THR A 1064 34.79 0.15 14.12
N MET A 1065 33.79 1.03 14.18
CA MET A 1065 33.58 1.79 15.42
C MET A 1065 33.24 0.85 16.57
N LEU A 1066 32.38 -0.13 16.31
CA LEU A 1066 32.08 -1.14 17.34
C LEU A 1066 33.34 -1.90 17.73
N GLN A 1067 34.19 -2.20 16.75
CA GLN A 1067 35.45 -2.89 17.05
C GLN A 1067 36.34 -2.06 17.94
N MET A 1068 36.44 -0.76 17.68
CA MET A 1068 37.21 0.13 18.55
C MET A 1068 36.64 0.14 19.95
N SER A 1069 35.31 0.16 20.08
CA SER A 1069 34.71 0.10 21.40
C SER A 1069 35.06 -1.20 22.11
N ILE A 1070 35.03 -2.32 21.39
CA ILE A 1070 35.29 -3.62 22.02
C ILE A 1070 36.76 -3.78 22.37
N LEU A 1071 37.66 -3.16 21.61
CA LEU A 1071 39.08 -3.42 21.79
C LEU A 1071 39.54 -3.03 23.20
N GLY A 1072 39.09 -1.88 23.69
CA GLY A 1072 39.52 -1.42 25.00
C GLY A 1072 38.90 -2.14 26.16
N SER A 1073 37.93 -3.01 25.91
CA SER A 1073 37.29 -3.76 26.99
C SER A 1073 38.28 -4.71 27.63
N ALA A 1074 38.25 -4.78 28.96
CA ALA A 1074 39.11 -5.68 29.71
C ALA A 1074 38.51 -7.07 29.86
N LYS A 1075 37.34 -7.33 29.29
CA LYS A 1075 36.64 -8.59 29.45
C LYS A 1075 37.03 -9.55 28.34
N HIS A 1076 37.71 -10.62 28.71
CA HIS A 1076 38.02 -11.67 27.74
C HIS A 1076 36.75 -12.35 27.27
N GLY A 1077 36.74 -12.77 26.01
CA GLY A 1077 35.63 -13.49 25.43
C GLY A 1077 35.04 -12.74 24.25
N LEU A 1078 34.02 -13.35 23.66
CA LEU A 1078 33.34 -12.83 22.48
C LEU A 1078 32.06 -12.13 22.91
N TYR A 1079 31.96 -10.84 22.59
CA TYR A 1079 30.80 -10.02 22.92
C TYR A 1079 30.22 -9.43 21.64
N LEU A 1080 28.90 -9.54 21.49
CA LEU A 1080 28.22 -9.05 20.31
C LEU A 1080 27.19 -7.99 20.69
N PRO A 1081 26.98 -6.97 19.86
CA PRO A 1081 25.99 -5.94 20.21
C PRO A 1081 24.60 -6.53 20.35
N THR A 1082 23.86 -6.02 21.33
CA THR A 1082 22.49 -6.45 21.57
C THR A 1082 21.53 -5.26 21.66
N ARG A 1083 22.03 -4.12 22.12
CA ARG A 1083 21.22 -2.91 22.21
C ARG A 1083 22.08 -1.69 21.96
N VAL A 1084 21.47 -0.68 21.35
CA VAL A 1084 22.09 0.64 21.19
C VAL A 1084 21.03 1.68 21.52
N THR A 1085 21.42 2.68 22.31
CA THR A 1085 20.44 3.66 22.78
C THR A 1085 20.20 4.76 21.74
N ALA A 1086 21.24 5.20 21.04
CA ALA A 1086 21.07 6.25 20.05
C ALA A 1086 22.24 6.22 19.07
N ILE A 1087 21.92 6.30 17.78
CA ILE A 1087 22.91 6.40 16.72
C ILE A 1087 22.53 7.58 15.84
N HIS A 1088 23.44 8.53 15.70
CA HIS A 1088 23.23 9.73 14.87
C HIS A 1088 24.21 9.70 13.72
N ILE A 1089 23.72 10.02 12.52
CA ILE A 1089 24.53 10.02 11.31
C ILE A 1089 24.27 11.31 10.55
N ASP A 1090 25.34 11.88 9.97
CA ASP A 1090 25.25 13.12 9.22
C ASP A 1090 26.23 13.06 8.06
N PRO A 1091 25.77 12.67 6.86
CA PRO A 1091 26.71 12.54 5.74
C PRO A 1091 27.48 13.80 5.44
N ALA A 1092 26.87 14.97 5.58
CA ALA A 1092 27.60 16.22 5.29
C ALA A 1092 28.79 16.40 6.22
N THR A 1093 28.55 16.28 7.53
CA THR A 1093 29.65 16.39 8.48
C THR A 1093 30.65 15.25 8.31
N HIS A 1094 30.17 14.08 7.89
CA HIS A 1094 31.08 12.97 7.61
C HIS A 1094 32.05 13.34 6.49
N ARG A 1095 31.52 13.92 5.41
CA ARG A 1095 32.38 14.36 4.31
C ARG A 1095 33.33 15.46 4.79
N GLN A 1096 32.84 16.35 5.64
CA GLN A 1096 33.69 17.43 6.16
C GLN A 1096 34.86 16.87 6.97
N LYS A 1097 34.61 15.83 7.78
CA LYS A 1097 35.63 15.34 8.69
C LYS A 1097 36.71 14.54 7.99
N LEU A 1098 36.39 13.87 6.89
CA LEU A 1098 37.37 13.01 6.22
C LEU A 1098 38.57 13.82 5.74
N TYR A 1099 39.76 13.25 5.92
CA TYR A 1099 40.99 13.87 5.46
C TYR A 1099 41.94 12.80 4.94
N THR A 1100 42.58 13.09 3.81
CA THR A 1100 43.44 12.11 3.15
C THR A 1100 44.87 12.21 3.67
N LEU A 1101 45.49 11.05 3.84
CA LEU A 1101 46.87 10.96 4.34
C LEU A 1101 47.83 11.08 3.17
N GLN A 1102 49.11 10.74 3.40
CA GLN A 1102 50.09 10.79 2.33
C GLN A 1102 49.66 9.90 1.17
N ASP A 1103 49.11 8.73 1.47
CA ASP A 1103 48.50 7.89 0.46
C ASP A 1103 47.12 8.43 0.10
N LYS A 1104 46.59 7.94 -1.01
CA LYS A 1104 45.28 8.40 -1.47
C LYS A 1104 44.15 7.97 -0.54
N ALA A 1105 44.41 7.07 0.39
CA ALA A 1105 43.36 6.58 1.28
C ALA A 1105 42.84 7.70 2.17
N GLN A 1106 41.53 7.64 2.45
CA GLN A 1106 40.88 8.59 3.34
C GLN A 1106 40.69 7.96 4.71
N VAL A 1107 40.78 8.78 5.75
CA VAL A 1107 40.69 8.30 7.13
C VAL A 1107 39.83 9.24 7.95
N ALA A 1108 39.37 8.74 9.09
CA ALA A 1108 38.57 9.52 10.03
C ALA A 1108 38.98 9.17 11.45
N ASP A 1109 39.23 10.19 12.26
CA ASP A 1109 39.60 9.97 13.66
C ASP A 1109 38.42 9.44 14.45
N VAL A 1110 38.71 8.57 15.41
CA VAL A 1110 37.69 7.96 16.27
C VAL A 1110 38.10 8.14 17.71
N VAL A 1111 37.14 8.53 18.55
CA VAL A 1111 37.36 8.69 19.98
C VAL A 1111 36.31 7.86 20.72
N VAL A 1112 36.76 7.07 21.69
CA VAL A 1112 35.89 6.23 22.51
C VAL A 1112 35.95 6.76 23.94
N SER A 1113 34.79 7.12 24.48
CA SER A 1113 34.68 7.65 25.83
C SER A 1113 33.86 6.69 26.67
N ARG A 1114 34.54 5.93 27.53
CA ARG A 1114 33.84 4.96 28.36
C ARG A 1114 33.11 5.60 29.53
N TRP A 1115 33.62 6.70 30.07
CA TRP A 1115 32.90 7.41 31.12
C TRP A 1115 31.53 7.87 30.62
N LEU A 1116 31.50 8.51 29.45
CA LEU A 1116 30.25 9.00 28.87
C LEU A 1116 29.58 7.97 27.97
N ARG A 1117 30.23 6.86 27.68
CA ARG A 1117 29.68 5.83 26.79
C ARG A 1117 29.23 6.45 25.47
N VAL A 1118 30.20 6.96 24.74
CA VAL A 1118 29.99 7.51 23.41
C VAL A 1118 31.19 7.16 22.54
N THR A 1119 30.91 6.77 21.30
CA THR A 1119 31.93 6.54 20.28
C THR A 1119 31.64 7.46 19.11
N VAL A 1120 32.54 8.42 18.87
CA VAL A 1120 32.40 9.38 17.78
C VAL A 1120 33.53 9.16 16.80
N ALA A 1121 33.21 8.98 15.52
CA ALA A 1121 34.22 8.80 14.49
C ALA A 1121 33.69 9.43 13.20
N GLY A 1122 34.10 10.66 12.96
CA GLY A 1122 33.70 11.36 11.76
C GLY A 1122 32.29 11.91 11.85
N GLY A 1123 31.39 11.35 11.04
CA GLY A 1123 30.01 11.78 11.01
C GLY A 1123 29.03 10.87 11.73
N VAL A 1124 29.50 9.94 12.55
CA VAL A 1124 28.63 9.03 13.27
C VAL A 1124 28.86 9.20 14.76
N HIS A 1125 27.84 8.87 15.54
CA HIS A 1125 27.87 9.09 16.98
C HIS A 1125 27.00 8.02 17.64
N ILE A 1126 27.64 6.98 18.15
CA ILE A 1126 26.93 5.91 18.87
C ILE A 1126 26.91 6.26 20.35
N SER A 1127 25.73 6.17 20.96
CA SER A 1127 25.55 6.44 22.38
C SER A 1127 24.74 5.31 23.00
N GLY A 1128 25.33 4.63 23.98
CA GLY A 1128 24.62 3.60 24.71
C GLY A 1128 24.70 2.23 24.08
N LEU A 1129 25.89 1.82 23.65
CA LEU A 1129 26.08 0.48 23.12
C LEU A 1129 26.09 -0.54 24.24
N HIS A 1130 25.44 -1.68 24.00
CA HIS A 1130 25.41 -2.78 24.96
C HIS A 1130 25.75 -4.06 24.23
N THR A 1131 26.68 -4.83 24.80
CA THR A 1131 27.14 -6.08 24.20
C THR A 1131 26.97 -7.21 25.20
N GLU A 1132 26.40 -8.32 24.74
CA GLU A 1132 26.15 -9.49 25.57
C GLU A 1132 27.09 -10.62 25.15
N SER A 1133 27.44 -11.45 26.12
CA SER A 1133 28.40 -12.52 25.87
C SER A 1133 27.79 -13.60 24.99
N ALA A 1134 28.55 -14.03 23.98
CA ALA A 1134 28.14 -15.12 23.11
C ALA A 1134 28.71 -16.44 23.62
N PRO A 1135 28.06 -17.57 23.30
CA PRO A 1135 28.55 -18.86 23.84
C PRO A 1135 29.98 -19.17 23.44
N ARG A 1136 30.43 -18.71 22.26
CA ARG A 1136 31.79 -18.95 21.81
C ARG A 1136 32.07 -20.44 21.60
N ARG A 1137 31.01 -21.23 21.45
CA ARG A 1137 31.10 -22.68 21.31
C ARG A 1137 30.96 -23.02 19.83
N GLN A 1138 32.08 -23.34 19.18
CA GLN A 1138 32.10 -23.71 17.77
C GLN A 1138 32.17 -25.22 17.66
N GLN A 1139 31.21 -25.80 16.94
CA GLN A 1139 31.20 -27.24 16.75
C GLN A 1139 32.38 -27.67 15.88
N GLU A 1140 32.74 -28.95 15.99
CA GLU A 1140 33.86 -29.51 15.24
C GLU A 1140 35.16 -28.76 15.53
N GLN A 1141 35.43 -28.51 16.81
CA GLN A 1141 36.68 -27.88 17.19
C GLN A 1141 37.86 -28.75 16.78
N GLN A 1142 39.05 -28.18 16.88
CA GLN A 1142 40.25 -28.91 16.49
C GLN A 1142 40.45 -30.12 17.41
N VAL A 1143 41.03 -31.18 16.85
CA VAL A 1143 41.34 -32.39 17.60
C VAL A 1143 42.81 -32.69 17.41
N PRO A 1144 43.71 -31.97 18.08
CA PRO A 1144 45.14 -32.18 17.83
C PRO A 1144 45.57 -33.60 18.15
N ILE A 1145 46.50 -34.11 17.36
CA ILE A 1145 47.08 -35.42 17.57
C ILE A 1145 48.19 -35.29 18.62
N LEU A 1146 48.08 -36.04 19.70
CA LEU A 1146 49.03 -35.97 20.81
C LEU A 1146 49.90 -37.22 20.80
N GLU A 1147 51.21 -37.03 20.96
CA GLU A 1147 52.18 -38.09 20.86
C GLU A 1147 53.20 -37.97 21.98
N LYS A 1148 53.98 -39.03 22.18
CA LYS A 1148 55.10 -39.01 23.10
C LYS A 1148 56.33 -39.53 22.38
N PHE A 1149 57.41 -38.76 22.44
CA PHE A 1149 58.66 -39.13 21.80
C PHE A 1149 59.52 -39.89 22.80
N CYS A 1150 59.85 -41.13 22.48
CA CYS A 1150 60.52 -42.02 23.42
C CYS A 1150 61.45 -42.96 22.67
N PHE A 1151 62.44 -43.47 23.40
CA PHE A 1151 63.40 -44.41 22.84
C PHE A 1151 62.84 -45.82 22.89
N THR A 1152 62.78 -46.48 21.73
CA THR A 1152 62.34 -47.87 21.66
C THR A 1152 63.52 -48.76 21.33
N PRO A 1153 63.91 -49.68 22.20
CA PRO A 1153 65.03 -50.58 21.87
C PRO A 1153 64.72 -51.40 20.63
N HIS A 1154 65.77 -51.68 19.85
CA HIS A 1154 65.60 -52.51 18.67
C HIS A 1154 65.06 -53.88 19.02
N THR A 1155 65.59 -54.48 20.09
CA THR A 1155 65.15 -55.79 20.56
C THR A 1155 64.45 -55.62 21.91
N GLU A 1156 63.22 -56.11 21.99
CA GLU A 1156 62.43 -56.05 23.22
C GLU A 1156 61.93 -57.46 23.54
N GLU A 1157 62.12 -57.87 24.79
CA GLU A 1157 61.69 -59.17 25.27
C GLU A 1157 60.71 -59.00 26.42
N GLY A 1158 59.78 -59.94 26.54
CA GLY A 1158 58.77 -59.86 27.57
C GLY A 1158 57.89 -58.64 27.41
N CYS A 1159 57.37 -58.44 26.20
CA CYS A 1159 56.66 -57.19 25.90
C CYS A 1159 55.43 -57.00 26.80
N LEU A 1160 54.59 -58.03 26.89
CA LEU A 1160 53.27 -57.89 27.52
C LEU A 1160 53.26 -58.36 28.97
N SER A 1161 54.37 -58.19 29.69
CA SER A 1161 54.45 -58.69 31.05
C SER A 1161 53.46 -57.97 31.98
N GLU A 1162 53.36 -56.65 31.87
CA GLU A 1162 52.63 -55.88 32.87
C GLU A 1162 51.14 -56.19 32.86
N ARG A 1163 50.58 -56.53 31.71
CA ARG A 1163 49.14 -56.67 31.59
C ARG A 1163 48.67 -57.95 32.30
N ALA A 1164 47.52 -57.85 32.97
CA ALA A 1164 47.02 -58.93 33.80
C ALA A 1164 46.05 -59.86 33.07
N ALA A 1165 45.25 -59.33 32.14
CA ALA A 1165 44.29 -60.18 31.45
C ALA A 1165 44.97 -61.31 30.72
N LEU A 1166 46.07 -61.01 30.02
CA LEU A 1166 46.78 -62.05 29.29
C LEU A 1166 47.29 -63.13 30.24
N GLN A 1167 47.85 -62.71 31.39
CA GLN A 1167 48.39 -63.69 32.33
C GLN A 1167 47.29 -64.60 32.87
N GLU A 1168 46.16 -64.02 33.27
CA GLU A 1168 45.06 -64.84 33.79
C GLU A 1168 44.53 -65.79 32.73
N GLU A 1169 44.38 -65.30 31.50
CA GLU A 1169 43.92 -66.17 30.42
C GLU A 1169 44.90 -67.31 30.19
N LEU A 1170 46.20 -67.02 30.25
CA LEU A 1170 47.19 -68.08 30.07
C LEU A 1170 47.13 -69.09 31.22
N GLN A 1171 46.92 -68.60 32.45
CA GLN A 1171 46.72 -69.53 33.56
C GLN A 1171 45.56 -70.46 33.26
N LEU A 1172 44.43 -69.88 32.82
CA LEU A 1172 43.27 -70.71 32.49
C LEU A 1172 43.61 -71.72 31.40
N CYS A 1173 44.34 -71.29 30.37
CA CYS A 1173 44.59 -72.16 29.22
C CYS A 1173 45.53 -73.30 29.59
N LYS A 1174 46.76 -72.98 30.00
CA LYS A 1174 47.75 -74.02 30.21
C LYS A 1174 47.40 -74.93 31.38
N GLY A 1175 46.53 -74.47 32.29
CA GLY A 1175 45.99 -75.39 33.28
C GLY A 1175 45.18 -76.50 32.63
N LEU A 1176 44.36 -76.15 31.65
CA LEU A 1176 43.65 -77.16 30.88
C LEU A 1176 44.61 -78.05 30.12
N VAL A 1177 45.71 -77.47 29.62
CA VAL A 1177 46.71 -78.26 28.92
C VAL A 1177 47.23 -79.37 29.82
N GLN A 1178 47.45 -79.06 31.09
CA GLN A 1178 47.76 -80.11 32.06
C GLN A 1178 46.62 -81.12 32.12
N ALA A 1179 46.98 -82.39 32.19
CA ALA A 1179 46.01 -83.49 32.23
C ALA A 1179 45.13 -83.49 30.98
N LEU A 1180 45.68 -83.05 29.86
CA LEU A 1180 44.95 -83.05 28.60
C LEU A 1180 43.66 -82.26 28.71
N PRO A 1205 36.17 -72.31 29.90
CA PRO A 1205 35.87 -71.79 31.23
C PRO A 1205 35.73 -70.27 31.27
N SER A 1206 35.97 -69.61 30.14
CA SER A 1206 35.93 -68.17 30.05
C SER A 1206 35.30 -67.76 28.73
N GLN A 1207 35.18 -66.44 28.51
CA GLN A 1207 34.54 -65.93 27.32
C GLN A 1207 35.51 -65.83 26.13
N GLN A 1208 36.81 -65.89 26.37
CA GLN A 1208 37.77 -65.83 25.28
C GLN A 1208 37.61 -67.07 24.38
N GLU A 1209 37.85 -66.87 23.08
CA GLU A 1209 37.56 -67.93 22.12
C GLU A 1209 38.57 -69.06 22.22
N LEU A 1210 39.85 -68.75 22.40
CA LEU A 1210 40.85 -69.82 22.52
C LEU A 1210 40.60 -70.71 23.72
N PRO A 1211 40.38 -70.18 24.92
CA PRO A 1211 40.01 -71.06 26.04
C PRO A 1211 38.75 -71.85 25.79
N ARG A 1212 37.75 -71.28 25.10
CA ARG A 1212 36.55 -72.04 24.80
C ARG A 1212 36.86 -73.20 23.86
N LEU A 1213 37.72 -72.97 22.87
CA LEU A 1213 38.14 -74.06 21.98
C LEU A 1213 38.86 -75.14 22.76
N LEU A 1214 39.75 -74.75 23.68
CA LEU A 1214 40.46 -75.75 24.49
C LEU A 1214 39.48 -76.54 25.35
N SER A 1215 38.51 -75.86 25.96
CA SER A 1215 37.53 -76.54 26.79
C SER A 1215 36.69 -77.51 25.96
N ALA A 1216 36.29 -77.09 24.76
CA ALA A 1216 35.55 -77.99 23.88
C ALA A 1216 36.39 -79.20 23.49
N ALA A 1217 37.67 -78.98 23.21
CA ALA A 1217 38.54 -80.10 22.86
C ALA A 1217 38.64 -81.09 24.01
N CYS A 1218 38.78 -80.59 25.24
CA CYS A 1218 38.90 -81.48 26.39
C CYS A 1218 37.57 -82.07 26.82
N ARG A 1219 36.45 -81.48 26.41
CA ARG A 1219 35.14 -81.94 26.87
C ARG A 1219 34.79 -83.30 26.26
N LEU A 1220 35.00 -83.44 24.95
CA LEU A 1220 34.52 -84.64 24.27
C LEU A 1220 35.18 -85.90 24.84
N GLN A 1221 36.49 -85.87 25.03
CA GLN A 1221 37.19 -87.00 25.62
C GLN A 1221 38.37 -86.49 26.43
N LEU A 1222 38.59 -87.09 27.60
CA LEU A 1222 39.77 -86.78 28.40
C LEU A 1222 41.01 -87.45 27.83
N ASN A 1223 40.86 -88.62 27.23
CA ASN A 1223 41.98 -89.34 26.63
C ASN A 1223 41.55 -89.89 25.27
N GLY A 1224 42.53 -90.07 24.40
CA GLY A 1224 42.25 -90.58 23.06
C GLY A 1224 41.34 -89.68 22.25
N ASN A 1225 41.59 -88.37 22.30
CA ASN A 1225 40.78 -87.42 21.54
C ASN A 1225 41.00 -87.61 20.04
N LEU A 1226 39.93 -87.43 19.27
CA LEU A 1226 40.03 -87.45 17.82
C LEU A 1226 40.51 -86.09 17.33
N GLN A 1227 41.50 -86.11 16.45
CA GLN A 1227 41.99 -84.85 15.88
C GLN A 1227 40.87 -84.08 15.20
N LEU A 1228 40.00 -84.80 14.49
CA LEU A 1228 38.92 -84.14 13.74
C LEU A 1228 37.93 -83.46 14.69
N GLU A 1229 37.52 -84.17 15.76
CA GLU A 1229 36.49 -83.63 16.63
C GLU A 1229 36.96 -82.36 17.33
N LEU A 1230 38.22 -82.34 17.77
CA LEU A 1230 38.75 -81.13 18.39
C LEU A 1230 39.02 -80.04 17.36
N ALA A 1231 39.38 -80.42 16.13
CA ALA A 1231 39.64 -79.43 15.10
C ALA A 1231 38.38 -78.65 14.75
N GLN A 1232 37.24 -79.33 14.70
CA GLN A 1232 35.98 -78.71 14.33
C GLN A 1232 35.03 -78.74 15.51
N VAL A 1233 34.44 -77.58 15.83
CA VAL A 1233 33.43 -77.48 16.88
C VAL A 1233 32.65 -76.20 16.63
N LEU A 1234 31.40 -76.19 17.09
CA LEU A 1234 30.56 -75.00 16.92
C LEU A 1234 31.14 -73.83 17.70
N ALA A 1235 31.00 -72.64 17.14
CA ALA A 1235 31.49 -71.36 17.67
C ALA A 1235 32.97 -71.17 17.39
N GLN A 1236 33.65 -72.15 16.79
CA GLN A 1236 35.07 -72.03 16.45
C GLN A 1236 35.32 -71.97 14.95
N GLU A 1237 34.32 -72.29 14.11
CA GLU A 1237 34.51 -72.21 12.67
C GLU A 1237 34.91 -70.80 12.24
N ARG A 1238 34.42 -69.78 12.94
CA ARG A 1238 34.75 -68.41 12.60
C ARG A 1238 36.24 -68.17 12.81
N PRO A 1239 36.86 -67.27 12.03
CA PRO A 1239 38.28 -66.94 12.25
C PRO A 1239 38.47 -66.02 13.46
N LYS A 1240 38.00 -66.50 14.62
CA LYS A 1240 38.07 -65.73 15.85
C LYS A 1240 39.37 -65.96 16.61
N LEU A 1241 40.21 -66.89 16.17
CA LEU A 1241 41.54 -67.05 16.76
C LEU A 1241 42.33 -65.76 16.78
N PRO A 1242 42.40 -64.98 15.69
CA PRO A 1242 43.06 -63.67 15.80
C PRO A 1242 42.42 -62.75 16.81
N GLU A 1243 41.12 -62.92 17.09
CA GLU A 1243 40.45 -62.11 18.08
C GLU A 1243 40.80 -62.52 19.52
N ASP A 1244 41.45 -63.66 19.69
CA ASP A 1244 41.92 -64.05 21.01
C ASP A 1244 42.93 -63.03 21.52
N PRO A 1245 42.82 -62.58 22.78
CA PRO A 1245 43.81 -61.60 23.28
C PRO A 1245 45.25 -62.08 23.16
N LEU A 1246 45.51 -63.38 23.36
CA LEU A 1246 46.87 -63.87 23.21
C LEU A 1246 47.36 -63.71 21.77
N LEU A 1247 46.57 -64.20 20.80
CA LEU A 1247 46.99 -64.14 19.41
C LEU A 1247 47.02 -62.71 18.88
N SER A 1248 46.37 -61.78 19.58
CA SER A 1248 46.42 -60.37 19.22
C SER A 1248 47.24 -59.55 20.21
N GLY A 1249 47.99 -60.21 21.09
CA GLY A 1249 48.71 -59.48 22.13
C GLY A 1249 49.67 -58.46 21.56
N LEU A 1250 50.72 -58.92 20.87
CA LEU A 1250 51.76 -58.02 20.40
C LEU A 1250 51.18 -56.98 19.44
N LEU A 1251 50.16 -57.34 18.66
CA LEU A 1251 49.62 -56.41 17.69
C LEU A 1251 49.00 -55.19 18.37
N ASP A 1252 48.29 -55.41 19.47
CA ASP A 1252 47.69 -54.28 20.19
C ASP A 1252 48.76 -53.46 20.88
N SER A 1253 49.86 -54.08 21.26
CA SER A 1253 50.92 -53.40 21.99
C SER A 1253 51.63 -52.39 21.08
N PRO A 1254 52.28 -51.39 21.67
CA PRO A 1254 52.98 -50.39 20.84
C PRO A 1254 54.12 -50.98 20.02
N ALA A 1255 54.48 -52.24 20.19
CA ALA A 1255 55.57 -52.83 19.42
C ALA A 1255 55.28 -52.81 17.93
N LEU A 1256 54.05 -53.17 17.55
CA LEU A 1256 53.66 -53.10 16.14
C LEU A 1256 53.85 -51.69 15.59
N LYS A 1257 53.47 -50.69 16.38
CA LYS A 1257 53.67 -49.30 15.97
C LYS A 1257 55.14 -49.01 15.77
N ALA A 1258 56.00 -49.49 16.66
CA ALA A 1258 57.43 -49.25 16.52
C ALA A 1258 57.96 -49.83 15.22
N CYS A 1259 57.59 -51.08 14.91
CA CYS A 1259 58.08 -51.70 13.69
C CYS A 1259 57.53 -50.99 12.45
N LEU A 1260 56.25 -50.64 12.46
CA LEU A 1260 55.68 -49.94 11.31
C LEU A 1260 56.36 -48.60 11.09
N ASP A 1261 56.61 -47.85 12.17
CA ASP A 1261 57.28 -46.56 12.04
C ASP A 1261 58.71 -46.74 11.54
N THR A 1262 59.42 -47.76 12.03
CA THR A 1262 60.76 -48.02 11.54
C THR A 1262 60.74 -48.32 10.05
N ALA A 1263 59.78 -49.11 9.59
CA ALA A 1263 59.65 -49.38 8.17
C ALA A 1263 59.36 -48.11 7.38
N VAL A 1264 58.50 -47.26 7.93
CA VAL A 1264 58.16 -45.99 7.26
C VAL A 1264 59.41 -45.13 7.11
N GLU A 1265 60.22 -45.04 8.17
CA GLU A 1265 61.33 -44.09 8.17
C GLU A 1265 62.35 -44.43 7.08
N ASN A 1266 62.76 -45.69 7.00
CA ASN A 1266 63.78 -46.10 6.05
C ASN A 1266 63.11 -46.34 4.70
N MET A 1267 62.79 -45.24 4.03
CA MET A 1267 62.13 -45.29 2.72
C MET A 1267 62.70 -44.18 1.84
N PRO A 1268 63.33 -44.50 0.71
CA PRO A 1268 63.86 -43.43 -0.15
C PRO A 1268 62.80 -42.49 -0.68
N SER A 1269 61.54 -42.91 -0.75
CA SER A 1269 60.45 -42.07 -1.23
C SER A 1269 59.53 -41.68 -0.08
N LEU A 1270 58.53 -40.86 -0.41
CA LEU A 1270 57.55 -40.39 0.56
C LEU A 1270 56.22 -41.11 0.42
N LYS A 1271 56.21 -42.27 -0.21
CA LYS A 1271 55.00 -43.07 -0.37
C LYS A 1271 55.29 -44.51 0.05
N MET A 1272 54.24 -45.19 0.51
CA MET A 1272 54.35 -46.56 0.99
C MET A 1272 53.60 -47.49 0.05
N LYS A 1273 54.16 -48.68 -0.15
CA LYS A 1273 53.50 -49.76 -0.90
C LYS A 1273 53.52 -51.00 0.01
N VAL A 1274 52.41 -51.26 0.67
CA VAL A 1274 52.28 -52.38 1.60
C VAL A 1274 51.33 -53.39 0.98
N VAL A 1275 51.81 -54.62 0.84
CA VAL A 1275 51.01 -55.73 0.32
C VAL A 1275 50.97 -56.82 1.38
N GLU A 1276 49.76 -57.22 1.76
CA GLU A 1276 49.56 -58.24 2.78
C GLU A 1276 49.37 -59.61 2.12
N VAL A 1277 49.73 -60.65 2.86
CA VAL A 1277 49.66 -62.02 2.39
C VAL A 1277 48.84 -62.84 3.39
N LEU A 1278 47.92 -63.66 2.87
CA LEU A 1278 46.93 -64.35 3.70
C LEU A 1278 46.11 -63.34 4.51
N ALA A 1279 45.65 -62.29 3.82
CA ALA A 1279 44.92 -61.23 4.51
C ALA A 1279 43.59 -61.72 5.07
N GLY A 1280 42.98 -62.72 4.44
CA GLY A 1280 41.67 -63.17 4.90
C GLY A 1280 41.69 -63.61 6.35
N HIS A 1281 42.68 -64.42 6.72
CA HIS A 1281 42.79 -64.89 8.09
C HIS A 1281 43.71 -64.01 8.94
N GLY A 1282 44.75 -63.45 8.33
CA GLY A 1282 45.65 -62.58 9.09
C GLY A 1282 44.91 -61.41 9.71
N HIS A 1283 44.08 -60.73 8.93
CA HIS A 1283 43.21 -59.65 9.39
C HIS A 1283 43.97 -58.41 9.79
N LEU A 1284 45.25 -58.30 9.42
CA LEU A 1284 46.02 -57.09 9.75
C LEU A 1284 45.42 -55.85 9.10
N TYR A 1285 44.73 -56.02 7.96
CA TYR A 1285 44.28 -54.86 7.19
C TYR A 1285 43.41 -53.93 8.01
N SER A 1286 42.71 -54.46 9.01
CA SER A 1286 41.90 -53.62 9.88
C SER A 1286 42.72 -52.77 10.83
N ARG A 1287 44.04 -52.99 10.91
CA ARG A 1287 44.88 -52.38 11.92
C ARG A 1287 45.97 -51.50 11.32
N ILE A 1288 46.71 -51.98 10.33
CA ILE A 1288 47.87 -51.26 9.84
C ILE A 1288 47.50 -49.89 9.30
N PRO A 1289 46.47 -49.74 8.46
CA PRO A 1289 46.14 -48.39 7.98
C PRO A 1289 45.79 -47.42 9.10
N GLY A 1290 45.15 -47.90 10.16
CA GLY A 1290 44.78 -47.02 11.25
C GLY A 1290 45.99 -46.46 11.98
N LEU A 1291 47.04 -47.27 12.12
CA LEU A 1291 48.22 -46.82 12.85
C LEU A 1291 49.00 -45.76 12.06
N LEU A 1292 48.87 -45.76 10.74
CA LEU A 1292 49.64 -44.86 9.89
C LEU A 1292 48.86 -43.61 9.49
N SER A 1293 47.66 -43.43 10.02
CA SER A 1293 46.96 -42.17 9.79
C SER A 1293 47.75 -40.96 10.28
N PRO A 1294 48.42 -40.98 11.43
CA PRO A 1294 49.06 -39.76 11.93
C PRO A 1294 50.05 -39.14 10.97
N HIS A 1295 50.82 -39.96 10.24
CA HIS A 1295 51.88 -39.43 9.39
C HIS A 1295 51.28 -38.46 8.37
N PRO A 1296 51.50 -37.15 8.53
CA PRO A 1296 50.76 -36.19 7.70
C PRO A 1296 51.02 -36.33 6.20
N LEU A 1297 52.25 -36.66 5.80
CA LEU A 1297 52.59 -36.70 4.38
C LEU A 1297 52.53 -38.10 3.80
N LEU A 1298 52.74 -39.13 4.62
CA LEU A 1298 52.82 -40.49 4.10
C LEU A 1298 51.52 -40.86 3.40
N GLN A 1299 51.65 -41.41 2.20
CA GLN A 1299 50.52 -41.96 1.46
C GLN A 1299 50.86 -43.39 1.06
N LEU A 1300 49.95 -44.31 1.37
CA LEU A 1300 50.20 -45.75 1.24
C LEU A 1300 49.22 -46.36 0.25
N SER A 1301 49.67 -47.43 -0.40
CA SER A 1301 48.86 -48.20 -1.34
C SER A 1301 48.75 -49.62 -0.78
N TYR A 1302 47.77 -49.83 0.09
CA TYR A 1302 47.58 -51.13 0.71
C TYR A 1302 46.94 -52.10 -0.27
N THR A 1303 47.37 -53.35 -0.21
CA THR A 1303 46.78 -54.41 -1.02
C THR A 1303 46.64 -55.64 -0.17
N ALA A 1304 45.44 -56.21 -0.14
CA ALA A 1304 45.15 -57.44 0.59
C ALA A 1304 45.14 -58.59 -0.40
N THR A 1305 46.01 -59.58 -0.17
CA THR A 1305 46.13 -60.73 -1.05
C THR A 1305 45.83 -61.99 -0.26
N ASP A 1306 45.04 -62.88 -0.86
CA ASP A 1306 44.69 -64.15 -0.24
C ASP A 1306 44.65 -65.23 -1.31
N ARG A 1307 44.77 -66.48 -0.86
CA ARG A 1307 44.92 -67.59 -1.79
C ARG A 1307 43.66 -67.81 -2.62
N HIS A 1308 42.49 -67.71 -2.01
CA HIS A 1308 41.24 -68.04 -2.69
C HIS A 1308 40.32 -66.82 -2.75
N PRO A 1309 39.62 -66.59 -3.87
CA PRO A 1309 38.70 -65.45 -3.94
C PRO A 1309 37.63 -65.48 -2.85
N GLN A 1310 37.06 -66.64 -2.54
CA GLN A 1310 36.04 -66.69 -1.50
C GLN A 1310 36.62 -66.32 -0.15
N ALA A 1311 37.88 -66.69 0.11
CA ALA A 1311 38.56 -66.19 1.28
C ALA A 1311 38.65 -64.67 1.22
N LEU A 1312 38.32 -64.02 2.33
CA LEU A 1312 38.21 -62.57 2.43
C LEU A 1312 37.03 -62.03 1.63
N GLU A 1313 36.15 -62.89 1.14
CA GLU A 1313 34.91 -62.44 0.52
C GLU A 1313 34.01 -61.70 1.50
N ALA A 1314 34.19 -61.90 2.79
CA ALA A 1314 33.43 -61.19 3.81
C ALA A 1314 34.14 -59.90 4.19
N ALA A 1315 33.38 -59.01 4.84
CA ALA A 1315 33.89 -57.72 5.30
C ALA A 1315 34.39 -56.84 4.16
N GLN A 1316 33.79 -56.96 2.97
CA GLN A 1316 34.25 -56.16 1.84
C GLN A 1316 34.13 -54.68 2.13
N ALA A 1317 33.03 -54.26 2.75
CA ALA A 1317 32.85 -52.84 3.07
C ALA A 1317 33.97 -52.34 3.98
N GLU A 1318 34.47 -53.20 4.86
CA GLU A 1318 35.59 -52.81 5.72
C GLU A 1318 36.81 -52.47 4.90
N LEU A 1319 37.08 -53.24 3.84
CA LEU A 1319 38.17 -52.90 2.94
C LEU A 1319 37.86 -51.62 2.16
N GLN A 1320 36.62 -51.48 1.69
CA GLN A 1320 36.29 -50.33 0.87
C GLN A 1320 36.44 -49.02 1.64
N GLN A 1321 36.02 -49.00 2.90
CA GLN A 1321 36.15 -47.77 3.67
C GLN A 1321 37.60 -47.31 3.75
N HIS A 1322 38.54 -48.24 3.62
CA HIS A 1322 39.95 -47.92 3.49
C HIS A 1322 40.34 -48.00 2.01
N ASP A 1323 41.56 -47.53 1.72
CA ASP A 1323 42.09 -47.57 0.36
C ASP A 1323 42.98 -48.81 0.25
N VAL A 1324 42.33 -49.96 0.00
CA VAL A 1324 43.00 -51.23 -0.10
C VAL A 1324 42.47 -51.97 -1.33
N ALA A 1325 43.28 -52.89 -1.85
CA ALA A 1325 42.97 -53.59 -3.08
C ALA A 1325 43.02 -55.10 -2.84
N GLN A 1326 42.29 -55.83 -3.69
CA GLN A 1326 42.24 -57.28 -3.60
C GLN A 1326 43.50 -57.89 -4.21
N GLY A 1327 43.76 -59.14 -3.82
CA GLY A 1327 44.92 -59.86 -4.34
C GLY A 1327 44.69 -61.36 -4.41
N GLN A 1328 45.32 -62.02 -5.38
CA GLN A 1328 45.16 -63.45 -5.62
C GLN A 1328 46.51 -64.17 -5.59
N TRP A 1329 47.34 -63.85 -4.59
CA TRP A 1329 48.66 -64.45 -4.48
C TRP A 1329 48.66 -65.58 -3.46
N ASP A 1330 49.16 -66.74 -3.87
CA ASP A 1330 49.40 -67.87 -2.97
C ASP A 1330 50.85 -67.84 -2.51
N PRO A 1331 51.13 -67.93 -1.21
CA PRO A 1331 52.53 -67.78 -0.76
C PRO A 1331 53.49 -68.75 -1.43
N ALA A 1332 53.05 -70.00 -1.65
CA ALA A 1332 53.91 -70.95 -2.35
C ALA A 1332 54.15 -70.49 -3.79
N ASP A 1333 53.11 -69.99 -4.45
CA ASP A 1333 53.25 -69.54 -5.82
C ASP A 1333 54.10 -68.26 -5.86
N PRO A 1334 54.86 -68.04 -6.94
CA PRO A 1334 55.58 -66.77 -7.08
C PRO A 1334 54.60 -65.60 -7.12
N ALA A 1335 55.03 -64.48 -6.56
CA ALA A 1335 54.14 -63.34 -6.43
C ALA A 1335 53.77 -62.79 -7.80
N PRO A 1336 52.52 -62.36 -8.00
CA PRO A 1336 52.17 -61.74 -9.28
C PRO A 1336 52.88 -60.40 -9.47
N SER A 1337 53.14 -60.06 -10.74
CA SER A 1337 53.81 -58.80 -11.03
C SER A 1337 52.95 -57.61 -10.65
N ALA A 1338 51.63 -57.76 -10.69
CA ALA A 1338 50.74 -56.66 -10.31
C ALA A 1338 51.13 -56.10 -8.95
N LEU A 1339 51.41 -56.98 -7.99
CA LEU A 1339 52.00 -56.53 -6.74
C LEU A 1339 53.41 -55.99 -6.96
N GLY A 1340 54.18 -56.65 -7.82
CA GLY A 1340 55.49 -56.15 -8.17
C GLY A 1340 56.39 -56.03 -6.96
N SER A 1341 57.27 -55.02 -7.00
CA SER A 1341 58.20 -54.76 -5.91
C SER A 1341 57.52 -53.86 -4.89
N ALA A 1342 57.52 -54.30 -3.63
CA ALA A 1342 56.85 -53.58 -2.55
C ALA A 1342 57.84 -53.30 -1.43
N ASP A 1343 57.64 -52.16 -0.77
CA ASP A 1343 58.57 -51.73 0.28
C ASP A 1343 58.35 -52.50 1.57
N LEU A 1344 57.10 -52.87 1.86
CA LEU A 1344 56.75 -53.54 3.11
C LEU A 1344 55.90 -54.77 2.81
N LEU A 1345 56.14 -55.83 3.57
CA LEU A 1345 55.36 -57.06 3.48
C LEU A 1345 54.93 -57.46 4.88
N VAL A 1346 53.63 -57.71 5.06
CA VAL A 1346 53.04 -58.08 6.34
C VAL A 1346 52.34 -59.41 6.18
N CYS A 1347 52.55 -60.32 7.13
CA CYS A 1347 52.09 -61.71 6.99
C CYS A 1347 51.03 -62.09 8.02
N ASN A 1348 51.32 -61.93 9.31
CA ASN A 1348 50.43 -62.43 10.37
C ASN A 1348 50.26 -63.94 10.26
N CYS A 1349 51.39 -64.64 10.21
CA CYS A 1349 51.37 -66.09 10.05
C CYS A 1349 50.87 -66.82 11.29
N ALA A 1350 50.68 -66.12 12.40
CA ALA A 1350 50.23 -66.79 13.62
C ALA A 1350 48.88 -67.46 13.42
N VAL A 1351 47.95 -66.78 12.73
CA VAL A 1351 46.62 -67.32 12.50
C VAL A 1351 46.52 -67.98 11.12
N ALA A 1352 47.12 -67.36 10.10
CA ALA A 1352 47.07 -67.90 8.76
C ALA A 1352 48.13 -68.99 8.58
N ALA A 1353 47.91 -69.85 7.58
CA ALA A 1353 48.74 -71.03 7.36
C ALA A 1353 49.65 -70.81 6.16
N LEU A 1354 50.95 -70.96 6.38
CA LEU A 1354 51.94 -70.85 5.33
C LEU A 1354 52.26 -72.24 4.78
N GLY A 1355 52.28 -72.36 3.45
CA GLY A 1355 52.45 -73.67 2.84
C GLY A 1355 53.76 -74.32 3.22
N ASP A 1356 54.87 -73.57 3.12
CA ASP A 1356 56.18 -74.08 3.45
C ASP A 1356 57.04 -72.88 3.81
N PRO A 1357 57.73 -72.90 4.95
CA PRO A 1357 58.50 -71.71 5.36
C PRO A 1357 59.50 -71.26 4.30
N ALA A 1358 60.40 -72.17 3.90
CA ALA A 1358 61.46 -71.79 2.99
C ALA A 1358 60.91 -71.30 1.66
N SER A 1359 59.99 -72.06 1.06
CA SER A 1359 59.45 -71.66 -0.25
C SER A 1359 58.64 -70.37 -0.14
N ALA A 1360 57.83 -70.25 0.91
CA ALA A 1360 57.03 -69.04 1.07
C ALA A 1360 57.92 -67.81 1.21
N LEU A 1361 58.95 -67.90 2.05
CA LEU A 1361 59.84 -66.76 2.22
C LEU A 1361 60.66 -66.49 0.96
N SER A 1362 60.99 -67.53 0.20
CA SER A 1362 61.67 -67.30 -1.08
C SER A 1362 60.79 -66.49 -2.01
N ASN A 1363 59.51 -66.88 -2.12
CA ASN A 1363 58.58 -66.11 -2.95
C ASN A 1363 58.46 -64.68 -2.44
N MET A 1364 58.37 -64.53 -1.11
CA MET A 1364 58.28 -63.19 -0.53
C MET A 1364 59.47 -62.34 -0.96
N VAL A 1365 60.68 -62.80 -0.65
CA VAL A 1365 61.87 -62.00 -0.94
C VAL A 1365 61.97 -61.72 -2.43
N ALA A 1366 61.63 -62.69 -3.26
CA ALA A 1366 61.58 -62.44 -4.70
C ALA A 1366 60.62 -61.28 -5.00
N ALA A 1367 59.49 -61.22 -4.30
CA ALA A 1367 58.56 -60.13 -4.49
C ALA A 1367 59.05 -58.84 -3.83
N LEU A 1368 59.85 -58.96 -2.78
CA LEU A 1368 60.26 -57.79 -2.02
C LEU A 1368 61.20 -56.92 -2.82
N ARG A 1369 60.95 -55.61 -2.83
CA ARG A 1369 61.80 -54.67 -3.53
C ARG A 1369 63.22 -54.71 -2.97
N GLU A 1370 64.16 -54.25 -3.79
CA GLU A 1370 65.52 -54.04 -3.30
C GLU A 1370 65.49 -53.08 -2.12
N GLY A 1371 66.14 -53.47 -1.02
CA GLY A 1371 66.12 -52.66 0.18
C GLY A 1371 64.72 -52.48 0.74
N GLY A 1372 63.98 -53.58 0.86
CA GLY A 1372 62.65 -53.57 1.42
C GLY A 1372 62.59 -54.18 2.80
N PHE A 1373 61.36 -54.23 3.33
CA PHE A 1373 61.09 -54.74 4.66
C PHE A 1373 60.10 -55.90 4.61
N LEU A 1374 60.31 -56.87 5.48
CA LEU A 1374 59.38 -57.98 5.68
C LEU A 1374 58.92 -57.99 7.13
N LEU A 1375 57.61 -58.04 7.34
CA LEU A 1375 57.02 -58.05 8.68
C LEU A 1375 56.34 -59.39 8.87
N LEU A 1376 56.70 -60.09 9.94
CA LEU A 1376 56.22 -61.44 10.19
C LEU A 1376 55.86 -61.58 11.66
N HIS A 1377 54.71 -62.18 11.93
CA HIS A 1377 54.16 -62.31 13.28
C HIS A 1377 53.87 -63.79 13.51
N THR A 1378 54.80 -64.48 14.16
CA THR A 1378 54.76 -65.93 14.29
C THR A 1378 54.75 -66.32 15.76
N LEU A 1379 54.62 -67.62 16.02
CA LEU A 1379 54.64 -68.18 17.35
C LEU A 1379 55.84 -69.12 17.46
N LEU A 1380 56.69 -68.89 18.45
CA LEU A 1380 57.91 -69.67 18.61
C LEU A 1380 57.59 -71.03 19.20
N ARG A 1381 57.84 -72.09 18.43
CA ARG A 1381 57.66 -73.44 18.94
C ARG A 1381 58.60 -73.70 20.12
N GLY A 1382 58.13 -74.51 21.05
CA GLY A 1382 58.84 -74.77 22.28
C GLY A 1382 58.40 -73.92 23.46
N HIS A 1383 57.74 -72.80 23.20
CA HIS A 1383 57.13 -72.00 24.24
C HIS A 1383 55.75 -72.55 24.57
N PRO A 1384 55.23 -72.23 25.76
CA PRO A 1384 53.94 -72.82 26.18
C PRO A 1384 52.85 -72.72 25.13
N LEU A 1385 52.53 -71.49 24.70
CA LEU A 1385 51.44 -71.31 23.74
C LEU A 1385 51.74 -72.02 22.43
N GLY A 1386 53.01 -72.02 22.02
CA GLY A 1386 53.40 -72.82 20.86
C GLY A 1386 53.06 -74.28 21.05
N ASP A 1387 53.33 -74.83 22.23
CA ASP A 1387 52.99 -76.22 22.50
C ASP A 1387 51.48 -76.42 22.45
N ILE A 1388 50.71 -75.48 23.00
CA ILE A 1388 49.25 -75.61 23.00
C ILE A 1388 48.74 -75.67 21.57
N VAL A 1389 49.21 -74.77 20.71
CA VAL A 1389 48.77 -74.78 19.32
C VAL A 1389 49.25 -76.05 18.63
N ALA A 1390 50.44 -76.53 19.00
CA ALA A 1390 50.97 -77.74 18.38
C ALA A 1390 50.08 -78.94 18.68
N PHE A 1391 49.70 -79.14 19.93
CA PHE A 1391 48.81 -80.24 20.27
C PHE A 1391 47.49 -80.12 19.53
N LEU A 1392 46.92 -78.92 19.51
CA LEU A 1392 45.79 -78.65 18.64
C LEU A 1392 46.30 -78.42 17.22
N THR A 1393 45.39 -78.08 16.32
CA THR A 1393 45.74 -77.68 14.94
C THR A 1393 46.66 -78.69 14.26
N SER A 1394 46.71 -79.92 14.77
CA SER A 1394 47.50 -80.96 14.13
C SER A 1394 46.78 -81.57 12.93
N THR A 1395 45.51 -81.22 12.72
CA THR A 1395 44.78 -81.74 11.56
C THR A 1395 45.29 -81.11 10.26
N GLU A 1396 45.67 -79.84 10.30
CA GLU A 1396 46.12 -79.13 9.11
C GLU A 1396 47.63 -78.94 9.17
N PRO A 1397 48.42 -79.71 8.41
CA PRO A 1397 49.88 -79.49 8.46
C PRO A 1397 50.30 -78.10 8.00
N GLN A 1398 49.57 -77.49 7.07
CA GLN A 1398 49.96 -76.18 6.56
C GLN A 1398 50.10 -75.18 7.70
N TYR A 1399 49.08 -75.07 8.55
CA TYR A 1399 49.20 -74.25 9.74
C TYR A 1399 50.24 -74.82 10.70
N GLY A 1400 50.29 -76.16 10.81
CA GLY A 1400 51.29 -76.77 11.67
C GLY A 1400 52.70 -76.40 11.27
N GLN A 1401 52.97 -76.33 9.97
CA GLN A 1401 54.29 -75.93 9.51
C GLN A 1401 54.62 -74.50 9.91
N GLY A 1402 53.59 -73.67 10.16
CA GLY A 1402 53.85 -72.29 10.55
C GLY A 1402 54.57 -72.18 11.88
N ILE A 1403 54.18 -73.00 12.85
CA ILE A 1403 54.76 -72.94 14.19
C ILE A 1403 56.17 -73.54 14.13
N LEU A 1404 57.17 -72.73 14.44
CA LEU A 1404 58.56 -73.14 14.33
C LEU A 1404 59.35 -72.57 15.50
N SER A 1405 60.50 -73.18 15.77
CA SER A 1405 61.39 -72.71 16.82
C SER A 1405 62.11 -71.45 16.37
N GLN A 1406 62.45 -70.61 17.35
CA GLN A 1406 63.06 -69.32 17.03
C GLN A 1406 64.37 -69.49 16.28
N ASP A 1407 65.20 -70.44 16.72
CA ASP A 1407 66.45 -70.70 16.01
C ASP A 1407 66.17 -71.12 14.57
N ALA A 1408 65.11 -71.88 14.35
CA ALA A 1408 64.75 -72.28 12.99
C ALA A 1408 64.44 -71.06 12.13
N TRP A 1409 63.62 -70.15 12.66
CA TRP A 1409 63.31 -68.93 11.93
C TRP A 1409 64.58 -68.13 11.61
N GLU A 1410 65.43 -67.95 12.63
CA GLU A 1410 66.64 -67.16 12.44
C GLU A 1410 67.53 -67.78 11.37
N SER A 1411 67.71 -69.10 11.42
CA SER A 1411 68.50 -69.78 10.40
C SER A 1411 67.88 -69.62 9.03
N LEU A 1412 66.56 -69.78 8.94
CA LEU A 1412 65.89 -69.70 7.64
C LEU A 1412 66.08 -68.32 7.03
N PHE A 1413 65.94 -67.26 7.83
CA PHE A 1413 66.15 -65.91 7.31
C PHE A 1413 67.51 -65.79 6.64
N SER A 1414 68.52 -66.46 7.19
CA SER A 1414 69.83 -66.48 6.55
C SER A 1414 69.78 -67.21 5.22
N ARG A 1415 69.02 -68.30 5.14
CA ARG A 1415 68.94 -69.07 3.90
C ARG A 1415 68.37 -68.22 2.77
N VAL A 1416 67.32 -67.45 3.05
CA VAL A 1416 66.72 -66.59 2.04
C VAL A 1416 67.48 -65.27 1.98
N SER A 1417 68.60 -65.20 2.68
CA SER A 1417 69.48 -64.02 2.63
C SER A 1417 68.73 -62.75 3.01
N LEU A 1418 67.86 -62.86 4.01
CA LEU A 1418 67.10 -61.72 4.52
C LEU A 1418 67.61 -61.39 5.91
N ARG A 1419 67.97 -60.12 6.11
CA ARG A 1419 68.64 -59.69 7.34
C ARG A 1419 67.62 -59.20 8.35
N LEU A 1420 67.92 -59.42 9.63
CA LEU A 1420 67.01 -59.11 10.73
C LEU A 1420 67.38 -57.76 11.32
N VAL A 1421 66.38 -56.91 11.51
CA VAL A 1421 66.60 -55.55 12.01
C VAL A 1421 65.99 -55.39 13.39
N GLY A 1422 64.99 -56.22 13.72
CA GLY A 1422 64.37 -56.12 15.03
C GLY A 1422 63.51 -57.32 15.32
N LEU A 1423 63.13 -57.43 16.60
CA LEU A 1423 62.25 -58.50 17.05
C LEU A 1423 61.49 -58.01 18.28
N LYS A 1424 60.20 -58.32 18.32
CA LYS A 1424 59.35 -57.98 19.45
C LYS A 1424 58.75 -59.27 20.00
N LYS A 1425 59.24 -59.69 21.16
CA LYS A 1425 58.94 -61.01 21.71
C LYS A 1425 58.08 -60.84 22.96
N SER A 1426 56.98 -61.59 23.01
CA SER A 1426 56.08 -61.56 24.15
C SER A 1426 56.60 -62.48 25.26
N PHE A 1427 56.03 -62.30 26.45
CA PHE A 1427 56.44 -63.10 27.59
C PHE A 1427 55.91 -64.53 27.53
N TYR A 1428 55.00 -64.84 26.63
CA TYR A 1428 54.49 -66.20 26.49
C TYR A 1428 54.91 -66.90 25.20
N GLY A 1429 55.37 -66.16 24.20
CA GLY A 1429 55.92 -66.79 23.01
C GLY A 1429 55.63 -66.07 21.71
N SER A 1430 54.64 -65.17 21.72
CA SER A 1430 54.34 -64.41 20.52
C SER A 1430 55.56 -63.57 20.12
N THR A 1431 55.92 -63.63 18.85
CA THR A 1431 57.07 -62.88 18.33
C THR A 1431 56.66 -62.19 17.04
N LEU A 1432 57.26 -61.02 16.81
CA LEU A 1432 56.95 -60.20 15.65
C LEU A 1432 58.26 -59.87 14.96
N PHE A 1433 58.58 -60.63 13.92
CA PHE A 1433 59.84 -60.47 13.20
C PHE A 1433 59.76 -59.30 12.23
N LEU A 1434 60.91 -58.66 12.01
CA LEU A 1434 61.04 -57.59 11.03
C LEU A 1434 62.40 -57.75 10.35
N CYS A 1435 62.38 -58.05 9.05
CA CYS A 1435 63.60 -58.34 8.31
C CYS A 1435 63.69 -57.40 7.11
N ARG A 1436 64.93 -57.10 6.70
CA ARG A 1436 65.22 -56.13 5.67
C ARG A 1436 66.00 -56.78 4.55
N ARG A 1437 65.66 -56.46 3.31
CA ARG A 1437 66.36 -57.05 2.17
C ARG A 1437 67.71 -56.36 1.99
N PRO A 1438 68.81 -57.10 1.91
CA PRO A 1438 70.12 -56.45 1.84
C PRO A 1438 70.27 -55.65 0.56
N THR A 1439 71.09 -54.60 0.65
CA THR A 1439 71.36 -53.75 -0.51
C THR A 1439 72.77 -54.02 -1.03
N PRO A 1440 73.02 -53.83 -2.33
CA PRO A 1440 74.38 -53.97 -2.86
C PRO A 1440 75.41 -53.25 -2.00
N GLN A 1441 76.34 -54.01 -1.44
CA GLN A 1441 77.34 -53.41 -0.55
C GLN A 1441 78.10 -52.31 -1.27
N ASP A 1442 78.22 -51.17 -0.60
CA ASP A 1442 78.94 -50.01 -1.14
C ASP A 1442 79.86 -49.46 -0.07
N SER A 1443 80.96 -48.86 -0.51
CA SER A 1443 81.88 -48.24 0.42
C SER A 1443 81.20 -47.02 1.05
N PRO A 1444 81.17 -46.91 2.38
CA PRO A 1444 80.51 -45.78 3.01
C PRO A 1444 81.44 -44.59 3.22
N ILE A 1445 80.83 -43.42 3.38
CA ILE A 1445 81.53 -42.18 3.67
C ILE A 1445 81.24 -41.81 5.11
N PHE A 1446 82.29 -41.69 5.92
CA PHE A 1446 82.18 -41.38 7.33
C PHE A 1446 82.57 -39.94 7.58
N LEU A 1447 81.85 -39.29 8.49
CA LEU A 1447 82.10 -37.89 8.80
C LEU A 1447 81.78 -37.58 10.25
N PRO A 1448 82.79 -37.34 11.10
CA PRO A 1448 82.49 -36.87 12.46
C PRO A 1448 81.67 -35.59 12.42
N VAL A 1449 80.67 -35.51 13.29
CA VAL A 1449 79.77 -34.37 13.36
C VAL A 1449 79.78 -33.74 14.75
N ASP A 1450 80.82 -34.00 15.54
CA ASP A 1450 80.89 -33.55 16.92
C ASP A 1450 81.68 -32.26 17.09
N ASP A 1451 82.10 -31.62 16.00
CA ASP A 1451 82.79 -30.35 16.11
C ASP A 1451 81.86 -29.30 16.72
N THR A 1452 82.39 -28.54 17.67
CA THR A 1452 81.60 -27.52 18.34
C THR A 1452 81.59 -26.19 17.61
N SER A 1453 82.43 -26.03 16.59
CA SER A 1453 82.42 -24.84 15.74
C SER A 1453 81.50 -25.01 14.54
N PHE A 1454 80.86 -26.16 14.39
CA PHE A 1454 79.96 -26.42 13.26
C PHE A 1454 80.68 -26.26 11.93
N ARG A 1455 81.97 -26.59 11.90
CA ARG A 1455 82.72 -26.54 10.66
C ARG A 1455 82.47 -27.76 9.78
N TRP A 1456 81.85 -28.81 10.32
CA TRP A 1456 81.52 -29.97 9.50
C TRP A 1456 80.50 -29.63 8.42
N VAL A 1457 79.73 -28.57 8.60
CA VAL A 1457 78.69 -28.23 7.63
C VAL A 1457 79.30 -28.03 6.25
N GLU A 1458 80.43 -27.32 6.18
CA GLU A 1458 81.13 -27.18 4.91
C GLU A 1458 81.55 -28.54 4.36
N SER A 1459 82.09 -29.39 5.24
CA SER A 1459 82.54 -30.71 4.81
C SER A 1459 81.39 -31.51 4.20
N LEU A 1460 80.26 -31.58 4.91
CA LEU A 1460 79.12 -32.29 4.35
C LEU A 1460 78.56 -31.58 3.12
N LYS A 1461 78.48 -30.25 3.16
CA LYS A 1461 77.99 -29.52 2.01
C LYS A 1461 78.77 -29.89 0.76
N GLY A 1462 80.07 -30.11 0.89
CA GLY A 1462 80.86 -30.56 -0.24
C GLY A 1462 80.45 -31.95 -0.71
N ILE A 1463 80.29 -32.86 0.24
CA ILE A 1463 80.03 -34.26 -0.11
C ILE A 1463 78.68 -34.40 -0.81
N LEU A 1464 77.63 -33.86 -0.19
CA LEU A 1464 76.29 -34.05 -0.74
C LEU A 1464 76.13 -33.44 -2.13
N ALA A 1465 76.95 -32.45 -2.47
CA ALA A 1465 76.83 -31.81 -3.78
C ALA A 1465 77.14 -32.79 -4.90
N ASP A 1466 77.98 -33.79 -4.65
CA ASP A 1466 78.31 -34.78 -5.66
C ASP A 1466 77.15 -35.76 -5.84
N GLU A 1467 76.06 -35.28 -6.43
CA GLU A 1467 74.88 -36.13 -6.62
C GLU A 1467 75.17 -37.34 -7.49
N ASP A 1468 76.25 -37.30 -8.28
CA ASP A 1468 76.63 -38.47 -9.08
C ASP A 1468 76.95 -39.66 -8.18
N SER A 1469 77.66 -39.41 -7.09
CA SER A 1469 78.03 -40.49 -6.17
C SER A 1469 76.79 -41.04 -5.48
N SER A 1470 76.72 -42.36 -5.38
CA SER A 1470 75.62 -43.05 -4.70
C SER A 1470 76.04 -43.65 -3.37
N ARG A 1471 77.30 -43.51 -2.97
CA ARG A 1471 77.73 -44.05 -1.69
C ARG A 1471 76.98 -43.34 -0.57
N PRO A 1472 76.67 -44.04 0.52
CA PRO A 1472 75.97 -43.39 1.64
C PRO A 1472 76.94 -42.70 2.57
N VAL A 1473 76.48 -41.60 3.16
CA VAL A 1473 77.26 -40.83 4.12
C VAL A 1473 76.74 -41.16 5.51
N TRP A 1474 77.64 -41.56 6.41
CA TRP A 1474 77.30 -42.02 7.75
C TRP A 1474 77.78 -40.99 8.76
N LEU A 1475 76.93 -40.00 9.05
CA LEU A 1475 77.21 -39.07 10.13
C LEU A 1475 77.25 -39.84 11.44
N LYS A 1476 78.29 -39.59 12.24
CA LYS A 1476 78.40 -40.25 13.53
C LYS A 1476 78.80 -39.23 14.59
N ALA A 1477 78.08 -39.24 15.71
CA ALA A 1477 78.40 -38.42 16.87
C ALA A 1477 78.69 -39.35 18.04
N ILE A 1478 79.91 -39.30 18.55
CA ILE A 1478 80.33 -40.20 19.63
C ILE A 1478 80.98 -39.41 20.75
N ASN A 1479 81.34 -38.15 20.49
CA ASN A 1479 81.99 -37.36 21.53
C ASN A 1479 80.99 -36.89 22.58
N CYS A 1480 79.82 -36.43 22.16
CA CYS A 1480 78.84 -35.83 23.05
C CYS A 1480 77.53 -36.61 23.01
N ALA A 1481 76.83 -36.61 24.14
CA ALA A 1481 75.55 -37.28 24.27
C ALA A 1481 74.36 -36.37 24.00
N THR A 1482 74.61 -35.09 23.72
CA THR A 1482 73.55 -34.11 23.47
C THR A 1482 73.60 -33.59 22.03
N SER A 1483 74.02 -34.42 21.09
CA SER A 1483 74.06 -34.01 19.69
C SER A 1483 72.65 -33.93 19.12
N GLY A 1484 72.49 -33.07 18.12
CA GLY A 1484 71.19 -32.89 17.48
C GLY A 1484 71.16 -33.53 16.10
N VAL A 1485 72.05 -34.49 15.86
CA VAL A 1485 72.18 -35.08 14.53
C VAL A 1485 70.89 -35.77 14.09
N VAL A 1486 70.05 -36.19 15.03
CA VAL A 1486 68.84 -36.91 14.66
C VAL A 1486 67.90 -35.99 13.88
N GLY A 1487 67.64 -34.80 14.42
CA GLY A 1487 66.82 -33.84 13.70
C GLY A 1487 67.49 -33.39 12.41
N LEU A 1488 68.81 -33.31 12.42
CA LEU A 1488 69.53 -32.95 11.20
C LEU A 1488 69.24 -33.94 10.09
N VAL A 1489 69.40 -35.23 10.36
CA VAL A 1489 69.15 -36.23 9.33
C VAL A 1489 67.68 -36.26 8.96
N ASN A 1490 66.79 -36.05 9.94
CA ASN A 1490 65.37 -36.03 9.64
C ASN A 1490 65.03 -34.93 8.63
N CYS A 1491 65.59 -33.74 8.84
CA CYS A 1491 65.31 -32.63 7.94
C CYS A 1491 66.06 -32.77 6.62
N LEU A 1492 67.26 -33.36 6.65
CA LEU A 1492 68.03 -33.51 5.42
C LEU A 1492 67.34 -34.47 4.45
N ARG A 1493 66.72 -35.54 4.96
CA ARG A 1493 66.14 -36.54 4.08
C ARG A 1493 65.07 -35.93 3.18
N ARG A 1494 64.51 -34.79 3.56
CA ARG A 1494 63.56 -34.10 2.69
C ARG A 1494 64.31 -33.37 1.57
N GLU A 1495 65.52 -32.89 1.86
CA GLU A 1495 66.30 -32.13 0.90
C GLU A 1495 66.87 -33.08 -0.16
N PRO A 1496 67.27 -32.54 -1.32
CA PRO A 1496 67.84 -33.40 -2.37
C PRO A 1496 69.08 -34.12 -1.88
N GLY A 1497 69.25 -35.36 -2.35
CA GLY A 1497 70.33 -36.21 -1.88
C GLY A 1497 70.10 -36.80 -0.50
N GLY A 1498 68.88 -36.69 0.02
CA GLY A 1498 68.63 -37.14 1.39
C GLY A 1498 68.65 -38.64 1.54
N ASN A 1499 68.40 -39.37 0.45
CA ASN A 1499 68.32 -40.82 0.53
C ASN A 1499 69.66 -41.44 0.92
N ARG A 1500 70.74 -40.66 0.84
CA ARG A 1500 72.07 -41.18 1.13
C ARG A 1500 72.51 -40.94 2.57
N LEU A 1501 71.64 -40.39 3.43
CA LEU A 1501 72.03 -40.03 4.78
C LEU A 1501 71.77 -41.17 5.77
N ARG A 1502 72.69 -41.32 6.72
CA ARG A 1502 72.55 -42.30 7.80
C ARG A 1502 73.19 -41.72 9.05
N CYS A 1503 72.55 -41.93 10.20
CA CYS A 1503 72.97 -41.33 11.45
C CYS A 1503 73.43 -42.38 12.45
N VAL A 1504 74.43 -42.01 13.25
CA VAL A 1504 74.89 -42.80 14.38
C VAL A 1504 75.03 -41.87 15.57
N LEU A 1505 74.59 -42.33 16.75
CA LEU A 1505 74.56 -41.49 17.93
C LEU A 1505 74.83 -42.33 19.17
N LEU A 1506 75.70 -41.83 20.04
CA LEU A 1506 76.01 -42.45 21.33
C LEU A 1506 75.60 -41.48 22.42
N SER A 1507 74.42 -41.68 22.99
CA SER A 1507 73.88 -40.82 24.04
C SER A 1507 73.44 -41.72 25.20
N ASN A 1508 74.38 -42.01 26.10
CA ASN A 1508 74.10 -42.79 27.29
C ASN A 1508 73.72 -41.85 28.43
N LEU A 1509 72.50 -42.00 28.94
CA LEU A 1509 72.03 -41.14 30.02
C LEU A 1509 72.72 -41.44 31.35
N SER A 1510 73.49 -42.53 31.44
CA SER A 1510 74.17 -42.92 32.66
C SER A 1510 75.67 -42.87 32.42
N SER A 1511 76.38 -42.14 33.28
CA SER A 1511 77.84 -42.10 33.18
C SER A 1511 78.43 -43.47 33.47
N THR A 1512 77.83 -44.22 34.39
CA THR A 1512 78.37 -45.53 34.75
C THR A 1512 78.38 -46.47 33.56
N SER A 1513 77.32 -46.46 32.76
CA SER A 1513 77.24 -47.35 31.61
C SER A 1513 78.42 -47.10 30.68
N HIS A 1514 79.09 -48.19 30.28
CA HIS A 1514 80.26 -48.06 29.43
C HIS A 1514 79.85 -47.56 28.04
N VAL A 1515 80.68 -46.67 27.49
CA VAL A 1515 80.47 -46.13 26.15
C VAL A 1515 81.11 -47.08 25.15
N PRO A 1516 80.39 -47.55 24.13
CA PRO A 1516 81.02 -48.46 23.16
C PRO A 1516 82.03 -47.76 22.27
N GLU A 1517 82.60 -48.50 21.32
CA GLU A 1517 83.59 -47.96 20.39
C GLU A 1517 83.13 -48.26 18.97
N VAL A 1518 83.16 -47.23 18.11
CA VAL A 1518 82.66 -47.35 16.75
C VAL A 1518 83.81 -47.27 15.76
N ASP A 1519 84.98 -47.75 16.17
CA ASP A 1519 86.10 -47.83 15.25
C ASP A 1519 85.73 -48.76 14.10
N PRO A 1520 86.24 -48.50 12.88
CA PRO A 1520 85.83 -49.33 11.74
C PRO A 1520 86.05 -50.82 11.96
N GLY A 1521 87.12 -51.20 12.64
CA GLY A 1521 87.36 -52.60 12.94
C GLY A 1521 86.56 -53.14 14.12
N SER A 1522 85.82 -52.28 14.80
CA SER A 1522 85.02 -52.71 15.94
C SER A 1522 83.70 -53.30 15.48
N ALA A 1523 83.21 -54.27 16.25
CA ALA A 1523 82.01 -55.01 15.84
C ALA A 1523 80.84 -54.08 15.58
N GLU A 1524 80.52 -53.22 16.55
CA GLU A 1524 79.25 -52.50 16.53
C GLU A 1524 79.05 -51.74 15.22
N LEU A 1525 80.10 -51.08 14.74
CA LEU A 1525 79.96 -50.26 13.54
C LEU A 1525 79.58 -51.13 12.35
N GLN A 1526 80.26 -52.27 12.18
CA GLN A 1526 79.93 -53.14 11.07
C GLN A 1526 78.54 -53.75 11.22
N LYS A 1527 78.13 -54.10 12.44
CA LYS A 1527 76.81 -54.69 12.60
C LYS A 1527 75.73 -53.68 12.23
N VAL A 1528 75.88 -52.44 12.71
CA VAL A 1528 74.87 -51.43 12.38
C VAL A 1528 74.91 -51.09 10.90
N LEU A 1529 76.10 -51.10 10.29
CA LEU A 1529 76.18 -50.88 8.85
C LEU A 1529 75.42 -51.97 8.10
N GLN A 1530 75.59 -53.22 8.51
CA GLN A 1530 74.77 -54.29 7.97
C GLN A 1530 73.29 -54.02 8.20
N GLY A 1531 72.96 -53.38 9.32
CA GLY A 1531 71.57 -53.02 9.57
C GLY A 1531 71.01 -52.12 8.49
N ASP A 1532 71.78 -51.11 8.09
CA ASP A 1532 71.38 -50.18 7.04
C ASP A 1532 70.11 -49.42 7.45
N LEU A 1533 70.12 -48.90 8.68
CA LEU A 1533 69.01 -48.14 9.22
C LEU A 1533 69.47 -46.70 9.48
N VAL A 1534 68.58 -45.75 9.17
CA VAL A 1534 68.96 -44.34 9.26
C VAL A 1534 69.28 -43.96 10.70
N MET A 1535 68.39 -44.29 11.63
CA MET A 1535 68.52 -43.89 13.02
C MET A 1535 69.15 -45.03 13.81
N ASN A 1536 70.38 -44.85 14.26
CA ASN A 1536 71.10 -45.83 15.07
C ASN A 1536 71.54 -45.11 16.34
N VAL A 1537 70.69 -45.14 17.36
CA VAL A 1537 70.93 -44.47 18.62
C VAL A 1537 71.23 -45.52 19.68
N TYR A 1538 72.34 -45.35 20.39
CA TYR A 1538 72.76 -46.26 21.45
C TYR A 1538 72.51 -45.58 22.79
N ARG A 1539 71.75 -46.26 23.66
CA ARG A 1539 71.38 -45.68 24.95
C ARG A 1539 71.32 -46.79 25.98
N ASP A 1540 72.25 -46.77 26.92
CA ASP A 1540 72.27 -47.69 28.06
C ASP A 1540 72.24 -49.15 27.59
N GLY A 1541 73.24 -49.48 26.78
CA GLY A 1541 73.44 -50.86 26.36
C GLY A 1541 72.33 -51.45 25.52
N ALA A 1542 71.79 -50.69 24.57
CA ALA A 1542 70.78 -51.22 23.66
C ALA A 1542 70.67 -50.30 22.46
N TRP A 1543 70.88 -50.83 21.27
CA TRP A 1543 70.71 -50.05 20.06
C TRP A 1543 69.23 -49.85 19.77
N GLY A 1544 68.89 -48.69 19.21
CA GLY A 1544 67.50 -48.39 18.90
C GLY A 1544 67.38 -47.01 18.32
N ALA A 1545 66.13 -46.63 18.03
CA ALA A 1545 65.82 -45.32 17.46
C ALA A 1545 64.57 -44.78 18.12
N PHE A 1546 64.45 -43.45 18.13
CA PHE A 1546 63.31 -42.81 18.75
C PHE A 1546 62.05 -43.02 17.91
N ARG A 1547 60.92 -43.16 18.60
CA ARG A 1547 59.64 -43.46 17.96
C ARG A 1547 58.53 -42.67 18.63
N HIS A 1548 57.41 -42.55 17.93
CA HIS A 1548 56.23 -41.86 18.41
C HIS A 1548 55.16 -42.86 18.82
N PHE A 1549 54.41 -42.51 19.87
CA PHE A 1549 53.25 -43.27 20.30
C PHE A 1549 52.19 -42.29 20.80
N LEU A 1550 50.93 -42.66 20.63
CA LEU A 1550 49.84 -41.82 21.09
C LEU A 1550 49.67 -41.97 22.58
N LEU A 1551 49.64 -40.85 23.30
CA LEU A 1551 49.57 -40.88 24.75
C LEU A 1551 48.17 -41.28 25.20
N GLU A 1552 48.10 -41.83 26.41
CA GLU A 1552 46.83 -42.32 26.94
C GLU A 1552 45.80 -41.19 26.99
N GLU A 1553 44.60 -41.48 26.50
CA GLU A 1553 43.55 -40.46 26.45
C GLU A 1553 43.13 -40.03 27.84
N ASP A 1554 43.15 -40.95 28.81
CA ASP A 1554 42.64 -40.66 30.14
C ASP A 1554 43.37 -39.46 30.74
N LYS A 1555 42.60 -38.54 31.33
CA LYS A 1555 43.17 -37.37 31.97
C LYS A 1555 43.83 -37.76 33.29
N PRO A 1556 44.98 -37.20 33.62
CA PRO A 1556 45.68 -37.61 34.84
C PRO A 1556 44.91 -37.20 36.09
N GLU A 1557 45.11 -37.97 37.15
CA GLU A 1557 44.47 -37.71 38.44
C GLU A 1557 45.46 -37.96 39.56
N GLU A 1558 45.37 -37.16 40.62
CA GLU A 1558 46.23 -37.27 41.77
C GLU A 1558 45.43 -37.04 43.04
N PRO A 1559 45.84 -37.61 44.17
CA PRO A 1559 45.13 -37.35 45.43
C PRO A 1559 45.40 -35.94 45.92
N THR A 1560 44.34 -35.29 46.41
CA THR A 1560 44.46 -33.93 46.91
C THR A 1560 43.37 -33.67 47.94
N ALA A 1561 43.62 -32.68 48.79
CA ALA A 1561 42.64 -32.21 49.76
C ALA A 1561 41.91 -30.95 49.30
N HIS A 1562 42.15 -30.51 48.06
CA HIS A 1562 41.57 -29.28 47.55
C HIS A 1562 41.13 -29.51 46.11
N ALA A 1563 39.82 -29.67 45.90
CA ALA A 1563 39.28 -29.92 44.57
C ALA A 1563 37.95 -29.22 44.43
N PHE A 1564 37.67 -28.72 43.24
CA PHE A 1564 36.45 -27.97 42.96
C PHE A 1564 35.72 -28.58 41.78
N VAL A 1565 34.39 -28.63 41.89
CA VAL A 1565 33.57 -29.18 40.82
C VAL A 1565 33.58 -28.24 39.63
N SER A 1566 33.80 -28.79 38.44
CA SER A 1566 33.83 -28.01 37.22
C SER A 1566 33.12 -28.76 36.10
N THR A 1567 32.54 -28.00 35.18
CA THR A 1567 31.92 -28.56 33.97
C THR A 1567 32.97 -28.49 32.86
N LEU A 1568 33.60 -29.63 32.57
CA LEU A 1568 34.72 -29.63 31.63
C LEU A 1568 34.28 -29.17 30.25
N THR A 1569 33.13 -29.64 29.78
CA THR A 1569 32.56 -29.20 28.51
C THR A 1569 31.31 -28.40 28.81
N ARG A 1570 31.30 -27.14 28.36
CA ARG A 1570 30.21 -26.24 28.72
C ARG A 1570 28.87 -26.80 28.26
N GLY A 1571 27.89 -26.78 29.16
CA GLY A 1571 26.53 -27.15 28.84
C GLY A 1571 26.23 -28.62 28.86
N ASP A 1572 27.21 -29.48 29.13
CA ASP A 1572 27.02 -30.92 29.17
C ASP A 1572 27.21 -31.38 30.61
N LEU A 1573 26.09 -31.63 31.30
CA LEU A 1573 26.15 -32.01 32.70
C LEU A 1573 26.90 -33.32 32.92
N SER A 1574 27.04 -34.14 31.88
CA SER A 1574 27.77 -35.40 32.01
C SER A 1574 29.27 -35.18 32.15
N SER A 1575 29.76 -33.95 31.95
CA SER A 1575 31.18 -33.64 32.02
C SER A 1575 31.60 -33.12 33.39
N ILE A 1576 30.69 -33.08 34.36
CA ILE A 1576 31.01 -32.55 35.68
C ILE A 1576 31.94 -33.52 36.39
N ARG A 1577 33.08 -33.02 36.86
CA ARG A 1577 34.07 -33.86 37.51
C ARG A 1577 34.94 -33.01 38.42
N TRP A 1578 35.50 -33.65 39.44
CA TRP A 1578 36.36 -32.94 40.38
C TRP A 1578 37.70 -32.59 39.75
N VAL A 1579 38.21 -31.40 40.05
CA VAL A 1579 39.46 -30.90 39.50
C VAL A 1579 40.28 -30.29 40.64
N CYS A 1580 41.60 -30.49 40.57
CA CYS A 1580 42.47 -29.95 41.60
C CYS A 1580 42.36 -28.43 41.65
N SER A 1581 42.48 -27.89 42.85
CA SER A 1581 42.15 -26.49 43.13
C SER A 1581 43.39 -25.68 43.46
N SER A 1582 43.31 -24.38 43.17
CA SER A 1582 44.40 -23.46 43.46
C SER A 1582 44.61 -23.24 44.95
N LEU A 1583 43.68 -23.69 45.79
CA LEU A 1583 43.82 -23.54 47.23
C LEU A 1583 45.00 -24.33 47.78
N ARG A 1584 45.60 -25.21 46.97
CA ARG A 1584 46.77 -25.95 47.40
C ARG A 1584 47.93 -25.03 47.78
N HIS A 1585 47.93 -23.79 47.30
CA HIS A 1585 48.95 -22.80 47.61
C HIS A 1585 48.41 -21.70 48.52
N ALA A 1586 47.46 -22.05 49.38
CA ALA A 1586 46.86 -21.11 50.31
C ALA A 1586 47.10 -21.57 51.74
N GLN A 1587 46.97 -20.63 52.67
CA GLN A 1587 47.28 -20.89 54.07
C GLN A 1587 46.06 -20.55 54.95
N PRO A 1588 45.68 -21.41 55.89
CA PRO A 1588 44.57 -21.05 56.78
C PRO A 1588 44.97 -20.07 57.87
N THR A 1589 46.26 -19.90 58.11
CA THR A 1589 46.71 -19.11 59.26
C THR A 1589 46.27 -17.65 59.15
N CYS A 1590 46.34 -17.08 57.96
CA CYS A 1590 46.05 -15.66 57.80
C CYS A 1590 44.61 -15.36 58.21
N PRO A 1591 44.35 -14.26 58.94
CA PRO A 1591 42.98 -14.00 59.38
C PRO A 1591 42.02 -13.69 58.24
N GLY A 1592 42.40 -12.75 57.36
CA GLY A 1592 41.53 -12.43 56.24
C GLY A 1592 41.31 -13.62 55.33
N ALA A 1593 42.26 -14.55 55.31
CA ALA A 1593 42.09 -15.76 54.52
C ALA A 1593 41.15 -16.74 55.20
N GLN A 1594 41.51 -17.21 56.38
CA GLN A 1594 40.71 -18.18 57.14
C GLN A 1594 40.21 -19.29 56.22
N LEU A 1595 41.16 -20.02 55.64
CA LEU A 1595 40.81 -21.15 54.79
C LEU A 1595 39.97 -22.16 55.58
N CYS A 1596 38.74 -22.38 55.12
CA CYS A 1596 37.76 -23.17 55.84
C CYS A 1596 37.48 -24.46 55.09
N THR A 1597 37.50 -25.57 55.81
CA THR A 1597 37.11 -26.86 55.24
C THR A 1597 35.63 -26.87 54.93
N VAL A 1598 35.26 -27.60 53.90
CA VAL A 1598 33.88 -27.69 53.43
C VAL A 1598 33.39 -29.11 53.70
N TYR A 1599 32.38 -29.24 54.55
CA TYR A 1599 31.71 -30.51 54.78
C TYR A 1599 30.52 -30.68 53.85
N TYR A 1600 29.60 -29.71 53.86
CA TYR A 1600 28.43 -29.70 53.00
C TYR A 1600 28.39 -28.42 52.19
N ALA A 1601 28.07 -28.56 50.90
CA ALA A 1601 27.86 -27.43 50.02
C ALA A 1601 26.50 -27.57 49.35
N SER A 1602 25.84 -26.45 49.11
CA SER A 1602 24.49 -26.46 48.56
C SER A 1602 24.49 -25.82 47.17
N LEU A 1603 23.48 -26.19 46.39
CA LEU A 1603 23.33 -25.73 45.02
C LEU A 1603 22.12 -24.82 44.91
N ASN A 1604 22.27 -23.74 44.15
CA ASN A 1604 21.20 -22.79 43.89
C ASN A 1604 20.88 -22.76 42.40
N PHE A 1605 19.85 -22.00 42.04
CA PHE A 1605 19.42 -21.93 40.64
C PHE A 1605 20.55 -21.46 39.74
N ARG A 1606 21.36 -20.51 40.23
CA ARG A 1606 22.44 -19.97 39.42
C ARG A 1606 23.42 -21.06 39.00
N ASP A 1607 23.68 -22.03 39.89
CA ASP A 1607 24.61 -23.10 39.55
C ASP A 1607 24.08 -23.96 38.41
N ILE A 1608 22.80 -24.31 38.45
CA ILE A 1608 22.22 -25.09 37.37
C ILE A 1608 22.21 -24.31 36.08
N MET A 1609 21.92 -23.01 36.15
CA MET A 1609 21.97 -22.18 34.94
C MET A 1609 23.38 -22.15 34.37
N LEU A 1610 24.39 -22.06 35.23
CA LEU A 1610 25.77 -21.95 34.76
C LEU A 1610 26.23 -23.27 34.13
N ALA A 1611 26.00 -24.38 34.82
CA ALA A 1611 26.48 -25.67 34.32
C ALA A 1611 25.74 -26.06 33.04
N THR A 1612 24.43 -25.84 33.00
CA THR A 1612 23.64 -26.24 31.83
C THR A 1612 23.95 -25.38 30.61
N GLY A 1613 24.57 -24.22 30.79
CA GLY A 1613 24.98 -23.38 29.69
C GLY A 1613 24.08 -22.18 29.43
N LYS A 1614 22.91 -22.11 30.07
CA LYS A 1614 22.01 -20.99 29.83
C LYS A 1614 22.63 -19.67 30.27
N LEU A 1615 23.27 -19.65 31.44
CA LEU A 1615 23.86 -18.45 31.99
C LEU A 1615 25.36 -18.44 31.73
N SER A 1616 25.92 -17.23 31.49
CA SER A 1616 27.31 -17.13 31.07
C SER A 1616 28.22 -16.93 32.27
N PRO A 1617 29.46 -17.46 32.23
CA PRO A 1617 30.39 -17.21 33.33
C PRO A 1617 30.70 -15.75 33.55
N ASP A 1618 30.72 -14.95 32.48
CA ASP A 1618 31.02 -13.53 32.59
C ASP A 1618 29.90 -12.74 33.25
N ALA A 1619 28.71 -13.34 33.39
CA ALA A 1619 27.56 -12.63 33.96
C ALA A 1619 27.63 -12.53 35.48
N ILE A 1620 28.52 -13.26 36.14
CA ILE A 1620 28.64 -13.24 37.59
C ILE A 1620 29.52 -12.04 37.96
N PRO A 1621 29.05 -11.14 38.83
CA PRO A 1621 29.86 -9.96 39.15
C PRO A 1621 31.19 -10.33 39.77
N GLY A 1622 32.22 -9.54 39.46
CA GLY A 1622 33.56 -9.74 39.96
C GLY A 1622 34.56 -9.93 38.85
N LYS A 1623 35.83 -10.00 39.25
CA LYS A 1623 36.94 -10.24 38.33
C LYS A 1623 37.27 -11.73 38.39
N TRP A 1624 36.80 -12.47 37.40
CA TRP A 1624 36.98 -13.91 37.35
C TRP A 1624 37.96 -14.29 36.26
N THR A 1625 38.81 -15.28 36.54
CA THR A 1625 39.72 -15.78 35.53
C THR A 1625 38.95 -16.45 34.40
N SER A 1626 39.56 -16.45 33.21
CA SER A 1626 38.90 -17.06 32.06
C SER A 1626 38.65 -18.55 32.30
N GLN A 1627 39.62 -19.25 32.89
CA GLN A 1627 39.50 -20.67 33.21
C GLN A 1627 39.33 -20.80 34.72
N ASP A 1628 38.09 -21.00 35.15
CA ASP A 1628 37.80 -21.24 36.56
C ASP A 1628 36.33 -21.59 36.69
N SER A 1629 36.02 -22.43 37.67
CA SER A 1629 34.64 -22.82 37.93
C SER A 1629 34.00 -21.85 38.91
N LEU A 1630 32.79 -21.42 38.59
CA LEU A 1630 32.04 -20.47 39.42
C LEU A 1630 30.77 -21.12 39.97
N LEU A 1631 30.89 -22.36 40.44
CA LEU A 1631 29.76 -23.12 40.96
C LEU A 1631 29.76 -23.05 42.48
N GLY A 1632 28.59 -22.82 43.06
CA GLY A 1632 28.43 -22.80 44.50
C GLY A 1632 28.39 -21.41 45.10
N MET A 1633 27.54 -21.21 46.10
CA MET A 1633 27.41 -19.92 46.77
C MET A 1633 27.49 -19.98 48.28
N GLU A 1634 27.12 -21.10 48.91
CA GLU A 1634 27.24 -21.24 50.36
C GLU A 1634 27.79 -22.62 50.67
N PHE A 1635 27.95 -22.91 51.95
CA PHE A 1635 28.54 -24.17 52.39
C PHE A 1635 28.38 -24.28 53.90
N SER A 1636 28.94 -25.35 54.46
CA SER A 1636 29.14 -25.48 55.90
C SER A 1636 30.38 -26.33 56.12
N GLY A 1637 31.00 -26.17 57.27
CA GLY A 1637 32.21 -26.92 57.57
C GLY A 1637 32.86 -26.43 58.84
N ARG A 1638 34.09 -26.88 59.05
CA ARG A 1638 34.86 -26.54 60.23
C ARG A 1638 35.92 -25.50 59.89
N ASP A 1639 35.85 -24.35 60.55
CA ASP A 1639 36.89 -23.34 60.42
C ASP A 1639 38.25 -23.94 60.80
N ALA A 1640 39.31 -23.26 60.36
CA ALA A 1640 40.67 -23.75 60.61
C ALA A 1640 40.87 -24.19 62.06
N SER A 1641 40.15 -23.57 63.00
CA SER A 1641 40.24 -23.92 64.40
C SER A 1641 39.31 -25.05 64.80
N GLY A 1642 38.58 -25.64 63.85
CA GLY A 1642 37.66 -26.72 64.13
C GLY A 1642 36.24 -26.27 64.43
N LYS A 1643 36.03 -24.99 64.70
CA LYS A 1643 34.69 -24.51 65.00
C LYS A 1643 33.81 -24.57 63.76
N ARG A 1644 32.57 -25.03 63.95
CA ARG A 1644 31.64 -25.19 62.83
C ARG A 1644 31.16 -23.84 62.35
N VAL A 1645 30.97 -23.72 61.02
CA VAL A 1645 30.62 -22.45 60.41
C VAL A 1645 29.80 -22.70 59.15
N MET A 1646 28.95 -21.73 58.82
CA MET A 1646 28.25 -21.67 57.54
C MET A 1646 28.55 -20.31 56.92
N GLY A 1647 28.88 -20.30 55.63
CA GLY A 1647 29.42 -19.13 54.99
C GLY A 1647 28.64 -18.71 53.75
N LEU A 1648 29.17 -17.70 53.07
CA LEU A 1648 28.54 -17.14 51.89
C LEU A 1648 29.66 -16.68 50.95
N VAL A 1649 29.76 -17.31 49.79
CA VAL A 1649 30.84 -17.01 48.85
C VAL A 1649 30.27 -16.41 47.56
N PRO A 1650 30.98 -15.51 46.90
CA PRO A 1650 30.52 -15.07 45.57
C PRO A 1650 30.50 -16.20 44.55
N ALA A 1651 31.40 -17.16 44.68
CA ALA A 1651 31.45 -18.32 43.79
C ALA A 1651 32.47 -19.29 44.38
N LYS A 1652 32.64 -20.43 43.70
CA LYS A 1652 33.57 -21.47 44.12
C LYS A 1652 33.24 -22.00 45.52
N GLY A 1653 31.95 -22.04 45.85
CA GLY A 1653 31.52 -22.61 47.12
C GLY A 1653 31.40 -24.12 47.12
N LEU A 1654 31.60 -24.76 45.98
CA LEU A 1654 31.46 -26.21 45.84
C LEU A 1654 32.87 -26.77 45.63
N ALA A 1655 33.50 -27.15 46.73
CA ALA A 1655 34.86 -27.68 46.72
C ALA A 1655 35.14 -28.28 48.09
N THR A 1656 36.35 -28.79 48.27
CA THR A 1656 36.77 -29.36 49.54
C THR A 1656 37.48 -28.33 50.43
N SER A 1657 37.59 -27.08 49.96
CA SER A 1657 38.13 -26.01 50.76
C SER A 1657 37.73 -24.69 50.12
N VAL A 1658 37.47 -23.68 50.97
CA VAL A 1658 37.03 -22.38 50.49
C VAL A 1658 37.81 -21.30 51.22
N LEU A 1659 38.25 -20.30 50.47
CA LEU A 1659 39.00 -19.16 50.99
C LEU A 1659 38.03 -18.00 51.18
N LEU A 1660 37.66 -17.74 52.43
CA LEU A 1660 36.59 -16.82 52.76
C LEU A 1660 37.02 -15.84 53.84
N SER A 1661 36.54 -14.61 53.75
CA SER A 1661 36.79 -13.63 54.78
C SER A 1661 35.92 -13.90 56.00
N PRO A 1662 36.38 -13.53 57.20
CA PRO A 1662 35.58 -13.80 58.40
C PRO A 1662 34.24 -13.08 58.42
N ASP A 1663 34.08 -12.02 57.64
CA ASP A 1663 32.85 -11.24 57.68
C ASP A 1663 31.66 -12.01 57.15
N PHE A 1664 31.89 -13.06 56.35
CA PHE A 1664 30.82 -13.85 55.75
C PHE A 1664 30.69 -15.21 56.41
N LEU A 1665 30.88 -15.27 57.73
CA LEU A 1665 30.78 -16.52 58.48
C LEU A 1665 29.81 -16.35 59.64
N TRP A 1666 29.12 -17.44 59.97
CA TRP A 1666 28.28 -17.54 61.14
C TRP A 1666 28.73 -18.74 61.96
N ASP A 1667 28.00 -19.02 63.03
CA ASP A 1667 28.27 -20.18 63.88
C ASP A 1667 27.03 -21.06 63.92
N VAL A 1668 27.20 -22.35 63.65
CA VAL A 1668 26.10 -23.29 63.67
C VAL A 1668 25.73 -23.55 65.13
N PRO A 1669 24.50 -23.26 65.56
CA PRO A 1669 24.14 -23.52 66.95
C PRO A 1669 24.29 -24.99 67.31
N SER A 1670 24.35 -25.25 68.61
CA SER A 1670 24.52 -26.62 69.09
C SER A 1670 23.35 -27.51 68.71
N ASN A 1671 22.22 -26.93 68.32
CA ASN A 1671 21.03 -27.69 67.99
C ASN A 1671 20.98 -28.12 66.52
N TRP A 1672 21.78 -27.49 65.66
CA TRP A 1672 21.70 -27.74 64.23
C TRP A 1672 22.75 -28.76 63.79
N THR A 1673 22.35 -29.62 62.86
CA THR A 1673 23.29 -30.49 62.17
C THR A 1673 23.92 -29.72 61.00
N LEU A 1674 25.16 -30.08 60.68
CA LEU A 1674 25.85 -29.40 59.58
C LEU A 1674 25.08 -29.54 58.27
N GLU A 1675 24.48 -30.71 58.03
CA GLU A 1675 23.66 -30.88 56.84
C GLU A 1675 22.61 -29.79 56.72
N GLU A 1676 21.99 -29.43 57.85
CA GLU A 1676 20.95 -28.40 57.82
C GLU A 1676 21.53 -27.03 57.60
N ALA A 1677 22.69 -26.73 58.18
CA ALA A 1677 23.22 -25.38 58.17
C ALA A 1677 23.51 -24.88 56.76
N ALA A 1678 23.88 -25.78 55.85
CA ALA A 1678 24.31 -25.36 54.52
C ALA A 1678 23.17 -24.78 53.70
N SER A 1679 21.92 -24.92 54.13
CA SER A 1679 20.79 -24.39 53.38
C SER A 1679 20.40 -22.98 53.79
N VAL A 1680 20.98 -22.45 54.87
CA VAL A 1680 20.54 -21.19 55.46
C VAL A 1680 21.09 -19.97 54.74
N PRO A 1681 22.40 -19.89 54.46
CA PRO A 1681 23.02 -18.59 54.18
C PRO A 1681 22.40 -17.78 53.06
N VAL A 1682 22.40 -18.30 51.83
CA VAL A 1682 21.99 -17.50 50.68
C VAL A 1682 20.52 -17.11 50.81
N VAL A 1683 19.65 -18.09 51.07
CA VAL A 1683 18.21 -17.85 51.03
C VAL A 1683 17.81 -16.86 52.11
N TYR A 1684 18.29 -17.07 53.34
CA TYR A 1684 17.87 -16.20 54.43
C TYR A 1684 18.51 -14.83 54.31
N SER A 1685 19.76 -14.77 53.88
CA SER A 1685 20.39 -13.47 53.67
C SER A 1685 19.65 -12.65 52.63
N THR A 1686 19.28 -13.27 51.51
CA THR A 1686 18.57 -12.51 50.48
C THR A 1686 17.17 -12.15 50.94
N ALA A 1687 16.50 -13.05 51.65
CA ALA A 1687 15.16 -12.73 52.15
C ALA A 1687 15.19 -11.54 53.09
N TYR A 1688 16.12 -11.55 54.04
CA TYR A 1688 16.23 -10.43 54.98
C TYR A 1688 16.58 -9.14 54.24
N TYR A 1689 17.58 -9.20 53.35
CA TYR A 1689 17.97 -8.00 52.62
C TYR A 1689 16.81 -7.44 51.82
N ALA A 1690 16.01 -8.32 51.20
CA ALA A 1690 14.90 -7.86 50.36
C ALA A 1690 13.80 -7.24 51.21
N LEU A 1691 13.41 -7.91 52.30
CA LEU A 1691 12.28 -7.43 53.08
C LEU A 1691 12.70 -6.32 54.05
N VAL A 1692 13.53 -6.67 55.04
CA VAL A 1692 13.78 -5.78 56.16
C VAL A 1692 14.54 -4.54 55.70
N VAL A 1693 15.61 -4.73 54.92
CA VAL A 1693 16.47 -3.62 54.56
C VAL A 1693 15.86 -2.75 53.48
N ARG A 1694 15.34 -3.38 52.42
CA ARG A 1694 14.82 -2.63 51.28
C ARG A 1694 13.35 -2.30 51.45
N GLY A 1695 12.51 -3.32 51.62
CA GLY A 1695 11.07 -3.09 51.74
C GLY A 1695 10.66 -2.51 53.07
N ARG A 1696 11.51 -2.61 54.09
CA ARG A 1696 11.22 -2.07 55.41
C ARG A 1696 9.87 -2.59 55.93
N VAL A 1697 9.66 -3.89 55.77
CA VAL A 1697 8.40 -4.49 56.18
C VAL A 1697 8.13 -4.16 57.64
N ARG A 1698 6.87 -3.88 57.96
CA ARG A 1698 6.43 -3.54 59.29
C ARG A 1698 5.27 -4.44 59.69
N PRO A 1699 5.04 -4.63 60.98
CA PRO A 1699 3.99 -5.57 61.41
C PRO A 1699 2.63 -5.20 60.84
N GLY A 1700 1.87 -6.21 60.46
CA GLY A 1700 0.51 -6.04 60.02
C GLY A 1700 0.32 -5.75 58.55
N GLU A 1701 1.37 -5.86 57.74
CA GLU A 1701 1.26 -5.61 56.30
C GLU A 1701 0.83 -6.87 55.57
N THR A 1702 0.61 -6.74 54.27
CA THR A 1702 0.21 -7.86 53.41
C THR A 1702 1.28 -8.07 52.35
N LEU A 1703 1.70 -9.31 52.18
CA LEU A 1703 2.78 -9.67 51.25
C LEU A 1703 2.29 -10.70 50.24
N LEU A 1704 2.85 -10.62 49.04
CA LEU A 1704 2.65 -11.61 47.98
C LEU A 1704 4.03 -12.19 47.65
N ILE A 1705 4.39 -13.29 48.30
CA ILE A 1705 5.67 -13.94 48.07
C ILE A 1705 5.46 -15.03 47.02
N HIS A 1706 6.17 -14.92 45.91
CA HIS A 1706 6.05 -15.88 44.83
C HIS A 1706 6.94 -17.10 45.07
N SER A 1707 6.45 -18.26 44.63
CA SER A 1707 7.19 -19.51 44.72
C SER A 1707 7.58 -19.81 46.16
N GLY A 1708 6.56 -20.04 46.98
CA GLY A 1708 6.81 -20.30 48.39
C GLY A 1708 7.64 -21.55 48.62
N SER A 1709 7.44 -22.57 47.79
CA SER A 1709 8.16 -23.83 47.97
C SER A 1709 9.66 -23.67 47.82
N GLY A 1710 10.12 -22.60 47.17
CA GLY A 1710 11.54 -22.38 47.01
C GLY A 1710 12.19 -21.88 48.29
N GLY A 1711 13.53 -21.93 48.29
CA GLY A 1711 14.26 -21.53 49.49
C GLY A 1711 14.03 -20.08 49.86
N VAL A 1712 14.14 -19.18 48.88
CA VAL A 1712 13.93 -17.77 49.17
C VAL A 1712 12.48 -17.52 49.58
N GLY A 1713 11.54 -18.20 48.93
CA GLY A 1713 10.15 -18.08 49.32
C GLY A 1713 9.89 -18.55 50.73
N GLN A 1714 10.47 -19.70 51.11
CA GLN A 1714 10.29 -20.19 52.46
C GLN A 1714 10.89 -19.23 53.49
N ALA A 1715 12.08 -18.72 53.21
CA ALA A 1715 12.70 -17.77 54.13
C ALA A 1715 11.85 -16.51 54.26
N ALA A 1716 11.32 -16.00 53.14
CA ALA A 1716 10.48 -14.81 53.19
C ALA A 1716 9.22 -15.08 53.99
N ILE A 1717 8.62 -16.25 53.81
CA ILE A 1717 7.41 -16.58 54.58
C ILE A 1717 7.74 -16.63 56.06
N ALA A 1718 8.86 -17.26 56.43
CA ALA A 1718 9.23 -17.35 57.84
C ALA A 1718 9.47 -15.96 58.42
N ILE A 1719 10.14 -15.09 57.68
CA ILE A 1719 10.39 -13.73 58.16
C ILE A 1719 9.08 -12.97 58.33
N ALA A 1720 8.18 -13.11 57.36
CA ALA A 1720 6.93 -12.38 57.41
C ALA A 1720 6.07 -12.80 58.59
N LEU A 1721 6.01 -14.10 58.87
CA LEU A 1721 5.16 -14.59 59.95
C LEU A 1721 5.72 -14.21 61.31
N SER A 1722 7.03 -14.03 61.42
CA SER A 1722 7.60 -13.61 62.71
C SER A 1722 7.07 -12.23 63.10
N LEU A 1723 6.96 -11.32 62.14
CA LEU A 1723 6.44 -10.00 62.42
C LEU A 1723 4.92 -10.03 62.64
N GLY A 1724 4.21 -10.85 61.84
CA GLY A 1724 2.78 -10.99 61.99
C GLY A 1724 2.01 -10.54 60.77
N CYS A 1725 2.64 -10.60 59.60
CA CYS A 1725 2.01 -10.14 58.38
C CYS A 1725 1.14 -11.23 57.76
N ARG A 1726 0.11 -10.80 57.04
CA ARG A 1726 -0.66 -11.71 56.19
C ARG A 1726 0.10 -11.91 54.89
N VAL A 1727 0.27 -13.17 54.49
CA VAL A 1727 1.12 -13.52 53.35
C VAL A 1727 0.31 -14.36 52.37
N PHE A 1728 0.26 -13.90 51.12
CA PHE A 1728 -0.21 -14.71 50.00
C PHE A 1728 0.99 -15.34 49.32
N THR A 1729 0.96 -16.65 49.12
CA THR A 1729 2.06 -17.36 48.49
C THR A 1729 1.55 -18.17 47.32
N THR A 1730 2.30 -18.15 46.22
CA THR A 1730 1.94 -18.86 45.01
C THR A 1730 2.80 -20.11 44.88
N VAL A 1731 2.15 -21.27 44.75
CA VAL A 1731 2.84 -22.55 44.63
C VAL A 1731 2.37 -23.24 43.36
N GLY A 1732 3.32 -23.82 42.62
CA GLY A 1732 2.99 -24.38 41.32
C GLY A 1732 2.05 -25.57 41.40
N SER A 1733 2.33 -26.49 42.31
CA SER A 1733 1.65 -27.78 42.35
C SER A 1733 0.92 -27.97 43.68
N ALA A 1734 0.38 -29.18 43.88
CA ALA A 1734 -0.43 -29.49 45.05
C ALA A 1734 0.40 -29.99 46.22
N GLU A 1735 1.38 -30.86 45.97
CA GLU A 1735 2.21 -31.35 47.06
C GLU A 1735 2.99 -30.22 47.70
N LYS A 1736 3.37 -29.21 46.92
CA LYS A 1736 3.99 -28.02 47.50
C LYS A 1736 3.03 -27.30 48.42
N ARG A 1737 1.76 -27.22 48.03
CA ARG A 1737 0.75 -26.61 48.89
C ARG A 1737 0.63 -27.39 50.20
N ALA A 1738 0.59 -28.72 50.12
CA ALA A 1738 0.51 -29.52 51.34
C ALA A 1738 1.74 -29.30 52.22
N TYR A 1739 2.93 -29.28 51.62
CA TYR A 1739 4.14 -29.08 52.40
C TYR A 1739 4.14 -27.72 53.08
N LEU A 1740 3.72 -26.67 52.38
CA LEU A 1740 3.75 -25.34 52.97
C LEU A 1740 2.66 -25.17 54.02
N GLN A 1741 1.53 -25.84 53.87
CA GLN A 1741 0.49 -25.76 54.90
C GLN A 1741 0.88 -26.56 56.13
N ALA A 1742 1.62 -27.66 55.96
CA ALA A 1742 2.09 -28.41 57.12
C ALA A 1742 3.24 -27.70 57.82
N ARG A 1743 4.14 -27.08 57.05
CA ARG A 1743 5.32 -26.46 57.64
C ARG A 1743 4.99 -25.18 58.38
N PHE A 1744 4.11 -24.35 57.80
CA PHE A 1744 3.69 -23.09 58.39
C PHE A 1744 2.19 -23.18 58.67
N PRO A 1745 1.79 -23.63 59.85
CA PRO A 1745 0.35 -23.77 60.13
C PRO A 1745 -0.42 -22.47 60.02
N GLN A 1746 0.21 -21.33 60.34
CA GLN A 1746 -0.51 -20.07 60.34
C GLN A 1746 -1.15 -19.78 58.98
N LEU A 1747 -0.55 -20.27 57.91
CA LEU A 1747 -1.13 -20.08 56.58
C LEU A 1747 -2.50 -20.76 56.51
N ASP A 1748 -3.46 -20.05 55.95
CA ASP A 1748 -4.83 -20.54 55.82
C ASP A 1748 -5.09 -21.04 54.41
N SER A 1749 -6.20 -21.75 54.24
CA SER A 1749 -6.54 -22.30 52.93
C SER A 1749 -6.65 -21.21 51.88
N THR A 1750 -6.96 -19.99 52.28
CA THR A 1750 -7.11 -18.87 51.35
C THR A 1750 -5.82 -18.09 51.15
N SER A 1751 -4.69 -18.63 51.61
CA SER A 1751 -3.41 -17.97 51.49
C SER A 1751 -2.59 -18.47 50.31
N PHE A 1752 -3.14 -19.37 49.49
CA PHE A 1752 -2.40 -19.99 48.40
C PHE A 1752 -3.04 -19.64 47.07
N ALA A 1753 -2.22 -19.58 46.03
CA ALA A 1753 -2.66 -19.29 44.67
C ALA A 1753 -1.91 -20.19 43.71
N ASN A 1754 -2.02 -19.90 42.42
CA ASN A 1754 -1.37 -20.69 41.38
C ASN A 1754 -0.28 -19.83 40.74
N SER A 1755 0.95 -20.36 40.73
CA SER A 1755 2.09 -19.61 40.19
C SER A 1755 2.32 -19.88 38.71
N ARG A 1756 2.00 -21.09 38.23
CA ARG A 1756 2.18 -21.40 36.83
C ARG A 1756 1.24 -20.61 35.92
N ASP A 1757 0.21 -19.99 36.48
CA ASP A 1757 -0.76 -19.22 35.72
C ASP A 1757 -0.82 -17.81 36.28
N THR A 1758 -1.38 -16.90 35.48
CA THR A 1758 -1.53 -15.50 35.86
C THR A 1758 -2.80 -15.24 36.66
N SER A 1759 -3.36 -16.26 37.29
CA SER A 1759 -4.61 -16.15 38.02
C SER A 1759 -4.42 -15.76 39.48
N PHE A 1760 -3.17 -15.60 39.94
CA PHE A 1760 -2.97 -15.09 41.29
C PHE A 1760 -3.38 -13.64 41.40
N GLU A 1761 -3.48 -12.93 40.28
CA GLU A 1761 -3.92 -11.54 40.31
C GLU A 1761 -5.34 -11.43 40.86
N GLN A 1762 -6.24 -12.32 40.43
CA GLN A 1762 -7.62 -12.26 40.87
C GLN A 1762 -7.78 -12.75 42.30
N HIS A 1763 -7.01 -13.77 42.70
CA HIS A 1763 -7.07 -14.25 44.07
C HIS A 1763 -6.69 -13.15 45.06
N VAL A 1764 -5.54 -12.51 44.82
CA VAL A 1764 -5.06 -11.47 45.72
C VAL A 1764 -6.03 -10.30 45.75
N LEU A 1765 -6.48 -9.85 44.58
CA LEU A 1765 -7.35 -8.69 44.52
C LEU A 1765 -8.72 -8.98 45.13
N TRP A 1766 -9.21 -10.21 45.03
CA TRP A 1766 -10.49 -10.54 45.62
C TRP A 1766 -10.38 -10.64 47.14
N HIS A 1767 -9.34 -11.29 47.65
CA HIS A 1767 -9.23 -11.48 49.09
C HIS A 1767 -8.70 -10.24 49.81
N THR A 1768 -8.15 -9.28 49.09
CA THR A 1768 -7.67 -8.05 49.68
C THR A 1768 -8.70 -6.92 49.64
N GLY A 1769 -9.88 -7.17 49.10
CA GLY A 1769 -10.86 -6.13 48.92
C GLY A 1769 -10.59 -5.20 47.76
N GLY A 1770 -9.63 -5.55 46.90
CA GLY A 1770 -9.23 -4.68 45.80
C GLY A 1770 -8.15 -3.69 46.16
N LYS A 1771 -7.78 -3.59 47.43
CA LYS A 1771 -6.74 -2.64 47.83
C LYS A 1771 -5.39 -3.07 47.29
N GLY A 1772 -5.02 -4.34 47.49
CA GLY A 1772 -3.77 -4.87 47.00
C GLY A 1772 -2.88 -5.38 48.11
N VAL A 1773 -1.58 -5.47 47.85
CA VAL A 1773 -0.60 -5.93 48.81
C VAL A 1773 0.45 -4.85 48.99
N ASP A 1774 0.91 -4.68 50.23
CA ASP A 1774 1.87 -3.62 50.54
C ASP A 1774 3.29 -3.96 50.13
N LEU A 1775 3.55 -5.20 49.71
CA LEU A 1775 4.92 -5.62 49.40
C LEU A 1775 4.85 -6.86 48.53
N VAL A 1776 5.70 -6.92 47.51
CA VAL A 1776 5.71 -8.02 46.55
C VAL A 1776 7.14 -8.48 46.36
N LEU A 1777 7.39 -9.77 46.58
CA LEU A 1777 8.69 -10.40 46.32
C LEU A 1777 8.49 -11.29 45.09
N ASN A 1778 9.02 -10.83 43.95
CA ASN A 1778 8.72 -11.43 42.66
C ASN A 1778 9.97 -12.04 42.05
N SER A 1779 9.83 -13.26 41.54
CA SER A 1779 10.91 -13.92 40.81
C SER A 1779 10.37 -14.66 39.58
N LEU A 1780 9.31 -14.14 38.98
CA LEU A 1780 8.64 -14.79 37.87
C LEU A 1780 8.99 -14.11 36.55
N ALA A 1781 8.40 -14.62 35.47
CA ALA A 1781 8.75 -14.22 34.11
C ALA A 1781 8.01 -12.94 33.72
N GLU A 1782 8.07 -12.61 32.42
CA GLU A 1782 7.58 -11.33 31.93
C GLU A 1782 6.10 -11.12 32.25
N GLU A 1783 5.24 -12.00 31.72
CA GLU A 1783 3.81 -11.81 31.93
C GLU A 1783 3.45 -11.93 33.40
N LYS A 1784 4.07 -12.87 34.11
CA LYS A 1784 3.84 -12.97 35.55
C LYS A 1784 4.28 -11.69 36.26
N LEU A 1785 5.42 -11.14 35.87
CA LEU A 1785 5.89 -9.90 36.49
C LEU A 1785 4.91 -8.77 36.27
N GLN A 1786 4.40 -8.63 35.04
CA GLN A 1786 3.41 -7.60 34.77
C GLN A 1786 2.15 -7.82 35.59
N ALA A 1787 1.71 -9.08 35.71
CA ALA A 1787 0.53 -9.37 36.51
C ALA A 1787 0.76 -9.06 37.99
N SER A 1788 2.02 -9.13 38.43
CA SER A 1788 2.31 -8.84 39.84
C SER A 1788 2.28 -7.35 40.14
N VAL A 1789 2.67 -6.51 39.18
CA VAL A 1789 2.68 -5.07 39.40
C VAL A 1789 1.27 -4.53 39.60
N ARG A 1790 0.25 -5.27 39.17
CA ARG A 1790 -1.14 -4.87 39.33
C ARG A 1790 -1.72 -5.31 40.67
N CYS A 1791 -0.91 -5.94 41.53
CA CYS A 1791 -1.35 -6.33 42.86
C CYS A 1791 -0.91 -5.36 43.95
N LEU A 1792 -0.12 -4.35 43.61
CA LEU A 1792 0.39 -3.41 44.61
C LEU A 1792 -0.68 -2.40 44.99
N ALA A 1793 -0.74 -2.09 46.29
CA ALA A 1793 -1.63 -1.06 46.80
C ALA A 1793 -0.88 0.27 46.84
N THR A 1794 -1.57 1.31 47.31
CA THR A 1794 -0.92 2.61 47.46
C THR A 1794 0.21 2.49 48.48
N HIS A 1795 1.30 3.21 48.23
CA HIS A 1795 2.49 3.12 49.06
C HIS A 1795 3.10 1.71 49.01
N GLY A 1796 2.87 1.01 47.90
CA GLY A 1796 3.37 -0.34 47.76
C GLY A 1796 4.85 -0.38 47.48
N ARG A 1797 5.39 -1.60 47.49
CA ARG A 1797 6.81 -1.81 47.27
C ARG A 1797 7.00 -3.12 46.53
N PHE A 1798 7.62 -3.05 45.35
CA PHE A 1798 7.81 -4.20 44.49
C PHE A 1798 9.29 -4.61 44.54
N LEU A 1799 9.54 -5.77 45.14
CA LEU A 1799 10.89 -6.31 45.23
C LEU A 1799 11.11 -7.27 44.08
N GLU A 1800 12.14 -7.01 43.27
CA GLU A 1800 12.46 -7.83 42.11
C GLU A 1800 13.76 -8.57 42.37
N ILE A 1801 13.68 -9.90 42.44
CA ILE A 1801 14.85 -10.75 42.62
C ILE A 1801 15.14 -11.60 41.40
N GLY A 1802 14.32 -11.50 40.34
CA GLY A 1802 14.59 -12.20 39.11
C GLY A 1802 15.61 -11.49 38.25
N LYS A 1803 15.93 -12.10 37.11
CA LYS A 1803 16.93 -11.56 36.21
C LYS A 1803 16.55 -11.58 34.74
N PHE A 1804 15.54 -12.35 34.32
CA PHE A 1804 15.24 -12.46 32.89
C PHE A 1804 14.74 -11.14 32.34
N ASP A 1805 13.73 -10.54 32.98
CA ASP A 1805 13.17 -9.29 32.47
C ASP A 1805 14.18 -8.17 32.52
N LEU A 1806 14.96 -8.10 33.59
CA LEU A 1806 15.97 -7.05 33.71
C LEU A 1806 17.01 -7.18 32.60
N SER A 1807 17.52 -8.40 32.37
CA SER A 1807 18.53 -8.59 31.34
C SER A 1807 17.97 -8.27 29.96
N GLN A 1808 16.74 -8.71 29.68
CA GLN A 1808 16.15 -8.44 28.38
C GLN A 1808 15.67 -7.00 28.24
N ASN A 1809 15.55 -6.26 29.33
CA ASN A 1809 15.19 -4.85 29.30
C ASN A 1809 13.75 -4.66 28.81
N HIS A 1810 12.85 -5.51 29.28
CA HIS A 1810 11.44 -5.35 28.94
C HIS A 1810 10.90 -4.05 29.55
N PRO A 1811 9.94 -3.41 28.90
CA PRO A 1811 9.44 -2.12 29.40
C PRO A 1811 8.59 -2.28 30.64
N LEU A 1812 8.48 -1.19 31.40
CA LEU A 1812 7.66 -1.13 32.60
C LEU A 1812 6.87 0.17 32.58
N GLY A 1813 5.56 0.07 32.47
CA GLY A 1813 4.74 1.27 32.48
C GLY A 1813 4.93 2.04 33.78
N MET A 1814 5.08 3.37 33.65
CA MET A 1814 5.31 4.23 34.79
C MET A 1814 4.03 4.75 35.42
N ALA A 1815 2.86 4.34 34.91
CA ALA A 1815 1.61 4.77 35.51
C ALA A 1815 1.42 4.17 36.90
N ILE A 1816 2.07 3.03 37.16
CA ILE A 1816 1.98 2.43 38.48
C ILE A 1816 2.57 3.36 39.53
N PHE A 1817 3.52 4.21 39.14
CA PHE A 1817 4.16 5.12 40.07
C PHE A 1817 3.27 6.30 40.45
N LEU A 1818 2.17 6.53 39.73
CA LEU A 1818 1.28 7.62 40.12
C LEU A 1818 0.74 7.39 41.52
N LYS A 1819 0.33 6.16 41.80
CA LYS A 1819 0.19 5.72 43.19
C LYS A 1819 1.58 5.50 43.76
N ASN A 1820 1.82 6.03 44.96
CA ASN A 1820 3.16 5.94 45.53
C ASN A 1820 3.58 4.48 45.61
N VAL A 1821 4.57 4.11 44.81
CA VAL A 1821 5.13 2.76 44.84
C VAL A 1821 6.62 2.85 44.54
N THR A 1822 7.39 1.99 45.20
CA THR A 1822 8.82 1.94 45.02
C THR A 1822 9.20 0.63 44.34
N PHE A 1823 10.00 0.72 43.27
CA PHE A 1823 10.42 -0.45 42.51
C PHE A 1823 11.89 -0.71 42.80
N HIS A 1824 12.15 -1.75 43.61
CA HIS A 1824 13.51 -2.11 44.01
C HIS A 1824 14.04 -3.21 43.09
N GLY A 1825 15.30 -3.08 42.70
CA GLY A 1825 16.00 -4.17 42.05
C GLY A 1825 17.02 -4.75 43.01
N VAL A 1826 16.76 -5.94 43.53
CA VAL A 1826 17.53 -6.51 44.63
C VAL A 1826 18.55 -7.48 44.04
N LEU A 1827 19.83 -7.11 44.12
CA LEU A 1827 20.93 -7.98 43.76
C LEU A 1827 21.84 -8.13 44.97
N LEU A 1828 21.87 -9.33 45.56
CA LEU A 1828 22.69 -9.58 46.73
C LEU A 1828 24.17 -9.69 46.38
N ASP A 1829 24.51 -9.93 45.12
CA ASP A 1829 25.90 -10.10 44.72
C ASP A 1829 26.70 -8.81 44.85
N ALA A 1830 26.03 -7.65 44.95
CA ALA A 1830 26.76 -6.40 45.09
C ALA A 1830 27.59 -6.36 46.36
N PHE A 1831 27.21 -7.15 47.37
CA PHE A 1831 27.92 -7.08 48.65
C PHE A 1831 29.34 -7.63 48.52
N PHE A 1832 29.54 -8.71 47.77
CA PHE A 1832 30.87 -9.26 47.65
C PHE A 1832 31.79 -8.32 46.89
N ASN A 1833 31.25 -7.57 45.92
CA ASN A 1833 32.06 -6.64 45.16
C ASN A 1833 32.42 -5.40 45.97
N GLU A 1834 31.53 -4.93 46.83
CA GLU A 1834 31.79 -3.77 47.69
C GLU A 1834 30.67 -3.69 48.73
N SER A 1835 30.67 -2.62 49.51
CA SER A 1835 29.62 -2.35 50.50
C SER A 1835 29.63 -3.38 51.63
N SER A 1836 30.79 -3.56 52.27
CA SER A 1836 30.88 -4.43 53.43
C SER A 1836 30.14 -3.82 54.63
N ALA A 1837 30.28 -2.51 54.82
CA ALA A 1837 29.55 -1.85 55.90
C ALA A 1837 28.06 -2.09 55.78
N ASP A 1838 27.56 -2.07 54.55
CA ASP A 1838 26.16 -2.44 54.32
C ASP A 1838 25.93 -3.92 54.63
N TRP A 1839 26.90 -4.78 54.32
CA TRP A 1839 26.73 -6.21 54.57
C TRP A 1839 26.59 -6.52 56.04
N ARG A 1840 27.25 -5.75 56.91
CA ARG A 1840 27.18 -6.06 58.33
C ARG A 1840 25.75 -5.97 58.85
N GLU A 1841 24.92 -5.14 58.23
CA GLU A 1841 23.53 -5.04 58.65
C GLU A 1841 22.78 -6.35 58.40
N VAL A 1842 22.93 -6.91 57.20
CA VAL A 1842 22.29 -8.19 56.90
C VAL A 1842 22.88 -9.29 57.77
N TRP A 1843 24.18 -9.22 58.05
CA TRP A 1843 24.79 -10.21 58.92
C TRP A 1843 24.17 -10.18 60.30
N ALA A 1844 23.99 -8.97 60.85
CA ALA A 1844 23.37 -8.85 62.16
C ALA A 1844 21.93 -9.34 62.13
N LEU A 1845 21.20 -9.04 61.05
CA LEU A 1845 19.82 -9.51 60.97
C LEU A 1845 19.75 -11.03 60.96
N VAL A 1846 20.61 -11.67 60.18
CA VAL A 1846 20.60 -13.13 60.13
C VAL A 1846 21.01 -13.71 61.48
N GLN A 1847 22.01 -13.12 62.13
CA GLN A 1847 22.43 -13.62 63.44
C GLN A 1847 21.30 -13.49 64.46
N ALA A 1848 20.59 -12.36 64.44
CA ALA A 1848 19.46 -12.20 65.34
C ALA A 1848 18.37 -13.22 65.04
N GLY A 1849 18.11 -13.48 63.77
CA GLY A 1849 17.14 -14.50 63.43
C GLY A 1849 17.52 -15.87 63.96
N ILE A 1850 18.80 -16.22 63.84
CA ILE A 1850 19.27 -17.49 64.39
C ILE A 1850 19.11 -17.51 65.90
N ARG A 1851 19.46 -16.41 66.57
CA ARG A 1851 19.42 -16.34 68.02
C ARG A 1851 18.00 -16.23 68.58
N ASP A 1852 17.01 -15.94 67.74
CA ASP A 1852 15.62 -15.80 68.18
C ASP A 1852 14.70 -16.84 67.57
N GLY A 1853 15.24 -17.82 66.84
CA GLY A 1853 14.45 -18.92 66.34
C GLY A 1853 13.68 -18.66 65.07
N VAL A 1854 13.75 -17.45 64.52
CA VAL A 1854 13.06 -17.18 63.26
C VAL A 1854 13.68 -17.98 62.12
N VAL A 1855 15.01 -17.98 62.04
CA VAL A 1855 15.70 -18.70 60.97
C VAL A 1855 15.60 -20.20 61.27
N ARG A 1856 15.02 -20.94 60.32
CA ARG A 1856 14.78 -22.36 60.47
C ARG A 1856 15.36 -23.07 59.24
N PRO A 1857 16.21 -24.07 59.42
CA PRO A 1857 16.81 -24.73 58.24
C PRO A 1857 15.76 -25.43 57.40
N LEU A 1858 16.00 -25.44 56.09
CA LEU A 1858 15.09 -26.05 55.14
C LEU A 1858 15.35 -27.54 55.03
N LYS A 1859 14.38 -28.25 54.46
CA LYS A 1859 14.57 -29.66 54.16
C LYS A 1859 15.70 -29.83 53.15
N CYS A 1860 16.47 -30.91 53.29
CA CYS A 1860 17.63 -31.14 52.47
C CYS A 1860 17.58 -32.53 51.86
N THR A 1861 18.17 -32.66 50.68
CA THR A 1861 18.30 -33.94 49.98
C THR A 1861 19.79 -34.12 49.69
N VAL A 1862 20.47 -34.89 50.52
CA VAL A 1862 21.92 -35.00 50.44
C VAL A 1862 22.30 -35.94 49.31
N PHE A 1863 23.17 -35.47 48.43
CA PHE A 1863 23.80 -36.29 47.41
C PHE A 1863 25.30 -36.35 47.70
N HIS A 1864 25.87 -37.55 47.67
CA HIS A 1864 27.27 -37.70 47.99
C HIS A 1864 28.13 -36.95 46.97
N GLY A 1865 29.33 -36.57 47.40
CA GLY A 1865 30.21 -35.83 46.52
C GLY A 1865 30.54 -36.58 45.24
N ALA A 1866 30.68 -37.90 45.34
CA ALA A 1866 30.96 -38.71 44.16
C ALA A 1866 29.82 -38.72 43.15
N GLN A 1867 28.63 -38.25 43.54
CA GLN A 1867 27.47 -38.22 42.66
C GLN A 1867 26.96 -36.79 42.48
N VAL A 1868 27.88 -35.84 42.28
CA VAL A 1868 27.48 -34.45 42.09
C VAL A 1868 26.66 -34.30 40.82
N GLU A 1869 27.03 -35.05 39.77
CA GLU A 1869 26.23 -35.04 38.55
C GLU A 1869 24.78 -35.42 38.83
N ASP A 1870 24.58 -36.41 39.70
CA ASP A 1870 23.22 -36.82 40.05
C ASP A 1870 22.47 -35.68 40.71
N ALA A 1871 23.13 -34.95 41.62
CA ALA A 1871 22.47 -33.82 42.27
C ALA A 1871 22.10 -32.74 41.26
N PHE A 1872 23.00 -32.43 40.33
CA PHE A 1872 22.69 -31.42 39.32
C PHE A 1872 21.50 -31.85 38.47
N ARG A 1873 21.47 -33.12 38.05
CA ARG A 1873 20.34 -33.58 37.24
C ARG A 1873 19.05 -33.55 38.04
N TYR A 1874 19.09 -33.97 39.30
CA TYR A 1874 17.89 -33.97 40.13
C TYR A 1874 17.34 -32.57 40.30
N MET A 1875 18.20 -31.59 40.54
CA MET A 1875 17.71 -30.22 40.68
C MET A 1875 17.28 -29.64 39.34
N ALA A 1876 17.85 -30.13 38.24
CA ALA A 1876 17.38 -29.69 36.93
C ALA A 1876 16.00 -30.24 36.63
N GLN A 1877 15.65 -31.40 37.19
CA GLN A 1877 14.32 -31.96 36.96
C GLN A 1877 13.24 -30.97 37.36
N GLY A 1878 13.35 -30.40 38.56
CA GLY A 1878 12.44 -29.36 39.00
C GLY A 1878 11.44 -29.76 40.06
N LYS A 1879 11.60 -30.92 40.70
CA LYS A 1879 10.64 -31.40 41.69
C LYS A 1879 11.11 -31.20 43.12
N HIS A 1880 12.33 -30.69 43.33
CA HIS A 1880 12.87 -30.58 44.68
C HIS A 1880 12.11 -29.54 45.48
N ILE A 1881 11.83 -29.88 46.74
CA ILE A 1881 11.28 -28.96 47.72
C ILE A 1881 12.36 -28.71 48.77
N GLY A 1882 12.78 -27.46 48.90
CA GLY A 1882 13.86 -27.13 49.80
C GLY A 1882 15.16 -26.90 49.05
N LYS A 1883 16.26 -27.42 49.60
CA LYS A 1883 17.57 -27.30 48.97
C LYS A 1883 18.14 -28.68 48.69
N VAL A 1884 18.94 -28.75 47.62
CA VAL A 1884 19.66 -29.97 47.25
C VAL A 1884 21.11 -29.73 47.58
N VAL A 1885 21.64 -30.47 48.56
CA VAL A 1885 22.97 -30.25 49.08
C VAL A 1885 23.88 -31.39 48.64
N VAL A 1886 25.18 -31.19 48.81
CA VAL A 1886 26.19 -32.19 48.51
C VAL A 1886 26.99 -32.46 49.78
N GLN A 1887 27.13 -33.73 50.13
CA GLN A 1887 27.92 -34.13 51.30
C GLN A 1887 29.35 -34.38 50.83
N VAL A 1888 30.17 -33.33 50.90
CA VAL A 1888 31.58 -33.46 50.53
C VAL A 1888 32.42 -34.09 51.62
N LEU A 1889 31.88 -34.22 52.83
CA LEU A 1889 32.59 -34.87 53.93
C LEU A 1889 31.60 -35.12 55.05
N ALA A 1890 31.67 -36.31 55.64
CA ALA A 1890 30.74 -36.68 56.70
C ALA A 1890 31.12 -35.99 58.00
N GLU A 1891 30.10 -35.62 58.78
CA GLU A 1891 30.31 -34.93 60.03
C GLU A 1891 30.79 -35.89 61.12
N GLU A 1892 31.52 -35.32 62.11
CA GLU A 1892 31.95 -36.07 63.28
C GLU A 1892 31.14 -35.69 64.51
N PRO A 1893 30.90 -36.62 65.43
CA PRO A 1893 30.13 -36.26 66.64
C PRO A 1893 30.80 -35.21 67.50
N GLU A 1894 32.11 -35.05 67.41
CA GLU A 1894 32.81 -34.08 68.24
C GLU A 1894 32.33 -32.65 67.95
N ALA A 1895 32.26 -31.84 69.00
CA ALA A 1895 31.83 -30.46 68.83
C ALA A 1895 32.89 -29.62 68.15
N VAL A 1896 34.15 -29.80 68.53
CA VAL A 1896 35.28 -29.12 67.90
C VAL A 1896 36.37 -30.15 67.64
N LEU A 1897 36.83 -30.20 66.40
CA LEU A 1897 37.89 -31.13 65.99
C LEU A 1897 39.17 -30.34 65.75
N LYS A 1898 40.26 -30.76 66.40
CA LYS A 1898 41.51 -30.03 66.30
C LYS A 1898 42.01 -30.00 64.86
N GLY A 1899 41.93 -31.14 64.16
CA GLY A 1899 42.34 -31.20 62.77
C GLY A 1899 41.17 -31.39 61.83
N ALA A 1900 40.84 -30.35 61.06
CA ALA A 1900 39.73 -30.38 60.12
C ALA A 1900 40.22 -30.49 58.68
N LYS A 1901 41.40 -31.07 58.47
CA LYS A 1901 41.94 -31.19 57.13
C LYS A 1901 41.03 -32.08 56.28
N PRO A 1902 40.74 -31.68 55.04
CA PRO A 1902 39.94 -32.56 54.17
C PRO A 1902 40.63 -33.89 53.92
N LYS A 1903 39.83 -34.95 53.84
CA LYS A 1903 40.36 -36.25 53.44
C LYS A 1903 40.76 -36.21 51.96
N LEU A 1904 41.80 -36.95 51.64
CA LEU A 1904 42.32 -36.95 50.27
C LEU A 1904 41.27 -37.46 49.30
N MET A 1905 41.21 -36.82 48.13
CA MET A 1905 40.29 -37.20 47.07
C MET A 1905 41.04 -37.22 45.75
N SER A 1906 40.65 -38.14 44.87
CA SER A 1906 41.26 -38.27 43.56
C SER A 1906 40.50 -37.39 42.57
N ALA A 1907 41.22 -36.48 41.92
CA ALA A 1907 40.60 -35.52 41.01
C ALA A 1907 41.56 -35.19 39.88
N ILE A 1908 41.02 -34.59 38.82
CA ILE A 1908 41.85 -34.19 37.70
C ILE A 1908 42.95 -33.25 38.20
N SER A 1909 44.10 -33.29 37.53
CA SER A 1909 45.25 -32.48 37.90
C SER A 1909 45.34 -31.27 36.99
N LYS A 1910 45.39 -30.08 37.58
CA LYS A 1910 45.56 -28.83 36.87
C LYS A 1910 46.81 -28.13 37.37
N THR A 1911 47.40 -27.32 36.51
CA THR A 1911 48.69 -26.67 36.79
C THR A 1911 48.46 -25.31 37.42
N PHE A 1912 48.88 -25.15 38.67
CA PHE A 1912 48.85 -23.88 39.37
C PHE A 1912 50.24 -23.59 39.93
N CYS A 1913 50.53 -22.30 40.12
CA CYS A 1913 51.85 -21.89 40.53
C CYS A 1913 51.79 -21.12 41.85
N PRO A 1914 52.74 -21.32 42.76
CA PRO A 1914 52.73 -20.56 44.01
C PRO A 1914 52.92 -19.07 43.76
N ALA A 1915 52.39 -18.26 44.67
CA ALA A 1915 52.42 -16.81 44.48
C ALA A 1915 53.82 -16.26 44.69
N HIS A 1916 54.57 -16.80 45.63
CA HIS A 1916 55.85 -16.20 46.02
C HIS A 1916 56.99 -16.57 45.09
N LYS A 1917 56.81 -17.54 44.20
CA LYS A 1917 57.89 -17.94 43.32
C LYS A 1917 57.96 -17.04 42.09
N SER A 1918 59.11 -17.08 41.42
CA SER A 1918 59.35 -16.32 40.20
C SER A 1918 59.54 -17.27 39.03
N TYR A 1919 59.06 -16.86 37.86
CA TYR A 1919 59.14 -17.67 36.66
C TYR A 1919 59.80 -16.87 35.55
N ILE A 1920 60.69 -17.54 34.81
CA ILE A 1920 61.46 -16.93 33.74
C ILE A 1920 60.96 -17.49 32.42
N ILE A 1921 60.57 -16.60 31.51
CA ILE A 1921 60.18 -16.97 30.15
C ILE A 1921 61.22 -16.37 29.22
N ALA A 1922 62.26 -17.13 28.91
CA ALA A 1922 63.26 -16.66 27.96
C ALA A 1922 62.60 -16.47 26.60
N GLY A 1923 62.86 -15.32 26.00
CA GLY A 1923 62.13 -14.97 24.78
C GLY A 1923 60.65 -14.80 25.03
N GLY A 1924 60.29 -14.16 26.13
CA GLY A 1924 58.90 -14.07 26.53
C GLY A 1924 58.10 -12.98 25.85
N LEU A 1925 58.74 -12.12 25.07
CA LEU A 1925 58.04 -11.07 24.35
C LEU A 1925 57.66 -11.47 22.93
N GLY A 1926 57.93 -12.71 22.54
CA GLY A 1926 57.55 -13.20 21.23
C GLY A 1926 56.08 -13.53 21.16
N GLY A 1927 55.69 -14.11 20.03
CA GLY A 1927 54.28 -14.43 19.81
C GLY A 1927 53.76 -15.40 20.85
N PHE A 1928 54.48 -16.50 21.08
CA PHE A 1928 54.04 -17.50 22.04
C PHE A 1928 54.37 -17.10 23.47
N GLY A 1929 55.45 -16.33 23.66
CA GLY A 1929 55.85 -15.96 25.01
C GLY A 1929 54.80 -15.14 25.73
N LEU A 1930 54.22 -14.16 25.03
CA LEU A 1930 53.22 -13.32 25.66
C LEU A 1930 51.99 -14.12 26.05
N GLU A 1931 51.55 -15.03 25.18
CA GLU A 1931 50.37 -15.84 25.51
C GLU A 1931 50.68 -16.81 26.64
N LEU A 1932 51.88 -17.37 26.67
CA LEU A 1932 52.26 -18.24 27.78
C LEU A 1932 52.29 -17.48 29.09
N ALA A 1933 52.80 -16.25 29.06
CA ALA A 1933 52.81 -15.42 30.28
C ALA A 1933 51.39 -15.09 30.72
N GLN A 1934 50.52 -14.77 29.76
CA GLN A 1934 49.13 -14.50 30.10
C GLN A 1934 48.47 -15.72 30.73
N TRP A 1935 48.74 -16.91 30.18
CA TRP A 1935 48.22 -18.14 30.74
C TRP A 1935 48.75 -18.37 32.15
N LEU A 1936 50.04 -18.14 32.36
CA LEU A 1936 50.63 -18.36 33.67
C LEU A 1936 50.06 -17.42 34.71
N ILE A 1937 49.87 -16.14 34.34
CA ILE A 1937 49.32 -15.18 35.29
C ILE A 1937 47.93 -15.62 35.75
N GLN A 1938 47.17 -16.25 34.85
CA GLN A 1938 45.88 -16.79 35.24
C GLN A 1938 46.00 -17.94 36.22
N ARG A 1939 47.18 -18.57 36.30
CA ARG A 1939 47.46 -19.58 37.31
C ARG A 1939 48.14 -18.99 38.55
N GLY A 1940 48.30 -17.67 38.61
CA GLY A 1940 48.83 -17.03 39.80
C GLY A 1940 50.33 -17.09 39.96
N VAL A 1941 51.07 -16.46 39.06
CA VAL A 1941 52.53 -16.45 39.13
C VAL A 1941 52.98 -15.27 39.98
N GLN A 1942 52.63 -14.06 39.56
CA GLN A 1942 52.84 -12.79 40.25
C GLN A 1942 54.29 -12.30 40.18
N LYS A 1943 55.22 -13.08 39.62
CA LYS A 1943 56.60 -12.61 39.47
C LYS A 1943 57.16 -13.21 38.20
N LEU A 1944 57.49 -12.36 37.22
CA LEU A 1944 57.84 -12.78 35.88
C LEU A 1944 59.07 -12.03 35.40
N VAL A 1945 59.97 -12.74 34.71
CA VAL A 1945 61.12 -12.16 34.05
C VAL A 1945 61.06 -12.58 32.58
N LEU A 1946 60.82 -11.63 31.70
CA LEU A 1946 60.74 -11.87 30.27
C LEU A 1946 62.01 -11.37 29.61
N THR A 1947 62.70 -12.27 28.90
CA THR A 1947 64.00 -11.96 28.30
C THR A 1947 63.85 -11.74 26.81
N SER A 1948 64.42 -10.64 26.31
CA SER A 1948 64.43 -10.36 24.89
C SER A 1948 65.60 -9.42 24.60
N ARG A 1949 66.28 -9.67 23.49
CA ARG A 1949 67.48 -8.89 23.18
C ARG A 1949 67.16 -7.42 22.99
N SER A 1950 66.19 -7.12 22.12
CA SER A 1950 65.89 -5.73 21.82
C SER A 1950 65.11 -5.05 22.93
N GLY A 1951 64.14 -5.73 23.51
CA GLY A 1951 63.32 -5.17 24.56
C GLY A 1951 61.88 -4.95 24.12
N ILE A 1952 61.21 -4.06 24.84
CA ILE A 1952 59.83 -3.69 24.54
C ILE A 1952 59.89 -2.78 23.31
N ARG A 1953 59.60 -3.33 22.14
CA ARG A 1953 59.77 -2.64 20.87
C ARG A 1953 58.47 -2.45 20.10
N THR A 1954 57.37 -3.04 20.54
CA THR A 1954 56.11 -3.00 19.81
C THR A 1954 54.99 -2.58 20.77
N GLY A 1955 53.95 -1.97 20.20
CA GLY A 1955 52.85 -1.49 21.02
C GLY A 1955 52.13 -2.59 21.77
N TYR A 1956 51.93 -3.73 21.12
CA TYR A 1956 51.23 -4.85 21.75
C TYR A 1956 51.96 -5.33 22.99
N GLN A 1957 53.29 -5.43 22.90
CA GLN A 1957 54.08 -5.87 24.06
C GLN A 1957 53.91 -4.90 25.22
N ALA A 1958 53.99 -3.60 24.96
CA ALA A 1958 53.82 -2.61 26.02
C ALA A 1958 52.42 -2.69 26.60
N LYS A 1959 51.42 -2.85 25.75
CA LYS A 1959 50.04 -2.97 26.23
C LYS A 1959 49.91 -4.14 27.20
N GLN A 1960 50.39 -5.31 26.80
CA GLN A 1960 50.27 -6.49 27.66
C GLN A 1960 51.06 -6.32 28.96
N VAL A 1961 52.28 -5.77 28.87
CA VAL A 1961 53.10 -5.62 30.07
C VAL A 1961 52.45 -4.66 31.04
N ARG A 1962 51.93 -3.54 30.53
CA ARG A 1962 51.26 -2.58 31.40
C ARG A 1962 50.02 -3.19 32.03
N ARG A 1963 49.24 -3.94 31.24
CA ARG A 1963 48.08 -4.61 31.79
C ARG A 1963 48.46 -5.54 32.93
N TRP A 1964 49.52 -6.34 32.73
CA TRP A 1964 49.96 -7.25 33.79
C TRP A 1964 50.42 -6.48 35.02
N ARG A 1965 51.16 -5.39 34.82
CA ARG A 1965 51.67 -4.63 35.96
C ARG A 1965 50.53 -4.03 36.77
N ARG A 1966 49.50 -3.50 36.10
CA ARG A 1966 48.39 -2.91 36.83
C ARG A 1966 47.66 -3.93 37.69
N GLN A 1967 47.68 -5.20 37.28
CA GLN A 1967 46.99 -6.26 38.02
C GLN A 1967 47.74 -6.68 39.27
N GLY A 1968 48.89 -6.07 39.56
CA GLY A 1968 49.70 -6.47 40.69
C GLY A 1968 50.80 -7.47 40.37
N VAL A 1969 51.06 -7.72 39.09
CA VAL A 1969 52.06 -8.68 38.66
C VAL A 1969 53.37 -7.94 38.43
N GLN A 1970 54.43 -8.37 39.14
CA GLN A 1970 55.73 -7.71 39.05
C GLN A 1970 56.46 -8.25 37.83
N VAL A 1971 56.14 -7.68 36.68
CA VAL A 1971 56.76 -8.05 35.41
C VAL A 1971 58.11 -7.35 35.31
N GLN A 1972 59.02 -7.95 34.52
CA GLN A 1972 60.35 -7.39 34.35
C GLN A 1972 60.90 -7.80 33.00
N VAL A 1973 61.75 -6.95 32.43
CA VAL A 1973 62.43 -7.21 31.17
C VAL A 1973 63.93 -7.15 31.43
N SER A 1974 64.67 -8.13 30.91
CA SER A 1974 66.05 -8.36 31.31
C SER A 1974 67.07 -7.98 30.26
N THR A 1975 66.92 -8.48 29.03
CA THR A 1975 67.92 -8.29 27.98
C THR A 1975 69.23 -9.01 28.33
N SER A 1976 69.13 -10.12 29.07
CA SER A 1976 70.28 -10.92 29.45
C SER A 1976 70.32 -12.15 28.55
N ASN A 1977 71.26 -12.19 27.62
CA ASN A 1977 71.32 -13.28 26.66
C ASN A 1977 71.73 -14.57 27.37
N ILE A 1978 70.96 -15.64 27.14
CA ILE A 1978 71.21 -16.91 27.81
C ILE A 1978 72.26 -17.75 27.11
N SER A 1979 72.71 -17.35 25.92
CA SER A 1979 73.77 -18.09 25.25
C SER A 1979 75.06 -18.04 26.05
N SER A 1980 75.35 -16.90 26.64
CA SER A 1980 76.55 -16.74 27.47
C SER A 1980 76.24 -17.18 28.89
N LEU A 1981 77.09 -18.04 29.44
CA LEU A 1981 76.87 -18.56 30.78
C LEU A 1981 76.75 -17.43 31.79
N GLU A 1982 77.56 -16.38 31.62
CA GLU A 1982 77.45 -15.22 32.50
C GLU A 1982 76.09 -14.57 32.38
N GLY A 1983 75.57 -14.46 31.16
CA GLY A 1983 74.24 -13.92 30.97
C GLY A 1983 73.17 -14.74 31.66
N ALA A 1984 73.27 -16.07 31.55
CA ALA A 1984 72.30 -16.93 32.21
C ALA A 1984 72.37 -16.78 33.72
N ARG A 1985 73.58 -16.73 34.28
CA ARG A 1985 73.72 -16.55 35.72
C ARG A 1985 73.15 -15.21 36.17
N GLY A 1986 73.42 -14.15 35.42
CA GLY A 1986 72.85 -12.86 35.76
C GLY A 1986 71.34 -12.85 35.67
N LEU A 1987 70.79 -13.55 34.67
CA LEU A 1987 69.34 -13.64 34.53
C LEU A 1987 68.73 -14.37 35.73
N ILE A 1988 69.34 -15.47 36.15
CA ILE A 1988 68.82 -16.20 37.30
C ILE A 1988 68.93 -15.37 38.56
N ALA A 1989 70.05 -14.67 38.74
CA ALA A 1989 70.21 -13.83 39.91
C ALA A 1989 69.18 -12.71 39.94
N GLU A 1990 68.91 -12.10 38.77
CA GLU A 1990 67.90 -11.05 38.70
C GLU A 1990 66.53 -11.60 39.08
N ALA A 1991 66.20 -12.80 38.61
CA ALA A 1991 64.93 -13.42 38.97
C ALA A 1991 64.89 -13.77 40.45
N ALA A 1992 66.03 -14.15 41.03
CA ALA A 1992 66.04 -14.55 42.43
C ALA A 1992 65.63 -13.41 43.35
N GLN A 1993 65.91 -12.17 42.97
CA GLN A 1993 65.60 -11.03 43.84
C GLN A 1993 64.10 -10.92 44.07
N LEU A 1994 63.29 -11.12 43.02
CA LEU A 1994 61.85 -11.09 43.19
C LEU A 1994 61.40 -12.23 44.10
N GLY A 1995 62.01 -13.40 43.96
CA GLY A 1995 61.68 -14.54 44.78
C GLY A 1995 62.40 -15.77 44.29
N PRO A 1996 62.26 -16.90 45.00
CA PRO A 1996 62.92 -18.13 44.55
C PRO A 1996 62.46 -18.53 43.17
N VAL A 1997 63.40 -19.02 42.36
CA VAL A 1997 63.09 -19.38 40.98
C VAL A 1997 62.18 -20.59 40.97
N GLY A 1998 61.05 -20.48 40.28
CA GLY A 1998 60.08 -21.55 40.21
C GLY A 1998 60.24 -22.41 38.96
N GLY A 1999 60.33 -21.76 37.80
CA GLY A 1999 60.47 -22.50 36.56
C GLY A 1999 60.98 -21.60 35.45
N VAL A 2000 61.66 -22.21 34.49
CA VAL A 2000 62.24 -21.51 33.35
C VAL A 2000 61.65 -22.09 32.08
N PHE A 2001 61.12 -21.23 31.22
CA PHE A 2001 60.59 -21.61 29.92
C PHE A 2001 61.47 -21.00 28.84
N ASN A 2002 61.94 -21.83 27.91
CA ASN A 2002 62.85 -21.40 26.86
C ASN A 2002 62.08 -21.34 25.54
N LEU A 2003 61.81 -20.11 25.07
CA LEU A 2003 61.09 -19.90 23.82
C LEU A 2003 61.85 -18.94 22.90
N ALA A 2004 63.16 -18.85 23.05
CA ALA A 2004 63.97 -17.94 22.25
C ALA A 2004 64.39 -18.65 20.96
N VAL A 2005 63.92 -18.13 19.83
CA VAL A 2005 64.16 -18.74 18.53
C VAL A 2005 64.68 -17.68 17.57
N VAL A 2006 65.84 -17.96 16.96
CA VAL A 2006 66.33 -17.21 15.81
C VAL A 2006 66.53 -18.23 14.70
N LEU A 2007 65.86 -18.00 13.57
CA LEU A 2007 65.79 -18.99 12.49
C LEU A 2007 66.37 -18.41 11.22
N ARG A 2008 67.19 -19.20 10.53
CA ARG A 2008 67.81 -18.84 9.26
C ARG A 2008 67.55 -19.98 8.29
N ASP A 2009 66.40 -19.94 7.61
CA ASP A 2009 66.01 -21.03 6.73
C ASP A 2009 66.87 -21.05 5.48
N GLY A 2010 66.98 -22.24 4.87
CA GLY A 2010 67.77 -22.41 3.67
C GLY A 2010 68.26 -23.83 3.49
N LEU A 2011 68.29 -24.30 2.25
CA LEU A 2011 68.76 -25.64 1.97
C LEU A 2011 70.25 -25.75 2.28
N LEU A 2012 70.73 -27.00 2.37
CA LEU A 2012 72.12 -27.23 2.78
C LEU A 2012 73.09 -26.48 1.90
N GLU A 2013 72.80 -26.38 0.60
CA GLU A 2013 73.70 -25.70 -0.31
C GLU A 2013 73.91 -24.25 0.10
N ASN A 2014 72.85 -23.55 0.50
CA ASN A 2014 72.99 -22.17 0.95
C ASN A 2014 73.58 -22.08 2.36
N GLN A 2015 73.22 -23.02 3.23
CA GLN A 2015 73.63 -22.92 4.64
C GLN A 2015 75.12 -22.75 4.77
N THR A 2016 75.53 -22.08 5.84
CA THR A 2016 76.92 -21.84 6.17
C THR A 2016 77.08 -22.00 7.68
N PRO A 2017 78.28 -22.33 8.16
CA PRO A 2017 78.46 -22.55 9.60
C PRO A 2017 78.02 -21.37 10.46
N GLU A 2018 78.16 -20.14 9.96
CA GLU A 2018 77.73 -18.99 10.74
C GLU A 2018 76.24 -19.04 11.01
N PHE A 2019 75.44 -19.43 10.01
CA PHE A 2019 74.00 -19.55 10.21
C PHE A 2019 73.69 -20.62 11.24
N PHE A 2020 74.40 -21.74 11.20
CA PHE A 2020 74.19 -22.79 12.18
C PHE A 2020 74.48 -22.29 13.58
N GLN A 2021 75.61 -21.59 13.75
CA GLN A 2021 75.94 -21.03 15.06
C GLN A 2021 74.89 -20.05 15.54
N ASP A 2022 74.42 -19.18 14.64
CA ASP A 2022 73.39 -18.23 15.03
C ASP A 2022 72.12 -18.93 15.48
N VAL A 2023 71.70 -19.96 14.73
CA VAL A 2023 70.44 -20.62 15.05
C VAL A 2023 70.56 -21.41 16.35
N CYS A 2024 71.71 -22.03 16.60
CA CYS A 2024 71.88 -22.87 17.77
C CYS A 2024 72.37 -22.11 18.99
N LYS A 2025 72.68 -20.82 18.86
CA LYS A 2025 73.10 -20.04 20.02
C LYS A 2025 72.02 -19.94 21.08
N PRO A 2026 70.77 -19.60 20.78
CA PRO A 2026 69.77 -19.44 21.84
C PRO A 2026 69.17 -20.75 22.35
N LYS A 2027 68.98 -21.73 21.46
CA LYS A 2027 68.25 -22.93 21.84
C LYS A 2027 69.15 -24.02 22.41
N TYR A 2028 70.28 -24.31 21.76
CA TYR A 2028 71.16 -25.36 22.26
C TYR A 2028 72.03 -24.85 23.39
N SER A 2029 72.87 -23.84 23.12
CA SER A 2029 73.73 -23.30 24.16
C SER A 2029 72.91 -22.68 25.29
N GLY A 2030 71.81 -22.01 24.94
CA GLY A 2030 70.96 -21.41 25.96
C GLY A 2030 70.42 -22.45 26.91
N THR A 2031 69.91 -23.55 26.37
CA THR A 2031 69.40 -24.64 27.22
C THR A 2031 70.51 -25.23 28.07
N LEU A 2032 71.70 -25.42 27.50
CA LEU A 2032 72.83 -25.94 28.27
C LEU A 2032 73.14 -25.03 29.46
N ASN A 2033 73.26 -23.73 29.22
CA ASN A 2033 73.62 -22.81 30.29
C ASN A 2033 72.51 -22.71 31.32
N LEU A 2034 71.24 -22.69 30.88
CA LEU A 2034 70.14 -22.67 31.81
C LEU A 2034 70.14 -23.92 32.70
N ASP A 2035 70.38 -25.09 32.09
CA ASP A 2035 70.44 -26.32 32.86
C ASP A 2035 71.55 -26.26 33.89
N ARG A 2036 72.74 -25.80 33.48
CA ARG A 2036 73.86 -25.71 34.40
C ARG A 2036 73.52 -24.79 35.58
N VAL A 2037 73.05 -23.58 35.28
CA VAL A 2037 72.79 -22.62 36.35
C VAL A 2037 71.67 -23.12 37.26
N THR A 2038 70.63 -23.73 36.69
CA THR A 2038 69.54 -24.23 37.51
C THR A 2038 69.98 -25.37 38.41
N ARG A 2039 70.77 -26.31 37.88
CA ARG A 2039 71.33 -27.35 38.73
C ARG A 2039 72.23 -26.75 39.80
N GLU A 2040 72.81 -25.59 39.53
CA GLU A 2040 73.68 -24.95 40.52
C GLU A 2040 72.89 -24.32 41.65
N ALA A 2041 72.06 -23.33 41.35
CA ALA A 2041 71.48 -22.47 42.37
C ALA A 2041 69.98 -22.23 42.13
N CYS A 2042 69.24 -23.29 41.80
CA CYS A 2042 67.78 -23.23 41.71
C CYS A 2042 67.19 -24.45 42.41
N PRO A 2043 67.28 -24.49 43.74
CA PRO A 2043 66.83 -25.70 44.47
C PRO A 2043 65.36 -26.00 44.33
N GLU A 2044 64.49 -24.99 44.26
CA GLU A 2044 63.06 -25.19 44.27
C GLU A 2044 62.44 -25.25 42.88
N LEU A 2045 63.26 -25.28 41.83
CA LEU A 2045 62.72 -25.33 40.48
C LEU A 2045 61.84 -26.55 40.30
N ASP A 2046 60.68 -26.34 39.66
CA ASP A 2046 59.74 -27.42 39.39
C ASP A 2046 59.25 -27.45 37.95
N TYR A 2047 59.61 -26.46 37.12
CA TYR A 2047 59.22 -26.44 35.72
C TYR A 2047 60.43 -26.05 34.88
N PHE A 2048 60.82 -26.94 33.96
CA PHE A 2048 61.90 -26.68 33.01
C PHE A 2048 61.36 -27.11 31.65
N VAL A 2049 60.70 -26.19 30.97
CA VAL A 2049 60.08 -26.47 29.67
C VAL A 2049 60.97 -25.93 28.57
N VAL A 2050 60.86 -26.55 27.40
CA VAL A 2050 61.62 -26.13 26.23
C VAL A 2050 60.78 -26.42 25.00
N PHE A 2051 60.49 -25.39 24.20
CA PHE A 2051 59.57 -25.51 23.07
C PHE A 2051 60.35 -25.92 21.84
N SER A 2052 60.29 -27.22 21.52
CA SER A 2052 60.85 -27.75 20.29
C SER A 2052 59.87 -27.52 19.15
N SER A 2053 60.13 -28.14 18.00
CA SER A 2053 59.28 -27.99 16.83
C SER A 2053 59.10 -29.33 16.15
N VAL A 2054 57.99 -29.47 15.41
CA VAL A 2054 57.73 -30.72 14.70
C VAL A 2054 58.74 -30.93 13.59
N SER A 2055 59.38 -29.86 13.10
CA SER A 2055 60.44 -30.02 12.11
C SER A 2055 61.48 -31.02 12.59
N CYS A 2056 61.80 -30.98 13.88
CA CYS A 2056 62.61 -32.04 14.47
C CYS A 2056 61.79 -33.31 14.59
N GLY A 2057 62.46 -34.44 14.40
CA GLY A 2057 61.78 -35.72 14.48
C GLY A 2057 60.96 -36.03 13.24
N ARG A 2058 59.91 -35.23 13.02
CA ARG A 2058 59.06 -35.46 11.85
C ARG A 2058 59.80 -35.10 10.56
N GLY A 2059 60.49 -33.97 10.55
CA GLY A 2059 61.30 -33.58 9.41
C GLY A 2059 60.66 -32.45 8.61
N ASN A 2060 61.52 -31.65 7.98
CA ASN A 2060 61.07 -30.56 7.12
C ASN A 2060 62.25 -30.11 6.27
N ALA A 2061 61.97 -29.78 5.01
CA ALA A 2061 63.02 -29.37 4.09
C ALA A 2061 63.43 -27.92 4.35
N GLY A 2062 64.74 -27.67 4.27
CA GLY A 2062 65.25 -26.32 4.39
C GLY A 2062 65.36 -25.79 5.80
N GLN A 2063 65.27 -26.65 6.81
CA GLN A 2063 65.39 -26.24 8.21
C GLN A 2063 66.25 -27.21 8.98
N SER A 2064 67.40 -27.60 8.40
CA SER A 2064 68.27 -28.58 9.06
C SER A 2064 68.79 -28.03 10.39
N ASN A 2065 69.24 -26.77 10.40
CA ASN A 2065 69.80 -26.20 11.62
C ASN A 2065 68.75 -26.11 12.72
N TYR A 2066 67.53 -25.74 12.36
CA TYR A 2066 66.45 -25.65 13.34
C TYR A 2066 66.19 -27.00 13.98
N GLY A 2067 66.10 -28.05 13.16
CA GLY A 2067 65.94 -29.39 13.69
C GLY A 2067 67.10 -29.80 14.57
N PHE A 2068 68.32 -29.45 14.19
CA PHE A 2068 69.48 -29.79 15.01
C PHE A 2068 69.38 -29.15 16.39
N ALA A 2069 69.05 -27.86 16.43
CA ALA A 2069 68.95 -27.17 17.71
C ALA A 2069 67.84 -27.78 18.57
N ASN A 2070 66.68 -28.04 17.97
CA ASN A 2070 65.59 -28.63 18.74
C ASN A 2070 65.97 -30.00 19.27
N SER A 2071 66.63 -30.82 18.44
CA SER A 2071 67.04 -32.14 18.90
C SER A 2071 68.02 -32.05 20.05
N ALA A 2072 68.95 -31.09 19.99
CA ALA A 2072 69.89 -30.93 21.10
C ALA A 2072 69.14 -30.56 22.38
N MET A 2073 68.16 -29.66 22.28
CA MET A 2073 67.35 -29.33 23.44
C MET A 2073 66.67 -30.57 23.99
N GLU A 2074 66.14 -31.41 23.11
CA GLU A 2074 65.45 -32.63 23.56
C GLU A 2074 66.42 -33.56 24.29
N ARG A 2075 67.63 -33.71 23.76
CA ARG A 2075 68.62 -34.55 24.43
C ARG A 2075 68.91 -34.02 25.82
N ILE A 2076 69.08 -32.71 25.95
CA ILE A 2076 69.35 -32.12 27.27
C ILE A 2076 68.21 -32.40 28.22
N CYS A 2077 66.97 -32.20 27.75
CA CYS A 2077 65.82 -32.40 28.63
C CYS A 2077 65.71 -33.86 29.06
N GLU A 2078 65.97 -34.79 28.13
CA GLU A 2078 65.95 -36.21 28.50
C GLU A 2078 67.01 -36.50 29.55
N LYS A 2079 68.21 -35.92 29.40
CA LYS A 2079 69.25 -36.12 30.41
C LYS A 2079 68.79 -35.61 31.77
N ARG A 2080 68.15 -34.44 31.80
CA ARG A 2080 67.71 -33.88 33.07
C ARG A 2080 66.74 -34.81 33.79
N ARG A 2081 65.73 -35.31 33.08
CA ARG A 2081 64.68 -36.09 33.73
C ARG A 2081 65.22 -37.39 34.32
N HIS A 2082 66.23 -37.97 33.69
CA HIS A 2082 66.80 -39.23 34.18
C HIS A 2082 67.43 -39.07 35.56
N GLU A 2083 67.85 -37.85 35.92
CA GLU A 2083 68.48 -37.59 37.20
C GLU A 2083 67.51 -37.06 38.25
N GLY A 2084 66.21 -37.17 38.00
CA GLY A 2084 65.20 -36.77 38.96
C GLY A 2084 64.75 -35.32 38.84
N LEU A 2085 65.51 -34.48 38.15
CA LEU A 2085 65.11 -33.10 38.00
C LEU A 2085 63.95 -32.98 37.01
N PRO A 2086 63.16 -31.91 37.11
CA PRO A 2086 62.10 -31.70 36.12
C PRO A 2086 62.67 -31.37 34.75
N GLY A 2087 61.88 -31.71 33.73
CA GLY A 2087 62.30 -31.49 32.36
C GLY A 2087 61.21 -31.85 31.36
N LEU A 2088 61.12 -31.08 30.28
CA LEU A 2088 60.08 -31.30 29.29
C LEU A 2088 60.54 -30.71 27.96
N ALA A 2089 59.95 -31.20 26.89
CA ALA A 2089 60.22 -30.68 25.55
C ALA A 2089 59.01 -30.97 24.68
N VAL A 2090 58.25 -29.94 24.35
CA VAL A 2090 57.02 -30.07 23.58
C VAL A 2090 57.31 -29.74 22.12
N GLN A 2091 56.83 -30.59 21.22
CA GLN A 2091 56.99 -30.39 19.78
C GLN A 2091 55.66 -29.92 19.20
N TRP A 2092 55.64 -28.71 18.67
CA TRP A 2092 54.45 -28.13 18.10
C TRP A 2092 54.51 -28.17 16.57
N GLY A 2093 53.34 -28.36 15.96
CA GLY A 2093 53.25 -28.35 14.52
C GLY A 2093 53.33 -26.95 13.95
N ALA A 2094 52.36 -26.10 14.29
CA ALA A 2094 52.37 -24.72 13.85
C ALA A 2094 51.33 -23.92 14.63
N ILE A 2095 51.73 -22.78 15.16
CA ILE A 2095 50.84 -21.94 15.96
C ILE A 2095 50.18 -20.93 15.04
N GLY A 2096 48.86 -20.81 15.14
CA GLY A 2096 48.10 -20.03 14.18
C GLY A 2096 47.83 -18.58 14.55
N ASP A 2097 47.27 -18.36 15.74
CA ASP A 2097 46.79 -17.02 16.07
C ASP A 2097 47.93 -16.02 16.11
N VAL A 2098 49.07 -16.39 16.68
CA VAL A 2098 50.18 -15.47 16.86
C VAL A 2098 51.34 -15.91 15.98
N SER A 2113 54.24 -28.19 7.31
CA SER A 2113 54.61 -29.52 6.84
C SER A 2113 53.38 -30.43 6.75
N GLY A 2114 52.37 -29.99 6.03
CA GLY A 2114 51.16 -30.76 5.86
C GLY A 2114 50.21 -30.72 7.04
N THR A 2115 50.46 -29.88 8.04
CA THR A 2115 49.64 -29.78 9.22
C THR A 2115 49.14 -28.35 9.38
N LEU A 2116 47.85 -28.21 9.70
CA LEU A 2116 47.27 -26.88 9.82
C LEU A 2116 47.75 -26.18 11.08
N PRO A 2117 47.79 -24.85 11.08
CA PRO A 2117 48.13 -24.12 12.31
C PRO A 2117 47.12 -24.34 13.40
N GLN A 2118 47.61 -24.35 14.64
CA GLN A 2118 46.80 -24.65 15.81
C GLN A 2118 46.45 -23.37 16.57
N ARG A 2119 45.19 -23.26 16.97
CA ARG A 2119 44.74 -22.09 17.71
C ARG A 2119 45.40 -22.04 19.08
N MET A 2120 45.54 -20.83 19.61
CA MET A 2120 46.28 -20.65 20.87
C MET A 2120 45.60 -21.36 22.03
N ALA A 2121 44.27 -21.30 22.10
CA ALA A 2121 43.57 -21.91 23.23
C ALA A 2121 43.83 -23.40 23.29
N SER A 2122 43.74 -24.07 22.14
CA SER A 2122 44.06 -25.50 22.10
C SER A 2122 45.50 -25.74 22.53
N CYS A 2123 46.41 -24.87 22.10
CA CYS A 2123 47.80 -25.02 22.49
C CYS A 2123 47.97 -24.93 24.00
N LEU A 2124 47.23 -24.03 24.65
CA LEU A 2124 47.34 -23.88 26.09
C LEU A 2124 46.75 -25.08 26.82
N GLU A 2125 45.60 -25.57 26.36
CA GLU A 2125 45.04 -26.78 26.95
C GLU A 2125 46.03 -27.93 26.84
N VAL A 2126 46.62 -28.10 25.66
CA VAL A 2126 47.57 -29.19 25.44
C VAL A 2126 48.81 -29.00 26.29
N LEU A 2127 49.23 -27.74 26.48
CA LEU A 2127 50.39 -27.48 27.33
C LEU A 2127 50.12 -27.89 28.76
N ASP A 2128 48.92 -27.58 29.26
CA ASP A 2128 48.55 -28.02 30.60
C ASP A 2128 48.61 -29.55 30.69
N LEU A 2129 47.96 -30.23 29.74
CA LEU A 2129 47.95 -31.69 29.77
C LEU A 2129 49.37 -32.24 29.79
N PHE A 2130 50.23 -31.73 28.90
CA PHE A 2130 51.60 -32.23 28.84
C PHE A 2130 52.35 -31.94 30.14
N LEU A 2131 52.15 -30.75 30.72
CA LEU A 2131 52.83 -30.43 31.96
C LEU A 2131 52.42 -31.37 33.08
N ASN A 2132 51.22 -31.91 33.01
CA ASN A 2132 50.76 -32.84 34.06
C ASN A 2132 51.12 -34.30 33.78
N GLN A 2133 51.85 -34.59 32.70
CA GLN A 2133 52.19 -35.95 32.36
C GLN A 2133 53.63 -36.27 32.70
N PRO A 2134 53.97 -37.56 32.85
CA PRO A 2134 55.30 -37.94 33.35
C PRO A 2134 56.36 -38.20 32.30
N HIS A 2135 56.12 -37.88 31.03
CA HIS A 2135 57.07 -38.22 29.97
C HIS A 2135 58.03 -37.07 29.70
N MET A 2136 59.09 -37.40 28.97
CA MET A 2136 60.20 -36.47 28.76
C MET A 2136 60.01 -35.57 27.54
N VAL A 2137 59.47 -36.12 26.45
CA VAL A 2137 59.25 -35.35 25.23
C VAL A 2137 57.86 -35.68 24.71
N LEU A 2138 57.12 -34.64 24.31
CA LEU A 2138 55.75 -34.78 23.85
C LEU A 2138 55.55 -33.91 22.62
N SER A 2139 54.50 -34.21 21.86
CA SER A 2139 54.23 -33.52 20.61
C SER A 2139 52.76 -33.20 20.49
N SER A 2140 52.44 -32.29 19.57
CA SER A 2140 51.07 -31.88 19.35
C SER A 2140 50.98 -31.20 17.99
N PHE A 2141 50.07 -31.68 17.14
CA PHE A 2141 49.88 -31.11 15.81
C PHE A 2141 48.49 -31.48 15.31
N VAL A 2142 48.04 -30.78 14.28
CA VAL A 2142 46.72 -30.95 13.71
C VAL A 2142 46.89 -31.37 12.25
N LEU A 2143 46.32 -32.53 11.89
CA LEU A 2143 46.41 -33.02 10.52
C LEU A 2143 45.61 -32.14 9.57
N ALA A 2144 46.03 -32.13 8.31
CA ALA A 2144 45.34 -31.39 7.27
C ALA A 2144 43.96 -31.97 7.01
N PRO B 33 -13.05 -3.47 -60.23
CA PRO B 33 -12.15 -3.91 -59.17
C PRO B 33 -10.80 -4.37 -59.67
N GLU B 34 -9.83 -4.44 -58.77
CA GLU B 34 -8.48 -4.85 -59.09
C GLU B 34 -8.10 -6.06 -58.25
N GLU B 35 -7.28 -6.94 -58.84
CA GLU B 35 -6.86 -8.15 -58.16
C GLU B 35 -5.99 -7.82 -56.95
N VAL B 36 -6.12 -8.63 -55.90
CA VAL B 36 -5.31 -8.52 -54.70
C VAL B 36 -4.53 -9.81 -54.53
N VAL B 37 -3.22 -9.69 -54.30
CA VAL B 37 -2.32 -10.84 -54.25
C VAL B 37 -1.46 -10.74 -52.99
N ILE B 38 -1.24 -11.87 -52.34
CA ILE B 38 -0.36 -11.94 -51.18
C ILE B 38 1.07 -12.11 -51.70
N ALA B 39 1.87 -11.05 -51.57
CA ALA B 39 3.20 -11.03 -52.16
C ALA B 39 4.27 -11.49 -51.17
N GLY B 40 4.36 -10.84 -50.02
CA GLY B 40 5.36 -11.14 -49.02
C GLY B 40 4.77 -11.97 -47.88
N MET B 41 5.67 -12.40 -47.00
CA MET B 41 5.29 -13.20 -45.86
C MET B 41 6.50 -13.35 -44.95
N SER B 42 6.25 -13.31 -43.64
CA SER B 42 7.32 -13.46 -42.66
C SER B 42 6.68 -13.48 -41.28
N GLY B 43 7.37 -14.08 -40.33
CA GLY B 43 6.86 -14.14 -38.98
C GLY B 43 7.80 -14.93 -38.09
N LYS B 44 7.57 -14.76 -36.78
CA LYS B 44 8.33 -15.48 -35.75
C LYS B 44 7.32 -16.23 -34.88
N LEU B 45 7.26 -17.55 -35.06
CA LEU B 45 6.27 -18.36 -34.37
C LEU B 45 6.95 -19.24 -33.32
N PRO B 46 6.19 -19.97 -32.51
CA PRO B 46 6.81 -20.75 -31.43
C PRO B 46 7.84 -21.73 -31.95
N GLU B 47 8.98 -21.80 -31.26
CA GLU B 47 10.07 -22.70 -31.62
C GLU B 47 10.41 -22.60 -33.10
N SER B 48 10.24 -21.42 -33.67
CA SER B 48 10.55 -21.19 -35.08
C SER B 48 10.98 -19.73 -35.23
N GLU B 49 12.26 -19.52 -35.54
CA GLU B 49 12.76 -18.16 -35.65
C GLU B 49 12.30 -17.47 -36.93
N ASN B 50 12.02 -18.25 -37.97
CA ASN B 50 11.57 -17.70 -39.25
C ASN B 50 10.57 -18.67 -39.86
N LEU B 51 10.17 -18.41 -41.09
CA LEU B 51 9.16 -19.23 -41.74
C LEU B 51 9.72 -20.57 -42.20
N GLN B 52 10.99 -20.60 -42.62
CA GLN B 52 11.59 -21.87 -43.03
C GLN B 52 11.65 -22.84 -41.86
N GLU B 53 12.06 -22.36 -40.68
CA GLU B 53 12.08 -23.21 -39.50
C GLU B 53 10.68 -23.64 -39.10
N PHE B 54 9.71 -22.72 -39.24
CA PHE B 54 8.32 -23.05 -38.94
C PHE B 54 7.82 -24.18 -39.83
N TRP B 55 8.15 -24.12 -41.12
CA TRP B 55 7.73 -25.18 -42.03
C TRP B 55 8.46 -26.49 -41.74
N ASP B 56 9.75 -26.41 -41.41
CA ASP B 56 10.49 -27.62 -41.06
C ASP B 56 9.89 -28.28 -39.83
N ASN B 57 9.41 -27.49 -38.88
CA ASN B 57 8.74 -28.07 -37.71
C ASN B 57 7.37 -28.62 -38.08
N LEU B 58 6.63 -27.92 -38.95
CA LEU B 58 5.29 -28.36 -39.31
C LEU B 58 5.32 -29.70 -40.02
N ILE B 59 6.15 -29.81 -41.07
CA ILE B 59 6.17 -31.03 -41.85
C ILE B 59 6.74 -32.19 -41.05
N GLY B 60 7.79 -31.93 -40.28
CA GLY B 60 8.43 -32.97 -39.50
C GLY B 60 7.68 -33.43 -38.28
N GLY B 61 6.52 -32.83 -37.99
CA GLY B 61 5.75 -33.23 -36.84
C GLY B 61 6.32 -32.82 -35.51
N VAL B 62 7.19 -31.81 -35.50
CA VAL B 62 7.76 -31.32 -34.25
C VAL B 62 6.69 -30.56 -33.47
N ASP B 63 6.64 -30.80 -32.17
CA ASP B 63 5.65 -30.16 -31.30
C ASP B 63 6.25 -28.87 -30.78
N MET B 64 5.68 -27.74 -31.19
CA MET B 64 6.22 -26.44 -30.82
C MET B 64 5.71 -25.93 -29.49
N VAL B 65 4.86 -26.69 -28.81
CA VAL B 65 4.44 -26.36 -27.45
C VAL B 65 5.41 -27.02 -26.48
N THR B 66 6.00 -26.21 -25.59
CA THR B 66 7.09 -26.66 -24.74
C THR B 66 6.68 -26.57 -23.27
N ASP B 67 7.35 -27.38 -22.45
CA ASP B 67 7.08 -27.46 -21.02
C ASP B 67 8.05 -26.63 -20.18
N ASP B 68 8.99 -25.92 -20.81
CA ASP B 68 9.96 -25.14 -20.06
C ASP B 68 9.30 -23.89 -19.50
N ASP B 69 9.89 -23.36 -18.42
CA ASP B 69 9.39 -22.17 -17.74
C ASP B 69 10.28 -20.99 -18.10
N ARG B 70 9.97 -20.35 -19.22
CA ARG B 70 10.70 -19.15 -19.64
C ARG B 70 9.94 -17.89 -19.24
N ARG B 71 8.68 -17.76 -19.67
CA ARG B 71 7.91 -16.57 -19.35
C ARG B 71 7.56 -16.52 -17.88
N TRP B 72 7.08 -17.63 -17.32
CA TRP B 72 6.78 -17.70 -15.90
C TRP B 72 6.89 -19.13 -15.42
N LYS B 73 6.98 -19.29 -14.11
CA LYS B 73 7.22 -20.60 -13.51
C LYS B 73 6.18 -21.60 -13.98
N ALA B 74 6.65 -22.76 -14.42
CA ALA B 74 5.75 -23.80 -14.89
C ALA B 74 4.82 -24.25 -13.77
N GLY B 75 3.53 -24.35 -14.09
CA GLY B 75 2.55 -24.76 -13.11
C GLY B 75 2.10 -23.66 -12.17
N LEU B 76 2.37 -22.40 -12.50
CA LEU B 76 2.03 -21.30 -11.61
C LEU B 76 0.52 -21.13 -11.54
N TYR B 77 0.02 -20.85 -10.33
CA TYR B 77 -1.41 -20.63 -10.09
C TYR B 77 -2.26 -21.72 -10.71
N GLY B 78 -1.72 -22.93 -10.82
CA GLY B 78 -2.47 -24.03 -11.41
C GLY B 78 -2.53 -24.01 -12.92
N LEU B 79 -1.80 -23.10 -13.58
CA LEU B 79 -1.87 -22.98 -15.02
C LEU B 79 -1.23 -24.20 -15.68
N PRO B 80 -1.58 -24.47 -16.95
CA PRO B 80 -0.95 -25.57 -17.66
C PRO B 80 0.54 -25.33 -17.83
N ARG B 81 1.30 -26.43 -17.85
CA ARG B 81 2.74 -26.36 -17.94
C ARG B 81 3.24 -26.08 -19.34
N ARG B 82 2.36 -26.05 -20.34
CA ARG B 82 2.77 -25.95 -21.73
C ARG B 82 2.20 -24.70 -22.37
N SER B 83 2.96 -24.14 -23.30
CA SER B 83 2.55 -22.96 -24.04
C SER B 83 3.52 -22.73 -25.18
N GLY B 84 3.01 -22.26 -26.30
CA GLY B 84 3.85 -21.95 -27.44
C GLY B 84 4.58 -20.64 -27.27
N LYS B 85 5.89 -20.71 -27.02
CA LYS B 85 6.68 -19.54 -26.66
C LYS B 85 7.77 -19.31 -27.69
N LEU B 86 7.93 -18.06 -28.10
CA LEU B 86 8.99 -17.72 -29.04
C LEU B 86 10.36 -18.04 -28.45
N LYS B 87 11.37 -18.06 -29.31
CA LYS B 87 12.71 -18.41 -28.87
C LYS B 87 13.36 -17.28 -28.09
N ASP B 88 13.20 -16.04 -28.56
CA ASP B 88 13.81 -14.89 -27.90
C ASP B 88 12.97 -13.65 -28.17
N LEU B 89 12.75 -12.85 -27.13
CA LEU B 89 12.01 -11.61 -27.22
C LEU B 89 12.86 -10.38 -26.94
N SER B 90 14.18 -10.54 -26.86
CA SER B 90 15.07 -9.47 -26.43
C SER B 90 16.17 -9.23 -27.44
N ARG B 91 15.79 -9.13 -28.72
CA ARG B 91 16.73 -8.81 -29.78
C ARG B 91 16.08 -7.81 -30.72
N PHE B 92 16.79 -6.74 -31.05
CA PHE B 92 16.22 -5.67 -31.85
C PHE B 92 17.36 -4.84 -32.44
N ASP B 93 17.39 -4.72 -33.76
CA ASP B 93 18.41 -3.93 -34.44
C ASP B 93 18.01 -2.46 -34.40
N ALA B 94 18.24 -1.84 -33.24
CA ALA B 94 17.74 -0.50 -32.99
C ALA B 94 18.33 0.51 -33.96
N SER B 95 19.62 0.39 -34.26
CA SER B 95 20.27 1.40 -35.10
C SER B 95 19.61 1.49 -36.46
N PHE B 96 19.22 0.36 -37.05
CA PHE B 96 18.61 0.39 -38.38
C PHE B 96 17.30 1.15 -38.36
N PHE B 97 16.42 0.84 -37.40
CA PHE B 97 15.08 1.40 -37.36
C PHE B 97 15.00 2.71 -36.58
N GLY B 98 16.13 3.35 -36.33
CA GLY B 98 16.13 4.68 -35.73
C GLY B 98 15.51 4.76 -34.35
N VAL B 99 15.84 3.81 -33.47
CA VAL B 99 15.38 3.83 -32.09
C VAL B 99 16.62 3.94 -31.19
N HIS B 100 16.65 4.98 -30.36
CA HIS B 100 17.77 5.17 -29.46
C HIS B 100 17.73 4.15 -28.33
N PRO B 101 18.86 3.93 -27.65
CA PRO B 101 18.90 2.87 -26.64
C PRO B 101 17.86 3.02 -25.55
N LYS B 102 17.59 4.24 -25.08
CA LYS B 102 16.58 4.42 -24.06
C LYS B 102 15.19 4.09 -24.58
N GLN B 103 14.86 4.56 -25.78
CA GLN B 103 13.55 4.27 -26.36
C GLN B 103 13.39 2.78 -26.63
N ALA B 104 14.43 2.12 -27.13
CA ALA B 104 14.35 0.69 -27.39
C ALA B 104 14.08 -0.10 -26.12
N HIS B 105 14.78 0.24 -25.03
CA HIS B 105 14.56 -0.42 -23.75
C HIS B 105 13.14 -0.25 -23.25
N THR B 106 12.45 0.82 -23.64
CA THR B 106 11.09 1.09 -23.20
C THR B 106 10.08 0.85 -24.30
N MET B 107 10.37 -0.01 -25.25
CA MET B 107 9.46 -0.36 -26.32
C MET B 107 8.93 -1.77 -26.14
N ASP B 108 7.69 -1.98 -26.57
CA ASP B 108 7.08 -3.29 -26.44
C ASP B 108 7.82 -4.31 -27.32
N PRO B 109 8.11 -5.50 -26.80
CA PRO B 109 8.74 -6.51 -27.66
C PRO B 109 7.93 -6.82 -28.90
N GLN B 110 6.60 -6.77 -28.78
CA GLN B 110 5.74 -6.94 -29.94
C GLN B 110 6.14 -5.97 -31.05
N LEU B 111 6.31 -4.70 -30.70
CA LEU B 111 6.60 -3.69 -31.72
C LEU B 111 7.97 -3.92 -32.37
N ARG B 112 8.98 -4.28 -31.58
CA ARG B 112 10.30 -4.52 -32.14
C ARG B 112 10.27 -5.69 -33.11
N LEU B 113 9.73 -6.82 -32.65
CA LEU B 113 9.66 -7.99 -33.53
C LEU B 113 8.77 -7.70 -34.74
N LEU B 114 7.76 -6.85 -34.58
CA LEU B 114 6.87 -6.56 -35.70
C LEU B 114 7.55 -5.67 -36.73
N LEU B 115 8.36 -4.71 -36.30
CA LEU B 115 9.14 -3.93 -37.24
C LEU B 115 10.08 -4.83 -38.03
N GLU B 116 10.79 -5.72 -37.32
CA GLU B 116 11.70 -6.61 -38.03
C GLU B 116 10.95 -7.51 -39.01
N VAL B 117 9.82 -8.09 -38.57
CA VAL B 117 9.04 -8.98 -39.41
C VAL B 117 8.46 -8.24 -40.60
N THR B 118 8.06 -6.98 -40.41
CA THR B 118 7.52 -6.20 -41.51
C THR B 118 8.58 -5.94 -42.57
N TYR B 119 9.79 -5.55 -42.14
CA TYR B 119 10.85 -5.37 -43.13
C TYR B 119 11.14 -6.68 -43.84
N GLU B 120 11.15 -7.79 -43.10
CA GLU B 120 11.38 -9.08 -43.74
C GLU B 120 10.30 -9.39 -44.77
N ALA B 121 9.04 -9.09 -44.44
CA ALA B 121 7.94 -9.43 -45.32
C ALA B 121 7.93 -8.59 -46.57
N ILE B 122 8.26 -7.30 -46.46
CA ILE B 122 8.23 -6.44 -47.64
C ILE B 122 9.30 -6.86 -48.64
N VAL B 123 10.47 -7.23 -48.15
CA VAL B 123 11.54 -7.65 -49.05
C VAL B 123 11.37 -9.08 -49.54
N ASP B 124 10.53 -9.88 -48.88
CA ASP B 124 10.32 -11.26 -49.32
C ASP B 124 9.73 -11.30 -50.71
N GLY B 125 8.81 -10.39 -51.01
CA GLY B 125 8.19 -10.32 -52.31
C GLY B 125 9.03 -9.67 -53.40
N GLY B 126 10.28 -9.33 -53.10
CA GLY B 126 11.14 -8.67 -54.04
C GLY B 126 10.95 -7.17 -54.13
N ILE B 127 10.08 -6.58 -53.32
CA ILE B 127 9.83 -5.15 -53.36
C ILE B 127 10.81 -4.46 -52.43
N ASN B 128 11.61 -3.56 -52.98
CA ASN B 128 12.51 -2.76 -52.14
C ASN B 128 11.68 -1.82 -51.27
N PRO B 129 11.89 -1.83 -49.95
CA PRO B 129 11.04 -1.00 -49.08
C PRO B 129 11.06 0.48 -49.43
N ASP B 130 12.19 0.99 -49.91
CA ASP B 130 12.26 2.40 -50.29
C ASP B 130 11.42 2.72 -51.53
N SER B 131 10.96 1.70 -52.26
CA SER B 131 10.11 1.95 -53.42
C SER B 131 8.67 2.22 -53.05
N LEU B 132 8.26 1.90 -51.83
CA LEU B 132 6.92 2.20 -51.35
C LEU B 132 6.86 3.47 -50.50
N ARG B 133 8.00 4.05 -50.15
CA ARG B 133 8.00 5.25 -49.32
C ARG B 133 7.22 6.37 -50.00
N GLY B 134 6.34 7.01 -49.23
CA GLY B 134 5.53 8.10 -49.73
C GLY B 134 4.28 7.67 -50.47
N THR B 135 4.04 6.38 -50.61
CA THR B 135 2.84 5.90 -51.29
C THR B 135 1.66 5.89 -50.32
N HIS B 136 0.55 5.28 -50.72
CA HIS B 136 -0.65 5.23 -49.90
C HIS B 136 -0.82 3.89 -49.20
N THR B 137 0.27 3.16 -48.98
CA THR B 137 0.18 1.87 -48.32
C THR B 137 -0.36 2.04 -46.90
N GLY B 138 -1.17 1.07 -46.48
CA GLY B 138 -1.76 1.12 -45.16
C GLY B 138 -1.29 0.00 -44.25
N VAL B 139 -1.39 0.22 -42.95
CA VAL B 139 -0.94 -0.73 -41.94
C VAL B 139 -2.13 -1.10 -41.08
N TRP B 140 -2.58 -2.34 -41.19
CA TRP B 140 -3.60 -2.90 -40.32
C TRP B 140 -2.95 -3.97 -39.45
N VAL B 141 -3.03 -3.79 -38.14
CA VAL B 141 -2.38 -4.67 -37.17
C VAL B 141 -3.43 -5.19 -36.21
N GLY B 142 -3.43 -6.51 -36.00
CA GLY B 142 -4.36 -7.13 -35.08
C GLY B 142 -3.70 -7.51 -33.77
N VAL B 143 -4.06 -6.81 -32.69
CA VAL B 143 -3.45 -7.00 -31.39
C VAL B 143 -4.54 -6.98 -30.33
N SER B 144 -4.33 -7.75 -29.26
CA SER B 144 -5.27 -7.83 -28.16
C SER B 144 -4.59 -7.71 -26.80
N GLY B 145 -3.32 -7.34 -26.76
CA GLY B 145 -2.61 -7.21 -25.50
C GLY B 145 -1.63 -6.06 -25.46
N SER B 146 -1.58 -5.35 -24.33
CA SER B 146 -0.68 -4.23 -24.10
C SER B 146 -0.05 -4.35 -22.72
N GLU B 147 0.45 -5.55 -22.41
CA GLU B 147 0.96 -5.82 -21.07
C GLU B 147 2.18 -4.97 -20.75
N THR B 148 2.98 -4.62 -21.74
CA THR B 148 4.20 -3.88 -21.48
C THR B 148 3.90 -2.48 -20.94
N SER B 149 2.86 -1.84 -21.46
CA SER B 149 2.48 -0.53 -20.94
C SER B 149 2.07 -0.63 -19.47
N GLU B 150 1.33 -1.68 -19.12
CA GLU B 150 0.95 -1.89 -17.73
C GLU B 150 2.17 -2.15 -16.86
N ALA B 151 3.16 -2.86 -17.38
CA ALA B 151 4.34 -3.19 -16.57
C ALA B 151 5.22 -1.98 -16.36
N LEU B 152 5.42 -1.16 -17.40
CA LEU B 152 6.36 -0.05 -17.31
C LEU B 152 5.79 1.10 -16.49
N SER B 153 4.50 1.38 -16.63
CA SER B 153 3.86 2.52 -15.99
C SER B 153 3.36 2.23 -14.58
N ARG B 154 3.87 1.20 -13.92
CA ARG B 154 3.35 0.85 -12.61
C ARG B 154 3.84 1.82 -11.54
N ASP B 155 5.07 2.28 -11.65
CA ASP B 155 5.64 3.21 -10.67
C ASP B 155 5.44 4.63 -11.16
N PRO B 156 4.56 5.43 -10.54
CA PRO B 156 4.38 6.82 -10.99
C PRO B 156 5.59 7.68 -10.74
N GLU B 157 6.39 7.36 -9.72
CA GLU B 157 7.50 8.23 -9.33
C GLU B 157 8.62 8.21 -10.37
N THR B 158 8.89 7.05 -10.95
CA THR B 158 10.07 6.85 -11.79
C THR B 158 9.70 6.23 -13.14
N LEU B 159 8.70 6.76 -13.82
CA LEU B 159 8.38 6.28 -15.15
C LEU B 159 8.83 7.30 -16.18
N VAL B 160 8.88 6.86 -17.44
CA VAL B 160 9.40 7.67 -18.55
C VAL B 160 8.27 7.93 -19.54
N GLY B 161 8.20 9.17 -20.00
CA GLY B 161 7.12 9.55 -20.91
C GLY B 161 7.15 8.75 -22.21
N TYR B 162 8.33 8.56 -22.79
CA TYR B 162 8.40 7.85 -24.05
C TYR B 162 8.02 6.38 -23.94
N SER B 163 7.70 5.89 -22.75
CA SER B 163 7.18 4.53 -22.64
C SER B 163 5.85 4.40 -23.38
N MET B 164 5.00 5.41 -23.27
CA MET B 164 3.70 5.36 -23.95
C MET B 164 3.87 5.30 -25.45
N VAL B 165 4.81 6.07 -25.99
CA VAL B 165 5.02 6.10 -27.44
C VAL B 165 5.38 4.72 -27.97
N GLY B 166 6.07 3.91 -27.17
CA GLY B 166 6.52 2.61 -27.62
C GLY B 166 5.63 1.46 -27.19
N CYS B 167 4.66 1.74 -26.34
CA CYS B 167 3.78 0.71 -25.80
C CYS B 167 2.31 0.91 -26.09
N GLN B 168 1.87 2.15 -26.36
CA GLN B 168 0.47 2.40 -26.67
C GLN B 168 0.05 1.54 -27.86
N ARG B 169 -1.09 0.86 -27.71
CA ARG B 169 -1.50 -0.10 -28.74
C ARG B 169 -1.68 0.56 -30.09
N ALA B 170 -2.12 1.82 -30.11
CA ALA B 170 -2.24 2.53 -31.38
C ALA B 170 -0.90 2.69 -32.08
N MET B 171 0.20 2.64 -31.34
CA MET B 171 1.52 2.79 -31.90
C MET B 171 2.06 1.51 -32.53
N MET B 172 1.34 0.39 -32.41
CA MET B 172 1.80 -0.85 -33.02
C MET B 172 1.73 -0.79 -34.55
N ALA B 173 0.98 0.16 -35.10
CA ALA B 173 0.95 0.41 -36.54
C ALA B 173 1.47 1.79 -36.91
N ASN B 174 1.22 2.79 -36.06
CA ASN B 174 1.73 4.13 -36.34
C ASN B 174 3.25 4.13 -36.46
N ARG B 175 3.93 3.31 -35.65
CA ARG B 175 5.39 3.23 -35.74
C ARG B 175 5.82 2.63 -37.08
N LEU B 176 5.11 1.61 -37.54
CA LEU B 176 5.44 1.02 -38.84
C LEU B 176 5.24 2.04 -39.95
N SER B 177 4.14 2.79 -39.91
CA SER B 177 3.92 3.83 -40.92
C SER B 177 5.00 4.90 -40.83
N PHE B 178 5.40 5.27 -39.61
CA PHE B 178 6.42 6.29 -39.43
C PHE B 178 7.74 5.86 -40.04
N PHE B 179 8.17 4.61 -39.75
CA PHE B 179 9.46 4.16 -40.27
C PHE B 179 9.40 3.96 -41.78
N PHE B 180 8.37 3.27 -42.28
CA PHE B 180 8.30 2.94 -43.69
C PHE B 180 7.72 4.07 -44.54
N ASP B 181 7.29 5.16 -43.94
CA ASP B 181 6.77 6.31 -44.66
C ASP B 181 5.59 5.90 -45.55
N PHE B 182 4.55 5.39 -44.90
CA PHE B 182 3.31 5.00 -45.56
C PHE B 182 2.23 6.02 -45.23
N ARG B 183 1.58 6.55 -46.25
CA ARG B 183 0.57 7.60 -46.09
C ARG B 183 -0.84 7.05 -45.97
N GLY B 184 -1.02 5.74 -46.04
CA GLY B 184 -2.33 5.16 -45.95
C GLY B 184 -2.80 5.01 -44.52
N PRO B 185 -3.99 4.44 -44.36
CA PRO B 185 -4.54 4.26 -43.02
C PRO B 185 -3.63 3.42 -42.14
N SER B 186 -3.57 3.76 -40.86
CA SER B 186 -2.78 3.02 -39.88
C SER B 186 -3.69 2.74 -38.69
N ILE B 187 -4.20 1.52 -38.60
CA ILE B 187 -5.20 1.16 -37.60
C ILE B 187 -4.71 -0.06 -36.83
N ALA B 188 -5.27 -0.21 -35.62
CA ALA B 188 -5.09 -1.39 -34.80
C ALA B 188 -6.45 -1.90 -34.38
N LEU B 189 -6.70 -3.19 -34.62
CA LEU B 189 -7.99 -3.80 -34.34
C LEU B 189 -7.82 -4.91 -33.31
N ASP B 190 -8.86 -5.13 -32.51
CA ASP B 190 -8.87 -6.22 -31.55
C ASP B 190 -9.68 -7.41 -32.06
N THR B 191 -10.97 -7.20 -32.33
CA THR B 191 -11.80 -8.20 -32.99
C THR B 191 -11.93 -9.50 -32.19
N ALA B 192 -11.34 -9.53 -30.98
CA ALA B 192 -11.53 -10.63 -30.05
C ALA B 192 -11.11 -11.97 -30.65
N CYS B 193 -9.82 -12.07 -30.92
CA CYS B 193 -9.12 -13.29 -31.34
C CYS B 193 -9.25 -13.60 -32.83
N SER B 194 -10.04 -12.86 -33.59
CA SER B 194 -10.07 -12.97 -35.05
C SER B 194 -9.44 -11.74 -35.70
N SER B 195 -8.48 -11.14 -35.01
CA SER B 195 -7.99 -9.81 -35.40
C SER B 195 -7.11 -9.87 -36.64
N SER B 196 -6.27 -10.89 -36.77
CA SER B 196 -5.38 -10.97 -37.92
C SER B 196 -6.17 -11.09 -39.22
N LEU B 197 -7.16 -11.99 -39.25
CA LEU B 197 -7.98 -12.12 -40.43
C LEU B 197 -8.89 -10.91 -40.63
N MET B 198 -9.28 -10.24 -39.55
CA MET B 198 -10.04 -9.00 -39.70
C MET B 198 -9.21 -7.93 -40.39
N ALA B 199 -7.95 -7.79 -39.96
CA ALA B 199 -7.05 -6.84 -40.61
C ALA B 199 -6.79 -7.22 -42.06
N LEU B 200 -6.64 -8.52 -42.32
CA LEU B 200 -6.47 -8.97 -43.69
C LEU B 200 -7.67 -8.61 -44.55
N GLN B 201 -8.88 -8.81 -44.02
CA GLN B 201 -10.09 -8.46 -44.75
C GLN B 201 -10.18 -6.97 -45.00
N ASN B 202 -9.84 -6.16 -43.99
CA ASN B 202 -9.89 -4.71 -44.17
C ASN B 202 -8.87 -4.25 -45.21
N ALA B 203 -7.66 -4.83 -45.18
CA ALA B 203 -6.67 -4.48 -46.19
C ALA B 203 -7.13 -4.90 -47.57
N TYR B 204 -7.76 -6.07 -47.68
CA TYR B 204 -8.31 -6.50 -48.97
C TYR B 204 -9.38 -5.53 -49.45
N GLN B 205 -10.23 -5.06 -48.54
CA GLN B 205 -11.25 -4.08 -48.91
C GLN B 205 -10.61 -2.79 -49.40
N ALA B 206 -9.57 -2.33 -48.71
CA ALA B 206 -8.91 -1.08 -49.10
C ALA B 206 -8.24 -1.20 -50.45
N ILE B 207 -7.50 -2.30 -50.68
CA ILE B 207 -6.80 -2.47 -51.94
C ILE B 207 -7.79 -2.69 -53.08
N HIS B 208 -8.88 -3.41 -52.80
CA HIS B 208 -9.87 -3.70 -53.83
C HIS B 208 -10.50 -2.42 -54.37
N SER B 209 -10.80 -1.46 -53.48
CA SER B 209 -11.39 -0.19 -53.87
C SER B 209 -10.37 0.83 -54.34
N GLY B 210 -9.13 0.42 -54.56
CA GLY B 210 -8.12 1.30 -55.12
C GLY B 210 -7.66 2.40 -54.19
N GLN B 211 -8.03 2.32 -52.91
CA GLN B 211 -7.59 3.33 -51.96
C GLN B 211 -6.12 3.14 -51.60
N CYS B 212 -5.69 1.91 -51.37
CA CYS B 212 -4.33 1.61 -50.99
C CYS B 212 -3.64 0.81 -52.09
N PRO B 213 -2.57 1.31 -52.67
CA PRO B 213 -1.81 0.49 -53.64
C PRO B 213 -1.18 -0.74 -53.01
N ALA B 214 -1.04 -0.77 -51.70
CA ALA B 214 -0.47 -1.92 -50.99
C ALA B 214 -1.04 -1.92 -49.57
N ALA B 215 -0.56 -2.85 -48.76
CA ALA B 215 -1.03 -2.93 -47.38
C ALA B 215 -0.14 -3.91 -46.62
N ILE B 216 0.11 -3.60 -45.36
CA ILE B 216 0.89 -4.45 -44.46
C ILE B 216 -0.05 -4.91 -43.36
N VAL B 217 -0.34 -6.20 -43.33
CA VAL B 217 -1.21 -6.80 -42.32
C VAL B 217 -0.34 -7.62 -41.37
N GLY B 218 -0.52 -7.41 -40.08
CA GLY B 218 0.28 -8.11 -39.10
C GLY B 218 -0.52 -8.42 -37.85
N GLY B 219 -0.12 -9.49 -37.17
CA GLY B 219 -0.71 -9.85 -35.90
C GLY B 219 0.34 -10.27 -34.91
N ILE B 220 0.23 -9.82 -33.66
CA ILE B 220 1.25 -10.04 -32.64
C ILE B 220 0.57 -10.45 -31.34
N ASN B 221 1.13 -11.46 -30.69
CA ASN B 221 0.65 -11.90 -29.39
C ASN B 221 1.81 -12.48 -28.60
N VAL B 222 2.05 -11.94 -27.41
CA VAL B 222 3.12 -12.40 -26.53
C VAL B 222 2.55 -12.59 -25.13
N LEU B 223 2.93 -13.69 -24.49
CA LEU B 223 2.42 -14.04 -23.17
C LEU B 223 3.44 -13.59 -22.12
N LEU B 224 3.07 -12.60 -21.33
CA LEU B 224 3.93 -12.04 -20.29
C LEU B 224 3.29 -12.04 -18.93
N LYS B 225 1.98 -11.80 -18.84
CA LYS B 225 1.30 -11.70 -17.56
C LYS B 225 0.52 -12.99 -17.29
N PRO B 226 0.87 -13.75 -16.25
CA PRO B 226 0.10 -14.97 -15.95
C PRO B 226 -1.34 -14.69 -15.58
N ASN B 227 -1.68 -13.46 -15.19
CA ASN B 227 -3.06 -13.16 -14.80
C ASN B 227 -4.02 -13.41 -15.97
N THR B 228 -3.59 -13.11 -17.19
CA THR B 228 -4.46 -13.37 -18.34
C THR B 228 -4.69 -14.87 -18.53
N SER B 229 -3.66 -15.67 -18.34
CA SER B 229 -3.83 -17.13 -18.42
C SER B 229 -4.76 -17.61 -17.32
N VAL B 230 -4.66 -17.03 -16.12
CA VAL B 230 -5.57 -17.41 -15.05
C VAL B 230 -7.00 -17.07 -15.42
N GLN B 231 -7.21 -15.88 -16.02
CA GLN B 231 -8.55 -15.50 -16.43
C GLN B 231 -9.10 -16.46 -17.47
N PHE B 232 -8.28 -16.82 -18.46
CA PHE B 232 -8.76 -17.74 -19.50
C PHE B 232 -9.06 -19.10 -18.91
N LEU B 233 -8.25 -19.55 -17.94
CA LEU B 233 -8.54 -20.79 -17.25
C LEU B 233 -9.87 -20.72 -16.53
N ARG B 234 -10.13 -19.59 -15.86
CA ARG B 234 -11.40 -19.43 -15.14
C ARG B 234 -12.57 -19.47 -16.09
N LEU B 235 -12.47 -18.80 -17.24
CA LEU B 235 -13.56 -18.82 -18.21
C LEU B 235 -13.88 -20.23 -18.67
N GLY B 236 -12.92 -21.15 -18.61
CA GLY B 236 -13.16 -22.52 -19.02
C GLY B 236 -12.81 -22.77 -20.47
N MET B 237 -11.72 -22.19 -20.95
CA MET B 237 -11.28 -22.34 -22.33
C MET B 237 -9.97 -23.11 -22.46
N LEU B 238 -9.03 -22.90 -21.55
CA LEU B 238 -7.75 -23.57 -21.64
C LEU B 238 -7.88 -25.06 -21.32
N SER B 239 -6.94 -25.83 -21.84
CA SER B 239 -6.95 -27.28 -21.67
C SER B 239 -6.03 -27.67 -20.53
N PRO B 240 -6.46 -28.55 -19.63
CA PRO B 240 -5.57 -28.99 -18.54
C PRO B 240 -4.31 -29.64 -19.05
N GLU B 241 -4.35 -30.30 -20.21
CA GLU B 241 -3.18 -30.96 -20.77
C GLU B 241 -2.30 -30.02 -21.58
N GLY B 242 -2.74 -28.78 -21.80
CA GLY B 242 -1.95 -27.84 -22.56
C GLY B 242 -1.78 -28.20 -24.02
N THR B 243 -2.69 -28.97 -24.59
CA THR B 243 -2.64 -29.37 -25.99
C THR B 243 -3.94 -28.95 -26.68
N CYS B 244 -3.81 -28.40 -27.89
CA CYS B 244 -4.98 -28.00 -28.67
C CYS B 244 -5.35 -29.14 -29.61
N LYS B 245 -5.93 -30.18 -29.03
CA LYS B 245 -6.34 -31.38 -29.77
C LYS B 245 -7.65 -31.08 -30.48
N ALA B 246 -7.56 -30.71 -31.75
CA ALA B 246 -8.72 -30.34 -32.54
C ALA B 246 -9.22 -31.52 -33.36
N PHE B 247 -10.52 -31.51 -33.67
CA PHE B 247 -11.15 -32.56 -34.46
C PHE B 247 -11.08 -33.91 -33.76
N ASP B 248 -10.89 -33.92 -32.45
CA ASP B 248 -10.67 -35.15 -31.70
C ASP B 248 -11.73 -35.29 -30.62
N THR B 249 -11.92 -36.53 -30.17
CA THR B 249 -12.94 -36.82 -29.18
C THR B 249 -12.60 -36.28 -27.80
N ALA B 250 -11.33 -35.98 -27.53
CA ALA B 250 -10.88 -35.55 -26.22
C ALA B 250 -10.57 -34.06 -26.18
N GLY B 251 -11.34 -33.25 -26.91
CA GLY B 251 -11.10 -31.83 -26.97
C GLY B 251 -11.51 -31.15 -25.67
N ASN B 252 -10.55 -30.55 -24.96
CA ASN B 252 -10.82 -29.84 -23.72
C ASN B 252 -10.63 -28.34 -23.87
N GLY B 253 -9.48 -27.90 -24.35
CA GLY B 253 -9.21 -26.48 -24.52
C GLY B 253 -7.99 -26.30 -25.39
N TYR B 254 -7.60 -25.04 -25.54
CA TYR B 254 -6.46 -24.68 -26.37
C TYR B 254 -5.27 -24.28 -25.51
N CYS B 255 -4.11 -24.23 -26.14
CA CYS B 255 -2.85 -23.89 -25.49
C CYS B 255 -2.41 -22.51 -25.98
N ARG B 256 -2.41 -21.54 -25.08
CA ARG B 256 -2.01 -20.18 -25.44
C ARG B 256 -0.57 -20.16 -25.92
N SER B 257 -0.34 -19.49 -27.04
CA SER B 257 0.99 -19.43 -27.65
C SER B 257 1.25 -18.01 -28.15
N GLU B 258 2.53 -17.70 -28.31
CA GLU B 258 2.97 -16.42 -28.83
C GLU B 258 3.03 -16.49 -30.36
N GLY B 259 3.42 -15.37 -30.97
CA GLY B 259 3.59 -15.34 -32.41
C GLY B 259 3.52 -13.96 -33.03
N VAL B 260 4.38 -13.70 -33.99
CA VAL B 260 4.39 -12.44 -34.73
C VAL B 260 4.47 -12.78 -36.21
N VAL B 261 3.47 -12.33 -36.98
CA VAL B 261 3.41 -12.61 -38.40
C VAL B 261 2.98 -11.35 -39.13
N ALA B 262 3.64 -11.05 -40.25
CA ALA B 262 3.29 -9.91 -41.09
C ALA B 262 3.19 -10.37 -42.54
N VAL B 263 2.16 -9.90 -43.23
CA VAL B 263 1.91 -10.27 -44.63
C VAL B 263 1.73 -9.00 -45.45
N LEU B 264 2.26 -9.01 -46.67
CA LEU B 264 2.20 -7.88 -47.58
C LEU B 264 1.19 -8.16 -48.68
N LEU B 265 0.28 -7.22 -48.90
CA LEU B 265 -0.71 -7.32 -49.96
C LEU B 265 -0.50 -6.19 -50.97
N THR B 266 -0.70 -6.52 -52.24
CA THR B 266 -0.48 -5.56 -53.31
C THR B 266 -1.40 -5.86 -54.47
N LYS B 267 -1.73 -4.83 -55.24
CA LYS B 267 -2.42 -5.04 -56.50
C LYS B 267 -1.51 -5.76 -57.47
N LYS B 268 -2.10 -6.60 -58.32
CA LYS B 268 -1.33 -7.55 -59.10
C LYS B 268 -0.26 -6.85 -59.95
N SER B 269 -0.49 -5.59 -60.33
CA SER B 269 0.47 -4.89 -61.16
C SER B 269 1.79 -4.62 -60.43
N LEU B 270 1.80 -4.65 -59.10
CA LEU B 270 2.99 -4.36 -58.32
C LEU B 270 3.70 -5.62 -57.83
N ALA B 271 2.99 -6.71 -57.63
CA ALA B 271 3.57 -7.90 -57.00
C ALA B 271 4.55 -8.58 -57.94
N ARG B 272 5.75 -8.86 -57.43
CA ARG B 272 6.74 -9.63 -58.17
C ARG B 272 6.57 -11.13 -57.90
N ARG B 273 6.45 -11.50 -56.63
CA ARG B 273 6.14 -12.86 -56.22
C ARG B 273 4.69 -12.91 -55.74
N VAL B 274 3.94 -13.88 -56.23
CA VAL B 274 2.53 -14.04 -55.86
C VAL B 274 2.37 -15.40 -55.19
N TYR B 275 2.08 -15.38 -53.88
CA TYR B 275 1.76 -16.61 -53.18
C TYR B 275 0.36 -17.11 -53.51
N ALA B 276 -0.59 -16.19 -53.71
CA ALA B 276 -1.97 -16.54 -54.02
C ALA B 276 -2.78 -15.28 -54.28
N THR B 277 -4.04 -15.45 -54.67
CA THR B 277 -4.94 -14.34 -54.95
C THR B 277 -6.17 -14.48 -54.06
N ILE B 278 -6.53 -13.39 -53.38
CA ILE B 278 -7.70 -13.38 -52.52
C ILE B 278 -8.94 -13.19 -53.39
N LEU B 279 -9.76 -14.23 -53.51
CA LEU B 279 -10.96 -14.14 -54.31
C LEU B 279 -12.06 -13.36 -53.59
N ASN B 280 -12.18 -13.52 -52.28
CA ASN B 280 -13.20 -12.80 -51.54
C ASN B 280 -12.93 -12.97 -50.05
N ALA B 281 -13.10 -11.88 -49.29
CA ALA B 281 -12.96 -11.88 -47.85
C ALA B 281 -14.10 -11.09 -47.24
N GLY B 282 -14.67 -11.62 -46.16
CA GLY B 282 -15.82 -10.99 -45.54
C GLY B 282 -15.83 -11.09 -44.02
N THR B 283 -16.92 -10.66 -43.41
CA THR B 283 -17.04 -10.69 -41.95
C THR B 283 -18.51 -10.63 -41.58
N ASN B 284 -18.80 -11.05 -40.35
CA ASN B 284 -20.13 -10.95 -39.78
C ASN B 284 -20.07 -11.41 -38.34
N THR B 285 -21.01 -10.92 -37.53
CA THR B 285 -21.06 -11.21 -36.11
C THR B 285 -22.22 -12.14 -35.82
N ASP B 286 -22.01 -13.07 -34.88
CA ASP B 286 -23.03 -14.06 -34.58
C ASP B 286 -24.33 -13.43 -34.08
N GLY B 287 -24.23 -12.28 -33.43
CA GLY B 287 -25.42 -11.66 -32.88
C GLY B 287 -25.86 -12.32 -31.58
N PHE B 288 -27.13 -12.14 -31.25
CA PHE B 288 -27.68 -12.69 -30.02
C PHE B 288 -27.71 -14.21 -30.08
N LYS B 289 -27.45 -14.83 -28.93
CA LYS B 289 -27.49 -16.28 -28.81
C LYS B 289 -28.04 -16.63 -27.44
N GLU B 290 -28.89 -17.66 -27.40
CA GLU B 290 -29.46 -18.09 -26.12
C GLU B 290 -28.38 -18.67 -25.21
N GLN B 291 -27.37 -19.31 -25.80
CA GLN B 291 -26.31 -19.91 -24.99
C GLN B 291 -25.53 -18.85 -24.22
N GLY B 292 -25.21 -17.75 -24.86
CA GLY B 292 -24.49 -16.68 -24.22
C GLY B 292 -23.57 -15.98 -25.21
N VAL B 293 -22.71 -15.12 -24.67
CA VAL B 293 -21.80 -14.34 -25.49
C VAL B 293 -20.72 -15.25 -26.08
N THR B 294 -20.23 -16.21 -25.31
CA THR B 294 -19.08 -17.02 -25.68
C THR B 294 -19.47 -18.40 -26.22
N PHE B 295 -20.60 -18.51 -26.92
CA PHE B 295 -20.99 -19.76 -27.53
C PHE B 295 -21.14 -19.57 -29.03
N PRO B 296 -20.34 -20.26 -29.85
CA PRO B 296 -20.43 -20.05 -31.29
C PRO B 296 -21.76 -20.53 -31.87
N SER B 297 -22.19 -19.86 -32.93
CA SER B 297 -23.40 -20.22 -33.66
C SER B 297 -23.01 -20.59 -35.08
N GLY B 298 -23.07 -21.89 -35.40
CA GLY B 298 -22.60 -22.37 -36.69
C GLY B 298 -23.39 -21.87 -37.87
N ASP B 299 -24.65 -21.49 -37.67
CA ASP B 299 -25.46 -21.00 -38.77
C ASP B 299 -24.88 -19.72 -39.36
N ILE B 300 -24.39 -18.83 -38.49
CA ILE B 300 -23.80 -17.57 -38.97
C ILE B 300 -22.54 -17.85 -39.78
N GLN B 301 -21.71 -18.77 -39.30
CA GLN B 301 -20.50 -19.13 -40.03
C GLN B 301 -20.83 -19.73 -41.39
N GLU B 302 -21.84 -20.61 -41.43
CA GLU B 302 -22.26 -21.18 -42.71
C GLU B 302 -22.76 -20.09 -43.65
N GLN B 303 -23.52 -19.14 -43.12
CA GLN B 303 -24.00 -18.03 -43.94
C GLN B 303 -22.84 -17.23 -44.50
N LEU B 304 -21.84 -16.95 -43.66
CA LEU B 304 -20.67 -16.20 -44.11
C LEU B 304 -19.98 -16.93 -45.25
N ILE B 305 -19.72 -18.23 -45.07
CA ILE B 305 -19.03 -19.00 -46.10
C ILE B 305 -19.83 -18.98 -47.40
N ARG B 306 -21.13 -19.29 -47.32
CA ARG B 306 -21.93 -19.38 -48.52
C ARG B 306 -22.02 -18.03 -49.23
N SER B 307 -22.23 -16.95 -48.48
CA SER B 307 -22.32 -15.64 -49.09
C SER B 307 -21.00 -15.26 -49.76
N LEU B 308 -19.87 -15.53 -49.10
CA LEU B 308 -18.59 -15.19 -49.68
C LEU B 308 -18.35 -15.94 -50.98
N TYR B 309 -18.57 -17.25 -50.98
CA TYR B 309 -18.26 -18.03 -52.17
C TYR B 309 -19.34 -17.91 -53.24
N GLN B 310 -20.50 -17.34 -52.91
CA GLN B 310 -21.48 -17.03 -53.95
C GLN B 310 -21.19 -15.67 -54.58
N SER B 311 -20.78 -14.68 -53.78
CA SER B 311 -20.40 -13.39 -54.33
C SER B 311 -19.12 -13.49 -55.16
N ALA B 312 -18.19 -14.35 -54.74
CA ALA B 312 -16.94 -14.50 -55.47
C ALA B 312 -17.07 -15.36 -56.72
N GLY B 313 -18.21 -16.00 -56.93
CA GLY B 313 -18.40 -16.83 -58.11
C GLY B 313 -17.51 -18.06 -58.14
N VAL B 314 -17.34 -18.74 -57.01
CA VAL B 314 -16.51 -19.94 -56.93
C VAL B 314 -17.40 -21.08 -56.48
N ALA B 315 -17.50 -22.12 -57.31
CA ALA B 315 -18.34 -23.25 -56.99
C ALA B 315 -17.78 -24.01 -55.79
N PRO B 316 -18.64 -24.63 -54.98
CA PRO B 316 -18.14 -25.37 -53.81
C PRO B 316 -17.18 -26.49 -54.18
N GLU B 317 -17.37 -27.13 -55.34
CA GLU B 317 -16.51 -28.24 -55.72
C GLU B 317 -15.05 -27.82 -55.85
N SER B 318 -14.81 -26.58 -56.24
CA SER B 318 -13.44 -26.14 -56.48
C SER B 318 -12.59 -26.21 -55.21
N PHE B 319 -13.21 -26.02 -54.05
CA PHE B 319 -12.45 -26.06 -52.79
C PHE B 319 -11.77 -27.41 -52.62
N GLU B 320 -10.52 -27.37 -52.19
CA GLU B 320 -9.75 -28.57 -51.90
C GLU B 320 -9.36 -28.71 -50.44
N TYR B 321 -9.14 -27.61 -49.73
CA TYR B 321 -8.66 -27.66 -48.36
C TYR B 321 -9.34 -26.54 -47.57
N ILE B 322 -9.74 -26.85 -46.35
CA ILE B 322 -10.39 -25.89 -45.47
C ILE B 322 -9.55 -25.79 -44.19
N GLU B 323 -9.16 -24.57 -43.84
CA GLU B 323 -8.37 -24.31 -42.63
C GLU B 323 -9.34 -23.93 -41.52
N ALA B 324 -9.91 -24.93 -40.88
CA ALA B 324 -10.86 -24.69 -39.81
C ALA B 324 -10.18 -23.98 -38.65
N HIS B 325 -10.99 -23.32 -37.81
CA HIS B 325 -10.44 -22.62 -36.66
C HIS B 325 -9.72 -23.59 -35.75
N GLY B 326 -10.33 -24.75 -35.48
CA GLY B 326 -9.65 -25.81 -34.77
C GLY B 326 -9.11 -25.43 -33.40
N THR B 327 -9.92 -24.74 -32.60
CA THR B 327 -9.46 -24.37 -31.26
C THR B 327 -9.45 -25.55 -30.30
N GLY B 328 -9.99 -26.70 -30.70
CA GLY B 328 -9.98 -27.87 -29.85
C GLY B 328 -10.96 -27.84 -28.70
N THR B 329 -12.00 -27.01 -28.80
CA THR B 329 -12.99 -26.92 -27.74
C THR B 329 -14.01 -28.06 -27.87
N LYS B 330 -14.80 -28.26 -26.82
CA LYS B 330 -15.77 -29.35 -26.81
C LYS B 330 -17.06 -28.97 -27.52
N VAL B 331 -17.35 -27.68 -27.69
CA VAL B 331 -18.56 -27.23 -28.34
C VAL B 331 -18.26 -26.50 -29.64
N GLY B 332 -17.20 -25.69 -29.66
CA GLY B 332 -16.90 -24.92 -30.86
C GLY B 332 -16.58 -25.77 -32.06
N ASP B 333 -15.80 -26.82 -31.87
CA ASP B 333 -15.41 -27.67 -33.00
C ASP B 333 -16.60 -28.32 -33.67
N PRO B 334 -17.53 -28.96 -32.97
CA PRO B 334 -18.69 -29.53 -33.67
C PRO B 334 -19.49 -28.50 -34.43
N GLN B 335 -19.73 -27.33 -33.85
CA GLN B 335 -20.50 -26.30 -34.54
C GLN B 335 -19.78 -25.84 -35.81
N GLU B 336 -18.49 -25.57 -35.70
CA GLU B 336 -17.73 -25.12 -36.86
C GLU B 336 -17.73 -26.18 -37.96
N LEU B 337 -17.52 -27.44 -37.59
CA LEU B 337 -17.44 -28.49 -38.59
C LEU B 337 -18.79 -28.76 -39.24
N ASN B 338 -19.87 -28.73 -38.46
CA ASN B 338 -21.20 -28.89 -39.06
C ASN B 338 -21.53 -27.73 -40.00
N GLY B 339 -21.17 -26.51 -39.59
CA GLY B 339 -21.36 -25.38 -40.48
C GLY B 339 -20.59 -25.52 -41.78
N ILE B 340 -19.33 -25.94 -41.69
CA ILE B 340 -18.52 -26.15 -42.88
C ILE B 340 -19.13 -27.24 -43.76
N THR B 341 -19.57 -28.33 -43.15
CA THR B 341 -20.17 -29.42 -43.91
C THR B 341 -21.40 -28.95 -44.67
N ARG B 342 -22.27 -28.20 -44.00
CA ARG B 342 -23.47 -27.70 -44.67
C ARG B 342 -23.12 -26.71 -45.77
N ALA B 343 -22.12 -25.85 -45.53
CA ALA B 343 -21.83 -24.79 -46.49
C ALA B 343 -21.14 -25.33 -47.74
N LEU B 344 -20.17 -26.24 -47.58
CA LEU B 344 -19.33 -26.67 -48.68
C LEU B 344 -19.59 -28.11 -49.11
N CYS B 345 -19.62 -29.06 -48.18
CA CYS B 345 -19.71 -30.47 -48.49
C CYS B 345 -21.13 -30.92 -48.82
N ALA B 346 -22.05 -29.98 -49.10
CA ALA B 346 -23.44 -30.35 -49.34
C ALA B 346 -23.58 -31.27 -50.54
N THR B 347 -22.89 -30.96 -51.64
CA THR B 347 -23.06 -31.68 -52.88
C THR B 347 -21.78 -32.30 -53.44
N ARG B 348 -20.61 -31.87 -52.98
CA ARG B 348 -19.38 -32.35 -53.57
C ARG B 348 -19.24 -33.87 -53.41
N GLN B 349 -18.72 -34.51 -54.45
CA GLN B 349 -18.48 -35.94 -54.42
C GLN B 349 -17.06 -36.30 -53.98
N GLU B 350 -16.18 -35.32 -53.88
CA GLU B 350 -14.85 -35.65 -53.36
C GLU B 350 -14.70 -35.12 -51.94
N PRO B 351 -14.05 -35.88 -51.06
CA PRO B 351 -13.87 -35.41 -49.68
C PRO B 351 -13.06 -34.12 -49.62
N LEU B 352 -13.44 -33.26 -48.69
CA LEU B 352 -12.79 -31.98 -48.49
C LEU B 352 -11.79 -32.10 -47.34
N LEU B 353 -10.52 -31.86 -47.63
CA LEU B 353 -9.49 -31.93 -46.61
C LEU B 353 -9.70 -30.81 -45.59
N ILE B 354 -9.43 -31.13 -44.33
CA ILE B 354 -9.55 -30.17 -43.24
C ILE B 354 -8.30 -30.27 -42.38
N GLY B 355 -7.99 -29.17 -41.69
CA GLY B 355 -6.82 -29.14 -40.83
C GLY B 355 -6.76 -27.85 -40.05
N SER B 356 -5.91 -27.86 -39.02
CA SER B 356 -5.74 -26.72 -38.14
C SER B 356 -4.27 -26.59 -37.76
N THR B 357 -3.72 -25.38 -37.90
CA THR B 357 -2.34 -25.12 -37.51
C THR B 357 -2.17 -25.07 -36.00
N LYS B 358 -3.26 -25.07 -35.23
CA LYS B 358 -3.17 -24.96 -33.79
C LYS B 358 -2.83 -26.29 -33.11
N SER B 359 -2.94 -27.41 -33.82
CA SER B 359 -2.48 -28.67 -33.27
C SER B 359 -0.96 -28.73 -33.18
N ASN B 360 -0.26 -27.84 -33.86
CA ASN B 360 1.20 -27.83 -33.89
C ASN B 360 1.80 -26.75 -33.00
N MET B 361 1.26 -25.53 -33.04
CA MET B 361 1.84 -24.39 -32.35
C MET B 361 0.90 -23.77 -31.33
N GLY B 362 -0.22 -24.40 -31.01
CA GLY B 362 -1.17 -23.81 -30.10
C GLY B 362 -2.02 -22.75 -30.77
N HIS B 363 -2.63 -21.91 -29.93
CA HIS B 363 -3.58 -20.90 -30.38
C HIS B 363 -3.13 -19.50 -29.99
N PRO B 364 -2.50 -18.75 -30.90
CA PRO B 364 -2.28 -17.31 -30.66
C PRO B 364 -3.58 -16.55 -30.90
N GLU B 365 -4.08 -15.89 -29.86
CA GLU B 365 -5.41 -15.30 -29.93
C GLU B 365 -5.51 -14.27 -31.05
N PRO B 366 -4.79 -13.16 -30.97
CA PRO B 366 -4.91 -12.13 -32.03
C PRO B 366 -4.38 -12.59 -33.38
N ALA B 367 -3.35 -13.44 -33.41
CA ALA B 367 -2.65 -13.78 -34.64
C ALA B 367 -3.00 -15.18 -35.14
N SER B 368 -4.15 -15.72 -34.75
CA SER B 368 -4.52 -17.06 -35.20
C SER B 368 -4.64 -17.12 -36.71
N GLY B 369 -5.25 -16.11 -37.31
CA GLY B 369 -5.45 -16.12 -38.75
C GLY B 369 -4.15 -16.10 -39.53
N LEU B 370 -3.20 -15.27 -39.11
CA LEU B 370 -1.95 -15.15 -39.85
C LEU B 370 -1.14 -16.44 -39.79
N ALA B 371 -1.16 -17.14 -38.66
CA ALA B 371 -0.46 -18.41 -38.57
C ALA B 371 -1.05 -19.42 -39.55
N ALA B 372 -2.38 -19.48 -39.62
CA ALA B 372 -3.03 -20.39 -40.57
C ALA B 372 -2.70 -20.01 -42.01
N LEU B 373 -2.69 -18.71 -42.31
CA LEU B 373 -2.36 -18.26 -43.66
C LEU B 373 -0.93 -18.64 -44.01
N ALA B 374 -0.01 -18.46 -43.07
CA ALA B 374 1.39 -18.85 -43.31
C ALA B 374 1.51 -20.34 -43.57
N LYS B 375 0.82 -21.15 -42.75
CA LYS B 375 0.86 -22.59 -42.96
C LYS B 375 0.34 -22.95 -44.34
N VAL B 376 -0.79 -22.37 -44.74
CA VAL B 376 -1.40 -22.72 -46.02
C VAL B 376 -0.49 -22.31 -47.17
N LEU B 377 0.06 -21.08 -47.11
CA LEU B 377 0.91 -20.61 -48.19
C LEU B 377 2.19 -21.42 -48.29
N LEU B 378 2.82 -21.74 -47.15
CA LEU B 378 4.03 -22.55 -47.19
C LEU B 378 3.74 -23.96 -47.71
N SER B 379 2.61 -24.53 -47.31
CA SER B 379 2.24 -25.84 -47.82
C SER B 379 2.03 -25.82 -49.32
N LEU B 380 1.38 -24.76 -49.83
CA LEU B 380 1.21 -24.63 -51.27
C LEU B 380 2.55 -24.49 -51.96
N GLU B 381 3.45 -23.67 -51.41
CA GLU B 381 4.75 -23.46 -52.03
C GLU B 381 5.55 -24.76 -52.09
N HIS B 382 5.56 -25.52 -51.00
CA HIS B 382 6.33 -26.76 -50.94
C HIS B 382 5.58 -27.96 -51.50
N GLY B 383 4.31 -27.79 -51.89
CA GLY B 383 3.58 -28.83 -52.55
C GLY B 383 2.92 -29.86 -51.66
N LEU B 384 3.11 -29.78 -50.34
CA LEU B 384 2.53 -30.74 -49.43
C LEU B 384 1.73 -30.02 -48.35
N TRP B 385 0.73 -30.70 -47.83
CA TRP B 385 -0.06 -30.20 -46.71
C TRP B 385 0.59 -30.62 -45.41
N ALA B 386 0.84 -29.67 -44.53
CA ALA B 386 1.45 -29.99 -43.25
C ALA B 386 0.48 -30.85 -42.44
N PRO B 387 0.93 -31.98 -41.89
CA PRO B 387 0.02 -32.84 -41.14
C PRO B 387 -0.42 -32.19 -39.84
N ASN B 388 -1.59 -32.62 -39.36
CA ASN B 388 -2.16 -32.15 -38.12
C ASN B 388 -1.88 -33.18 -37.02
N LEU B 389 -1.40 -32.70 -35.88
CA LEU B 389 -1.03 -33.57 -34.78
C LEU B 389 -2.22 -33.83 -33.85
N HIS B 390 -2.02 -34.78 -32.94
CA HIS B 390 -2.98 -35.06 -31.87
C HIS B 390 -4.37 -35.35 -32.44
N PHE B 391 -4.41 -36.20 -33.47
CA PHE B 391 -5.66 -36.68 -34.05
C PHE B 391 -5.61 -38.20 -34.05
N HIS B 392 -6.41 -38.81 -33.17
CA HIS B 392 -6.46 -40.27 -33.05
C HIS B 392 -7.84 -40.82 -33.37
N SER B 393 -8.90 -40.24 -32.80
CA SER B 393 -10.26 -40.65 -33.09
C SER B 393 -11.11 -39.43 -33.38
N PRO B 394 -12.12 -39.56 -34.24
CA PRO B 394 -12.98 -38.43 -34.57
C PRO B 394 -14.10 -38.23 -33.57
N ASN B 395 -14.38 -36.96 -33.29
CA ASN B 395 -15.42 -36.62 -32.34
C ASN B 395 -16.75 -37.14 -32.84
N PRO B 396 -17.48 -37.92 -32.03
CA PRO B 396 -18.73 -38.53 -32.55
C PRO B 396 -19.78 -37.52 -32.96
N GLU B 397 -19.71 -36.29 -32.46
CA GLU B 397 -20.77 -35.33 -32.74
C GLU B 397 -20.72 -34.82 -34.18
N ILE B 398 -19.59 -34.94 -34.85
CA ILE B 398 -19.44 -34.49 -36.23
C ILE B 398 -19.65 -35.69 -37.15
N PRO B 399 -20.72 -35.73 -37.94
CA PRO B 399 -20.96 -36.89 -38.80
C PRO B 399 -20.07 -36.90 -40.03
N ALA B 400 -19.60 -35.73 -40.44
CA ALA B 400 -18.75 -35.65 -41.63
C ALA B 400 -17.45 -36.42 -41.45
N LEU B 401 -16.81 -36.27 -40.29
CA LEU B 401 -15.56 -36.97 -40.04
C LEU B 401 -15.78 -38.48 -39.98
N LEU B 402 -16.86 -38.91 -39.34
CA LEU B 402 -17.17 -40.34 -39.30
C LEU B 402 -17.40 -40.87 -40.70
N ASP B 403 -18.10 -40.11 -41.54
CA ASP B 403 -18.17 -40.42 -42.96
C ASP B 403 -16.91 -39.92 -43.68
N GLY B 404 -16.96 -39.96 -45.01
CA GLY B 404 -15.80 -39.60 -45.79
C GLY B 404 -15.86 -38.20 -46.38
N ARG B 405 -16.93 -37.46 -46.09
CA ARG B 405 -17.08 -36.13 -46.66
C ARG B 405 -15.93 -35.23 -46.26
N LEU B 406 -15.56 -35.22 -44.98
CA LEU B 406 -14.45 -34.44 -44.48
C LEU B 406 -13.32 -35.37 -44.05
N GLN B 407 -12.10 -35.06 -44.48
CA GLN B 407 -10.92 -35.87 -44.19
C GLN B 407 -9.87 -34.98 -43.53
N VAL B 408 -9.40 -35.39 -42.36
CA VAL B 408 -8.41 -34.65 -41.62
C VAL B 408 -7.03 -35.07 -42.08
N VAL B 409 -6.14 -34.10 -42.24
CA VAL B 409 -4.79 -34.36 -42.72
C VAL B 409 -3.93 -34.84 -41.56
N ASP B 410 -3.84 -36.15 -41.37
CA ASP B 410 -3.03 -36.75 -40.32
C ASP B 410 -1.63 -37.09 -40.78
N GLN B 411 -1.33 -36.92 -42.07
CA GLN B 411 0.00 -37.18 -42.60
C GLN B 411 0.15 -36.44 -43.91
N PRO B 412 1.38 -36.21 -44.38
CA PRO B 412 1.59 -35.35 -45.54
C PRO B 412 0.83 -35.86 -46.77
N LEU B 413 0.26 -34.92 -47.52
CA LEU B 413 -0.43 -35.20 -48.76
C LEU B 413 0.03 -34.24 -49.85
N PRO B 414 0.15 -34.71 -51.09
CA PRO B 414 0.44 -33.80 -52.19
C PRO B 414 -0.75 -32.89 -52.48
N VAL B 415 -0.48 -31.81 -53.19
CA VAL B 415 -1.49 -30.81 -53.49
C VAL B 415 -2.05 -31.08 -54.87
N ARG B 416 -3.34 -31.40 -54.94
CA ARG B 416 -4.00 -31.65 -56.22
C ARG B 416 -4.26 -30.34 -56.97
N GLY B 417 -4.65 -29.29 -56.26
CA GLY B 417 -4.95 -28.01 -56.89
C GLY B 417 -6.39 -27.62 -56.64
N GLY B 418 -6.57 -26.39 -56.19
CA GLY B 418 -7.91 -25.89 -55.91
C GLY B 418 -7.86 -24.74 -54.95
N ASN B 419 -9.01 -24.09 -54.79
CA ASN B 419 -9.13 -22.97 -53.88
C ASN B 419 -9.02 -23.44 -52.44
N VAL B 420 -8.50 -22.56 -51.58
CA VAL B 420 -8.24 -22.86 -50.18
C VAL B 420 -9.01 -21.88 -49.32
N GLY B 421 -9.61 -22.37 -48.25
CA GLY B 421 -10.38 -21.51 -47.37
C GLY B 421 -9.83 -21.44 -45.97
N ILE B 422 -9.74 -20.22 -45.43
CA ILE B 422 -9.27 -19.98 -44.06
C ILE B 422 -10.35 -19.19 -43.34
N ASN B 423 -10.75 -19.67 -42.16
CA ASN B 423 -11.74 -18.99 -41.34
C ASN B 423 -11.25 -18.90 -39.90
N SER B 424 -11.41 -17.73 -39.30
CA SER B 424 -11.00 -17.48 -37.92
C SER B 424 -12.18 -16.89 -37.17
N PHE B 425 -12.48 -17.47 -36.00
CA PHE B 425 -13.62 -17.06 -35.19
C PHE B 425 -13.12 -16.65 -33.82
N GLY B 426 -13.61 -15.51 -33.33
CA GLY B 426 -13.25 -15.03 -32.02
C GLY B 426 -14.31 -15.35 -30.99
N PHE B 427 -13.89 -15.49 -29.74
CA PHE B 427 -14.83 -15.80 -28.67
C PHE B 427 -15.79 -14.66 -28.38
N GLY B 428 -15.49 -13.46 -28.85
CA GLY B 428 -16.45 -12.37 -28.72
C GLY B 428 -17.68 -12.58 -29.58
N GLY B 429 -17.49 -13.15 -30.78
CA GLY B 429 -18.61 -13.40 -31.67
C GLY B 429 -18.34 -13.02 -33.10
N SER B 430 -17.12 -12.60 -33.40
CA SER B 430 -16.76 -12.16 -34.74
C SER B 430 -16.35 -13.35 -35.60
N ASN B 431 -16.50 -13.20 -36.92
CA ASN B 431 -16.16 -14.24 -37.87
C ASN B 431 -15.42 -13.62 -39.05
N VAL B 432 -14.57 -14.42 -39.70
CA VAL B 432 -13.82 -13.97 -40.86
C VAL B 432 -13.56 -15.18 -41.75
N HIS B 433 -13.59 -14.95 -43.06
CA HIS B 433 -13.38 -16.02 -44.03
C HIS B 433 -12.70 -15.44 -45.27
N ILE B 434 -11.74 -16.19 -45.81
CA ILE B 434 -10.98 -15.76 -46.98
C ILE B 434 -10.89 -16.93 -47.95
N ILE B 435 -11.11 -16.64 -49.23
CA ILE B 435 -11.00 -17.63 -50.30
C ILE B 435 -9.75 -17.33 -51.11
N LEU B 436 -8.82 -18.27 -51.13
CA LEU B 436 -7.53 -18.09 -51.78
C LEU B 436 -7.42 -18.98 -53.00
N ARG B 437 -6.98 -18.41 -54.11
CA ARG B 437 -6.64 -19.19 -55.30
C ARG B 437 -5.15 -19.38 -55.37
N PRO B 438 -4.64 -20.61 -55.32
CA PRO B 438 -3.20 -20.82 -55.35
C PRO B 438 -2.57 -20.31 -56.64
N ASN B 439 -1.33 -19.86 -56.53
CA ASN B 439 -0.56 -19.41 -57.68
C ASN B 439 0.19 -20.60 -58.27
N THR B 440 -0.21 -20.99 -59.48
CA THR B 440 0.38 -22.15 -60.16
C THR B 440 1.02 -21.65 -61.46
N GLN B 441 2.27 -21.23 -61.36
CA GLN B 441 3.03 -20.75 -62.51
C GLN B 441 4.15 -21.73 -62.81
N PRO B 442 4.04 -22.54 -63.86
CA PRO B 442 5.08 -23.54 -64.12
C PRO B 442 6.41 -22.87 -64.38
N PRO B 443 7.51 -23.52 -64.01
CA PRO B 443 8.82 -22.94 -64.26
C PRO B 443 9.03 -22.70 -65.74
N PRO B 444 9.73 -21.63 -66.12
CA PRO B 444 9.88 -21.30 -67.53
C PRO B 444 10.71 -22.34 -68.27
N ALA B 445 10.41 -22.48 -69.56
CA ALA B 445 11.19 -23.38 -70.40
C ALA B 445 12.60 -22.86 -70.58
N PRO B 446 13.57 -23.74 -70.85
CA PRO B 446 14.95 -23.29 -70.98
C PRO B 446 15.09 -22.24 -72.08
N ALA B 447 15.96 -21.28 -71.84
CA ALA B 447 16.21 -20.17 -72.76
C ALA B 447 17.70 -20.11 -73.08
N PRO B 448 18.07 -19.53 -74.22
CA PRO B 448 19.49 -19.48 -74.59
C PRO B 448 20.33 -18.74 -73.57
N HIS B 449 19.79 -17.70 -72.94
CA HIS B 449 20.54 -16.90 -71.98
C HIS B 449 20.64 -17.56 -70.61
N ALA B 450 19.98 -18.70 -70.41
CA ALA B 450 20.00 -19.34 -69.10
C ALA B 450 21.42 -19.75 -68.70
N THR B 451 22.19 -20.30 -69.65
CA THR B 451 23.53 -20.75 -69.35
C THR B 451 24.50 -19.58 -69.17
N LEU B 452 24.12 -18.38 -69.59
CA LEU B 452 25.01 -17.24 -69.44
C LEU B 452 25.23 -16.92 -67.97
N PRO B 453 26.46 -16.61 -67.57
CA PRO B 453 26.71 -16.21 -66.19
C PRO B 453 25.94 -14.93 -65.83
N ARG B 454 25.49 -14.87 -64.59
CA ARG B 454 24.75 -13.73 -64.08
C ARG B 454 25.49 -13.13 -62.89
N LEU B 455 25.08 -11.93 -62.50
CA LEU B 455 25.69 -11.23 -61.37
C LEU B 455 24.69 -11.12 -60.23
N LEU B 456 25.16 -11.38 -59.02
CA LEU B 456 24.34 -11.30 -57.82
C LEU B 456 25.00 -10.37 -56.82
N ARG B 457 24.23 -9.43 -56.29
CA ARG B 457 24.71 -8.46 -55.32
C ARG B 457 23.84 -8.52 -54.07
N ALA B 458 24.48 -8.41 -52.91
CA ALA B 458 23.80 -8.54 -51.63
C ALA B 458 24.24 -7.44 -50.68
N SER B 459 23.37 -7.13 -49.72
CA SER B 459 23.65 -6.12 -48.72
C SER B 459 23.06 -6.58 -47.40
N GLY B 460 23.80 -6.35 -46.31
CA GLY B 460 23.36 -6.78 -45.00
C GLY B 460 23.94 -5.92 -43.90
N ARG B 461 23.33 -6.04 -42.72
CA ARG B 461 23.80 -5.28 -41.57
C ARG B 461 25.20 -5.69 -41.16
N THR B 462 25.49 -6.98 -41.21
CA THR B 462 26.78 -7.54 -40.86
C THR B 462 27.21 -8.50 -41.95
N PRO B 463 28.50 -8.84 -42.01
CA PRO B 463 28.99 -9.72 -43.08
C PRO B 463 28.24 -11.05 -43.13
N GLU B 464 27.66 -11.45 -42.00
CA GLU B 464 26.93 -12.70 -41.95
C GLU B 464 25.74 -12.68 -42.89
N ALA B 465 24.99 -11.58 -42.93
CA ALA B 465 23.83 -11.49 -43.82
C ALA B 465 24.25 -11.53 -45.28
N VAL B 466 25.32 -10.82 -45.62
CA VAL B 466 25.79 -10.81 -47.00
C VAL B 466 26.25 -12.20 -47.42
N GLN B 467 26.98 -12.89 -46.53
CA GLN B 467 27.40 -14.25 -46.84
C GLN B 467 26.21 -15.19 -46.99
N LYS B 468 25.19 -15.01 -46.13
CA LYS B 468 24.00 -15.85 -46.24
C LYS B 468 23.31 -15.67 -47.58
N LEU B 469 23.10 -14.40 -47.98
CA LEU B 469 22.47 -14.13 -49.26
C LEU B 469 23.30 -14.69 -50.41
N LEU B 470 24.62 -14.49 -50.38
CA LEU B 470 25.46 -14.97 -51.47
C LEU B 470 25.44 -16.49 -51.55
N GLU B 471 25.51 -17.18 -50.41
CA GLU B 471 25.49 -18.63 -50.42
C GLU B 471 24.16 -19.15 -50.94
N GLN B 472 23.05 -18.57 -50.49
CA GLN B 472 21.75 -19.02 -50.98
C GLN B 472 21.60 -18.77 -52.47
N GLY B 473 22.09 -17.62 -52.95
CA GLY B 473 22.08 -17.38 -54.38
C GLY B 473 22.94 -18.36 -55.16
N LEU B 474 24.08 -18.76 -54.57
CA LEU B 474 24.92 -19.76 -55.21
C LEU B 474 24.20 -21.11 -55.31
N ARG B 475 23.47 -21.48 -54.27
CA ARG B 475 22.78 -22.77 -54.29
C ARG B 475 21.63 -22.80 -55.29
N HIS B 476 21.22 -21.64 -55.80
CA HIS B 476 20.12 -21.57 -56.77
C HIS B 476 20.53 -20.79 -58.00
N SER B 477 21.69 -21.12 -58.56
CA SER B 477 22.24 -20.34 -59.68
C SER B 477 21.32 -20.34 -60.89
N GLN B 478 20.43 -21.32 -61.02
CA GLN B 478 19.61 -21.46 -62.22
C GLN B 478 18.26 -20.77 -62.10
N ASP B 479 17.92 -20.18 -60.96
CA ASP B 479 16.62 -19.55 -60.78
C ASP B 479 16.75 -18.06 -61.09
N LEU B 480 16.32 -17.68 -62.30
CA LEU B 480 16.44 -16.29 -62.73
C LEU B 480 15.59 -15.37 -61.87
N ALA B 481 14.35 -15.79 -61.59
CA ALA B 481 13.45 -14.93 -60.81
C ALA B 481 13.99 -14.69 -59.41
N PHE B 482 14.51 -15.73 -58.76
CA PHE B 482 15.07 -15.57 -57.43
C PHE B 482 16.24 -14.60 -57.44
N LEU B 483 17.13 -14.74 -58.43
CA LEU B 483 18.28 -13.84 -58.50
C LEU B 483 17.84 -12.40 -58.73
N SER B 484 16.88 -12.19 -59.64
CA SER B 484 16.40 -10.84 -59.89
C SER B 484 15.77 -10.23 -58.64
N MET B 485 14.97 -11.02 -57.93
CA MET B 485 14.33 -10.49 -56.71
C MET B 485 15.36 -10.18 -55.64
N LEU B 486 16.39 -11.02 -55.51
CA LEU B 486 17.47 -10.70 -54.58
C LEU B 486 18.18 -9.42 -54.98
N ASN B 487 18.43 -9.24 -56.28
CA ASN B 487 19.10 -8.03 -56.74
C ASN B 487 18.28 -6.79 -56.44
N ASP B 488 16.95 -6.88 -56.63
CA ASP B 488 16.11 -5.71 -56.40
C ASP B 488 16.18 -5.22 -54.96
N ILE B 489 16.47 -6.11 -54.02
CA ILE B 489 16.49 -5.76 -52.59
C ILE B 489 17.90 -5.47 -52.10
N ALA B 490 18.87 -5.32 -53.00
CA ALA B 490 20.25 -5.07 -52.62
C ALA B 490 20.65 -3.62 -52.79
N ALA B 491 19.73 -2.75 -53.19
CA ALA B 491 20.03 -1.33 -53.39
C ALA B 491 19.56 -0.55 -52.17
N VAL B 492 20.40 -0.57 -51.14
CA VAL B 492 20.13 0.16 -49.90
C VAL B 492 21.34 1.03 -49.59
N PRO B 493 21.16 2.29 -49.20
CA PRO B 493 22.31 3.15 -48.94
C PRO B 493 23.21 2.57 -47.86
N ALA B 494 24.51 2.81 -48.02
CA ALA B 494 25.48 2.21 -47.12
C ALA B 494 25.27 2.62 -45.67
N THR B 495 24.58 3.74 -45.42
CA THR B 495 24.32 4.14 -44.04
C THR B 495 23.47 3.09 -43.32
N ALA B 496 22.42 2.59 -43.98
CA ALA B 496 21.56 1.60 -43.37
C ALA B 496 22.24 0.24 -43.26
N MET B 497 22.89 -0.20 -44.34
CA MET B 497 23.55 -1.50 -44.41
C MET B 497 25.01 -1.29 -44.80
N PRO B 498 25.93 -1.19 -43.84
CA PRO B 498 27.31 -0.83 -44.14
C PRO B 498 28.17 -1.96 -44.70
N PHE B 499 27.58 -3.09 -45.09
CA PHE B 499 28.33 -4.19 -45.69
C PHE B 499 27.72 -4.56 -47.02
N ARG B 500 28.55 -5.11 -47.91
CA ARG B 500 28.12 -5.44 -49.26
C ARG B 500 29.01 -6.55 -49.80
N GLY B 501 28.55 -7.16 -50.89
CA GLY B 501 29.29 -8.22 -51.53
C GLY B 501 28.61 -8.78 -52.76
N TYR B 502 29.39 -9.13 -53.77
CA TYR B 502 28.87 -9.68 -55.02
C TYR B 502 29.35 -11.11 -55.20
N ALA B 503 28.76 -11.80 -56.17
CA ALA B 503 29.16 -13.16 -56.50
C ALA B 503 28.70 -13.46 -57.92
N VAL B 504 29.66 -13.61 -58.83
CA VAL B 504 29.35 -13.93 -60.22
C VAL B 504 29.00 -15.41 -60.32
N LEU B 505 27.89 -15.72 -60.97
CA LEU B 505 27.38 -17.08 -61.07
C LEU B 505 27.59 -17.63 -62.47
N GLY B 506 27.86 -18.93 -62.54
CA GLY B 506 28.08 -19.59 -63.81
C GLY B 506 29.49 -19.47 -64.36
N GLY B 507 30.45 -19.04 -63.56
CA GLY B 507 31.83 -18.91 -63.99
C GLY B 507 32.72 -19.86 -63.23
N GLU B 508 33.71 -20.44 -63.93
CA GLU B 508 34.62 -21.38 -63.29
C GLU B 508 35.39 -20.72 -62.15
N ARG B 509 35.87 -19.50 -62.37
CA ARG B 509 36.57 -18.74 -61.33
C ARG B 509 35.56 -17.97 -60.47
N GLY B 510 34.60 -18.72 -59.92
CA GLY B 510 33.53 -18.14 -59.15
C GLY B 510 33.75 -18.21 -57.65
N GLY B 511 33.81 -17.04 -57.02
CA GLY B 511 33.96 -16.96 -55.58
C GLY B 511 33.46 -15.63 -55.04
N PRO B 512 32.66 -15.68 -53.98
CA PRO B 512 32.09 -14.43 -53.45
C PRO B 512 33.16 -13.53 -52.86
N GLU B 513 32.92 -12.22 -52.96
CA GLU B 513 33.75 -11.21 -52.33
C GLU B 513 32.87 -10.28 -51.51
N VAL B 514 33.35 -9.91 -50.32
CA VAL B 514 32.62 -9.03 -49.41
C VAL B 514 33.58 -7.98 -48.88
N GLN B 515 33.01 -6.85 -48.46
CA GLN B 515 33.80 -5.77 -47.86
C GLN B 515 32.84 -4.71 -47.35
N GLN B 516 33.34 -3.89 -46.43
CA GLN B 516 32.52 -2.86 -45.79
C GLN B 516 32.54 -1.58 -46.61
N VAL B 517 31.39 -1.19 -47.12
CA VAL B 517 31.27 0.01 -47.94
C VAL B 517 31.43 1.25 -47.06
N PRO B 518 32.38 2.13 -47.39
CA PRO B 518 32.55 3.36 -46.60
C PRO B 518 31.37 4.31 -46.79
N ALA B 519 31.19 5.17 -45.80
CA ALA B 519 30.14 6.18 -45.86
C ALA B 519 30.60 7.38 -46.68
N GLY B 520 29.64 8.00 -47.36
CA GLY B 520 29.94 9.17 -48.18
C GLY B 520 29.81 8.85 -49.66
N GLU B 521 29.19 9.77 -50.39
CA GLU B 521 29.02 9.58 -51.82
C GLU B 521 30.35 9.69 -52.55
N ARG B 522 30.43 9.03 -53.70
CA ARG B 522 31.67 8.95 -54.46
C ARG B 522 31.37 9.28 -55.92
N PRO B 523 32.09 10.23 -56.52
CA PRO B 523 31.87 10.54 -57.93
C PRO B 523 32.23 9.37 -58.83
N LEU B 524 31.50 9.23 -59.92
CA LEU B 524 31.72 8.17 -60.90
C LEU B 524 32.33 8.80 -62.14
N TRP B 525 33.63 8.57 -62.33
CA TRP B 525 34.37 9.10 -63.47
C TRP B 525 34.60 8.02 -64.50
N PHE B 526 34.64 8.44 -65.77
CA PHE B 526 34.89 7.54 -66.89
C PHE B 526 36.21 7.90 -67.56
N ILE B 527 36.85 6.89 -68.14
CA ILE B 527 38.09 7.07 -68.89
C ILE B 527 38.00 6.22 -70.14
N CYS B 528 38.34 6.80 -71.29
CA CYS B 528 38.33 6.10 -72.55
C CYS B 528 39.75 5.89 -73.03
N SER B 529 40.10 4.64 -73.33
CA SER B 529 41.45 4.30 -73.73
C SER B 529 41.72 4.74 -75.16
N GLY B 530 43.00 4.70 -75.54
CA GLY B 530 43.46 5.18 -76.82
C GLY B 530 43.53 4.09 -77.86
N MET B 531 44.45 4.27 -78.82
CA MET B 531 44.55 3.40 -79.98
C MET B 531 45.38 2.15 -79.72
N GLY B 532 45.97 2.00 -78.54
CA GLY B 532 46.80 0.85 -78.25
C GLY B 532 46.07 -0.40 -77.83
N THR B 533 44.80 -0.30 -77.50
CA THR B 533 44.03 -1.43 -76.99
C THR B 533 43.17 -2.01 -78.10
N GLN B 534 43.68 -3.07 -78.74
CA GLN B 534 42.92 -3.83 -79.73
C GLN B 534 43.57 -5.19 -79.89
N TRP B 535 42.80 -6.24 -79.65
CA TRP B 535 43.35 -7.59 -79.65
C TRP B 535 42.43 -8.53 -80.42
N ARG B 536 42.98 -9.67 -80.81
CA ARG B 536 42.26 -10.64 -81.64
C ARG B 536 40.98 -11.11 -80.95
N GLY B 537 39.91 -11.17 -81.73
CA GLY B 537 38.65 -11.68 -81.21
C GLY B 537 38.12 -10.93 -80.01
N MET B 538 38.47 -9.65 -79.89
CA MET B 538 38.01 -8.86 -78.75
C MET B 538 36.50 -8.68 -78.79
N GLY B 539 35.89 -8.59 -77.61
CA GLY B 539 34.47 -8.31 -77.50
C GLY B 539 33.55 -9.43 -77.94
N LEU B 540 34.06 -10.47 -78.59
CA LEU B 540 33.20 -11.56 -79.04
C LEU B 540 32.40 -12.14 -77.88
N SER B 541 33.05 -12.40 -76.75
CA SER B 541 32.35 -12.97 -75.61
C SER B 541 31.24 -12.05 -75.12
N LEU B 542 31.41 -10.74 -75.27
CA LEU B 542 30.40 -9.80 -74.79
C LEU B 542 29.20 -9.71 -75.73
N MET B 543 29.32 -10.20 -76.96
CA MET B 543 28.23 -10.06 -77.92
C MET B 543 26.99 -10.84 -77.50
N ARG B 544 27.13 -11.75 -76.54
CA ARG B 544 25.97 -12.55 -76.11
C ARG B 544 24.89 -11.66 -75.50
N LEU B 545 25.28 -10.64 -74.76
CA LEU B 545 24.29 -9.69 -74.24
C LEU B 545 23.56 -9.01 -75.38
N ASP B 546 22.27 -8.77 -75.18
CA ASP B 546 21.46 -8.20 -76.25
C ASP B 546 21.83 -6.74 -76.53
N ARG B 547 21.99 -5.95 -75.47
CA ARG B 547 22.26 -4.53 -75.66
C ARG B 547 23.57 -4.32 -76.44
N PHE B 548 24.62 -5.05 -76.07
CA PHE B 548 25.90 -4.89 -76.74
C PHE B 548 25.80 -5.30 -78.20
N ARG B 549 25.11 -6.41 -78.48
CA ARG B 549 24.96 -6.84 -79.87
C ARG B 549 24.19 -5.82 -80.69
N ASP B 550 23.12 -5.27 -80.12
CA ASP B 550 22.35 -4.26 -80.84
C ASP B 550 23.17 -3.02 -81.11
N SER B 551 23.97 -2.59 -80.12
CA SER B 551 24.84 -1.43 -80.34
C SER B 551 25.85 -1.70 -81.44
N ILE B 552 26.44 -2.90 -81.44
CA ILE B 552 27.41 -3.22 -82.47
C ILE B 552 26.75 -3.27 -83.84
N LEU B 553 25.53 -3.80 -83.92
CA LEU B 553 24.82 -3.83 -85.19
C LEU B 553 24.48 -2.44 -85.68
N ARG B 554 24.10 -1.54 -84.77
CA ARG B 554 23.85 -0.15 -85.15
C ARG B 554 25.11 0.49 -85.70
N SER B 555 26.24 0.27 -85.03
CA SER B 555 27.50 0.80 -85.54
C SER B 555 27.81 0.24 -86.93
N ASP B 556 27.60 -1.06 -87.10
CA ASP B 556 27.79 -1.69 -88.42
C ASP B 556 26.96 -0.99 -89.47
N GLU B 557 25.66 -0.82 -89.21
CA GLU B 557 24.80 -0.13 -90.17
C GLU B 557 25.31 1.28 -90.43
N ALA B 558 25.84 1.93 -89.39
CA ALA B 558 26.37 3.28 -89.57
C ALA B 558 27.54 3.28 -90.55
N VAL B 559 28.43 2.30 -90.46
CA VAL B 559 29.60 2.24 -91.33
C VAL B 559 29.37 1.33 -92.53
N LYS B 560 28.15 0.88 -92.76
CA LYS B 560 27.87 -0.02 -93.87
C LYS B 560 28.25 0.57 -95.22
N PRO B 561 27.93 1.83 -95.52
CA PRO B 561 28.16 2.33 -96.90
C PRO B 561 29.61 2.22 -97.35
N PHE B 562 30.57 2.41 -96.44
CA PHE B 562 31.98 2.41 -96.84
C PHE B 562 32.47 1.02 -97.23
N GLY B 563 31.69 -0.03 -96.97
CA GLY B 563 32.03 -1.36 -97.43
C GLY B 563 32.49 -2.34 -96.38
N LEU B 564 32.35 -2.01 -95.10
CA LEU B 564 32.77 -2.90 -94.02
C LEU B 564 31.72 -2.92 -92.93
N LYS B 565 31.69 -4.03 -92.19
CA LYS B 565 30.76 -4.22 -91.09
C LYS B 565 31.54 -4.60 -89.84
N VAL B 566 31.25 -3.92 -88.73
CA VAL B 566 32.01 -4.14 -87.50
C VAL B 566 31.82 -5.57 -87.00
N SER B 567 30.63 -6.12 -87.17
CA SER B 567 30.39 -7.49 -86.71
C SER B 567 31.33 -8.47 -87.39
N GLN B 568 31.51 -8.33 -88.71
CA GLN B 568 32.43 -9.21 -89.42
C GLN B 568 33.87 -8.98 -88.94
N LEU B 569 34.22 -7.73 -88.64
CA LEU B 569 35.55 -7.45 -88.13
C LEU B 569 35.80 -8.17 -86.82
N LEU B 570 34.81 -8.16 -85.92
CA LEU B 570 34.97 -8.87 -84.66
C LEU B 570 35.04 -10.38 -84.88
N LEU B 571 34.09 -10.92 -85.64
CA LEU B 571 34.05 -12.36 -85.85
C LEU B 571 35.24 -12.86 -86.65
N SER B 572 35.97 -11.98 -87.32
CA SER B 572 37.11 -12.41 -88.13
C SER B 572 38.12 -13.16 -87.27
N THR B 573 38.61 -14.28 -87.80
CA THR B 573 39.60 -15.11 -87.10
C THR B 573 41.02 -14.87 -87.60
N ASP B 574 41.24 -13.89 -88.47
CA ASP B 574 42.57 -13.63 -88.99
C ASP B 574 43.34 -12.72 -88.04
N GLU B 575 44.60 -13.08 -87.80
CA GLU B 575 45.45 -12.25 -86.93
C GLU B 575 45.70 -10.89 -87.56
N SER B 576 45.89 -10.85 -88.88
CA SER B 576 46.14 -9.59 -89.57
C SER B 576 44.91 -8.70 -89.66
N THR B 577 43.74 -9.19 -89.26
CA THR B 577 42.51 -8.43 -89.42
C THR B 577 42.65 -7.03 -88.83
N PHE B 578 43.23 -6.92 -87.65
CA PHE B 578 43.31 -5.64 -86.95
C PHE B 578 44.57 -4.85 -87.26
N ASP B 579 45.48 -5.39 -88.07
CA ASP B 579 46.64 -4.59 -88.47
C ASP B 579 46.21 -3.36 -89.25
N ASP B 580 45.15 -3.50 -90.06
CA ASP B 580 44.58 -2.36 -90.76
C ASP B 580 44.19 -1.27 -89.77
N ILE B 581 44.55 -0.03 -90.10
CA ILE B 581 44.29 1.09 -89.18
C ILE B 581 42.80 1.31 -89.04
N VAL B 582 42.07 1.35 -90.16
CA VAL B 582 40.64 1.65 -90.11
C VAL B 582 39.90 0.58 -89.32
N HIS B 583 40.26 -0.69 -89.52
CA HIS B 583 39.61 -1.76 -88.77
C HIS B 583 39.81 -1.56 -87.27
N SER B 584 41.05 -1.26 -86.86
CA SER B 584 41.32 -1.05 -85.45
C SER B 584 40.49 0.10 -84.90
N PHE B 585 40.49 1.23 -85.60
CA PHE B 585 39.74 2.40 -85.12
C PHE B 585 38.27 2.07 -84.98
N VAL B 586 37.66 1.51 -86.03
CA VAL B 586 36.23 1.27 -86.02
C VAL B 586 35.87 0.27 -84.93
N SER B 587 36.63 -0.83 -84.83
CA SER B 587 36.33 -1.83 -83.82
C SER B 587 36.45 -1.26 -82.42
N LEU B 588 37.51 -0.50 -82.16
CA LEU B 588 37.71 0.06 -80.83
C LEU B 588 36.59 1.03 -80.48
N THR B 589 36.24 1.93 -81.40
CA THR B 589 35.18 2.88 -81.11
C THR B 589 33.85 2.18 -80.90
N ALA B 590 33.56 1.16 -81.71
CA ALA B 590 32.30 0.43 -81.55
C ALA B 590 32.24 -0.28 -80.22
N ILE B 591 33.35 -0.90 -79.81
CA ILE B 591 33.38 -1.59 -78.53
C ILE B 591 33.16 -0.59 -77.40
N GLN B 592 33.80 0.58 -77.48
CA GLN B 592 33.60 1.59 -76.45
C GLN B 592 32.16 2.07 -76.40
N ILE B 593 31.54 2.26 -77.57
CA ILE B 593 30.15 2.68 -77.60
C ILE B 593 29.26 1.62 -76.98
N GLY B 594 29.53 0.35 -77.27
CA GLY B 594 28.75 -0.72 -76.68
C GLY B 594 28.91 -0.78 -75.16
N LEU B 595 30.13 -0.60 -74.68
CA LEU B 595 30.36 -0.55 -73.25
C LEU B 595 29.60 0.60 -72.61
N ILE B 596 29.60 1.76 -73.26
CA ILE B 596 28.88 2.91 -72.73
C ILE B 596 27.39 2.63 -72.66
N ASP B 597 26.84 2.03 -73.72
CA ASP B 597 25.43 1.68 -73.73
C ASP B 597 25.09 0.69 -72.62
N LEU B 598 25.96 -0.30 -72.41
CA LEU B 598 25.75 -1.25 -71.33
C LEU B 598 25.75 -0.54 -69.98
N LEU B 599 26.69 0.38 -69.77
CA LEU B 599 26.74 1.10 -68.51
C LEU B 599 25.51 1.98 -68.32
N SER B 600 25.08 2.66 -69.39
CA SER B 600 23.90 3.51 -69.30
C SER B 600 22.65 2.70 -68.99
N CYS B 601 22.53 1.51 -69.57
CA CYS B 601 21.37 0.67 -69.29
C CYS B 601 21.19 0.45 -67.81
N MET B 602 22.29 0.35 -67.07
CA MET B 602 22.22 0.14 -65.62
C MET B 602 21.93 1.42 -64.85
N GLY B 603 21.90 2.57 -65.52
CA GLY B 603 21.51 3.82 -64.90
C GLY B 603 22.66 4.74 -64.54
N LEU B 604 23.89 4.25 -64.55
CA LEU B 604 25.02 5.06 -64.13
C LEU B 604 25.17 6.27 -65.03
N ARG B 605 25.45 7.42 -64.43
CA ARG B 605 25.71 8.65 -65.14
C ARG B 605 27.05 9.21 -64.71
N PRO B 606 28.03 9.27 -65.61
CA PRO B 606 29.38 9.71 -65.20
C PRO B 606 29.38 11.15 -64.73
N ASP B 607 30.15 11.41 -63.67
CA ASP B 607 30.35 12.76 -63.15
C ASP B 607 31.64 13.38 -63.65
N GLY B 608 32.37 12.69 -64.52
CA GLY B 608 33.59 13.22 -65.09
C GLY B 608 34.11 12.31 -66.17
N ILE B 609 34.44 12.87 -67.34
CA ILE B 609 34.87 12.09 -68.49
C ILE B 609 36.22 12.63 -68.95
N VAL B 610 37.17 11.72 -69.17
CA VAL B 610 38.48 12.06 -69.72
C VAL B 610 38.74 11.14 -70.90
N GLY B 611 39.50 11.57 -71.89
CA GLY B 611 39.82 10.64 -72.97
C GLY B 611 41.25 10.71 -73.47
N HIS B 612 41.77 9.62 -74.00
CA HIS B 612 43.14 9.63 -74.59
C HIS B 612 43.03 9.37 -76.09
N SER B 613 43.65 10.23 -76.89
CA SER B 613 43.64 10.06 -78.36
C SER B 613 42.24 9.72 -78.87
N LEU B 614 42.12 8.63 -79.63
CA LEU B 614 40.86 8.28 -80.28
C LEU B 614 39.70 8.16 -79.30
N GLY B 615 39.99 8.02 -78.01
CA GLY B 615 38.93 7.82 -77.03
C GLY B 615 37.95 8.98 -76.95
N GLU B 616 38.39 10.18 -77.29
CA GLU B 616 37.54 11.35 -77.11
C GLU B 616 36.22 11.22 -77.86
N VAL B 617 36.20 10.48 -78.97
CA VAL B 617 34.94 10.24 -79.66
C VAL B 617 34.00 9.46 -78.75
N ALA B 618 34.51 8.44 -78.06
CA ALA B 618 33.71 7.74 -77.07
C ALA B 618 33.32 8.69 -75.93
N CYS B 619 34.26 9.53 -75.52
CA CYS B 619 33.93 10.55 -74.52
C CYS B 619 32.85 11.48 -75.02
N GLY B 620 32.90 11.83 -76.31
CA GLY B 620 31.83 12.62 -76.88
C GLY B 620 30.49 11.91 -76.81
N TYR B 621 30.47 10.62 -77.10
CA TYR B 621 29.23 9.85 -76.96
C TYR B 621 28.76 9.83 -75.51
N ALA B 622 29.71 9.88 -74.56
CA ALA B 622 29.33 9.85 -73.16
C ALA B 622 28.46 11.03 -72.77
N ASP B 623 28.82 12.23 -73.24
CA ASP B 623 28.07 13.43 -72.89
C ASP B 623 26.81 13.61 -73.71
N GLY B 624 26.60 12.82 -74.76
CA GLY B 624 25.47 13.02 -75.64
C GLY B 624 25.66 14.09 -76.68
N CYS B 625 26.86 14.68 -76.77
CA CYS B 625 27.09 15.73 -77.76
C CYS B 625 27.07 15.18 -79.17
N LEU B 626 27.50 13.92 -79.35
CA LEU B 626 27.60 13.31 -80.66
C LEU B 626 26.69 12.08 -80.73
N SER B 627 26.05 11.90 -81.88
CA SER B 627 25.26 10.71 -82.14
C SER B 627 26.17 9.52 -82.43
N GLN B 628 25.67 8.32 -82.14
CA GLN B 628 26.45 7.11 -82.34
C GLN B 628 27.01 7.05 -83.76
N GLU B 629 26.16 7.24 -84.76
CA GLU B 629 26.62 7.24 -86.14
C GLU B 629 27.70 8.29 -86.35
N GLU B 630 27.51 9.48 -85.76
CA GLU B 630 28.50 10.53 -85.88
C GLU B 630 29.87 10.06 -85.40
N ALA B 631 29.93 9.51 -84.19
CA ALA B 631 31.21 9.09 -83.64
C ALA B 631 31.82 7.98 -84.48
N VAL B 632 31.02 6.99 -84.89
CA VAL B 632 31.58 5.88 -85.65
C VAL B 632 32.15 6.36 -86.97
N LEU B 633 31.37 7.15 -87.71
CA LEU B 633 31.84 7.65 -89.00
C LEU B 633 33.05 8.57 -88.83
N ALA B 634 33.07 9.36 -87.76
CA ALA B 634 34.21 10.23 -87.51
C ALA B 634 35.47 9.41 -87.30
N ALA B 635 35.37 8.34 -86.50
CA ALA B 635 36.51 7.47 -86.31
C ALA B 635 36.95 6.84 -87.63
N TYR B 636 35.99 6.38 -88.43
CA TYR B 636 36.32 5.78 -89.70
C TYR B 636 37.09 6.76 -90.58
N TRP B 637 36.61 8.00 -90.67
CA TRP B 637 37.25 8.97 -91.54
C TRP B 637 38.60 9.41 -91.01
N ARG B 638 38.75 9.48 -89.69
CA ARG B 638 40.07 9.75 -89.12
C ARG B 638 41.06 8.67 -89.56
N GLY B 639 40.68 7.41 -89.39
CA GLY B 639 41.54 6.33 -89.83
C GLY B 639 41.81 6.37 -91.33
N GLN B 640 40.78 6.69 -92.11
CA GLN B 640 40.92 6.72 -93.56
C GLN B 640 41.91 7.80 -93.98
N CYS B 641 41.78 9.00 -93.42
CA CYS B 641 42.73 10.06 -93.73
C CYS B 641 44.14 9.68 -93.31
N ILE B 642 44.26 9.03 -92.14
CA ILE B 642 45.58 8.56 -91.73
C ILE B 642 46.13 7.55 -92.73
N LYS B 643 45.25 6.76 -93.36
CA LYS B 643 45.69 5.68 -94.22
C LYS B 643 46.27 6.20 -95.54
N GLU B 644 45.58 7.16 -96.17
CA GLU B 644 45.92 7.55 -97.53
C GLU B 644 47.33 8.14 -97.61
N ALA B 645 47.68 9.01 -96.68
CA ALA B 645 48.99 9.66 -96.74
C ALA B 645 50.09 8.66 -96.50
N HIS B 646 51.12 8.67 -97.35
CA HIS B 646 52.26 7.77 -97.23
C HIS B 646 53.38 8.54 -96.54
N LEU B 647 53.23 8.72 -95.23
CA LEU B 647 54.27 9.41 -94.49
C LEU B 647 55.41 8.47 -94.16
N PRO B 648 56.64 8.98 -94.04
CA PRO B 648 57.75 8.15 -93.60
C PRO B 648 57.45 7.53 -92.25
N PRO B 649 57.81 6.26 -92.04
CA PRO B 649 57.48 5.59 -90.78
C PRO B 649 57.96 6.39 -89.58
N GLY B 650 57.03 6.69 -88.67
CA GLY B 650 57.36 7.37 -87.44
C GLY B 650 56.90 6.59 -86.23
N ALA B 651 57.84 6.16 -85.40
CA ALA B 651 57.53 5.23 -84.32
C ALA B 651 57.00 5.96 -83.10
N MET B 652 56.22 5.24 -82.30
CA MET B 652 55.68 5.74 -81.04
C MET B 652 56.45 5.08 -79.90
N ALA B 653 57.35 5.84 -79.28
CA ALA B 653 58.21 5.33 -78.22
C ALA B 653 57.80 5.97 -76.90
N ALA B 654 57.57 5.13 -75.90
CA ALA B 654 57.22 5.57 -74.56
C ALA B 654 58.44 5.51 -73.67
N VAL B 655 58.70 6.60 -72.94
CA VAL B 655 59.91 6.74 -72.14
C VAL B 655 59.52 7.13 -70.72
N GLY B 656 60.24 6.61 -69.74
CA GLY B 656 60.01 6.95 -68.36
C GLY B 656 60.73 8.20 -67.92
N LEU B 657 60.38 9.33 -68.53
CA LEU B 657 61.00 10.61 -68.24
C LEU B 657 59.93 11.68 -68.09
N SER B 658 60.26 12.74 -67.35
CA SER B 658 59.28 13.78 -67.08
C SER B 658 59.00 14.62 -68.32
N TRP B 659 57.85 15.29 -68.31
CA TRP B 659 57.40 16.03 -69.48
C TRP B 659 58.42 17.08 -69.90
N GLU B 660 58.85 17.94 -68.96
CA GLU B 660 59.83 18.96 -69.29
C GLU B 660 61.19 18.33 -69.61
N GLU B 661 61.52 17.23 -68.92
CA GLU B 661 62.76 16.54 -69.24
C GLU B 661 62.75 16.04 -70.67
N CYS B 662 61.61 15.51 -71.13
CA CYS B 662 61.49 15.12 -72.53
C CYS B 662 61.47 16.32 -73.46
N LYS B 663 60.94 17.46 -73.01
CA LYS B 663 61.01 18.67 -73.81
C LYS B 663 62.46 19.07 -74.09
N GLN B 664 63.30 18.99 -73.07
CA GLN B 664 64.69 19.43 -73.19
C GLN B 664 65.60 18.36 -73.79
N ARG B 665 65.26 17.08 -73.63
CA ARG B 665 66.14 16.01 -74.10
C ARG B 665 65.78 15.55 -75.51
N CYS B 666 64.54 15.76 -75.94
CA CYS B 666 64.08 15.20 -77.20
C CYS B 666 64.92 15.76 -78.35
N PRO B 667 65.46 14.92 -79.23
CA PRO B 667 66.21 15.41 -80.38
C PRO B 667 65.29 16.13 -81.35
N PRO B 668 65.82 17.06 -82.14
CA PRO B 668 64.97 17.77 -83.10
C PRO B 668 64.26 16.78 -84.02
N GLY B 669 62.99 17.06 -84.29
CA GLY B 669 62.14 16.17 -85.05
C GLY B 669 61.34 15.19 -84.23
N VAL B 670 61.35 15.31 -82.91
CA VAL B 670 60.56 14.45 -82.03
C VAL B 670 59.86 15.34 -81.01
N VAL B 671 58.72 14.86 -80.53
CA VAL B 671 57.90 15.64 -79.58
C VAL B 671 57.33 14.71 -78.52
N PRO B 672 57.14 15.23 -77.32
CA PRO B 672 56.46 14.43 -76.28
C PRO B 672 55.02 14.16 -76.66
N ALA B 673 54.69 12.89 -76.95
CA ALA B 673 53.40 12.57 -77.53
C ALA B 673 52.28 12.71 -76.52
N CYS B 674 52.31 11.92 -75.45
CA CYS B 674 51.23 11.88 -74.48
C CYS B 674 51.79 12.09 -73.08
N HIS B 675 51.16 12.98 -72.32
CA HIS B 675 51.55 13.23 -70.93
C HIS B 675 50.72 12.32 -70.01
N ASN B 676 51.02 11.03 -70.10
CA ASN B 676 50.24 10.04 -69.37
C ASN B 676 50.44 10.16 -67.86
N SER B 677 51.69 10.21 -67.42
CA SER B 677 52.01 10.23 -66.00
C SER B 677 53.23 11.09 -65.77
N LYS B 678 53.37 11.58 -64.54
CA LYS B 678 54.54 12.37 -64.19
C LYS B 678 55.83 11.58 -64.36
N ASP B 679 55.73 10.25 -64.35
CA ASP B 679 56.93 9.42 -64.51
C ASP B 679 57.14 9.01 -65.96
N THR B 680 56.06 8.66 -66.66
CA THR B 680 56.15 8.15 -68.03
C THR B 680 55.77 9.23 -69.03
N VAL B 681 56.45 9.23 -70.17
CA VAL B 681 56.14 10.14 -71.27
C VAL B 681 56.45 9.44 -72.58
N THR B 682 55.57 9.61 -73.55
CA THR B 682 55.73 8.99 -74.86
C THR B 682 55.90 10.06 -75.92
N ILE B 683 56.67 9.73 -76.95
CA ILE B 683 57.03 10.68 -78.00
C ILE B 683 56.70 10.07 -79.35
N SER B 684 56.52 10.97 -80.33
CA SER B 684 56.21 10.57 -81.70
C SER B 684 57.12 11.33 -82.65
N GLY B 685 57.67 10.62 -83.63
CA GLY B 685 58.58 11.21 -84.58
C GLY B 685 59.06 10.21 -85.61
N PRO B 686 59.94 10.65 -86.50
CA PRO B 686 60.43 9.75 -87.55
C PRO B 686 61.08 8.51 -86.96
N GLN B 687 60.94 7.39 -87.68
CA GLN B 687 61.41 6.12 -87.15
C GLN B 687 62.91 6.15 -86.86
N ALA B 688 63.70 6.72 -87.76
CA ALA B 688 65.15 6.78 -87.52
C ALA B 688 65.49 7.60 -86.28
N PRO B 689 65.00 8.84 -86.13
CA PRO B 689 65.30 9.58 -84.90
C PRO B 689 64.78 8.90 -83.65
N VAL B 690 63.62 8.25 -83.74
CA VAL B 690 63.08 7.58 -82.56
C VAL B 690 63.97 6.40 -82.16
N PHE B 691 64.46 5.65 -83.14
CA PHE B 691 65.39 4.56 -82.84
C PHE B 691 66.69 5.12 -82.25
N GLU B 692 67.17 6.23 -82.78
CA GLU B 692 68.38 6.85 -82.24
C GLU B 692 68.18 7.23 -80.78
N PHE B 693 67.06 7.87 -80.47
CA PHE B 693 66.80 8.29 -79.10
C PHE B 693 66.58 7.09 -78.19
N VAL B 694 65.98 6.03 -78.71
CA VAL B 694 65.81 4.81 -77.91
C VAL B 694 67.17 4.22 -77.56
N GLU B 695 68.07 4.17 -78.54
CA GLU B 695 69.42 3.68 -78.27
C GLU B 695 70.11 4.56 -77.23
N GLN B 696 69.97 5.88 -77.37
CA GLN B 696 70.57 6.79 -76.41
C GLN B 696 70.05 6.53 -74.99
N LEU B 697 68.73 6.40 -74.86
CA LEU B 697 68.13 6.10 -73.56
C LEU B 697 68.65 4.78 -73.01
N ARG B 698 68.72 3.75 -73.85
CA ARG B 698 69.29 2.48 -73.43
C ARG B 698 70.70 2.68 -72.91
N LYS B 699 71.44 3.62 -73.51
CA LYS B 699 72.74 3.99 -72.95
C LYS B 699 72.58 4.53 -71.54
N GLU B 700 71.59 5.39 -71.31
CA GLU B 700 71.29 5.82 -69.95
C GLU B 700 70.73 4.70 -69.12
N GLY B 701 70.10 3.71 -69.75
CA GLY B 701 69.54 2.57 -69.05
C GLY B 701 68.17 2.79 -68.45
N VAL B 702 67.58 3.98 -68.62
CA VAL B 702 66.25 4.26 -68.08
C VAL B 702 65.23 3.42 -68.84
N PHE B 703 64.03 3.29 -68.27
CA PHE B 703 62.98 2.52 -68.91
C PHE B 703 62.69 3.08 -70.30
N ALA B 704 62.61 2.20 -71.29
CA ALA B 704 62.37 2.60 -72.67
C ALA B 704 61.58 1.54 -73.39
N LYS B 705 60.53 1.95 -74.09
CA LYS B 705 59.71 1.03 -74.87
C LYS B 705 58.96 1.83 -75.91
N GLU B 706 58.41 1.12 -76.90
CA GLU B 706 57.64 1.75 -77.97
C GLU B 706 56.47 0.84 -78.33
N VAL B 707 55.27 1.42 -78.35
CA VAL B 707 54.09 0.66 -78.76
C VAL B 707 54.10 0.48 -80.28
N ARG B 708 53.38 -0.54 -80.73
CA ARG B 708 53.29 -0.86 -82.15
C ARG B 708 52.11 -0.10 -82.75
N THR B 709 52.39 1.09 -83.28
CA THR B 709 51.38 1.91 -83.93
C THR B 709 51.50 1.87 -85.45
N GLY B 710 52.02 0.78 -85.99
CA GLY B 710 52.18 0.66 -87.43
C GLY B 710 53.15 1.62 -88.06
N GLY B 711 54.11 2.13 -87.28
CA GLY B 711 55.09 3.06 -87.80
C GLY B 711 54.61 4.48 -87.93
N MET B 712 53.38 4.78 -87.53
CA MET B 712 52.83 6.12 -87.63
C MET B 712 52.89 6.79 -86.26
N ALA B 713 53.61 7.91 -86.17
CA ALA B 713 53.75 8.65 -84.92
C ALA B 713 52.70 9.75 -84.90
N PHE B 714 51.64 9.54 -84.11
CA PHE B 714 50.55 10.49 -84.04
C PHE B 714 50.87 11.65 -83.10
N HIS B 715 49.97 12.62 -83.05
CA HIS B 715 50.08 13.76 -82.14
C HIS B 715 51.39 14.51 -82.31
N SER B 716 52.00 14.39 -83.48
CA SER B 716 53.26 15.05 -83.80
C SER B 716 53.08 15.95 -85.01
N TYR B 717 54.19 16.58 -85.42
CA TYR B 717 54.15 17.43 -86.60
C TYR B 717 53.84 16.66 -87.87
N PHE B 718 54.03 15.34 -87.86
CA PHE B 718 53.71 14.53 -89.03
C PHE B 718 52.22 14.64 -89.38
N MET B 719 51.36 14.57 -88.38
CA MET B 719 49.92 14.55 -88.61
C MET B 719 49.38 15.88 -89.14
N GLU B 720 50.18 16.94 -89.14
CA GLU B 720 49.70 18.24 -89.57
C GLU B 720 49.18 18.20 -91.01
N ALA B 721 49.82 17.43 -91.88
CA ALA B 721 49.43 17.42 -93.29
C ALA B 721 48.01 16.92 -93.47
N ILE B 722 47.64 15.86 -92.75
CA ILE B 722 46.36 15.21 -92.98
C ILE B 722 45.18 16.03 -92.47
N ALA B 723 45.42 16.99 -91.58
CA ALA B 723 44.32 17.69 -90.92
C ALA B 723 43.37 18.37 -91.90
N PRO B 724 43.83 19.15 -92.87
CA PRO B 724 42.89 19.94 -93.70
C PRO B 724 41.88 19.05 -94.39
N PRO B 725 42.33 18.10 -95.20
CA PRO B 725 41.36 17.21 -95.88
C PRO B 725 40.48 16.46 -94.90
N LEU B 726 41.05 15.94 -93.82
CA LEU B 726 40.25 15.31 -92.78
C LEU B 726 39.33 16.32 -92.11
N LEU B 727 39.78 17.56 -91.97
CA LEU B 727 38.90 18.61 -91.44
C LEU B 727 37.66 18.76 -92.30
N GLN B 728 37.84 18.87 -93.62
CA GLN B 728 36.68 18.99 -94.51
C GLN B 728 35.80 17.75 -94.45
N GLU B 729 36.42 16.57 -94.45
CA GLU B 729 35.64 15.34 -94.42
C GLU B 729 34.80 15.25 -93.15
N LEU B 730 35.39 15.58 -92.00
CA LEU B 730 34.63 15.56 -90.75
C LEU B 730 33.54 16.62 -90.77
N LYS B 731 33.82 17.80 -91.32
CA LYS B 731 32.78 18.80 -91.50
C LYS B 731 31.61 18.20 -92.28
N LYS B 732 31.91 17.42 -93.31
CA LYS B 732 30.85 16.70 -94.02
C LYS B 732 30.13 15.72 -93.10
N VAL B 733 30.89 15.00 -92.27
CA VAL B 733 30.29 14.00 -91.40
C VAL B 733 29.43 14.65 -90.33
N ILE B 734 29.95 15.69 -89.68
CA ILE B 734 29.26 16.33 -88.57
C ILE B 734 28.48 17.53 -89.09
N ARG B 735 27.21 17.60 -88.74
CA ARG B 735 26.33 18.68 -89.19
C ARG B 735 26.29 19.84 -88.20
N GLU B 736 25.86 19.59 -86.98
CA GLU B 736 25.64 20.64 -86.00
C GLU B 736 26.48 20.40 -84.75
N PRO B 737 27.49 21.22 -84.48
CA PRO B 737 28.22 21.10 -83.22
C PRO B 737 27.32 21.38 -82.03
N LYS B 738 27.63 20.74 -80.91
CA LYS B 738 26.86 20.89 -79.68
C LYS B 738 27.80 21.18 -78.52
N PRO B 739 27.29 21.75 -77.43
CA PRO B 739 28.18 22.18 -76.34
C PRO B 739 28.86 21.01 -75.65
N ARG B 740 30.08 21.26 -75.19
CA ARG B 740 30.81 20.31 -74.35
C ARG B 740 30.43 20.56 -72.90
N SER B 741 29.75 19.61 -72.28
CA SER B 741 29.35 19.78 -70.89
C SER B 741 30.57 19.83 -69.99
N ALA B 742 30.43 20.52 -68.86
CA ALA B 742 31.55 20.74 -67.95
C ALA B 742 32.10 19.45 -67.39
N ARG B 743 31.29 18.38 -67.33
CA ARG B 743 31.79 17.11 -66.83
C ARG B 743 32.97 16.61 -67.66
N TRP B 744 32.94 16.88 -68.96
CA TRP B 744 34.03 16.47 -69.83
C TRP B 744 35.22 17.41 -69.65
N LEU B 745 36.39 16.82 -69.43
CA LEU B 745 37.64 17.57 -69.27
C LEU B 745 38.51 17.29 -70.48
N SER B 746 38.65 18.28 -71.36
CA SER B 746 39.43 18.09 -72.58
C SER B 746 40.89 17.81 -72.24
N THR B 747 41.44 16.78 -72.86
CA THR B 747 42.87 16.48 -72.79
C THR B 747 43.61 16.86 -74.05
N SER B 748 42.96 17.59 -74.96
CA SER B 748 43.61 18.02 -76.20
C SER B 748 44.00 19.49 -76.17
N ILE B 749 43.15 20.35 -75.61
CA ILE B 749 43.45 21.76 -75.46
C ILE B 749 43.86 22.02 -74.01
N PRO B 750 44.83 22.89 -73.76
CA PRO B 750 45.27 23.12 -72.38
C PRO B 750 44.17 23.74 -71.53
N GLU B 751 44.26 23.49 -70.22
CA GLU B 751 43.28 24.04 -69.30
C GLU B 751 43.21 25.57 -69.39
N ALA B 752 44.32 26.20 -69.79
CA ALA B 752 44.32 27.65 -69.96
C ALA B 752 43.34 28.09 -71.04
N GLN B 753 42.93 27.19 -71.92
CA GLN B 753 42.10 27.52 -73.06
C GLN B 753 40.74 26.82 -73.05
N TRP B 754 40.33 26.27 -71.90
CA TRP B 754 39.06 25.55 -71.86
C TRP B 754 37.89 26.44 -72.30
N HIS B 755 37.99 27.75 -72.07
CA HIS B 755 36.96 28.66 -72.52
C HIS B 755 37.08 29.01 -74.01
N SER B 756 38.15 28.57 -74.66
CA SER B 756 38.34 28.89 -76.07
C SER B 756 37.20 28.32 -76.90
N SER B 757 36.84 29.05 -77.97
CA SER B 757 35.75 28.62 -78.83
C SER B 757 36.06 27.28 -79.49
N LEU B 758 37.31 27.08 -79.91
CA LEU B 758 37.69 25.82 -80.54
C LEU B 758 37.34 24.62 -79.67
N ALA B 759 37.52 24.76 -78.36
CA ALA B 759 37.19 23.70 -77.41
C ALA B 759 35.84 23.90 -76.74
N ARG B 760 35.11 24.95 -77.09
CA ARG B 760 33.82 25.19 -76.45
C ARG B 760 32.80 24.13 -76.81
N THR B 761 32.78 23.69 -78.07
CA THR B 761 31.83 22.70 -78.54
C THR B 761 32.57 21.63 -79.34
N SER B 762 32.07 20.40 -79.27
CA SER B 762 32.70 19.29 -79.99
C SER B 762 32.30 19.35 -81.46
N SER B 763 33.17 19.94 -82.28
CA SER B 763 32.94 20.03 -83.72
C SER B 763 34.06 19.29 -84.42
N ALA B 764 34.06 19.33 -85.75
CA ALA B 764 35.12 18.70 -86.52
C ALA B 764 36.47 19.33 -86.20
N GLU B 765 36.49 20.64 -85.99
CA GLU B 765 37.74 21.31 -85.61
C GLU B 765 38.30 20.72 -84.32
N TYR B 766 37.42 20.36 -83.38
CA TYR B 766 37.88 19.73 -82.15
C TYR B 766 38.63 18.43 -82.44
N ASN B 767 38.05 17.58 -83.30
CA ASN B 767 38.68 16.30 -83.59
C ASN B 767 39.99 16.50 -84.35
N VAL B 768 40.02 17.45 -85.29
CA VAL B 768 41.27 17.69 -86.02
C VAL B 768 42.35 18.18 -85.06
N ASN B 769 41.99 19.08 -84.15
CA ASN B 769 42.94 19.54 -83.15
C ASN B 769 43.44 18.38 -82.30
N ASN B 770 42.53 17.52 -81.86
CA ASN B 770 42.92 16.38 -81.04
C ASN B 770 43.88 15.47 -81.78
N LEU B 771 43.64 15.25 -83.08
CA LEU B 771 44.56 14.45 -83.87
C LEU B 771 45.91 15.14 -84.05
N VAL B 772 45.91 16.48 -84.06
CA VAL B 772 47.15 17.22 -84.28
C VAL B 772 47.80 17.64 -82.97
N SER B 773 47.00 18.06 -82.00
CA SER B 773 47.56 18.57 -80.75
C SER B 773 48.11 17.43 -79.90
N PRO B 774 49.12 17.72 -79.06
CA PRO B 774 49.64 16.69 -78.16
C PRO B 774 48.67 16.39 -77.02
N VAL B 775 48.83 15.19 -76.45
CA VAL B 775 47.97 14.76 -75.37
C VAL B 775 48.48 15.31 -74.05
N LEU B 776 47.57 15.68 -73.16
CA LEU B 776 47.86 16.21 -71.84
C LEU B 776 47.09 15.43 -70.78
N PHE B 777 47.16 14.10 -70.86
CA PHE B 777 46.32 13.25 -70.02
C PHE B 777 46.63 13.45 -68.54
N GLN B 778 47.91 13.58 -68.18
CA GLN B 778 48.25 13.73 -66.76
C GLN B 778 47.59 14.96 -66.16
N GLU B 779 47.52 16.06 -66.91
CA GLU B 779 46.89 17.27 -66.41
C GLU B 779 45.43 17.04 -66.09
N ALA B 780 44.73 16.27 -66.93
CA ALA B 780 43.31 16.01 -66.71
C ALA B 780 43.08 15.26 -65.41
N LEU B 781 43.95 14.30 -65.09
CA LEU B 781 43.73 13.47 -63.90
C LEU B 781 43.81 14.27 -62.61
N TRP B 782 44.44 15.45 -62.62
CA TRP B 782 44.53 16.23 -61.39
C TRP B 782 43.16 16.64 -60.87
N HIS B 783 42.25 17.02 -61.76
CA HIS B 783 40.91 17.44 -61.33
C HIS B 783 40.09 16.29 -60.77
N VAL B 784 40.53 15.04 -60.94
CA VAL B 784 39.81 13.88 -60.44
C VAL B 784 39.63 14.02 -58.93
N PRO B 785 38.42 14.27 -58.44
CA PRO B 785 38.23 14.44 -57.00
C PRO B 785 38.62 13.18 -56.24
N GLU B 786 39.15 13.38 -55.04
CA GLU B 786 39.56 12.27 -54.21
C GLU B 786 38.36 11.39 -53.84
N HIS B 787 38.58 10.08 -53.80
CA HIS B 787 37.56 9.07 -53.52
C HIS B 787 36.69 8.77 -54.73
N ALA B 788 37.05 9.26 -55.92
CA ALA B 788 36.24 9.00 -57.10
C ALA B 788 36.33 7.54 -57.51
N VAL B 789 35.41 7.13 -58.38
CA VAL B 789 35.40 5.78 -58.90
C VAL B 789 35.64 5.82 -60.39
N VAL B 790 36.90 5.68 -60.80
CA VAL B 790 37.27 5.73 -62.21
C VAL B 790 36.82 4.45 -62.88
N LEU B 791 36.84 4.43 -64.21
CA LEU B 791 36.38 3.27 -64.98
C LEU B 791 37.09 3.29 -66.33
N GLU B 792 37.89 2.26 -66.58
CA GLU B 792 38.66 2.15 -67.82
C GLU B 792 37.79 1.46 -68.87
N ILE B 793 37.11 2.25 -69.68
CA ILE B 793 36.20 1.73 -70.70
C ILE B 793 37.03 1.50 -71.96
N ALA B 794 37.62 0.31 -72.05
CA ALA B 794 38.44 -0.06 -73.20
C ALA B 794 38.34 -1.56 -73.39
N PRO B 795 38.58 -2.05 -74.61
CA PRO B 795 38.65 -3.50 -74.81
C PRO B 795 39.75 -4.15 -73.98
N HIS B 796 40.86 -3.45 -73.76
CA HIS B 796 41.93 -3.93 -72.90
C HIS B 796 42.32 -2.82 -71.94
N ALA B 797 42.68 -3.20 -70.71
CA ALA B 797 43.04 -2.25 -69.67
C ALA B 797 44.53 -1.97 -69.75
N LEU B 798 44.89 -1.11 -70.71
CA LEU B 798 46.26 -0.69 -70.92
C LEU B 798 46.66 0.51 -70.07
N LEU B 799 45.73 1.05 -69.29
CA LEU B 799 45.99 2.22 -68.45
C LEU B 799 45.85 1.91 -66.96
N GLN B 800 46.04 0.65 -66.56
CA GLN B 800 45.97 0.33 -65.15
C GLN B 800 47.08 1.01 -64.37
N ALA B 801 48.33 0.83 -64.81
CA ALA B 801 49.45 1.43 -64.10
C ALA B 801 49.43 2.95 -64.19
N VAL B 802 49.17 3.49 -65.39
CA VAL B 802 49.16 4.93 -65.57
C VAL B 802 48.07 5.57 -64.73
N LEU B 803 46.87 4.98 -64.75
CA LEU B 803 45.78 5.51 -63.94
C LEU B 803 46.09 5.40 -62.45
N LYS B 804 46.63 4.25 -62.03
CA LYS B 804 46.93 4.06 -60.61
C LYS B 804 47.99 5.05 -60.12
N ARG B 805 48.94 5.41 -60.97
CA ARG B 805 49.99 6.34 -60.57
C ARG B 805 49.55 7.79 -60.66
N GLY B 806 48.90 8.19 -61.75
CA GLY B 806 48.45 9.57 -61.88
C GLY B 806 47.39 9.93 -60.86
N LEU B 807 46.40 9.06 -60.68
CA LEU B 807 45.29 9.34 -59.78
C LEU B 807 45.79 9.39 -58.34
N LYS B 808 44.89 9.78 -57.44
CA LYS B 808 45.22 9.82 -56.02
C LYS B 808 45.10 8.43 -55.40
N PRO B 809 45.75 8.21 -54.26
CA PRO B 809 45.77 6.86 -53.67
C PRO B 809 44.40 6.32 -53.29
N SER B 810 43.41 7.19 -53.08
CA SER B 810 42.12 6.74 -52.58
C SER B 810 41.18 6.28 -53.68
N CYS B 811 41.55 6.44 -54.95
CA CYS B 811 40.63 6.14 -56.04
C CYS B 811 40.49 4.63 -56.25
N THR B 812 39.46 4.26 -56.99
CA THR B 812 39.20 2.87 -57.38
C THR B 812 39.12 2.79 -58.89
N ILE B 813 39.82 1.83 -59.49
CA ILE B 813 39.97 1.78 -60.93
C ILE B 813 38.82 1.02 -61.59
N ILE B 814 38.66 -0.25 -61.25
CA ILE B 814 37.56 -1.07 -61.76
C ILE B 814 37.65 -1.19 -63.27
N PRO B 815 38.65 -1.86 -63.82
CA PRO B 815 38.66 -2.13 -65.27
C PRO B 815 37.52 -3.06 -65.65
N LEU B 816 37.04 -2.89 -66.88
CA LEU B 816 35.85 -3.62 -67.35
C LEU B 816 36.14 -4.72 -68.34
N MET B 817 37.23 -4.62 -69.11
CA MET B 817 37.59 -5.65 -70.08
C MET B 817 39.06 -5.99 -69.93
N LYS B 818 39.39 -7.26 -70.21
CA LYS B 818 40.74 -7.78 -70.04
C LYS B 818 41.22 -8.43 -71.33
N LYS B 819 42.52 -8.28 -71.58
CA LYS B 819 43.12 -8.84 -72.78
C LYS B 819 43.21 -10.36 -72.69
N ASP B 820 42.78 -11.03 -73.75
CA ASP B 820 42.87 -12.49 -73.87
C ASP B 820 42.19 -13.22 -72.72
N HIS B 821 41.29 -12.56 -72.01
CA HIS B 821 40.60 -13.22 -70.90
C HIS B 821 39.76 -14.37 -71.43
N ARG B 822 39.67 -15.44 -70.63
CA ARG B 822 38.92 -16.62 -71.05
C ARG B 822 37.49 -16.25 -71.40
N ASP B 823 36.88 -15.33 -70.64
CA ASP B 823 35.52 -14.88 -70.91
C ASP B 823 35.37 -13.48 -70.33
N ASN B 824 35.30 -12.48 -71.20
CA ASN B 824 35.20 -11.10 -70.74
C ASN B 824 33.87 -10.79 -70.10
N LEU B 825 32.85 -11.62 -70.30
CA LEU B 825 31.56 -11.38 -69.65
C LEU B 825 31.70 -11.47 -68.13
N GLU B 826 32.42 -12.48 -67.65
CA GLU B 826 32.64 -12.61 -66.22
C GLU B 826 33.43 -11.43 -65.69
N PHE B 827 34.45 -10.98 -66.43
CA PHE B 827 35.24 -9.84 -65.98
C PHE B 827 34.38 -8.58 -65.88
N PHE B 828 33.53 -8.35 -66.88
CA PHE B 828 32.65 -7.18 -66.85
C PHE B 828 31.66 -7.26 -65.70
N LEU B 829 31.09 -8.45 -65.47
CA LEU B 829 30.17 -8.61 -64.35
C LEU B 829 30.88 -8.36 -63.02
N ALA B 830 32.13 -8.82 -62.91
CA ALA B 830 32.90 -8.57 -61.69
C ALA B 830 33.23 -7.10 -61.53
N GLY B 831 33.48 -6.40 -62.63
CA GLY B 831 33.66 -4.96 -62.54
C GLY B 831 32.42 -4.25 -62.05
N ILE B 832 31.24 -4.66 -62.53
CA ILE B 832 30.00 -4.08 -62.05
C ILE B 832 29.80 -4.41 -60.58
N GLY B 833 30.12 -5.64 -60.18
CA GLY B 833 30.03 -5.99 -58.77
C GLY B 833 30.94 -5.14 -57.92
N ARG B 834 32.16 -4.86 -58.40
CA ARG B 834 33.05 -3.98 -57.67
C ARG B 834 32.48 -2.58 -57.57
N LEU B 835 31.88 -2.09 -58.66
CA LEU B 835 31.15 -0.82 -58.60
C LEU B 835 30.13 -0.85 -57.47
N HIS B 836 29.43 -1.97 -57.32
CA HIS B 836 28.48 -2.11 -56.22
C HIS B 836 29.20 -2.03 -54.88
N LEU B 837 30.35 -2.70 -54.76
CA LEU B 837 31.12 -2.69 -53.52
C LEU B 837 31.74 -1.32 -53.23
N SER B 838 31.72 -0.40 -54.19
CA SER B 838 32.29 0.93 -54.01
C SER B 838 31.24 1.97 -53.66
N GLY B 839 30.01 1.54 -53.37
CA GLY B 839 28.93 2.43 -53.02
C GLY B 839 28.02 2.82 -54.16
N ILE B 840 28.47 2.64 -55.40
CA ILE B 840 27.66 2.99 -56.55
C ILE B 840 26.53 1.97 -56.70
N ASP B 841 25.34 2.45 -57.04
CA ASP B 841 24.16 1.61 -57.19
C ASP B 841 23.95 1.33 -58.67
N ALA B 842 24.30 0.11 -59.10
CA ALA B 842 24.08 -0.36 -60.45
C ALA B 842 23.36 -1.69 -60.39
N ASN B 843 22.24 -1.80 -61.09
CA ASN B 843 21.42 -3.01 -61.04
C ASN B 843 21.77 -3.90 -62.23
N PRO B 844 22.35 -5.08 -62.01
CA PRO B 844 22.70 -5.95 -63.15
C PRO B 844 21.52 -6.61 -63.82
N ASN B 845 20.32 -6.52 -63.24
CA ASN B 845 19.15 -7.17 -63.85
C ASN B 845 18.89 -6.65 -65.25
N ALA B 846 19.18 -5.37 -65.50
CA ALA B 846 18.84 -4.78 -66.79
C ALA B 846 19.61 -5.43 -67.93
N LEU B 847 20.81 -5.95 -67.67
CA LEU B 847 21.64 -6.48 -68.73
C LEU B 847 21.01 -7.65 -69.46
N PHE B 848 20.01 -8.31 -68.85
CA PHE B 848 19.43 -9.49 -69.45
C PHE B 848 17.94 -9.28 -69.70
N PRO B 849 17.29 -10.18 -70.43
CA PRO B 849 15.86 -10.01 -70.70
C PRO B 849 15.05 -9.95 -69.42
N PRO B 850 14.01 -9.14 -69.37
CA PRO B 850 13.20 -9.05 -68.16
C PRO B 850 12.61 -10.41 -67.80
N VAL B 851 12.58 -10.70 -66.51
CA VAL B 851 12.02 -11.95 -66.03
C VAL B 851 10.51 -11.78 -65.86
N GLU B 852 9.75 -12.65 -66.52
CA GLU B 852 8.30 -12.55 -66.47
C GLU B 852 7.80 -12.83 -65.05
N PHE B 853 6.80 -12.05 -64.63
CA PHE B 853 6.22 -12.13 -63.31
C PHE B 853 4.72 -12.36 -63.40
N PRO B 854 4.11 -12.93 -62.37
CA PRO B 854 4.69 -13.31 -61.07
C PRO B 854 5.68 -14.46 -61.16
N ALA B 855 6.52 -14.62 -60.15
CA ALA B 855 7.57 -15.63 -60.19
C ALA B 855 6.95 -17.03 -60.18
N PRO B 856 7.69 -18.02 -60.69
CA PRO B 856 7.15 -19.38 -60.71
C PRO B 856 6.91 -19.90 -59.30
N ARG B 857 5.91 -20.77 -59.18
CA ARG B 857 5.61 -21.37 -57.89
C ARG B 857 6.75 -22.27 -57.44
N GLY B 858 7.14 -22.13 -56.17
CA GLY B 858 8.26 -22.85 -55.63
C GLY B 858 9.54 -22.05 -55.52
N THR B 859 9.51 -20.77 -55.87
CA THR B 859 10.71 -19.94 -55.74
C THR B 859 11.12 -19.85 -54.27
N PRO B 860 12.40 -19.99 -53.95
CA PRO B 860 12.80 -20.00 -52.55
C PRO B 860 12.42 -18.70 -51.85
N LEU B 861 12.05 -18.83 -50.58
CA LEU B 861 11.67 -17.67 -49.79
C LEU B 861 12.89 -16.80 -49.47
N ILE B 862 12.67 -15.49 -49.39
CA ILE B 862 13.74 -14.56 -49.08
C ILE B 862 13.72 -14.10 -47.63
N SER B 863 12.60 -14.24 -46.93
CA SER B 863 12.53 -13.76 -45.55
C SER B 863 13.57 -14.41 -44.65
N PRO B 864 13.74 -15.74 -44.64
CA PRO B 864 14.76 -16.33 -43.76
C PRO B 864 16.17 -15.83 -44.03
N LEU B 865 16.49 -15.52 -45.29
CA LEU B 865 17.85 -15.12 -45.63
C LEU B 865 18.27 -13.81 -44.98
N ILE B 866 17.32 -12.96 -44.60
CA ILE B 866 17.65 -11.67 -44.00
C ILE B 866 18.04 -11.90 -42.54
N LYS B 867 19.21 -11.42 -42.17
CA LYS B 867 19.70 -11.53 -40.79
C LYS B 867 20.21 -10.17 -40.33
N TRP B 868 19.79 -9.78 -39.13
CA TRP B 868 20.06 -8.46 -38.59
C TRP B 868 21.23 -8.51 -37.61
N ASP B 869 21.50 -7.37 -36.99
CA ASP B 869 22.51 -7.26 -35.94
C ASP B 869 21.81 -7.36 -34.60
N HIS B 870 21.93 -8.52 -33.96
CA HIS B 870 21.26 -8.81 -32.70
C HIS B 870 22.27 -9.05 -31.58
N SER B 871 23.32 -8.23 -31.54
CA SER B 871 24.34 -8.39 -30.50
C SER B 871 23.82 -7.97 -29.13
N LEU B 872 23.04 -6.89 -29.09
CA LEU B 872 22.61 -6.33 -27.82
C LEU B 872 21.44 -7.11 -27.23
N ALA B 873 21.06 -6.73 -26.01
CA ALA B 873 19.92 -7.31 -25.31
C ALA B 873 19.06 -6.18 -24.76
N TRP B 874 17.76 -6.28 -24.95
CA TRP B 874 16.84 -5.21 -24.57
C TRP B 874 15.86 -5.71 -23.51
N ASP B 875 15.41 -4.77 -22.68
CA ASP B 875 14.57 -5.12 -21.55
C ASP B 875 13.24 -5.72 -22.01
N VAL B 876 12.84 -6.80 -21.38
CA VAL B 876 11.53 -7.41 -21.60
C VAL B 876 10.91 -7.66 -20.23
N PRO B 877 9.67 -7.23 -19.99
CA PRO B 877 9.10 -7.34 -18.64
C PRO B 877 9.12 -8.78 -18.14
N ALA B 878 9.43 -8.94 -16.86
CA ALA B 878 9.48 -10.24 -16.22
C ALA B 878 8.13 -10.57 -15.60
N ALA B 879 8.03 -11.77 -15.01
CA ALA B 879 6.78 -12.19 -14.40
C ALA B 879 6.50 -11.44 -13.10
N GLU B 880 7.51 -10.90 -12.44
CA GLU B 880 7.34 -10.20 -11.18
C GLU B 880 6.93 -8.74 -11.35
N ASP B 881 6.95 -8.22 -12.58
CA ASP B 881 6.58 -6.83 -12.82
C ASP B 881 5.08 -6.59 -12.65
N PHE B 882 4.28 -7.63 -12.50
CA PHE B 882 2.83 -7.51 -12.46
C PHE B 882 2.29 -7.84 -11.08
N PRO B 883 1.09 -7.36 -10.76
CA PRO B 883 0.55 -7.56 -9.41
C PRO B 883 0.36 -9.04 -9.08
N ASN B 884 0.52 -9.37 -7.80
CA ASN B 884 0.29 -10.72 -7.32
C ASN B 884 -0.21 -10.71 -5.87
N ALA B 891 -1.07 0.56 4.06
CA ALA B 891 -1.83 -0.55 4.62
C ALA B 891 -3.32 -0.36 4.37
N ALA B 892 -4.14 -1.14 5.06
CA ALA B 892 -5.58 -1.07 4.85
C ALA B 892 -6.10 0.33 5.17
N ILE B 893 -6.95 0.84 4.29
CA ILE B 893 -7.56 2.14 4.44
C ILE B 893 -9.07 1.95 4.58
N TYR B 894 -9.63 2.51 5.64
CA TYR B 894 -11.06 2.44 5.91
C TYR B 894 -11.65 3.83 5.92
N ASN B 895 -12.70 4.04 5.13
CA ASN B 895 -13.37 5.33 5.03
C ASN B 895 -14.63 5.29 5.89
N ILE B 896 -14.75 6.28 6.78
CA ILE B 896 -15.87 6.33 7.72
C ILE B 896 -16.80 7.42 7.19
N ASP B 897 -17.81 7.01 6.43
CA ASP B 897 -18.80 7.91 5.87
C ASP B 897 -20.06 7.83 6.72
N THR B 898 -20.46 8.95 7.32
CA THR B 898 -21.62 9.01 8.19
C THR B 898 -22.88 9.45 7.47
N SER B 899 -22.86 9.50 6.13
CA SER B 899 -24.02 9.91 5.38
C SER B 899 -25.14 8.88 5.52
N SER B 900 -26.35 9.28 5.13
CA SER B 900 -27.52 8.44 5.34
C SER B 900 -27.40 7.12 4.59
N GLU B 901 -26.94 7.15 3.34
CA GLU B 901 -26.86 5.93 2.56
C GLU B 901 -25.76 5.01 3.06
N SER B 902 -24.69 5.57 3.63
CA SER B 902 -23.53 4.76 4.00
C SER B 902 -23.90 3.78 5.11
N PRO B 903 -23.21 2.64 5.17
CA PRO B 903 -23.54 1.64 6.20
C PRO B 903 -23.09 2.03 7.60
N ASP B 904 -22.19 3.01 7.73
CA ASP B 904 -21.70 3.46 9.02
C ASP B 904 -22.55 4.58 9.61
N HIS B 905 -23.82 4.66 9.22
CA HIS B 905 -24.66 5.77 9.66
C HIS B 905 -24.85 5.76 11.18
N TYR B 906 -24.84 4.58 11.80
CA TYR B 906 -25.10 4.50 13.23
C TYR B 906 -24.10 5.30 14.04
N LEU B 907 -22.92 5.57 13.48
CA LEU B 907 -21.89 6.31 14.21
C LEU B 907 -22.34 7.72 14.54
N VAL B 908 -23.39 8.23 13.88
CA VAL B 908 -23.90 9.56 14.19
C VAL B 908 -24.71 9.57 15.48
N ASP B 909 -24.95 8.42 16.10
CA ASP B 909 -25.61 8.33 17.39
C ASP B 909 -24.63 8.32 18.56
N HIS B 910 -23.33 8.33 18.28
CA HIS B 910 -22.29 8.36 19.32
C HIS B 910 -21.83 9.80 19.47
N THR B 911 -22.65 10.61 20.12
CA THR B 911 -22.40 12.04 20.31
C THR B 911 -22.03 12.29 21.76
N LEU B 912 -20.86 12.85 21.99
CA LEU B 912 -20.38 13.22 23.32
C LEU B 912 -19.99 14.69 23.31
N ASP B 913 -20.47 15.44 24.30
CA ASP B 913 -20.25 16.88 24.41
C ASP B 913 -20.90 17.64 23.26
N GLY B 914 -21.85 17.03 22.56
CA GLY B 914 -22.44 17.65 21.40
C GLY B 914 -21.65 17.51 20.13
N ARG B 915 -20.63 16.65 20.11
CA ARG B 915 -19.83 16.38 18.92
C ARG B 915 -19.83 14.89 18.64
N VAL B 916 -19.61 14.53 17.39
CA VAL B 916 -19.60 13.14 16.96
C VAL B 916 -18.15 12.66 16.95
N LEU B 917 -17.85 11.67 17.79
CA LEU B 917 -16.51 11.14 17.95
C LEU B 917 -16.49 9.67 17.56
N PHE B 918 -15.43 9.26 16.87
CA PHE B 918 -15.31 7.86 16.49
C PHE B 918 -15.17 7.01 17.75
N PRO B 919 -15.99 5.97 17.92
CA PRO B 919 -15.92 5.19 19.16
C PRO B 919 -14.53 4.61 19.38
N ALA B 920 -14.09 4.62 20.63
CA ALA B 920 -12.82 3.99 20.97
C ALA B 920 -12.83 2.51 20.63
N THR B 921 -14.00 1.86 20.72
CA THR B 921 -14.14 0.48 20.32
C THR B 921 -14.30 0.32 18.82
N GLY B 922 -14.59 1.41 18.10
CA GLY B 922 -14.65 1.32 16.65
C GLY B 922 -13.29 1.03 16.03
N TYR B 923 -12.23 1.58 16.62
CA TYR B 923 -10.89 1.27 16.14
C TYR B 923 -10.60 -0.22 16.28
N LEU B 924 -11.06 -0.82 17.37
CA LEU B 924 -10.84 -2.25 17.58
C LEU B 924 -11.46 -3.07 16.45
N SER B 925 -12.65 -2.69 15.99
CA SER B 925 -13.27 -3.39 14.88
C SER B 925 -12.43 -3.26 13.62
N ILE B 926 -11.88 -2.06 13.37
CA ILE B 926 -11.05 -1.85 12.19
C ILE B 926 -9.83 -2.76 12.23
N VAL B 927 -9.13 -2.78 13.37
CA VAL B 927 -7.94 -3.62 13.50
C VAL B 927 -8.31 -5.09 13.37
N TRP B 928 -9.46 -5.47 13.95
CA TRP B 928 -9.91 -6.85 13.88
C TRP B 928 -10.13 -7.27 12.44
N LYS B 929 -10.83 -6.44 11.67
CA LYS B 929 -11.08 -6.77 10.26
C LYS B 929 -9.78 -6.83 9.47
N THR B 930 -8.86 -5.90 9.73
CA THR B 930 -7.60 -5.92 9.01
C THR B 930 -6.82 -7.20 9.30
N LEU B 931 -6.74 -7.59 10.58
CA LEU B 931 -6.02 -8.81 10.92
C LEU B 931 -6.71 -10.04 10.35
N ALA B 932 -8.04 -10.07 10.36
CA ALA B 932 -8.76 -11.19 9.78
C ALA B 932 -8.45 -11.31 8.30
N ARG B 933 -8.43 -10.19 7.58
CA ARG B 933 -8.07 -10.23 6.17
C ARG B 933 -6.63 -10.69 5.99
N ALA B 934 -5.73 -10.24 6.86
CA ALA B 934 -4.32 -10.61 6.74
C ALA B 934 -4.12 -12.11 6.92
N LEU B 935 -4.81 -12.71 7.89
CA LEU B 935 -4.65 -14.12 8.18
C LEU B 935 -5.55 -15.01 7.33
N GLY B 936 -6.31 -14.43 6.40
CA GLY B 936 -7.13 -15.20 5.49
C GLY B 936 -8.46 -15.66 6.04
N LEU B 937 -8.80 -15.30 7.27
CA LEU B 937 -10.05 -15.70 7.90
C LEU B 937 -11.03 -14.53 7.90
N GLY B 938 -12.27 -14.84 8.28
CA GLY B 938 -13.25 -13.81 8.56
C GLY B 938 -13.25 -13.42 10.03
N VAL B 939 -13.92 -12.31 10.31
CA VAL B 939 -13.98 -11.82 11.69
C VAL B 939 -14.69 -12.84 12.57
N GLU B 940 -15.79 -13.42 12.08
CA GLU B 940 -16.59 -14.33 12.88
C GLU B 940 -15.86 -15.60 13.26
N GLN B 941 -14.72 -15.90 12.62
CA GLN B 941 -13.98 -17.13 12.88
C GLN B 941 -12.66 -16.89 13.60
N LEU B 942 -12.35 -15.64 13.98
CA LEU B 942 -11.04 -15.29 14.49
C LEU B 942 -11.14 -14.74 15.91
N PRO B 943 -10.88 -15.56 16.94
CA PRO B 943 -10.76 -15.00 18.29
C PRO B 943 -9.44 -14.23 18.42
N VAL B 944 -9.54 -13.00 18.94
CA VAL B 944 -8.44 -12.08 18.91
C VAL B 944 -8.16 -11.57 20.33
N VAL B 945 -6.93 -11.11 20.54
CA VAL B 945 -6.48 -10.58 21.82
C VAL B 945 -5.81 -9.23 21.56
N PHE B 946 -6.34 -8.19 22.20
CA PHE B 946 -5.73 -6.87 22.17
C PHE B 946 -4.99 -6.64 23.49
N GLU B 947 -3.82 -5.99 23.40
CA GLU B 947 -3.02 -5.73 24.58
C GLU B 947 -2.33 -4.39 24.46
N ASP B 948 -2.20 -3.70 25.61
CA ASP B 948 -1.50 -2.42 25.68
C ASP B 948 -2.05 -1.42 24.66
N VAL B 949 -3.38 -1.37 24.54
CA VAL B 949 -4.01 -0.43 23.62
C VAL B 949 -3.96 0.96 24.24
N VAL B 950 -3.47 1.93 23.48
CA VAL B 950 -3.36 3.32 23.92
C VAL B 950 -4.01 4.20 22.87
N LEU B 951 -4.83 5.15 23.33
CA LEU B 951 -5.49 6.11 22.46
C LEU B 951 -4.86 7.47 22.67
N HIS B 952 -4.40 8.10 21.58
CA HIS B 952 -3.64 9.33 21.65
C HIS B 952 -4.50 10.56 21.38
N GLN B 953 -5.29 10.55 20.32
CA GLN B 953 -6.19 11.66 20.02
C GLN B 953 -7.53 11.09 19.55
N ALA B 954 -8.58 11.89 19.74
CA ALA B 954 -9.93 11.49 19.39
C ALA B 954 -10.31 12.15 18.07
N THR B 955 -10.72 11.33 17.11
CA THR B 955 -11.07 11.82 15.78
C THR B 955 -12.54 12.24 15.76
N ILE B 956 -12.78 13.46 15.28
CA ILE B 956 -14.13 13.98 15.15
C ILE B 956 -14.64 13.63 13.76
N LEU B 957 -15.78 12.95 13.71
CA LEU B 957 -16.40 12.62 12.43
C LEU B 957 -17.08 13.87 11.87
N PRO B 958 -16.69 14.37 10.71
CA PRO B 958 -17.33 15.57 10.18
C PRO B 958 -18.77 15.31 9.77
N LYS B 959 -19.60 16.35 9.89
CA LYS B 959 -21.00 16.23 9.49
C LYS B 959 -21.11 15.91 8.01
N THR B 960 -20.37 16.63 7.17
CA THR B 960 -20.32 16.41 5.73
C THR B 960 -18.89 16.09 5.34
N GLY B 961 -18.70 14.98 4.65
CA GLY B 961 -17.39 14.51 4.27
C GLY B 961 -17.09 13.17 4.92
N THR B 962 -15.84 12.72 4.72
CA THR B 962 -15.40 11.44 5.24
C THR B 962 -14.03 11.60 5.87
N VAL B 963 -13.70 10.67 6.78
CA VAL B 963 -12.41 10.63 7.45
C VAL B 963 -11.80 9.26 7.19
N SER B 964 -10.54 9.24 6.75
CA SER B 964 -9.87 8.02 6.35
C SER B 964 -8.90 7.59 7.45
N LEU B 965 -9.09 6.38 7.96
CA LEU B 965 -8.20 5.78 8.95
C LEU B 965 -7.41 4.66 8.28
N GLU B 966 -6.10 4.68 8.45
CA GLU B 966 -5.21 3.68 7.88
C GLU B 966 -4.57 2.90 9.01
N VAL B 967 -4.63 1.57 8.93
CA VAL B 967 -4.14 0.69 9.99
C VAL B 967 -3.04 -0.19 9.41
N ARG B 968 -1.87 -0.15 10.03
CA ARG B 968 -0.73 -0.96 9.62
C ARG B 968 -0.45 -2.00 10.69
N LEU B 969 -0.10 -3.20 10.26
CA LEU B 969 0.17 -4.31 11.16
C LEU B 969 1.63 -4.74 11.06
N LEU B 970 2.24 -5.04 12.20
CA LEU B 970 3.57 -5.62 12.27
C LEU B 970 3.40 -7.03 12.83
N GLU B 971 3.35 -8.02 11.92
CA GLU B 971 3.03 -9.38 12.34
C GLU B 971 4.07 -9.93 13.30
N ALA B 972 5.34 -9.70 13.02
CA ALA B 972 6.39 -10.27 13.85
C ALA B 972 6.33 -9.73 15.27
N SER B 973 6.12 -8.42 15.40
CA SER B 973 6.06 -7.78 16.72
C SER B 973 4.66 -7.81 17.32
N ARG B 974 3.66 -8.27 16.58
CA ARG B 974 2.27 -8.21 17.03
C ARG B 974 1.92 -6.80 17.49
N ALA B 975 2.06 -5.85 16.57
CA ALA B 975 1.80 -4.45 16.84
C ALA B 975 0.97 -3.85 15.72
N PHE B 976 0.20 -2.83 16.06
CA PHE B 976 -0.64 -2.13 15.11
C PHE B 976 -0.66 -0.65 15.44
N GLU B 977 -0.91 0.17 14.41
CA GLU B 977 -1.11 1.59 14.61
C GLU B 977 -2.21 2.07 13.68
N VAL B 978 -3.09 2.92 14.20
CA VAL B 978 -4.15 3.54 13.42
C VAL B 978 -3.80 5.01 13.25
N SER B 979 -3.71 5.46 12.00
CA SER B 979 -3.24 6.80 11.69
C SER B 979 -4.29 7.53 10.86
N GLU B 980 -4.49 8.80 11.18
CA GLU B 980 -5.43 9.67 10.47
C GLU B 980 -4.67 10.89 9.99
N ASN B 981 -4.40 10.94 8.68
CA ASN B 981 -3.63 12.01 8.08
C ASN B 981 -2.22 12.08 8.67
N GLY B 982 -1.58 10.91 8.72
CA GLY B 982 -0.22 10.82 9.21
C GLY B 982 -0.06 11.24 10.66
N ASN B 983 -1.06 11.00 11.49
CA ASN B 983 -0.99 11.27 12.92
C ASN B 983 -1.47 10.05 13.68
N LEU B 984 -0.73 9.67 14.72
CA LEU B 984 -1.07 8.47 15.47
C LEU B 984 -2.38 8.67 16.23
N VAL B 985 -3.23 7.65 16.18
CA VAL B 985 -4.52 7.67 16.86
C VAL B 985 -4.62 6.55 17.90
N VAL B 986 -4.26 5.33 17.50
CA VAL B 986 -4.27 4.18 18.40
C VAL B 986 -3.00 3.39 18.21
N SER B 987 -2.58 2.68 19.25
CA SER B 987 -1.42 1.83 19.19
C SER B 987 -1.52 0.75 20.25
N GLY B 988 -1.03 -0.44 19.93
CA GLY B 988 -1.11 -1.55 20.83
C GLY B 988 -0.66 -2.83 20.15
N LYS B 989 -0.98 -3.95 20.79
CA LYS B 989 -0.63 -5.28 20.30
C LYS B 989 -1.90 -6.08 20.07
N VAL B 990 -2.04 -6.62 18.86
CA VAL B 990 -3.20 -7.44 18.48
C VAL B 990 -2.67 -8.74 17.88
N TYR B 991 -3.24 -9.86 18.32
CA TYR B 991 -2.84 -11.15 17.79
C TYR B 991 -3.96 -12.15 18.05
N GLN B 992 -3.91 -13.27 17.32
CA GLN B 992 -4.94 -14.29 17.42
C GLN B 992 -4.81 -15.06 18.72
N TRP B 993 -5.96 -15.51 19.24
CA TRP B 993 -6.02 -16.32 20.45
C TRP B 993 -5.94 -17.79 20.03
N ASP B 994 -4.78 -18.41 20.23
CA ASP B 994 -4.58 -19.76 19.72
C ASP B 994 -5.55 -20.74 20.36
N ASP B 995 -5.71 -20.68 21.68
CA ASP B 995 -6.51 -21.64 22.44
C ASP B 995 -7.52 -20.89 23.29
N PRO B 996 -8.67 -20.54 22.72
CA PRO B 996 -9.71 -19.88 23.51
C PRO B 996 -10.14 -20.74 24.69
N ASP B 997 -10.43 -20.08 25.82
CA ASP B 997 -10.86 -20.75 27.04
C ASP B 997 -12.25 -20.24 27.43
N PRO B 998 -13.30 -21.04 27.30
CA PRO B 998 -14.62 -20.55 27.71
C PRO B 998 -14.70 -20.13 29.17
N ARG B 999 -13.89 -20.73 30.03
CA ARG B 999 -13.91 -20.39 31.45
C ARG B 999 -13.57 -18.92 31.71
N LEU B 1000 -12.86 -18.28 30.78
CA LEU B 1000 -12.54 -16.87 30.95
C LEU B 1000 -13.81 -16.02 31.02
N PHE B 1001 -14.88 -16.45 30.37
CA PHE B 1001 -16.10 -15.66 30.25
C PHE B 1001 -17.18 -16.10 31.23
N ASP B 1002 -16.80 -16.77 32.32
CA ASP B 1002 -17.73 -17.08 33.39
C ASP B 1002 -17.82 -15.88 34.32
N HIS B 1003 -19.04 -15.51 34.70
CA HIS B 1003 -19.25 -14.27 35.43
C HIS B 1003 -18.66 -14.36 36.83
N PRO B 1004 -17.70 -13.52 37.20
CA PRO B 1004 -17.16 -13.58 38.56
C PRO B 1004 -18.23 -13.26 39.60
N GLU B 1005 -18.15 -13.93 40.75
CA GLU B 1005 -19.08 -13.68 41.83
C GLU B 1005 -19.00 -12.23 42.27
N SER B 1006 -20.16 -11.59 42.40
CA SER B 1006 -20.19 -10.18 42.73
C SER B 1006 -19.82 -9.96 44.20
N PRO B 1007 -19.05 -8.92 44.51
CA PRO B 1007 -18.73 -8.65 45.92
C PRO B 1007 -19.93 -8.28 46.77
N THR B 1008 -21.02 -7.80 46.15
CA THR B 1008 -22.22 -7.40 46.88
C THR B 1008 -23.33 -8.40 46.59
N PRO B 1009 -23.87 -9.10 47.59
CA PRO B 1009 -24.90 -10.11 47.28
C PRO B 1009 -26.13 -9.55 46.59
N ASN B 1010 -26.55 -8.34 46.98
CA ASN B 1010 -27.78 -7.74 46.45
C ASN B 1010 -28.93 -8.75 46.45
N PRO B 1011 -29.34 -9.23 47.65
CA PRO B 1011 -30.40 -10.24 47.71
C PRO B 1011 -31.78 -9.68 47.48
N THR B 1012 -32.03 -8.46 47.99
CA THR B 1012 -33.37 -7.89 47.90
C THR B 1012 -33.78 -7.67 46.45
N GLU B 1013 -32.94 -6.99 45.67
CA GLU B 1013 -33.26 -6.63 44.29
C GLU B 1013 -34.66 -6.06 44.19
N PRO B 1014 -35.02 -5.02 44.95
CA PRO B 1014 -36.38 -4.47 44.82
C PRO B 1014 -36.61 -3.75 43.51
N LEU B 1015 -35.60 -3.03 43.01
CA LEU B 1015 -35.75 -2.19 41.84
C LEU B 1015 -34.52 -2.33 40.96
N PHE B 1016 -34.64 -1.87 39.72
CA PHE B 1016 -33.54 -1.91 38.77
C PHE B 1016 -33.72 -0.80 37.74
N LEU B 1017 -32.61 -0.20 37.34
CA LEU B 1017 -32.65 0.86 36.35
C LEU B 1017 -33.17 0.32 35.02
N ALA B 1018 -33.94 1.15 34.32
CA ALA B 1018 -34.42 0.82 32.98
C ALA B 1018 -33.58 1.56 31.95
N GLN B 1019 -33.86 1.28 30.67
CA GLN B 1019 -33.10 1.91 29.59
C GLN B 1019 -33.20 3.43 29.67
N ALA B 1020 -34.43 3.94 29.80
CA ALA B 1020 -34.63 5.38 29.84
C ALA B 1020 -33.88 6.00 31.01
N GLU B 1021 -33.91 5.36 32.18
CA GLU B 1021 -33.27 5.93 33.36
C GLU B 1021 -31.76 5.89 33.24
N VAL B 1022 -31.20 4.78 32.76
CA VAL B 1022 -29.74 4.69 32.63
C VAL B 1022 -29.25 5.75 31.66
N TYR B 1023 -29.92 5.91 30.52
CA TYR B 1023 -29.44 6.89 29.55
C TYR B 1023 -29.79 8.31 29.95
N LYS B 1024 -30.80 8.52 30.81
CA LYS B 1024 -30.99 9.84 31.39
C LYS B 1024 -29.86 10.20 32.33
N GLU B 1025 -29.41 9.23 33.13
CA GLU B 1025 -28.26 9.48 33.99
C GLU B 1025 -27.02 9.81 33.16
N LEU B 1026 -26.81 9.04 32.08
CA LEU B 1026 -25.66 9.32 31.21
C LEU B 1026 -25.78 10.70 30.56
N ARG B 1027 -26.99 11.08 30.12
CA ARG B 1027 -27.18 12.41 29.57
C ARG B 1027 -26.82 13.49 30.58
N LEU B 1028 -27.32 13.33 31.81
CA LEU B 1028 -26.99 14.31 32.84
C LEU B 1028 -25.49 14.33 33.11
N ARG B 1029 -24.80 13.22 32.91
CA ARG B 1029 -23.35 13.21 33.08
C ARG B 1029 -22.63 13.86 31.90
N GLY B 1030 -23.18 13.73 30.68
CA GLY B 1030 -22.56 14.37 29.53
C GLY B 1030 -22.66 13.57 28.24
N TYR B 1031 -22.96 12.28 28.33
CA TYR B 1031 -23.04 11.43 27.15
C TYR B 1031 -24.45 11.47 26.57
N ASP B 1032 -24.54 11.75 25.27
CA ASP B 1032 -25.84 11.90 24.61
C ASP B 1032 -26.02 10.84 23.54
N TYR B 1033 -25.82 9.58 23.88
CA TYR B 1033 -25.92 8.50 22.91
C TYR B 1033 -27.28 8.51 22.23
N GLY B 1034 -27.29 8.13 20.95
CA GLY B 1034 -28.51 7.99 20.21
C GLY B 1034 -29.08 6.58 20.29
N PRO B 1035 -30.14 6.31 19.53
CA PRO B 1035 -30.77 4.98 19.63
C PRO B 1035 -29.84 3.82 19.34
N HIS B 1036 -28.94 3.96 18.36
CA HIS B 1036 -28.10 2.82 17.99
C HIS B 1036 -27.15 2.43 19.10
N PHE B 1037 -26.68 3.39 19.88
CA PHE B 1037 -25.78 3.12 20.99
C PHE B 1037 -26.51 3.00 22.32
N GLN B 1038 -27.83 2.84 22.29
CA GLN B 1038 -28.62 2.58 23.49
C GLN B 1038 -28.85 1.07 23.56
N GLY B 1039 -28.11 0.40 24.44
CA GLY B 1039 -28.17 -1.05 24.50
C GLY B 1039 -28.16 -1.62 25.90
N ILE B 1040 -28.61 -0.86 26.89
CA ILE B 1040 -28.70 -1.36 28.26
C ILE B 1040 -30.17 -1.49 28.63
N LEU B 1041 -30.74 -2.69 28.45
CA LEU B 1041 -32.13 -2.90 28.79
C LEU B 1041 -32.38 -2.69 30.28
N GLU B 1042 -31.48 -3.20 31.12
CA GLU B 1042 -31.60 -3.01 32.56
C GLU B 1042 -30.22 -3.01 33.17
N ALA B 1043 -30.14 -2.50 34.40
CA ALA B 1043 -28.88 -2.46 35.14
C ALA B 1043 -29.19 -2.39 36.62
N SER B 1044 -28.34 -3.04 37.41
CA SER B 1044 -28.50 -2.98 38.86
C SER B 1044 -28.22 -1.56 39.35
N LEU B 1045 -28.78 -1.23 40.51
CA LEU B 1045 -28.63 0.12 41.04
C LEU B 1045 -27.18 0.50 41.20
N GLU B 1046 -26.29 -0.48 41.38
CA GLU B 1046 -24.88 -0.23 41.60
C GLU B 1046 -24.07 -0.28 40.31
N GLY B 1047 -24.69 -0.61 39.19
CA GLY B 1047 -23.97 -0.69 37.93
C GLY B 1047 -23.11 -1.92 37.77
N ASP B 1048 -23.28 -2.93 38.62
CA ASP B 1048 -22.44 -4.12 38.59
C ASP B 1048 -23.04 -5.25 37.76
N SER B 1049 -24.29 -5.15 37.32
CA SER B 1049 -24.89 -6.18 36.49
C SER B 1049 -25.95 -5.57 35.59
N GLY B 1050 -26.22 -6.25 34.48
CA GLY B 1050 -27.19 -5.77 33.53
C GLY B 1050 -27.20 -6.65 32.30
N ARG B 1051 -28.15 -6.34 31.41
CA ARG B 1051 -28.31 -7.07 30.16
C ARG B 1051 -28.12 -6.13 28.98
N LEU B 1052 -27.25 -6.53 28.06
CA LEU B 1052 -26.90 -5.71 26.91
C LEU B 1052 -27.60 -6.24 25.67
N LEU B 1053 -28.37 -5.37 25.01
CA LEU B 1053 -29.01 -5.74 23.76
C LEU B 1053 -27.95 -6.04 22.72
N TRP B 1054 -28.16 -7.11 21.95
CA TRP B 1054 -27.16 -7.59 20.96
C TRP B 1054 -27.66 -7.45 19.53
N LYS B 1055 -27.63 -6.25 18.98
CA LYS B 1055 -27.90 -6.01 17.55
C LYS B 1055 -26.62 -6.51 16.88
N ASP B 1056 -26.57 -6.69 15.57
CA ASP B 1056 -25.40 -7.33 14.89
C ASP B 1056 -24.12 -6.54 15.13
N ASN B 1057 -24.13 -5.20 15.20
CA ASN B 1057 -22.89 -4.40 15.29
C ASN B 1057 -22.09 -4.78 16.54
N TRP B 1058 -20.76 -4.89 16.43
CA TRP B 1058 -19.86 -5.24 17.56
C TRP B 1058 -19.36 -3.95 18.21
N VAL B 1059 -19.23 -2.85 17.49
CA VAL B 1059 -18.87 -1.55 18.06
C VAL B 1059 -19.89 -1.14 19.10
N SER B 1060 -21.18 -1.29 18.77
CA SER B 1060 -22.23 -0.93 19.71
C SER B 1060 -22.14 -1.76 20.98
N PHE B 1061 -21.88 -3.06 20.84
CA PHE B 1061 -21.80 -3.93 22.00
C PHE B 1061 -20.66 -3.54 22.93
N MET B 1062 -19.47 -3.32 22.37
CA MET B 1062 -18.33 -2.93 23.19
C MET B 1062 -18.55 -1.57 23.83
N ASP B 1063 -19.13 -0.63 23.08
CA ASP B 1063 -19.41 0.68 23.66
C ASP B 1063 -20.45 0.60 24.76
N THR B 1064 -21.43 -0.30 24.62
CA THR B 1064 -22.38 -0.52 25.70
C THR B 1064 -21.70 -1.09 26.94
N MET B 1065 -20.74 -2.00 26.74
CA MET B 1065 -19.97 -2.49 27.88
C MET B 1065 -19.22 -1.36 28.56
N LEU B 1066 -18.61 -0.47 27.78
CA LEU B 1066 -17.91 0.67 28.37
C LEU B 1066 -18.87 1.58 29.11
N GLN B 1067 -20.05 1.82 28.55
CA GLN B 1067 -21.08 2.59 29.24
C GLN B 1067 -21.42 1.95 30.58
N MET B 1068 -21.56 0.62 30.58
CA MET B 1068 -21.86 -0.08 31.83
C MET B 1068 -20.76 0.15 32.85
N SER B 1069 -19.50 0.04 32.42
CA SER B 1069 -18.38 0.29 33.33
C SER B 1069 -18.43 1.72 33.87
N ILE B 1070 -18.85 2.67 33.04
CA ILE B 1070 -18.92 4.07 33.48
C ILE B 1070 -20.10 4.34 34.39
N LEU B 1071 -21.18 3.55 34.30
CA LEU B 1071 -22.40 3.88 35.03
C LEU B 1071 -22.17 3.87 36.54
N GLY B 1072 -21.32 2.98 37.03
CA GLY B 1072 -21.06 2.87 38.44
C GLY B 1072 -20.03 3.83 39.00
N SER B 1073 -19.45 4.68 38.15
CA SER B 1073 -18.44 5.61 38.63
C SER B 1073 -19.08 6.74 39.42
N ALA B 1074 -18.48 7.07 40.57
CA ALA B 1074 -18.96 8.18 41.38
C ALA B 1074 -18.49 9.53 40.86
N LYS B 1075 -17.54 9.55 39.93
CA LYS B 1075 -17.02 10.81 39.42
C LYS B 1075 -18.05 11.48 38.51
N HIS B 1076 -18.06 12.81 38.56
CA HIS B 1076 -18.91 13.60 37.68
C HIS B 1076 -18.13 14.02 36.44
N GLY B 1077 -18.86 14.50 35.44
CA GLY B 1077 -18.26 14.84 34.16
C GLY B 1077 -18.07 13.62 33.29
N LEU B 1078 -17.72 13.88 32.03
CA LEU B 1078 -17.55 12.80 31.06
C LEU B 1078 -16.12 12.28 31.10
N TYR B 1079 -15.99 10.96 31.00
CA TYR B 1079 -14.70 10.29 30.95
C TYR B 1079 -14.66 9.39 29.72
N LEU B 1080 -13.59 9.50 28.94
CA LEU B 1080 -13.44 8.68 27.75
C LEU B 1080 -12.24 7.74 27.91
N PRO B 1081 -12.25 6.58 27.25
CA PRO B 1081 -11.13 5.66 27.38
C PRO B 1081 -9.82 6.27 26.89
N THR B 1082 -8.74 5.89 27.56
CA THR B 1082 -7.39 6.28 27.16
C THR B 1082 -6.46 5.08 26.99
N ARG B 1083 -6.62 4.04 27.81
CA ARG B 1083 -5.80 2.84 27.70
C ARG B 1083 -6.64 1.64 28.09
N VAL B 1084 -6.24 0.47 27.59
CA VAL B 1084 -6.89 -0.80 27.94
C VAL B 1084 -5.80 -1.87 28.05
N THR B 1085 -5.76 -2.54 29.20
CA THR B 1085 -4.70 -3.52 29.43
C THR B 1085 -4.86 -4.72 28.50
N ALA B 1086 -6.07 -5.23 28.34
CA ALA B 1086 -6.28 -6.44 27.56
C ALA B 1086 -7.74 -6.58 27.20
N ILE B 1087 -7.99 -7.04 25.98
CA ILE B 1087 -9.33 -7.37 25.50
C ILE B 1087 -9.28 -8.73 24.82
N HIS B 1088 -10.19 -9.61 25.19
CA HIS B 1088 -10.30 -10.94 24.59
C HIS B 1088 -11.69 -11.09 23.99
N ILE B 1089 -11.76 -11.56 22.75
CA ILE B 1089 -13.03 -11.77 22.05
C ILE B 1089 -13.03 -13.16 21.47
N ASP B 1090 -14.11 -13.90 21.69
CA ASP B 1090 -14.27 -15.25 21.15
C ASP B 1090 -15.69 -15.40 20.62
N PRO B 1091 -15.90 -15.28 19.31
CA PRO B 1091 -17.27 -15.30 18.78
C PRO B 1091 -18.05 -16.56 19.12
N ALA B 1092 -17.39 -17.72 19.28
CA ALA B 1092 -18.12 -18.93 19.59
C ALA B 1092 -18.78 -18.85 20.96
N THR B 1093 -17.99 -18.47 21.98
CA THR B 1093 -18.56 -18.25 23.30
C THR B 1093 -19.62 -17.16 23.26
N HIS B 1094 -19.44 -16.16 22.39
CA HIS B 1094 -20.45 -15.12 22.25
C HIS B 1094 -21.77 -15.69 21.79
N ARG B 1095 -21.74 -16.50 20.72
CA ARG B 1095 -22.97 -17.09 20.21
C ARG B 1095 -23.60 -18.02 21.23
N GLN B 1096 -22.78 -18.77 21.97
CA GLN B 1096 -23.33 -19.68 22.97
C GLN B 1096 -23.95 -18.92 24.14
N LYS B 1097 -23.39 -17.78 24.51
CA LYS B 1097 -23.88 -17.03 25.66
C LYS B 1097 -25.17 -16.27 25.36
N LEU B 1098 -25.33 -15.76 24.14
CA LEU B 1098 -26.53 -15.02 23.79
C LEU B 1098 -27.77 -15.89 24.02
N TYR B 1099 -28.78 -15.31 24.66
CA TYR B 1099 -30.04 -15.99 24.90
C TYR B 1099 -31.19 -15.06 24.56
N THR B 1100 -32.10 -15.55 23.72
CA THR B 1100 -33.24 -14.73 23.30
C THR B 1100 -34.21 -14.53 24.46
N LEU B 1101 -34.94 -13.41 24.40
CA LEU B 1101 -35.88 -13.04 25.43
C LEU B 1101 -37.28 -13.53 25.03
N GLN B 1102 -38.30 -13.17 25.83
CA GLN B 1102 -39.66 -13.50 25.43
C GLN B 1102 -40.02 -12.83 24.11
N ASP B 1103 -39.46 -11.66 23.85
CA ASP B 1103 -39.57 -11.01 22.55
C ASP B 1103 -38.53 -11.64 21.62
N LYS B 1104 -38.49 -11.19 20.37
CA LYS B 1104 -37.51 -11.70 19.41
C LYS B 1104 -36.11 -11.16 19.66
N ALA B 1105 -35.95 -10.21 20.59
CA ALA B 1105 -34.65 -9.59 20.81
C ALA B 1105 -33.66 -10.60 21.38
N GLN B 1106 -32.37 -10.32 21.13
CA GLN B 1106 -31.28 -11.10 21.68
C GLN B 1106 -30.47 -10.22 22.62
N VAL B 1107 -30.18 -10.74 23.81
CA VAL B 1107 -29.49 -9.98 24.84
C VAL B 1107 -28.33 -10.79 25.39
N ALA B 1108 -27.38 -10.09 25.99
CA ALA B 1108 -26.23 -10.69 26.66
C ALA B 1108 -26.05 -10.03 28.01
N ASP B 1109 -25.95 -10.85 29.05
CA ASP B 1109 -25.82 -10.34 30.41
C ASP B 1109 -24.37 -9.97 30.70
N VAL B 1110 -24.18 -8.89 31.46
CA VAL B 1110 -22.87 -8.33 31.74
C VAL B 1110 -22.66 -8.25 33.24
N VAL B 1111 -21.40 -8.31 33.65
CA VAL B 1111 -21.00 -8.14 35.03
C VAL B 1111 -19.75 -7.27 35.07
N VAL B 1112 -19.78 -6.23 35.91
CA VAL B 1112 -18.65 -5.32 36.08
C VAL B 1112 -18.08 -5.54 37.47
N SER B 1113 -16.85 -6.02 37.54
CA SER B 1113 -16.16 -6.29 38.80
C SER B 1113 -15.11 -5.21 39.00
N ARG B 1114 -15.40 -4.27 39.91
CA ARG B 1114 -14.48 -3.17 40.15
C ARG B 1114 -13.28 -3.61 40.98
N TRP B 1115 -13.44 -4.62 41.82
CA TRP B 1115 -12.31 -5.14 42.59
C TRP B 1115 -11.27 -5.77 41.67
N LEU B 1116 -11.71 -6.67 40.79
CA LEU B 1116 -10.81 -7.30 39.84
C LEU B 1116 -10.58 -6.45 38.59
N ARG B 1117 -11.28 -5.32 38.47
CA ARG B 1117 -11.16 -4.41 37.34
C ARG B 1117 -11.30 -5.17 36.02
N VAL B 1118 -12.46 -5.79 35.85
CA VAL B 1118 -12.80 -6.53 34.63
C VAL B 1118 -14.26 -6.31 34.32
N THR B 1119 -14.56 -6.07 33.04
CA THR B 1119 -15.92 -6.02 32.54
C THR B 1119 -16.09 -7.17 31.56
N VAL B 1120 -17.04 -8.06 31.85
CA VAL B 1120 -17.26 -9.26 31.05
C VAL B 1120 -18.71 -9.28 30.61
N ALA B 1121 -18.93 -9.48 29.32
CA ALA B 1121 -20.28 -9.56 28.76
C ALA B 1121 -20.23 -10.44 27.53
N GLY B 1122 -20.94 -11.56 27.58
CA GLY B 1122 -20.93 -12.47 26.45
C GLY B 1122 -19.53 -12.98 26.18
N GLY B 1123 -19.06 -12.79 24.95
CA GLY B 1123 -17.75 -13.28 24.57
C GLY B 1123 -16.68 -12.21 24.54
N VAL B 1124 -16.92 -11.09 25.23
CA VAL B 1124 -15.99 -9.97 25.28
C VAL B 1124 -15.55 -9.78 26.73
N HIS B 1125 -14.24 -9.67 26.92
CA HIS B 1125 -13.63 -9.59 28.25
C HIS B 1125 -12.66 -8.41 28.26
N ILE B 1126 -13.11 -7.28 28.80
CA ILE B 1126 -12.31 -6.06 28.86
C ILE B 1126 -11.63 -6.00 30.22
N SER B 1127 -10.33 -5.71 30.22
CA SER B 1127 -9.54 -5.67 31.43
C SER B 1127 -8.65 -4.43 31.42
N GLY B 1128 -8.52 -3.81 32.59
CA GLY B 1128 -7.64 -2.66 32.74
C GLY B 1128 -8.06 -1.46 31.93
N LEU B 1129 -9.35 -1.12 31.97
CA LEU B 1129 -9.85 0.07 31.29
C LEU B 1129 -9.54 1.30 32.13
N HIS B 1130 -8.77 2.23 31.57
CA HIS B 1130 -8.44 3.49 32.22
C HIS B 1130 -9.10 4.62 31.48
N THR B 1131 -9.89 5.41 32.18
CA THR B 1131 -10.64 6.52 31.60
C THR B 1131 -10.10 7.84 32.15
N GLU B 1132 -9.79 8.76 31.25
CA GLU B 1132 -9.25 10.06 31.62
C GLU B 1132 -10.28 11.15 31.32
N SER B 1133 -10.45 12.07 32.26
CA SER B 1133 -11.43 13.13 32.11
C SER B 1133 -11.15 13.95 30.86
N ALA B 1134 -12.20 14.19 30.08
CA ALA B 1134 -12.12 15.02 28.89
C ALA B 1134 -12.68 16.40 29.20
N PRO B 1135 -12.07 17.47 28.70
CA PRO B 1135 -12.60 18.80 29.00
C PRO B 1135 -13.99 18.99 28.42
N ARG B 1136 -14.83 19.67 29.17
CA ARG B 1136 -16.11 20.10 28.61
C ARG B 1136 -15.84 21.07 27.46
N ARG B 1137 -16.80 21.15 26.54
CA ARG B 1137 -16.57 21.98 25.36
C ARG B 1137 -16.35 23.44 25.72
N GLN B 1138 -16.75 23.85 26.93
CA GLN B 1138 -16.58 25.20 27.46
C GLN B 1138 -17.35 26.23 26.64
N GLN B 1139 -18.17 25.79 25.69
CA GLN B 1139 -19.14 26.64 25.01
C GLN B 1139 -20.52 26.24 25.47
N GLU B 1140 -21.24 27.18 26.09
CA GLU B 1140 -22.50 26.84 26.74
C GLU B 1140 -23.48 26.20 25.75
N GLN B 1141 -23.48 26.67 24.50
CA GLN B 1141 -24.39 26.27 23.43
C GLN B 1141 -25.80 26.81 23.67
N GLN B 1142 -26.07 27.44 24.80
CA GLN B 1142 -27.37 28.01 25.10
C GLN B 1142 -27.16 29.24 25.98
N VAL B 1143 -27.81 30.33 25.62
CA VAL B 1143 -27.78 31.57 26.39
C VAL B 1143 -29.20 31.82 26.90
N PRO B 1144 -29.50 31.49 28.15
CA PRO B 1144 -30.87 31.69 28.62
C PRO B 1144 -31.17 33.16 28.89
N ILE B 1145 -32.19 33.69 28.22
CA ILE B 1145 -32.57 35.08 28.47
C ILE B 1145 -33.21 35.18 29.83
N LEU B 1146 -32.60 35.95 30.72
CA LEU B 1146 -33.07 36.14 32.08
C LEU B 1146 -33.80 37.47 32.16
N GLU B 1147 -34.99 37.45 32.77
CA GLU B 1147 -35.85 38.63 32.83
C GLU B 1147 -36.51 38.67 34.21
N LYS B 1148 -37.24 39.76 34.46
CA LYS B 1148 -38.01 39.92 35.67
C LYS B 1148 -39.42 40.36 35.32
N PHE B 1149 -40.37 40.01 36.16
CA PHE B 1149 -41.80 40.15 35.89
C PHE B 1149 -42.39 41.01 36.99
N CYS B 1150 -42.44 42.33 36.76
CA CYS B 1150 -42.77 43.30 37.78
C CYS B 1150 -43.95 44.18 37.36
N PHE B 1151 -44.66 44.69 38.35
CA PHE B 1151 -45.76 45.60 38.11
C PHE B 1151 -45.25 46.89 37.47
N THR B 1152 -45.99 47.38 36.48
CA THR B 1152 -45.67 48.63 35.81
C THR B 1152 -46.91 49.50 35.71
N PRO B 1153 -47.02 50.59 36.46
CA PRO B 1153 -48.18 51.46 36.31
C PRO B 1153 -48.18 52.14 34.95
N HIS B 1154 -49.36 52.21 34.35
CA HIS B 1154 -49.47 52.79 33.01
C HIS B 1154 -48.99 54.23 33.00
N THR B 1155 -49.28 54.98 34.06
CA THR B 1155 -48.86 56.37 34.18
C THR B 1155 -47.71 56.47 35.18
N GLU B 1156 -46.62 57.12 34.76
CA GLU B 1156 -45.45 57.28 35.60
C GLU B 1156 -44.96 58.72 35.52
N GLU B 1157 -44.42 59.21 36.63
CA GLU B 1157 -43.95 60.58 36.72
C GLU B 1157 -42.55 60.59 37.34
N GLY B 1158 -41.74 61.56 36.93
CA GLY B 1158 -40.38 61.65 37.43
C GLY B 1158 -39.60 60.37 37.17
N CYS B 1159 -39.64 59.92 35.91
CA CYS B 1159 -39.15 58.57 35.61
C CYS B 1159 -37.65 58.43 35.84
N LEU B 1160 -36.86 59.36 35.31
CA LEU B 1160 -35.41 59.22 35.28
C LEU B 1160 -34.73 60.03 36.39
N SER B 1161 -35.41 60.22 37.52
CA SER B 1161 -34.79 60.93 38.64
C SER B 1161 -33.64 60.15 39.27
N GLU B 1162 -33.49 58.86 38.96
CA GLU B 1162 -32.44 58.05 39.57
C GLU B 1162 -31.08 58.33 38.93
N ARG B 1163 -31.06 58.62 37.63
CA ARG B 1163 -29.78 58.79 36.94
C ARG B 1163 -29.07 60.04 37.40
N ALA B 1164 -27.76 60.08 37.15
CA ALA B 1164 -26.89 61.16 37.60
C ALA B 1164 -26.27 61.94 36.46
N ALA B 1165 -25.72 61.26 35.45
CA ALA B 1165 -25.17 61.96 34.29
C ALA B 1165 -26.23 62.85 33.65
N LEU B 1166 -27.47 62.37 33.60
CA LEU B 1166 -28.56 63.19 33.09
C LEU B 1166 -28.76 64.44 33.94
N GLN B 1167 -28.66 64.30 35.25
CA GLN B 1167 -28.79 65.46 36.12
C GLN B 1167 -27.68 66.47 35.85
N GLU B 1168 -26.45 65.99 35.71
CA GLU B 1168 -25.34 66.90 35.43
C GLU B 1168 -25.53 67.61 34.11
N GLU B 1169 -25.96 66.88 33.07
CA GLU B 1169 -26.19 67.50 31.78
C GLU B 1169 -27.30 68.53 31.85
N LEU B 1170 -28.39 68.21 32.56
CA LEU B 1170 -29.49 69.16 32.66
C LEU B 1170 -29.07 70.42 33.40
N GLN B 1171 -28.28 70.26 34.48
CA GLN B 1171 -27.82 71.43 35.21
C GLN B 1171 -26.87 72.26 34.37
N LEU B 1172 -26.02 71.61 33.57
CA LEU B 1172 -25.14 72.34 32.66
C LEU B 1172 -25.95 73.13 31.64
N CYS B 1173 -26.99 72.51 31.08
CA CYS B 1173 -27.83 73.21 30.12
C CYS B 1173 -28.55 74.39 30.78
N LYS B 1174 -29.03 74.20 32.01
CA LYS B 1174 -29.68 75.30 32.71
C LYS B 1174 -28.71 76.45 32.95
N GLY B 1175 -27.49 76.14 33.36
CA GLY B 1175 -26.50 77.19 33.57
C GLY B 1175 -26.18 77.92 32.27
N LEU B 1176 -26.02 77.18 31.18
CA LEU B 1176 -25.75 77.81 29.89
C LEU B 1176 -26.91 78.70 29.46
N VAL B 1177 -28.14 78.25 29.68
CA VAL B 1177 -29.30 79.07 29.34
C VAL B 1177 -29.31 80.34 30.18
N GLN B 1178 -29.04 80.22 31.48
CA GLN B 1178 -28.97 81.41 32.33
C GLN B 1178 -27.89 82.36 31.83
N ALA B 1179 -26.77 81.81 31.34
CA ALA B 1179 -25.75 82.65 30.73
C ALA B 1179 -26.30 83.37 29.51
N LEU B 1180 -27.08 82.66 28.68
CA LEU B 1180 -27.72 83.31 27.53
C LEU B 1180 -28.64 84.43 27.99
N GLN B 1181 -29.43 84.19 29.03
CA GLN B 1181 -30.34 85.22 29.55
C GLN B 1181 -29.58 86.40 30.14
N THR B 1182 -28.30 86.22 30.47
CA THR B 1182 -27.51 87.30 31.05
C THR B 1182 -27.37 88.45 30.07
N PRO B 1205 -18.66 71.56 29.60
CA PRO B 1205 -17.76 70.55 29.03
C PRO B 1205 -17.92 70.42 27.52
N SER B 1206 -19.12 70.66 27.02
CA SER B 1206 -19.48 70.61 25.61
C SER B 1206 -19.44 69.18 25.06
N GLN B 1207 -19.19 68.17 25.90
CA GLN B 1207 -19.15 66.80 25.41
C GLN B 1207 -20.50 66.37 24.86
N GLN B 1208 -21.59 66.73 25.55
CA GLN B 1208 -22.92 66.40 25.10
C GLN B 1208 -23.42 67.47 24.13
N GLU B 1209 -24.23 67.03 23.17
CA GLU B 1209 -24.62 67.91 22.06
C GLU B 1209 -25.41 69.12 22.54
N LEU B 1210 -26.37 68.90 23.46
CA LEU B 1210 -27.16 70.03 23.94
C LEU B 1210 -26.31 71.10 24.61
N PRO B 1211 -25.48 70.77 25.60
CA PRO B 1211 -24.59 71.81 26.15
C PRO B 1211 -23.60 72.35 25.15
N ARG B 1212 -23.18 71.53 24.18
CA ARG B 1212 -22.28 72.03 23.14
C ARG B 1212 -22.93 73.17 22.35
N LEU B 1213 -24.18 72.95 21.93
CA LEU B 1213 -24.88 73.99 21.17
C LEU B 1213 -25.26 75.17 22.06
N LEU B 1214 -25.57 74.92 23.32
CA LEU B 1214 -25.84 76.03 24.23
C LEU B 1214 -24.60 76.91 24.40
N SER B 1215 -23.43 76.28 24.54
CA SER B 1215 -22.18 77.03 24.62
C SER B 1215 -21.90 77.77 23.31
N ALA B 1216 -22.20 77.14 22.18
CA ALA B 1216 -22.03 77.81 20.89
C ALA B 1216 -22.90 79.06 20.83
N ALA B 1217 -24.15 78.96 21.30
CA ALA B 1217 -25.01 80.13 21.35
C ALA B 1217 -24.46 81.19 22.30
N CYS B 1218 -23.95 80.77 23.45
CA CYS B 1218 -23.41 81.71 24.42
C CYS B 1218 -22.26 82.50 23.82
N ARG B 1219 -21.27 81.80 23.25
CA ARG B 1219 -20.14 82.49 22.65
C ARG B 1219 -20.58 83.39 21.51
N LEU B 1220 -21.58 82.95 20.74
CA LEU B 1220 -22.15 83.77 19.69
C LEU B 1220 -23.10 84.79 20.32
N GLN B 1221 -23.82 85.54 19.49
CA GLN B 1221 -24.78 86.54 19.95
C GLN B 1221 -26.16 86.16 19.42
N LEU B 1222 -27.10 85.90 20.33
CA LEU B 1222 -28.43 85.53 19.92
C LEU B 1222 -29.11 86.65 19.14
N ASN B 1223 -28.95 87.89 19.60
CA ASN B 1223 -29.57 89.01 18.92
C ASN B 1223 -28.99 89.24 17.53
N GLY B 1224 -27.80 88.71 17.25
CA GLY B 1224 -27.15 88.90 15.97
C GLY B 1224 -27.41 87.72 15.05
N ASN B 1225 -27.85 88.02 13.82
CA ASN B 1225 -28.11 87.05 12.77
C ASN B 1225 -29.31 86.16 13.07
N LEU B 1226 -30.02 86.40 14.17
CA LEU B 1226 -31.17 85.58 14.55
C LEU B 1226 -30.76 84.10 14.61
N GLN B 1227 -29.58 83.84 15.16
CA GLN B 1227 -29.07 82.49 15.33
C GLN B 1227 -28.86 81.79 13.98
N LEU B 1228 -28.64 82.57 12.92
CA LEU B 1228 -28.43 81.98 11.60
C LEU B 1228 -27.16 81.13 11.58
N GLU B 1229 -26.04 81.71 12.04
CA GLU B 1229 -24.82 80.93 12.17
C GLU B 1229 -25.01 79.81 13.19
N LEU B 1230 -25.68 80.11 14.31
CA LEU B 1230 -26.01 79.06 15.27
C LEU B 1230 -26.92 78.01 14.64
N ALA B 1231 -27.86 78.45 13.79
CA ALA B 1231 -28.71 77.49 13.09
C ALA B 1231 -27.88 76.56 12.22
N GLN B 1232 -26.88 77.12 11.53
CA GLN B 1232 -25.96 76.28 10.76
C GLN B 1232 -25.25 75.29 11.68
N VAL B 1233 -24.75 75.77 12.82
CA VAL B 1233 -24.19 74.87 13.82
C VAL B 1233 -25.26 73.92 14.33
N LEU B 1234 -26.47 74.43 14.56
CA LEU B 1234 -27.58 73.58 14.96
C LEU B 1234 -27.90 72.55 13.89
N ALA B 1235 -27.85 72.96 12.61
CA ALA B 1235 -28.07 72.01 11.53
C ALA B 1235 -27.06 70.88 11.58
N GLN B 1236 -25.79 71.20 11.85
CA GLN B 1236 -24.78 70.17 12.03
C GLN B 1236 -25.09 69.28 13.24
N GLU B 1237 -25.90 69.76 14.17
CA GLU B 1237 -26.18 69.03 15.40
C GLU B 1237 -27.39 68.12 15.28
N ARG B 1238 -28.33 68.43 14.38
CA ARG B 1238 -29.52 67.59 14.23
C ARG B 1238 -29.17 66.13 13.98
N PRO B 1239 -28.22 65.78 13.11
CA PRO B 1239 -27.84 64.37 13.00
C PRO B 1239 -27.31 63.79 14.30
N LYS B 1240 -26.58 64.58 15.08
CA LYS B 1240 -26.06 64.15 16.37
C LYS B 1240 -27.03 64.39 17.51
N LEU B 1241 -28.14 65.08 17.26
CA LEU B 1241 -29.10 65.37 18.32
C LEU B 1241 -29.65 64.09 18.97
N PRO B 1242 -30.11 63.08 18.23
CA PRO B 1242 -30.63 61.88 18.90
C PRO B 1242 -29.59 61.18 19.76
N GLU B 1243 -28.31 61.34 19.45
CA GLU B 1243 -27.26 60.81 20.30
C GLU B 1243 -27.18 61.54 21.63
N ASP B 1244 -27.88 62.65 21.78
CA ASP B 1244 -27.87 63.38 23.04
C ASP B 1244 -28.37 62.48 24.16
N PRO B 1245 -27.62 62.35 25.26
CA PRO B 1245 -28.13 61.54 26.38
C PRO B 1245 -29.44 62.05 26.94
N LEU B 1246 -29.68 63.36 26.89
CA LEU B 1246 -30.87 63.93 27.52
C LEU B 1246 -32.12 63.81 26.67
N LEU B 1247 -31.99 63.98 25.35
CA LEU B 1247 -33.17 63.89 24.49
C LEU B 1247 -33.65 62.45 24.37
N SER B 1248 -32.73 61.50 24.22
CA SER B 1248 -33.08 60.09 24.11
C SER B 1248 -33.11 59.39 25.45
N GLY B 1249 -33.35 60.12 26.54
CA GLY B 1249 -33.36 59.53 27.86
C GLY B 1249 -34.48 58.52 28.07
N LEU B 1250 -35.73 58.98 27.95
CA LEU B 1250 -36.86 58.08 28.19
C LEU B 1250 -36.83 56.90 27.23
N LEU B 1251 -36.34 57.11 26.00
CA LEU B 1251 -36.26 56.02 25.04
C LEU B 1251 -35.26 54.95 25.50
N ASP B 1252 -34.20 55.36 26.19
CA ASP B 1252 -33.23 54.39 26.70
C ASP B 1252 -33.75 53.73 27.97
N SER B 1253 -34.77 54.31 28.59
CA SER B 1253 -35.30 53.76 29.83
C SER B 1253 -36.21 52.58 29.53
N PRO B 1254 -36.51 51.77 30.55
CA PRO B 1254 -37.41 50.63 30.32
C PRO B 1254 -38.81 51.02 29.88
N ALA B 1255 -39.18 52.29 29.99
CA ALA B 1255 -40.54 52.69 29.65
C ALA B 1255 -40.89 52.34 28.21
N LEU B 1256 -39.91 52.41 27.31
CA LEU B 1256 -40.17 52.03 25.92
C LEU B 1256 -40.53 50.55 25.82
N LYS B 1257 -39.80 49.71 26.55
CA LYS B 1257 -40.14 48.28 26.59
C LYS B 1257 -41.53 48.08 27.17
N ALA B 1258 -41.86 48.81 28.23
CA ALA B 1258 -43.17 48.65 28.86
C ALA B 1258 -44.28 49.01 27.89
N CYS B 1259 -44.14 50.13 27.17
CA CYS B 1259 -45.18 50.54 26.23
C CYS B 1259 -45.27 49.58 25.06
N LEU B 1260 -44.13 49.16 24.50
CA LEU B 1260 -44.17 48.18 23.43
C LEU B 1260 -44.90 46.93 23.87
N ASP B 1261 -44.57 46.42 25.05
CA ASP B 1261 -45.21 45.20 25.53
C ASP B 1261 -46.70 45.42 25.74
N THR B 1262 -47.08 46.57 26.28
CA THR B 1262 -48.51 46.87 26.40
C THR B 1262 -49.19 46.89 25.05
N ALA B 1263 -48.46 47.28 24.01
CA ALA B 1263 -49.03 47.28 22.66
C ALA B 1263 -49.14 45.87 22.11
N VAL B 1264 -48.11 45.04 22.31
CA VAL B 1264 -48.11 43.71 21.72
C VAL B 1264 -48.97 42.73 22.50
N GLU B 1265 -49.37 43.08 23.73
CA GLU B 1265 -50.23 42.21 24.52
C GLU B 1265 -51.70 42.38 24.20
N ASN B 1266 -52.06 43.39 23.41
CA ASN B 1266 -53.45 43.66 23.06
C ASN B 1266 -53.73 43.40 21.58
N MET B 1267 -52.83 42.69 20.90
CA MET B 1267 -53.05 42.38 19.49
C MET B 1267 -53.96 41.17 19.34
N PRO B 1268 -54.68 41.05 18.23
CA PRO B 1268 -55.50 39.85 18.03
C PRO B 1268 -54.67 38.62 17.71
N SER B 1269 -53.64 38.75 16.89
CA SER B 1269 -52.81 37.63 16.45
C SER B 1269 -51.35 37.90 16.81
N LEU B 1270 -50.49 36.94 16.46
CA LEU B 1270 -49.07 37.02 16.77
C LEU B 1270 -48.28 37.81 15.74
N LYS B 1271 -48.92 38.27 14.67
CA LYS B 1271 -48.26 39.09 13.66
C LYS B 1271 -48.58 40.55 13.90
N MET B 1272 -47.54 41.38 14.02
CA MET B 1272 -47.68 42.79 14.29
C MET B 1272 -47.14 43.60 13.13
N LYS B 1273 -47.90 44.60 12.69
CA LYS B 1273 -47.51 45.52 11.64
C LYS B 1273 -47.28 46.90 12.27
N VAL B 1274 -46.07 47.42 12.13
CA VAL B 1274 -45.68 48.70 12.71
C VAL B 1274 -45.06 49.55 11.62
N VAL B 1275 -45.42 50.84 11.61
CA VAL B 1275 -44.92 51.79 10.62
C VAL B 1275 -44.34 52.99 11.35
N GLU B 1276 -43.15 53.41 10.94
CA GLU B 1276 -42.47 54.55 11.55
C GLU B 1276 -42.53 55.75 10.62
N VAL B 1277 -42.87 56.91 11.18
CA VAL B 1277 -43.01 58.15 10.42
C VAL B 1277 -41.81 59.03 10.73
N LEU B 1278 -41.18 59.56 9.67
CA LEU B 1278 -39.97 60.36 9.80
C LEU B 1278 -38.81 59.51 10.32
N ALA B 1279 -38.65 58.31 9.76
CA ALA B 1279 -37.61 57.40 10.22
C ALA B 1279 -36.21 57.92 9.96
N GLY B 1280 -36.03 58.81 8.99
CA GLY B 1280 -34.68 59.27 8.66
C GLY B 1280 -34.01 59.95 9.83
N HIS B 1281 -34.71 60.90 10.47
CA HIS B 1281 -34.20 61.58 11.64
C HIS B 1281 -34.67 60.97 12.94
N GLY B 1282 -35.49 59.92 12.89
CA GLY B 1282 -36.00 59.31 14.09
C GLY B 1282 -35.01 58.38 14.74
N HIS B 1283 -34.34 57.55 13.94
CA HIS B 1283 -33.41 56.55 14.43
C HIS B 1283 -34.08 55.60 15.41
N LEU B 1284 -35.41 55.56 15.41
CA LEU B 1284 -36.15 54.64 16.26
C LEU B 1284 -36.28 53.26 15.65
N TYR B 1285 -35.93 53.12 14.37
CA TYR B 1285 -35.86 51.79 13.77
C TYR B 1285 -34.78 50.93 14.43
N SER B 1286 -33.78 51.58 15.03
CA SER B 1286 -32.67 50.85 15.65
C SER B 1286 -32.98 50.37 17.05
N ARG B 1287 -34.14 50.73 17.60
CA ARG B 1287 -34.52 50.34 18.95
C ARG B 1287 -35.66 49.34 18.99
N ILE B 1288 -36.66 49.49 18.12
CA ILE B 1288 -37.83 48.61 18.19
C ILE B 1288 -37.46 47.14 17.96
N PRO B 1289 -36.74 46.78 16.89
CA PRO B 1289 -36.45 45.35 16.68
C PRO B 1289 -35.66 44.71 17.81
N GLY B 1290 -34.73 45.45 18.41
CA GLY B 1290 -33.94 44.88 19.49
C GLY B 1290 -34.78 44.52 20.71
N LEU B 1291 -35.76 45.36 21.04
CA LEU B 1291 -36.58 45.11 22.21
C LEU B 1291 -37.47 43.88 22.03
N LEU B 1292 -37.96 43.63 20.82
CA LEU B 1292 -38.94 42.59 20.58
C LEU B 1292 -38.34 41.29 20.08
N SER B 1293 -37.02 41.21 19.98
CA SER B 1293 -36.39 39.91 19.72
C SER B 1293 -36.77 38.85 20.75
N PRO B 1294 -36.81 39.15 22.05
CA PRO B 1294 -37.14 38.08 23.02
C PRO B 1294 -38.47 37.40 22.76
N HIS B 1295 -39.50 38.14 22.34
CA HIS B 1295 -40.81 37.55 22.12
C HIS B 1295 -40.68 36.41 21.12
N PRO B 1296 -40.86 35.15 21.55
CA PRO B 1296 -40.49 34.03 20.69
C PRO B 1296 -41.30 33.91 19.41
N LEU B 1297 -42.63 33.88 19.54
CA LEU B 1297 -43.51 33.65 18.40
C LEU B 1297 -43.98 34.93 17.73
N LEU B 1298 -43.57 36.09 18.21
CA LEU B 1298 -43.99 37.34 17.59
C LEU B 1298 -43.45 37.43 16.17
N GLN B 1299 -44.31 37.84 15.24
CA GLN B 1299 -43.93 38.03 13.84
C GLN B 1299 -43.97 39.52 13.54
N LEU B 1300 -42.83 40.19 13.69
CA LEU B 1300 -42.72 41.62 13.48
C LEU B 1300 -42.59 41.91 11.98
N SER B 1301 -43.14 43.07 11.58
CA SER B 1301 -43.01 43.55 10.20
C SER B 1301 -42.85 45.06 10.27
N TYR B 1302 -41.62 45.52 10.06
CA TYR B 1302 -41.27 46.93 10.22
C TYR B 1302 -41.16 47.61 8.87
N THR B 1303 -41.73 48.81 8.79
CA THR B 1303 -41.67 49.62 7.58
C THR B 1303 -41.35 51.06 7.98
N ALA B 1304 -40.23 51.57 7.48
CA ALA B 1304 -39.78 52.91 7.80
C ALA B 1304 -40.28 53.88 6.73
N THR B 1305 -40.91 54.96 7.17
CA THR B 1305 -41.44 55.98 6.27
C THR B 1305 -40.87 57.33 6.68
N ASP B 1306 -40.44 58.11 5.69
CA ASP B 1306 -39.86 59.42 5.90
C ASP B 1306 -40.42 60.40 4.89
N ARG B 1307 -40.35 61.69 5.24
CA ARG B 1307 -40.85 62.74 4.36
C ARG B 1307 -40.12 62.73 3.02
N HIS B 1308 -38.80 62.55 3.05
CA HIS B 1308 -37.98 62.55 1.86
C HIS B 1308 -37.36 61.18 1.64
N PRO B 1309 -37.39 60.64 0.42
CA PRO B 1309 -36.65 59.39 0.17
C PRO B 1309 -35.16 59.52 0.38
N GLN B 1310 -34.62 60.74 0.34
CA GLN B 1310 -33.19 60.94 0.49
C GLN B 1310 -32.73 60.83 1.93
N ALA B 1311 -33.64 61.02 2.90
CA ALA B 1311 -33.24 61.03 4.30
C ALA B 1311 -32.74 59.66 4.74
N LEU B 1312 -33.47 58.60 4.37
CA LEU B 1312 -33.13 57.26 4.83
C LEU B 1312 -31.84 56.73 4.21
N GLU B 1313 -31.29 57.41 3.21
CA GLU B 1313 -30.13 56.89 2.49
C GLU B 1313 -28.98 56.58 3.45
N ALA B 1314 -28.71 57.49 4.38
CA ALA B 1314 -27.64 57.24 5.34
C ALA B 1314 -27.93 56.02 6.19
N ALA B 1315 -29.17 55.90 6.68
CA ALA B 1315 -29.54 54.76 7.51
C ALA B 1315 -29.70 53.47 6.70
N GLN B 1316 -29.73 53.57 5.37
CA GLN B 1316 -29.93 52.38 4.54
C GLN B 1316 -28.96 51.28 4.91
N ALA B 1317 -27.72 51.63 5.23
CA ALA B 1317 -26.74 50.63 5.64
C ALA B 1317 -27.21 49.88 6.88
N GLU B 1318 -27.64 50.61 7.91
CA GLU B 1318 -28.06 49.98 9.15
C GLU B 1318 -29.32 49.13 8.95
N LEU B 1319 -30.29 49.65 8.19
CA LEU B 1319 -31.57 48.97 8.08
C LEU B 1319 -31.45 47.60 7.44
N GLN B 1320 -30.34 47.31 6.77
CA GLN B 1320 -30.22 46.05 6.05
C GLN B 1320 -30.14 44.86 7.00
N GLN B 1321 -29.29 44.95 8.02
CA GLN B 1321 -29.09 43.81 8.91
C GLN B 1321 -30.39 43.42 9.60
N HIS B 1322 -31.13 44.42 10.08
CA HIS B 1322 -32.47 44.16 10.58
C HIS B 1322 -33.43 43.93 9.42
N ASP B 1323 -34.54 43.25 9.71
CA ASP B 1323 -35.53 42.95 8.69
C ASP B 1323 -36.36 44.17 8.30
N VAL B 1324 -36.08 45.34 8.86
CA VAL B 1324 -36.91 46.51 8.63
C VAL B 1324 -36.95 46.84 7.14
N ALA B 1325 -38.12 47.29 6.68
CA ALA B 1325 -38.37 47.59 5.28
C ALA B 1325 -38.16 49.08 5.01
N GLN B 1326 -38.54 49.51 3.82
CA GLN B 1326 -38.42 50.90 3.39
C GLN B 1326 -39.78 51.42 2.94
N GLY B 1327 -40.05 52.69 3.23
CA GLY B 1327 -41.28 53.32 2.84
C GLY B 1327 -41.10 54.82 2.73
N GLN B 1328 -42.15 55.51 2.29
CA GLN B 1328 -42.09 56.95 2.08
C GLN B 1328 -43.47 57.56 2.26
N TRP B 1329 -43.59 58.48 3.21
CA TRP B 1329 -44.85 59.16 3.45
C TRP B 1329 -44.67 60.36 4.39
N ASP B 1330 -45.19 61.51 3.97
CA ASP B 1330 -45.17 62.71 4.81
C ASP B 1330 -46.41 62.70 5.72
N PRO B 1331 -46.26 62.84 7.03
CA PRO B 1331 -47.43 62.67 7.91
C PRO B 1331 -48.59 63.58 7.58
N ALA B 1332 -48.34 64.81 7.14
CA ALA B 1332 -49.44 65.71 6.81
C ALA B 1332 -50.30 65.14 5.69
N ASP B 1333 -49.66 64.61 4.65
CA ASP B 1333 -50.40 63.95 3.58
C ASP B 1333 -51.00 62.64 4.08
N PRO B 1334 -52.16 62.25 3.55
CA PRO B 1334 -52.71 60.93 3.91
C PRO B 1334 -51.78 59.81 3.50
N ALA B 1335 -51.77 58.75 4.31
CA ALA B 1335 -50.83 57.66 4.12
C ALA B 1335 -51.13 56.93 2.81
N PRO B 1336 -50.12 56.29 2.23
CA PRO B 1336 -50.33 55.49 1.03
C PRO B 1336 -51.04 54.17 1.34
N SER B 1337 -51.49 53.51 0.27
CA SER B 1337 -52.13 52.21 0.43
C SER B 1337 -51.13 51.11 0.72
N ALA B 1338 -49.83 51.34 0.45
CA ALA B 1338 -48.83 50.32 0.73
C ALA B 1338 -48.77 50.02 2.21
N LEU B 1339 -48.81 51.04 3.06
CA LEU B 1339 -48.82 50.82 4.49
C LEU B 1339 -50.15 50.21 4.94
N GLY B 1340 -51.26 50.77 4.46
CA GLY B 1340 -52.56 50.21 4.77
C GLY B 1340 -52.84 50.23 6.26
N SER B 1341 -53.71 49.31 6.67
CA SER B 1341 -54.06 49.19 8.07
C SER B 1341 -52.88 48.61 8.84
N ALA B 1342 -52.42 49.34 9.86
CA ALA B 1342 -51.26 48.93 10.65
C ALA B 1342 -51.66 48.89 12.11
N ASP B 1343 -51.01 47.98 12.86
CA ASP B 1343 -51.36 47.79 14.26
C ASP B 1343 -50.60 48.74 15.18
N LEU B 1344 -49.45 49.26 14.74
CA LEU B 1344 -48.61 50.12 15.57
C LEU B 1344 -48.06 51.27 14.74
N LEU B 1345 -47.77 52.38 15.42
CA LEU B 1345 -47.21 53.56 14.77
C LEU B 1345 -46.34 54.30 15.78
N VAL B 1346 -45.12 54.63 15.38
CA VAL B 1346 -44.15 55.29 16.24
C VAL B 1346 -43.65 56.55 15.54
N CYS B 1347 -43.61 57.66 16.26
CA CYS B 1347 -43.37 58.98 15.66
C CYS B 1347 -42.06 59.61 16.09
N ASN B 1348 -41.80 59.70 17.39
CA ASN B 1348 -40.61 60.37 17.90
C ASN B 1348 -40.59 61.85 17.50
N CYS B 1349 -41.58 62.62 17.96
CA CYS B 1349 -41.62 64.04 17.64
C CYS B 1349 -40.46 64.80 18.26
N ALA B 1350 -39.75 64.21 19.22
CA ALA B 1350 -38.70 64.94 19.92
C ALA B 1350 -37.58 65.34 18.97
N VAL B 1351 -37.17 64.43 18.10
CA VAL B 1351 -36.03 64.66 17.22
C VAL B 1351 -36.47 65.08 15.82
N ALA B 1352 -37.62 64.57 15.36
CA ALA B 1352 -38.10 64.86 14.02
C ALA B 1352 -39.02 66.08 14.02
N ALA B 1353 -39.04 66.78 12.89
CA ALA B 1353 -39.87 67.95 12.69
C ALA B 1353 -41.21 67.51 12.14
N LEU B 1354 -42.28 67.76 12.88
CA LEU B 1354 -43.62 67.26 12.55
C LEU B 1354 -44.42 68.22 11.70
N GLY B 1355 -43.95 69.43 11.47
CA GLY B 1355 -44.81 70.43 10.86
C GLY B 1355 -46.02 70.68 11.75
N ASP B 1356 -47.21 70.63 11.16
CA ASP B 1356 -48.42 70.83 11.94
C ASP B 1356 -48.73 69.56 12.75
N PRO B 1357 -49.17 69.71 14.00
CA PRO B 1357 -49.58 68.51 14.76
C PRO B 1357 -50.94 67.99 14.35
N ALA B 1358 -51.88 68.90 14.06
CA ALA B 1358 -53.25 68.47 13.79
C ALA B 1358 -53.33 67.60 12.54
N SER B 1359 -52.77 68.08 11.43
CA SER B 1359 -52.85 67.32 10.18
C SER B 1359 -52.15 65.98 10.30
N ALA B 1360 -50.96 65.97 10.92
CA ALA B 1360 -50.22 64.74 11.08
C ALA B 1360 -51.00 63.74 11.92
N LEU B 1361 -51.57 64.19 13.05
CA LEU B 1361 -52.32 63.29 13.90
C LEU B 1361 -53.55 62.75 13.17
N SER B 1362 -54.26 63.62 12.44
CA SER B 1362 -55.45 63.16 11.73
C SER B 1362 -55.09 62.09 10.71
N ASN B 1363 -54.10 62.37 9.86
CA ASN B 1363 -53.74 61.40 8.83
C ASN B 1363 -53.22 60.11 9.45
N MET B 1364 -52.44 60.21 10.53
CA MET B 1364 -51.92 59.01 11.17
C MET B 1364 -53.04 58.15 11.75
N VAL B 1365 -53.97 58.76 12.50
CA VAL B 1365 -55.07 57.99 13.05
C VAL B 1365 -55.91 57.40 11.93
N ALA B 1366 -55.98 58.08 10.78
CA ALA B 1366 -56.62 57.46 9.63
C ALA B 1366 -55.82 56.28 9.11
N ALA B 1367 -54.49 56.30 9.30
CA ALA B 1367 -53.63 55.30 8.69
C ALA B 1367 -53.67 53.96 9.44
N LEU B 1368 -53.73 53.99 10.78
CA LEU B 1368 -53.50 52.79 11.56
C LEU B 1368 -54.80 52.05 11.85
N ARG B 1369 -54.69 50.72 11.96
CA ARG B 1369 -55.86 49.88 12.18
C ARG B 1369 -56.58 50.28 13.45
N GLU B 1370 -57.90 50.24 13.40
CA GLU B 1370 -58.71 50.48 14.60
C GLU B 1370 -58.33 49.45 15.66
N GLY B 1371 -58.09 49.93 16.87
CA GLY B 1371 -57.58 49.10 17.94
C GLY B 1371 -56.07 49.06 18.05
N GLY B 1372 -55.36 49.68 17.11
CA GLY B 1372 -53.92 49.74 17.17
C GLY B 1372 -53.44 50.83 18.12
N PHE B 1373 -52.13 51.02 18.15
CA PHE B 1373 -51.51 51.96 19.07
C PHE B 1373 -50.59 52.91 18.32
N LEU B 1374 -50.60 54.17 18.73
CA LEU B 1374 -49.66 55.18 18.23
C LEU B 1374 -48.81 55.63 19.42
N LEU B 1375 -47.53 55.27 19.39
CA LEU B 1375 -46.60 55.61 20.46
C LEU B 1375 -45.81 56.85 20.05
N LEU B 1376 -46.13 57.98 20.68
CA LEU B 1376 -45.57 59.27 20.31
C LEU B 1376 -44.64 59.74 21.42
N HIS B 1377 -43.40 60.06 21.05
CA HIS B 1377 -42.38 60.55 21.97
C HIS B 1377 -42.13 62.02 21.68
N THR B 1378 -42.31 62.87 22.68
CA THR B 1378 -42.23 64.31 22.48
C THR B 1378 -41.79 65.00 23.76
N LEU B 1379 -41.42 66.27 23.63
CA LEU B 1379 -41.11 67.13 24.76
C LEU B 1379 -42.41 67.76 25.24
N LEU B 1380 -42.31 68.75 26.13
CA LEU B 1380 -43.50 69.41 26.67
C LEU B 1380 -43.25 70.89 26.84
N ARG B 1381 -44.21 71.71 26.40
CA ARG B 1381 -44.12 73.15 26.56
C ARG B 1381 -44.33 73.53 28.02
N GLY B 1382 -43.75 74.65 28.42
CA GLY B 1382 -43.81 75.11 29.79
C GLY B 1382 -42.81 74.46 30.72
N HIS B 1383 -42.00 73.53 30.21
CA HIS B 1383 -40.99 72.85 30.99
C HIS B 1383 -39.62 73.39 30.64
N PRO B 1384 -38.62 73.19 31.51
CA PRO B 1384 -37.30 73.78 31.25
C PRO B 1384 -36.73 73.37 29.90
N LEU B 1385 -36.58 72.07 29.66
CA LEU B 1385 -35.93 71.62 28.43
C LEU B 1385 -36.73 72.05 27.20
N GLY B 1386 -38.06 72.01 27.29
CA GLY B 1386 -38.86 72.41 26.15
C GLY B 1386 -38.62 73.85 25.75
N ASP B 1387 -38.64 74.76 26.73
CA ASP B 1387 -38.36 76.16 26.41
C ASP B 1387 -36.92 76.35 25.97
N ILE B 1388 -35.98 75.58 26.51
CA ILE B 1388 -34.59 75.69 26.09
C ILE B 1388 -34.47 75.36 24.61
N VAL B 1389 -35.06 74.25 24.19
CA VAL B 1389 -34.98 73.86 22.77
C VAL B 1389 -35.77 74.84 21.91
N ALA B 1390 -36.88 75.36 22.42
CA ALA B 1390 -37.62 76.38 21.68
C ALA B 1390 -36.73 77.59 21.41
N PHE B 1391 -36.04 78.09 22.43
CA PHE B 1391 -35.09 79.18 22.25
C PHE B 1391 -34.04 78.79 21.22
N LEU B 1392 -33.47 77.58 21.35
CA LEU B 1392 -32.46 77.15 20.40
C LEU B 1392 -33.00 77.08 18.99
N THR B 1393 -34.22 76.58 18.83
CA THR B 1393 -34.80 76.44 17.50
C THR B 1393 -35.24 77.80 16.95
N SER B 1394 -35.08 77.95 15.63
CA SER B 1394 -35.56 79.14 14.93
C SER B 1394 -36.26 78.81 13.62
N THR B 1395 -36.35 77.54 13.23
CA THR B 1395 -36.93 77.14 11.96
C THR B 1395 -38.39 76.79 12.15
N GLU B 1396 -39.24 77.34 11.28
CA GLU B 1396 -40.68 77.08 11.37
C GLU B 1396 -41.02 75.59 11.27
N PRO B 1397 -40.50 74.83 10.30
CA PRO B 1397 -40.98 73.45 10.16
C PRO B 1397 -40.81 72.62 11.41
N GLN B 1398 -39.79 72.89 12.21
CA GLN B 1398 -39.62 72.18 13.48
C GLN B 1398 -40.69 72.57 14.50
N TYR B 1399 -41.32 73.73 14.35
CA TYR B 1399 -42.31 74.21 15.31
C TYR B 1399 -41.74 74.21 16.73
N GLY B 1400 -40.43 74.36 16.87
CA GLY B 1400 -39.79 74.05 18.13
C GLY B 1400 -39.92 72.58 18.46
N GLN B 1401 -39.75 71.72 17.45
CA GLN B 1401 -40.02 70.28 17.58
C GLN B 1401 -41.48 70.02 17.94
N GLY B 1402 -42.38 70.88 17.47
CA GLY B 1402 -43.80 70.69 17.75
C GLY B 1402 -44.10 70.60 19.23
N ILE B 1403 -43.51 71.48 20.02
CA ILE B 1403 -43.63 71.41 21.47
C ILE B 1403 -44.96 71.97 21.91
N LEU B 1404 -45.73 71.16 22.63
CA LEU B 1404 -47.01 71.57 23.22
C LEU B 1404 -47.04 71.13 24.67
N SER B 1405 -47.82 71.86 25.48
CA SER B 1405 -48.03 71.45 26.85
C SER B 1405 -48.79 70.13 26.91
N GLN B 1406 -48.59 69.39 28.00
CA GLN B 1406 -49.19 68.07 28.12
C GLN B 1406 -50.71 68.15 27.97
N ASP B 1407 -51.33 69.15 28.59
CA ASP B 1407 -52.76 69.35 28.41
C ASP B 1407 -53.10 69.67 26.95
N ALA B 1408 -52.22 70.41 26.28
CA ALA B 1408 -52.43 70.68 24.85
C ALA B 1408 -52.38 69.38 24.05
N TRP B 1409 -51.42 68.50 24.37
CA TRP B 1409 -51.37 67.21 23.69
C TRP B 1409 -52.64 66.41 23.96
N GLU B 1410 -53.13 66.45 25.19
CA GLU B 1410 -54.36 65.73 25.52
C GLU B 1410 -55.54 66.26 24.72
N SER B 1411 -55.64 67.59 24.60
CA SER B 1411 -56.71 68.19 23.80
C SER B 1411 -56.58 67.78 22.34
N LEU B 1412 -55.36 67.77 21.82
CA LEU B 1412 -55.15 67.35 20.43
C LEU B 1412 -55.58 65.90 20.24
N PHE B 1413 -55.24 65.02 21.18
CA PHE B 1413 -55.64 63.63 21.07
C PHE B 1413 -57.15 63.49 21.14
N SER B 1414 -57.80 64.22 22.04
CA SER B 1414 -59.25 64.20 22.11
C SER B 1414 -59.87 64.71 20.80
N ARG B 1415 -59.19 65.63 20.11
CA ARG B 1415 -59.66 66.09 18.82
C ARG B 1415 -59.71 64.94 17.82
N VAL B 1416 -58.64 64.14 17.75
CA VAL B 1416 -58.59 63.01 16.83
C VAL B 1416 -59.22 61.75 17.42
N SER B 1417 -59.79 61.84 18.61
CA SER B 1417 -60.48 60.75 19.31
C SER B 1417 -59.51 59.72 19.87
N LEU B 1418 -58.20 59.85 19.63
CA LEU B 1418 -57.24 58.96 20.25
C LEU B 1418 -57.38 59.02 21.76
N ARG B 1419 -57.42 57.87 22.40
CA ARG B 1419 -57.64 57.78 23.84
C ARG B 1419 -56.34 57.38 24.53
N LEU B 1420 -56.00 58.11 25.60
CA LEU B 1420 -54.72 57.98 26.28
C LEU B 1420 -54.74 56.75 27.17
N VAL B 1421 -53.99 55.72 26.79
CA VAL B 1421 -53.88 54.52 27.60
C VAL B 1421 -52.65 54.58 28.50
N GLY B 1422 -51.53 55.05 27.96
CA GLY B 1422 -50.30 55.14 28.74
C GLY B 1422 -49.61 56.48 28.61
N LEU B 1423 -49.14 57.02 29.73
CA LEU B 1423 -48.41 58.28 29.77
C LEU B 1423 -47.17 58.11 30.63
N LYS B 1424 -46.00 58.35 30.05
CA LYS B 1424 -44.74 58.22 30.74
C LYS B 1424 -44.01 59.56 30.66
N LYS B 1425 -43.53 60.05 31.80
CA LYS B 1425 -42.91 61.36 31.89
C LYS B 1425 -41.59 61.27 32.65
N SER B 1426 -40.59 61.99 32.16
CA SER B 1426 -39.30 62.10 32.83
C SER B 1426 -39.21 63.41 33.60
N PHE B 1427 -38.23 63.47 34.50
CA PHE B 1427 -38.09 64.64 35.35
C PHE B 1427 -37.84 65.91 34.54
N TYR B 1428 -37.18 65.78 33.39
CA TYR B 1428 -36.76 66.93 32.60
C TYR B 1428 -37.77 67.31 31.53
N GLY B 1429 -39.03 66.89 31.67
CA GLY B 1429 -40.10 67.33 30.82
C GLY B 1429 -40.41 66.40 29.66
N SER B 1430 -39.45 65.58 29.24
CA SER B 1430 -39.69 64.64 28.15
C SER B 1430 -40.74 63.62 28.57
N THR B 1431 -41.64 63.30 27.65
CA THR B 1431 -42.73 62.38 27.92
C THR B 1431 -42.90 61.44 26.73
N LEU B 1432 -43.51 60.29 27.00
CA LEU B 1432 -43.71 59.24 26.01
C LEU B 1432 -45.20 58.89 25.98
N PHE B 1433 -45.90 59.40 24.97
CA PHE B 1433 -47.34 59.17 24.85
C PHE B 1433 -47.62 57.82 24.20
N LEU B 1434 -48.87 57.37 24.33
CA LEU B 1434 -49.34 56.13 23.74
C LEU B 1434 -50.85 56.17 23.68
N CYS B 1435 -51.40 56.03 22.48
CA CYS B 1435 -52.82 56.25 22.26
C CYS B 1435 -53.41 55.10 21.45
N ARG B 1436 -54.72 54.90 21.62
CA ARG B 1436 -55.45 53.80 21.00
C ARG B 1436 -56.68 54.34 20.31
N ARG B 1437 -57.01 53.76 19.15
CA ARG B 1437 -58.19 54.19 18.40
C ARG B 1437 -59.40 53.41 18.91
N PRO B 1438 -60.41 54.07 19.47
CA PRO B 1438 -61.53 53.32 20.07
C PRO B 1438 -62.24 52.44 19.06
N THR B 1439 -62.71 51.29 19.55
CA THR B 1439 -63.40 50.30 18.73
C THR B 1439 -64.81 50.08 19.25
N PRO B 1440 -65.80 49.97 18.38
CA PRO B 1440 -67.19 49.82 18.85
C PRO B 1440 -67.40 48.45 19.49
N GLN B 1441 -67.94 48.46 20.71
CA GLN B 1441 -68.31 47.25 21.42
C GLN B 1441 -69.75 47.39 21.89
N ASP B 1442 -70.58 46.40 21.56
CA ASP B 1442 -72.00 46.49 21.82
C ASP B 1442 -72.28 46.60 23.32
N SER B 1443 -71.92 45.57 24.07
CA SER B 1443 -72.13 45.56 25.52
C SER B 1443 -71.26 44.46 26.12
N PRO B 1444 -70.42 44.77 27.11
CA PRO B 1444 -69.50 43.75 27.62
C PRO B 1444 -70.21 42.74 28.50
N ILE B 1445 -69.60 41.56 28.61
CA ILE B 1445 -70.08 40.48 29.47
C ILE B 1445 -69.18 40.41 30.69
N PHE B 1446 -69.79 40.38 31.87
CA PHE B 1446 -69.05 40.22 33.12
C PHE B 1446 -69.14 38.79 33.60
N LEU B 1447 -68.10 38.35 34.31
CA LEU B 1447 -68.05 36.99 34.84
C LEU B 1447 -67.12 36.93 36.05
N PRO B 1448 -67.64 37.09 37.28
CA PRO B 1448 -66.77 36.99 38.45
C PRO B 1448 -66.08 35.64 38.52
N VAL B 1449 -64.83 35.64 38.96
CA VAL B 1449 -63.94 34.49 38.87
C VAL B 1449 -63.48 34.00 40.23
N ASP B 1450 -63.94 34.62 41.32
CA ASP B 1450 -63.35 34.39 42.63
C ASP B 1450 -63.83 33.11 43.31
N ASP B 1451 -64.85 32.45 42.79
CA ASP B 1451 -65.38 31.25 43.44
C ASP B 1451 -64.29 30.20 43.55
N THR B 1452 -64.14 29.63 44.75
CA THR B 1452 -63.13 28.62 45.00
C THR B 1452 -63.50 27.25 44.44
N SER B 1453 -64.78 27.02 44.17
CA SER B 1453 -65.22 25.77 43.58
C SER B 1453 -64.91 25.68 42.10
N PHE B 1454 -64.42 26.76 41.49
CA PHE B 1454 -64.12 26.82 40.07
C PHE B 1454 -65.37 26.63 39.22
N ARG B 1455 -66.54 26.91 39.79
CA ARG B 1455 -67.78 26.79 39.01
C ARG B 1455 -67.79 27.75 37.83
N TRP B 1456 -67.07 28.87 37.95
CA TRP B 1456 -67.04 29.86 36.87
C TRP B 1456 -66.45 29.28 35.59
N VAL B 1457 -65.74 28.17 35.68
CA VAL B 1457 -65.12 27.57 34.50
C VAL B 1457 -66.19 27.22 33.46
N GLU B 1458 -67.34 26.72 33.92
CA GLU B 1458 -68.40 26.36 32.99
C GLU B 1458 -69.03 27.60 32.36
N SER B 1459 -69.21 28.66 33.14
CA SER B 1459 -69.82 29.87 32.61
C SER B 1459 -68.98 30.45 31.47
N LEU B 1460 -67.67 30.54 31.67
CA LEU B 1460 -66.80 31.03 30.60
C LEU B 1460 -66.85 30.12 29.39
N LYS B 1461 -66.90 28.81 29.63
CA LYS B 1461 -67.03 27.86 28.52
C LYS B 1461 -68.28 28.18 27.70
N GLY B 1462 -69.40 28.43 28.38
CA GLY B 1462 -70.61 28.80 27.66
C GLY B 1462 -70.47 30.09 26.91
N ILE B 1463 -69.89 31.11 27.56
CA ILE B 1463 -69.79 32.42 26.93
C ILE B 1463 -68.95 32.34 25.66
N LEU B 1464 -67.89 31.55 25.68
CA LEU B 1464 -67.07 31.34 24.50
C LEU B 1464 -67.63 30.27 23.57
N ALA B 1465 -68.72 29.61 23.96
CA ALA B 1465 -69.33 28.61 23.08
C ALA B 1465 -69.81 29.25 21.78
N ASP B 1466 -70.40 30.45 21.87
CA ASP B 1466 -70.90 31.14 20.69
C ASP B 1466 -69.79 31.38 19.69
N GLU B 1467 -69.85 30.71 18.53
CA GLU B 1467 -68.84 30.91 17.51
C GLU B 1467 -68.88 32.33 16.97
N ASP B 1468 -70.07 32.88 16.76
CA ASP B 1468 -70.25 34.22 16.23
C ASP B 1468 -70.75 35.11 17.36
N SER B 1469 -69.82 35.85 17.97
CA SER B 1469 -70.15 36.78 19.05
C SER B 1469 -69.26 38.01 18.92
N SER B 1470 -69.73 39.11 19.52
CA SER B 1470 -69.00 40.36 19.50
C SER B 1470 -68.79 40.98 20.88
N ARG B 1471 -69.42 40.46 21.91
CA ARG B 1471 -69.25 41.02 23.26
C ARG B 1471 -67.87 40.65 23.79
N PRO B 1472 -67.02 41.62 24.16
CA PRO B 1472 -65.72 41.28 24.77
C PRO B 1472 -65.92 40.85 26.22
N VAL B 1473 -65.78 39.56 26.48
CA VAL B 1473 -66.06 39.04 27.82
C VAL B 1473 -65.02 39.57 28.80
N TRP B 1474 -65.49 40.19 29.88
CA TRP B 1474 -64.64 40.81 30.88
C TRP B 1474 -64.61 39.91 32.12
N LEU B 1475 -63.48 39.26 32.35
CA LEU B 1475 -63.30 38.48 33.56
C LEU B 1475 -62.97 39.42 34.71
N LYS B 1476 -63.64 39.22 35.85
CA LYS B 1476 -63.48 40.08 37.00
C LYS B 1476 -63.13 39.25 38.23
N ALA B 1477 -62.08 39.66 38.94
CA ALA B 1477 -61.64 39.00 40.16
C ALA B 1477 -61.42 40.07 41.21
N ILE B 1478 -62.31 40.14 42.20
CA ILE B 1478 -62.31 41.23 43.16
C ILE B 1478 -62.29 40.77 44.61
N ASN B 1479 -62.74 39.56 44.93
CA ASN B 1479 -62.78 39.12 46.32
C ASN B 1479 -61.39 38.74 46.83
N CYS B 1480 -60.57 38.11 45.99
CA CYS B 1480 -59.29 37.56 46.40
C CYS B 1480 -58.16 38.27 45.67
N ALA B 1481 -57.07 38.52 46.38
CA ALA B 1481 -55.88 39.15 45.81
C ALA B 1481 -54.87 38.14 45.29
N THR B 1482 -55.10 36.85 45.48
CA THR B 1482 -54.21 35.81 44.98
C THR B 1482 -54.74 35.16 43.71
N SER B 1483 -55.78 35.71 43.11
CA SER B 1483 -56.37 35.11 41.92
C SER B 1483 -55.35 35.08 40.80
N GLY B 1484 -55.37 34.00 40.02
CA GLY B 1484 -54.44 33.83 38.91
C GLY B 1484 -55.09 34.07 37.57
N VAL B 1485 -56.01 35.04 37.51
CA VAL B 1485 -56.72 35.31 36.27
C VAL B 1485 -55.76 35.78 35.18
N VAL B 1486 -54.63 36.37 35.57
CA VAL B 1486 -53.70 36.87 34.56
C VAL B 1486 -53.20 35.75 33.66
N GLY B 1487 -52.74 34.65 34.27
CA GLY B 1487 -52.25 33.53 33.48
C GLY B 1487 -53.37 32.86 32.70
N LEU B 1488 -54.56 32.78 33.30
CA LEU B 1488 -55.70 32.18 32.62
C LEU B 1488 -56.03 32.93 31.34
N VAL B 1489 -56.05 34.27 31.42
CA VAL B 1489 -56.33 35.07 30.23
C VAL B 1489 -55.17 34.99 29.25
N ASN B 1490 -53.94 34.93 29.75
CA ASN B 1490 -52.79 34.81 28.85
C ASN B 1490 -52.87 33.53 28.03
N CYS B 1491 -53.25 32.42 28.67
CA CYS B 1491 -53.35 31.16 27.96
C CYS B 1491 -54.60 31.07 27.10
N LEU B 1492 -55.70 31.69 27.54
CA LEU B 1492 -56.94 31.63 26.76
C LEU B 1492 -56.84 32.44 25.48
N ARG B 1493 -56.14 33.58 25.51
CA ARG B 1493 -56.06 34.41 24.31
C ARG B 1493 -55.44 33.67 23.14
N ARG B 1494 -54.70 32.61 23.38
CA ARG B 1494 -54.14 31.79 22.32
C ARG B 1494 -55.12 30.74 21.81
N GLU B 1495 -56.32 30.68 22.39
CA GLU B 1495 -57.34 29.72 22.03
C GLU B 1495 -58.43 30.39 21.21
N PRO B 1496 -59.24 29.62 20.47
CA PRO B 1496 -60.32 30.23 19.70
C PRO B 1496 -61.26 31.03 20.59
N GLY B 1497 -61.68 32.19 20.09
CA GLY B 1497 -62.50 33.09 20.86
C GLY B 1497 -61.75 33.91 21.88
N GLY B 1498 -60.42 33.86 21.89
CA GLY B 1498 -59.65 34.56 22.88
C GLY B 1498 -59.70 36.07 22.77
N ASN B 1499 -60.05 36.59 21.60
CA ASN B 1499 -60.06 38.03 21.39
C ASN B 1499 -61.07 38.75 22.27
N ARG B 1500 -62.03 38.03 22.86
CA ARG B 1500 -63.06 38.65 23.68
C ARG B 1500 -62.69 38.66 25.16
N LEU B 1501 -61.50 38.18 25.53
CA LEU B 1501 -61.11 38.02 26.92
C LEU B 1501 -60.41 39.27 27.44
N ARG B 1502 -60.85 39.75 28.60
CA ARG B 1502 -60.24 40.90 29.25
C ARG B 1502 -60.42 40.76 30.75
N CYS B 1503 -59.39 41.15 31.51
CA CYS B 1503 -59.31 40.89 32.94
C CYS B 1503 -59.34 42.18 33.74
N VAL B 1504 -60.07 42.16 34.85
CA VAL B 1504 -60.03 43.18 35.88
C VAL B 1504 -59.62 42.49 37.17
N LEU B 1505 -58.45 42.87 37.70
CA LEU B 1505 -57.87 42.20 38.86
C LEU B 1505 -57.49 43.24 39.90
N LEU B 1506 -57.87 42.98 41.15
CA LEU B 1506 -57.54 43.85 42.27
C LEU B 1506 -56.57 43.08 43.17
N SER B 1507 -55.28 43.44 43.09
CA SER B 1507 -54.24 42.82 43.90
C SER B 1507 -53.53 43.92 44.68
N ASN B 1508 -53.76 43.96 45.99
CA ASN B 1508 -53.12 44.93 46.87
C ASN B 1508 -52.15 44.21 47.79
N LEU B 1509 -50.89 44.65 47.78
CA LEU B 1509 -49.88 44.07 48.65
C LEU B 1509 -49.88 44.66 50.05
N SER B 1510 -50.58 45.77 50.26
CA SER B 1510 -50.69 46.41 51.57
C SER B 1510 -52.14 46.32 52.05
N SER B 1511 -52.34 45.77 53.24
CA SER B 1511 -53.69 45.60 53.76
C SER B 1511 -54.39 46.93 53.96
N THR B 1512 -53.66 47.92 54.47
CA THR B 1512 -54.28 49.22 54.75
C THR B 1512 -54.75 49.90 53.47
N SER B 1513 -54.10 49.62 52.34
CA SER B 1513 -54.39 50.31 51.10
C SER B 1513 -55.86 50.19 50.71
N HIS B 1514 -56.32 51.09 49.84
CA HIS B 1514 -57.72 51.13 49.45
C HIS B 1514 -58.08 49.95 48.55
N VAL B 1515 -59.37 49.63 48.55
CA VAL B 1515 -59.94 48.64 47.63
C VAL B 1515 -60.94 49.36 46.74
N PRO B 1516 -60.55 49.73 45.52
CA PRO B 1516 -61.47 50.47 44.65
C PRO B 1516 -62.76 49.70 44.44
N GLU B 1517 -63.88 50.42 44.49
CA GLU B 1517 -65.18 49.82 44.24
C GLU B 1517 -65.40 49.76 42.74
N VAL B 1518 -65.51 48.55 42.22
CA VAL B 1518 -65.63 48.31 40.78
C VAL B 1518 -67.01 47.73 40.53
N ASP B 1519 -67.78 48.39 39.66
CA ASP B 1519 -69.17 48.03 39.40
C ASP B 1519 -69.55 48.56 38.03
N PRO B 1520 -70.62 48.05 37.43
CA PRO B 1520 -71.01 48.54 36.10
C PRO B 1520 -71.22 50.05 36.07
N GLY B 1521 -71.74 50.63 37.15
CA GLY B 1521 -71.90 52.07 37.22
C GLY B 1521 -70.73 52.83 37.82
N SER B 1522 -69.77 52.12 38.39
CA SER B 1522 -68.64 52.77 39.03
C SER B 1522 -67.77 53.49 38.01
N ALA B 1523 -67.13 54.57 38.46
CA ALA B 1523 -66.30 55.37 37.55
C ALA B 1523 -64.99 54.67 37.23
N GLU B 1524 -64.41 53.97 38.20
CA GLU B 1524 -63.15 53.27 37.95
C GLU B 1524 -63.32 52.23 36.84
N LEU B 1525 -64.37 51.41 36.94
CA LEU B 1525 -64.63 50.44 35.89
C LEU B 1525 -64.92 51.13 34.57
N GLN B 1526 -65.58 52.29 34.63
CA GLN B 1526 -65.88 53.03 33.41
C GLN B 1526 -64.60 53.42 32.68
N LYS B 1527 -63.65 54.02 33.40
CA LYS B 1527 -62.39 54.41 32.76
C LYS B 1527 -61.61 53.18 32.30
N VAL B 1528 -61.61 52.11 33.11
CA VAL B 1528 -60.89 50.91 32.73
C VAL B 1528 -61.41 50.36 31.40
N LEU B 1529 -62.74 50.29 31.26
CA LEU B 1529 -63.31 49.76 30.02
C LEU B 1529 -63.21 50.77 28.88
N GLN B 1530 -63.12 52.07 29.18
CA GLN B 1530 -62.82 53.03 28.12
C GLN B 1530 -61.44 52.77 27.55
N GLY B 1531 -60.48 52.45 28.40
CA GLY B 1531 -59.13 52.16 27.92
C GLY B 1531 -59.11 51.01 26.93
N ASP B 1532 -59.91 49.98 27.18
CA ASP B 1532 -59.96 48.80 26.32
C ASP B 1532 -58.59 48.11 26.27
N LEU B 1533 -57.98 47.94 27.43
CA LEU B 1533 -56.71 47.22 27.56
C LEU B 1533 -56.99 45.82 28.10
N VAL B 1534 -56.26 44.84 27.57
CA VAL B 1534 -56.51 43.45 27.92
C VAL B 1534 -56.44 43.25 29.43
N MET B 1535 -55.28 43.51 30.02
CA MET B 1535 -55.01 43.21 31.41
C MET B 1535 -55.02 44.49 32.24
N ASN B 1536 -55.81 44.48 33.31
CA ASN B 1536 -55.95 45.63 34.20
C ASN B 1536 -55.75 45.14 35.63
N VAL B 1537 -54.63 45.52 36.23
CA VAL B 1537 -54.28 45.11 37.59
C VAL B 1537 -54.13 46.35 38.44
N TYR B 1538 -54.83 46.39 39.57
CA TYR B 1538 -54.79 47.51 40.51
C TYR B 1538 -53.93 47.12 41.70
N ARG B 1539 -52.87 47.87 41.95
CA ARG B 1539 -51.95 47.61 43.05
C ARG B 1539 -51.62 48.91 43.76
N ASP B 1540 -52.22 49.12 44.93
CA ASP B 1540 -51.84 50.20 45.83
C ASP B 1540 -51.83 51.55 45.12
N GLY B 1541 -52.96 51.89 44.53
CA GLY B 1541 -53.13 53.18 43.90
C GLY B 1541 -52.48 53.28 42.53
N ALA B 1542 -52.86 52.39 41.62
CA ALA B 1542 -52.37 52.43 40.26
C ALA B 1542 -53.13 51.40 39.44
N TRP B 1543 -53.31 51.70 38.15
CA TRP B 1543 -53.93 50.78 37.20
C TRP B 1543 -52.86 50.43 36.18
N GLY B 1544 -52.10 49.38 36.48
CA GLY B 1544 -51.01 48.97 35.62
C GLY B 1544 -51.09 47.51 35.23
N ALA B 1545 -49.99 46.99 34.67
CA ALA B 1545 -49.94 45.61 34.22
C ALA B 1545 -48.56 45.04 34.52
N PHE B 1546 -48.46 43.72 34.46
CA PHE B 1546 -47.19 43.04 34.67
C PHE B 1546 -46.41 43.00 33.36
N ARG B 1547 -45.13 43.35 33.42
CA ARG B 1547 -44.28 43.48 32.25
C ARG B 1547 -43.01 42.68 32.44
N HIS B 1548 -42.40 42.31 31.32
CA HIS B 1548 -41.11 41.62 31.31
C HIS B 1548 -40.01 42.62 30.99
N PHE B 1549 -38.97 42.61 31.80
CA PHE B 1549 -37.80 43.44 31.58
C PHE B 1549 -36.54 42.59 31.68
N LEU B 1550 -35.54 42.96 30.89
CA LEU B 1550 -34.27 42.25 30.93
C LEU B 1550 -33.58 42.49 32.27
N LEU B 1551 -32.68 41.57 32.62
CA LEU B 1551 -32.00 41.58 33.90
C LEU B 1551 -30.57 42.06 33.73
N GLU B 1552 -30.11 42.87 34.67
CA GLU B 1552 -28.78 43.45 34.58
C GLU B 1552 -27.73 42.35 34.58
N GLU B 1553 -26.78 42.44 33.64
CA GLU B 1553 -25.79 41.38 33.47
C GLU B 1553 -24.84 41.29 34.66
N ASP B 1554 -24.63 42.40 35.37
CA ASP B 1554 -23.64 42.42 36.45
C ASP B 1554 -23.97 41.35 37.48
N LYS B 1555 -22.95 40.58 37.87
CA LYS B 1555 -23.12 39.56 38.89
C LYS B 1555 -23.21 40.22 40.27
N PRO B 1556 -24.24 39.94 41.06
CA PRO B 1556 -24.39 40.65 42.33
C PRO B 1556 -23.20 40.41 43.25
N GLU B 1557 -22.81 41.46 43.96
CA GLU B 1557 -21.70 41.41 44.89
C GLU B 1557 -22.23 41.50 46.32
N GLU B 1558 -21.34 41.25 47.28
CA GLU B 1558 -21.72 41.22 48.68
C GLU B 1558 -20.50 41.43 49.54
N PRO B 1559 -20.58 42.22 50.61
CA PRO B 1559 -19.44 42.35 51.53
C PRO B 1559 -19.34 41.12 52.43
N THR B 1560 -18.36 40.27 52.16
CA THR B 1560 -18.20 39.01 52.86
C THR B 1560 -16.79 38.89 53.41
N ALA B 1561 -16.69 38.33 54.62
CA ALA B 1561 -15.38 38.11 55.22
C ALA B 1561 -14.67 36.90 54.61
N HIS B 1562 -15.44 35.95 54.08
CA HIS B 1562 -14.90 34.70 53.55
C HIS B 1562 -15.14 34.64 52.04
N ALA B 1563 -14.06 34.45 51.29
CA ALA B 1563 -14.15 34.36 49.83
C ALA B 1563 -12.94 33.57 49.32
N PHE B 1564 -13.10 33.01 48.12
CA PHE B 1564 -12.05 32.23 47.49
C PHE B 1564 -11.87 32.67 46.05
N VAL B 1565 -10.63 32.59 45.57
CA VAL B 1565 -10.33 32.93 44.18
C VAL B 1565 -10.66 31.73 43.31
N SER B 1566 -11.54 31.93 42.34
CA SER B 1566 -11.93 30.87 41.42
C SER B 1566 -12.11 31.45 40.02
N THR B 1567 -11.91 30.60 39.02
CA THR B 1567 -12.08 30.97 37.62
C THR B 1567 -13.55 30.74 37.26
N LEU B 1568 -14.29 31.83 37.03
CA LEU B 1568 -15.68 31.70 36.61
C LEU B 1568 -15.80 30.93 35.30
N THR B 1569 -14.77 31.00 34.45
CA THR B 1569 -14.74 30.24 33.20
C THR B 1569 -13.44 29.45 33.16
N ARG B 1570 -13.55 28.15 32.91
CA ARG B 1570 -12.38 27.29 32.91
C ARG B 1570 -11.42 27.68 31.79
N GLY B 1571 -10.14 27.79 32.14
CA GLY B 1571 -9.09 28.01 31.18
C GLY B 1571 -8.81 29.45 30.83
N ASP B 1572 -9.72 30.37 31.19
CA ASP B 1572 -9.56 31.78 30.87
C ASP B 1572 -9.20 32.52 32.15
N LEU B 1573 -8.03 33.15 32.16
CA LEU B 1573 -7.55 33.83 33.35
C LEU B 1573 -8.25 35.14 33.62
N SER B 1574 -8.80 35.80 32.59
CA SER B 1574 -9.46 37.08 32.79
C SER B 1574 -10.70 36.96 33.67
N SER B 1575 -11.24 35.74 33.82
CA SER B 1575 -12.44 35.53 34.63
C SER B 1575 -12.12 35.29 36.10
N ILE B 1576 -10.85 35.28 36.49
CA ILE B 1576 -10.49 35.17 37.90
C ILE B 1576 -11.24 36.23 38.69
N ARG B 1577 -11.79 35.84 39.83
CA ARG B 1577 -12.49 36.79 40.68
C ARG B 1577 -12.74 36.15 42.05
N TRP B 1578 -13.03 37.01 43.03
CA TRP B 1578 -13.32 36.55 44.37
C TRP B 1578 -14.79 36.18 44.48
N VAL B 1579 -15.06 34.97 44.98
CA VAL B 1579 -16.41 34.45 45.10
C VAL B 1579 -16.65 34.06 46.55
N CYS B 1580 -17.82 34.39 47.07
CA CYS B 1580 -18.14 34.11 48.47
C CYS B 1580 -17.98 32.63 48.77
N SER B 1581 -17.34 32.35 49.89
CA SER B 1581 -17.00 30.98 50.28
C SER B 1581 -18.01 30.44 51.28
N SER B 1582 -18.08 29.11 51.34
CA SER B 1582 -18.98 28.45 52.27
C SER B 1582 -18.54 28.58 53.72
N LEU B 1583 -17.32 29.06 53.96
CA LEU B 1583 -16.86 29.22 55.34
C LEU B 1583 -17.71 30.23 56.10
N ARG B 1584 -18.47 31.06 55.40
CA ARG B 1584 -19.41 31.94 56.06
C ARG B 1584 -20.32 31.16 57.00
N HIS B 1585 -20.90 30.08 56.50
CA HIS B 1585 -21.68 29.18 57.34
C HIS B 1585 -20.74 28.21 58.06
N ALA B 1586 -21.32 27.46 59.00
CA ALA B 1586 -20.54 26.53 59.82
C ALA B 1586 -19.39 27.27 60.50
N GLN B 1587 -19.69 28.44 61.06
CA GLN B 1587 -18.69 29.18 61.82
C GLN B 1587 -18.14 28.36 62.98
N PRO B 1588 -18.97 27.73 63.82
CA PRO B 1588 -18.41 26.83 64.84
C PRO B 1588 -17.69 25.66 64.21
N THR B 1589 -16.62 25.22 64.85
CA THR B 1589 -15.80 24.13 64.35
C THR B 1589 -15.42 23.21 65.50
N CYS B 1590 -15.30 21.92 65.18
CA CYS B 1590 -14.86 20.95 66.17
C CYS B 1590 -13.37 21.11 66.43
N PRO B 1591 -12.88 20.59 67.55
CA PRO B 1591 -11.44 20.72 67.84
C PRO B 1591 -10.55 20.14 66.75
N GLY B 1592 -11.02 19.09 66.05
CA GLY B 1592 -10.20 18.48 65.02
C GLY B 1592 -9.78 19.46 63.94
N ALA B 1593 -10.69 20.35 63.54
CA ALA B 1593 -10.43 21.34 62.50
C ALA B 1593 -10.68 22.73 63.06
N GLN B 1594 -9.71 23.61 62.90
CA GLN B 1594 -9.81 24.99 63.36
C GLN B 1594 -9.67 25.94 62.18
N LEU B 1595 -10.23 27.13 62.34
CA LEU B 1595 -10.30 28.13 61.27
C LEU B 1595 -9.22 29.19 61.49
N CYS B 1596 -8.54 29.55 60.41
CA CYS B 1596 -7.44 30.49 60.47
C CYS B 1596 -7.62 31.57 59.40
N THR B 1597 -7.33 32.81 59.76
CA THR B 1597 -7.33 33.91 58.80
C THR B 1597 -6.08 33.83 57.93
N VAL B 1598 -6.24 34.18 56.65
CA VAL B 1598 -5.16 34.08 55.68
C VAL B 1598 -4.64 35.48 55.39
N TYR B 1599 -3.33 35.66 55.57
CA TYR B 1599 -2.66 36.91 55.24
C TYR B 1599 -1.87 36.83 53.95
N TYR B 1600 -1.17 35.73 53.70
CA TYR B 1600 -0.40 35.54 52.47
C TYR B 1600 -0.69 34.15 51.93
N ALA B 1601 -1.36 34.09 50.78
CA ALA B 1601 -1.57 32.85 50.07
C ALA B 1601 -0.58 32.76 48.91
N SER B 1602 -0.11 31.54 48.63
CA SER B 1602 0.94 31.31 47.66
C SER B 1602 0.37 30.66 46.40
N LEU B 1603 1.12 30.80 45.31
CA LEU B 1603 0.79 30.21 44.03
C LEU B 1603 1.82 29.15 43.69
N ASN B 1604 1.37 27.99 43.23
CA ASN B 1604 2.22 26.87 42.87
C ASN B 1604 2.02 26.53 41.40
N PHE B 1605 2.80 25.56 40.93
CA PHE B 1605 2.68 25.11 39.55
C PHE B 1605 1.29 24.54 39.29
N ARG B 1606 0.78 23.75 40.23
CA ARG B 1606 -0.53 23.12 40.04
C ARG B 1606 -1.63 24.16 39.93
N ASP B 1607 -1.51 25.27 40.66
CA ASP B 1607 -2.49 26.33 40.54
C ASP B 1607 -2.52 26.90 39.13
N ILE B 1608 -1.34 27.11 38.54
CA ILE B 1608 -1.27 27.61 37.17
C ILE B 1608 -1.86 26.59 36.20
N MET B 1609 -1.56 25.31 36.40
CA MET B 1609 -2.11 24.30 35.51
C MET B 1609 -3.64 24.30 35.59
N LEU B 1610 -4.20 24.41 36.79
CA LEU B 1610 -5.65 24.45 36.93
C LEU B 1610 -6.23 25.70 36.29
N ALA B 1611 -5.60 26.85 36.49
CA ALA B 1611 -6.12 28.10 35.94
C ALA B 1611 -6.11 28.06 34.41
N THR B 1612 -5.02 27.57 33.81
CA THR B 1612 -4.95 27.45 32.37
C THR B 1612 -5.84 26.34 31.82
N GLY B 1613 -6.36 25.46 32.68
CA GLY B 1613 -7.24 24.40 32.25
C GLY B 1613 -6.53 23.14 31.79
N LYS B 1614 -5.20 23.13 31.77
CA LYS B 1614 -4.46 21.95 31.32
C LYS B 1614 -4.57 20.78 32.29
N LEU B 1615 -5.05 21.01 33.50
CA LEU B 1615 -5.18 19.96 34.51
C LEU B 1615 -6.63 19.94 35.00
N SER B 1616 -7.27 18.78 34.92
CA SER B 1616 -8.66 18.68 35.30
C SER B 1616 -8.79 18.72 36.83
N PRO B 1617 -9.86 19.34 37.34
CA PRO B 1617 -10.08 19.29 38.79
C PRO B 1617 -10.23 17.87 39.32
N ASP B 1618 -10.76 16.95 38.50
CA ASP B 1618 -10.86 15.57 38.92
C ASP B 1618 -9.50 14.96 39.20
N ALA B 1619 -8.47 15.39 38.47
CA ALA B 1619 -7.14 14.85 38.67
C ALA B 1619 -6.60 15.12 40.07
N ILE B 1620 -7.10 16.15 40.74
CA ILE B 1620 -6.67 16.44 42.11
C ILE B 1620 -7.20 15.33 43.01
N PRO B 1621 -6.33 14.61 43.74
CA PRO B 1621 -6.83 13.50 44.54
C PRO B 1621 -7.74 13.98 45.66
N GLY B 1622 -8.72 13.16 45.99
CA GLY B 1622 -9.76 13.55 46.92
C GLY B 1622 -11.02 13.97 46.18
N LYS B 1623 -12.17 13.75 46.82
CA LYS B 1623 -13.47 14.04 46.22
C LYS B 1623 -13.94 15.40 46.72
N TRP B 1624 -14.17 16.32 45.78
CA TRP B 1624 -14.54 17.69 46.10
C TRP B 1624 -15.88 18.09 45.54
N THR B 1625 -16.13 17.83 44.25
CA THR B 1625 -17.36 18.14 43.53
C THR B 1625 -17.47 19.63 43.23
N SER B 1626 -16.57 20.48 43.72
CA SER B 1626 -16.68 21.90 43.49
C SER B 1626 -16.56 22.25 42.01
N GLN B 1627 -15.63 21.60 41.31
CA GLN B 1627 -15.24 21.91 39.94
C GLN B 1627 -14.54 23.27 39.85
N ASP B 1628 -14.17 23.85 40.99
CA ASP B 1628 -13.50 25.14 41.07
C ASP B 1628 -13.17 25.37 42.53
N SER B 1629 -12.35 26.40 42.78
CA SER B 1629 -11.89 26.77 44.11
C SER B 1629 -10.81 25.84 44.65
N LEU B 1630 -10.21 25.02 43.79
CA LEU B 1630 -9.15 24.12 44.21
C LEU B 1630 -7.77 24.78 44.19
N LEU B 1631 -7.68 26.05 43.82
CA LEU B 1631 -6.40 26.72 43.75
C LEU B 1631 -5.84 26.94 45.15
N GLY B 1632 -4.52 26.84 45.26
CA GLY B 1632 -3.83 27.12 46.50
C GLY B 1632 -3.54 25.88 47.33
N MET B 1633 -2.34 25.81 47.93
CA MET B 1633 -1.97 24.69 48.78
C MET B 1633 -1.34 25.10 50.10
N GLU B 1634 -0.86 26.34 50.24
CA GLU B 1634 -0.19 26.79 51.44
C GLU B 1634 -0.64 28.21 51.76
N PHE B 1635 -0.45 28.61 53.01
CA PHE B 1635 -0.86 29.93 53.45
C PHE B 1635 -0.03 30.32 54.68
N SER B 1636 -0.25 31.54 55.16
CA SER B 1636 0.41 32.01 56.36
C SER B 1636 -0.39 33.17 56.92
N GLY B 1637 -0.95 32.99 58.12
CA GLY B 1637 -1.79 34.01 58.70
C GLY B 1637 -2.05 33.74 60.16
N ARG B 1638 -2.80 34.65 60.78
CA ARG B 1638 -3.11 34.54 62.20
C ARG B 1638 -4.09 33.39 62.45
N ASP B 1639 -3.85 32.68 63.55
CA ASP B 1639 -4.74 31.61 63.99
C ASP B 1639 -5.93 32.22 64.75
N ALA B 1640 -6.93 31.39 65.01
CA ALA B 1640 -8.11 31.85 65.72
C ALA B 1640 -7.74 32.57 67.01
N SER B 1641 -6.73 32.05 67.72
CA SER B 1641 -6.28 32.64 68.97
C SER B 1641 -5.25 33.74 68.78
N GLY B 1642 -4.89 34.07 67.55
CA GLY B 1642 -3.96 35.15 67.28
C GLY B 1642 -2.52 34.74 67.15
N LYS B 1643 -2.22 33.46 66.99
CA LYS B 1643 -0.85 32.99 66.84
C LYS B 1643 -0.48 32.94 65.37
N ARG B 1644 0.69 33.48 65.04
CA ARG B 1644 1.19 33.43 63.67
C ARG B 1644 1.49 31.98 63.29
N VAL B 1645 0.90 31.52 62.19
CA VAL B 1645 1.03 30.14 61.76
C VAL B 1645 1.15 30.08 60.24
N MET B 1646 1.74 29.00 59.76
CA MET B 1646 1.78 28.68 58.34
C MET B 1646 1.34 27.25 58.15
N GLY B 1647 0.54 27.01 57.12
CA GLY B 1647 -0.08 25.71 56.94
C GLY B 1647 0.09 25.10 55.57
N LEU B 1648 -0.60 23.99 55.35
CA LEU B 1648 -0.44 23.22 54.11
C LEU B 1648 -1.75 22.46 53.91
N VAL B 1649 -2.58 22.95 52.99
CA VAL B 1649 -3.92 22.39 52.78
C VAL B 1649 -4.00 21.78 51.38
N PRO B 1650 -4.80 20.73 51.19
CA PRO B 1650 -4.93 20.14 49.85
C PRO B 1650 -5.46 21.11 48.81
N ALA B 1651 -6.30 22.06 49.21
CA ALA B 1651 -6.88 23.01 48.28
C ALA B 1651 -7.55 24.12 49.08
N LYS B 1652 -7.99 25.15 48.36
CA LYS B 1652 -8.69 26.30 48.92
C LYS B 1652 -7.78 27.20 49.76
N GLY B 1653 -6.48 27.12 49.54
CA GLY B 1653 -5.57 28.03 50.23
C GLY B 1653 -5.73 29.46 49.79
N LEU B 1654 -6.13 29.67 48.53
CA LEU B 1654 -6.40 31.00 48.02
C LEU B 1654 -7.77 31.43 48.52
N ALA B 1655 -7.79 32.12 49.65
CA ALA B 1655 -9.04 32.55 50.28
C ALA B 1655 -8.67 33.45 51.46
N THR B 1656 -9.70 33.96 52.12
CA THR B 1656 -9.54 34.76 53.33
C THR B 1656 -9.77 33.93 54.58
N SER B 1657 -9.89 32.61 54.45
CA SER B 1657 -10.03 31.72 55.58
C SER B 1657 -9.85 30.29 55.09
N VAL B 1658 -9.21 29.47 55.92
CA VAL B 1658 -8.97 28.06 55.59
C VAL B 1658 -9.27 27.22 56.83
N LEU B 1659 -10.00 26.13 56.64
CA LEU B 1659 -10.36 25.21 57.72
C LEU B 1659 -9.50 23.96 57.57
N LEU B 1660 -8.59 23.76 58.51
CA LEU B 1660 -7.63 22.66 58.44
C LEU B 1660 -7.41 22.10 59.84
N SER B 1661 -6.93 20.86 59.88
CA SER B 1661 -6.57 20.24 61.15
C SER B 1661 -5.27 20.86 61.67
N PRO B 1662 -5.07 20.88 62.99
CA PRO B 1662 -3.83 21.43 63.54
C PRO B 1662 -2.60 20.63 63.16
N ASP B 1663 -2.75 19.42 62.61
CA ASP B 1663 -1.62 18.62 62.19
C ASP B 1663 -0.91 19.21 60.99
N PHE B 1664 -1.48 20.22 60.34
CA PHE B 1664 -0.92 20.83 59.13
C PHE B 1664 -0.61 22.29 59.37
N LEU B 1665 0.00 22.62 60.51
CA LEU B 1665 0.30 23.99 60.87
C LEU B 1665 1.63 24.05 61.62
N TRP B 1666 2.45 25.04 61.27
CA TRP B 1666 3.72 25.29 61.92
C TRP B 1666 3.73 26.69 62.51
N ASP B 1667 4.35 26.82 63.68
CA ASP B 1667 4.54 28.13 64.28
C ASP B 1667 5.56 28.93 63.49
N VAL B 1668 5.23 30.20 63.25
CA VAL B 1668 6.15 31.11 62.54
C VAL B 1668 7.14 31.65 63.57
N PRO B 1669 8.44 31.47 63.39
CA PRO B 1669 9.40 31.98 64.38
C PRO B 1669 9.43 33.51 64.37
N SER B 1670 10.14 34.06 65.35
CA SER B 1670 10.14 35.50 65.54
C SER B 1670 10.87 36.22 64.41
N ASN B 1671 11.95 35.62 63.90
CA ASN B 1671 12.72 36.26 62.84
C ASN B 1671 11.87 36.47 61.59
N TRP B 1672 11.09 35.47 61.21
CA TRP B 1672 10.42 35.50 59.91
C TRP B 1672 9.20 36.41 59.94
N THR B 1673 8.96 37.08 58.82
CA THR B 1673 7.71 37.78 58.59
C THR B 1673 6.74 36.86 57.83
N LEU B 1674 5.46 37.20 57.89
CA LEU B 1674 4.45 36.36 57.25
C LEU B 1674 4.70 36.22 55.75
N GLU B 1675 5.25 37.26 55.12
CA GLU B 1675 5.56 37.16 53.71
C GLU B 1675 6.55 36.04 53.46
N GLU B 1676 7.58 35.94 54.30
CA GLU B 1676 8.55 34.85 54.17
C GLU B 1676 7.91 33.50 54.43
N ALA B 1677 7.06 33.41 55.46
CA ALA B 1677 6.54 32.12 55.90
C ALA B 1677 5.64 31.47 54.85
N ALA B 1678 5.18 32.20 53.85
CA ALA B 1678 4.27 31.65 52.87
C ALA B 1678 4.97 30.81 51.80
N SER B 1679 6.29 30.76 51.80
CA SER B 1679 7.04 30.00 50.80
C SER B 1679 7.56 28.68 51.32
N VAL B 1680 7.50 28.43 52.63
CA VAL B 1680 8.17 27.30 53.25
C VAL B 1680 7.40 25.99 53.09
N PRO B 1681 6.09 25.96 53.38
CA PRO B 1681 5.43 24.66 53.61
C PRO B 1681 5.56 23.65 52.48
N VAL B 1682 5.02 23.95 51.29
CA VAL B 1682 4.98 22.93 50.25
C VAL B 1682 6.39 22.54 49.82
N VAL B 1683 7.23 23.53 49.53
CA VAL B 1683 8.55 23.24 48.96
C VAL B 1683 9.38 22.43 49.95
N TYR B 1684 9.43 22.86 51.21
CA TYR B 1684 10.29 22.16 52.15
C TYR B 1684 9.69 20.84 52.58
N SER B 1685 8.37 20.73 52.68
CA SER B 1685 7.77 19.45 52.98
C SER B 1685 8.09 18.43 51.90
N THR B 1686 7.90 18.80 50.63
CA THR B 1686 8.17 17.85 49.56
C THR B 1686 9.65 17.54 49.48
N ALA B 1687 10.52 18.53 49.69
CA ALA B 1687 11.96 18.27 49.66
C ALA B 1687 12.35 17.26 50.73
N TYR B 1688 11.90 17.49 51.97
CA TYR B 1688 12.26 16.58 53.05
C TYR B 1688 11.68 15.19 52.81
N TYR B 1689 10.41 15.11 52.39
CA TYR B 1689 9.81 13.81 52.15
C TYR B 1689 10.54 13.05 51.05
N ALA B 1690 10.90 13.74 49.96
CA ALA B 1690 11.58 13.07 48.86
C ALA B 1690 12.97 12.61 49.26
N LEU B 1691 13.72 13.46 49.97
CA LEU B 1691 15.11 13.11 50.28
C LEU B 1691 15.20 12.19 51.50
N VAL B 1692 14.84 12.70 52.67
CA VAL B 1692 15.13 11.98 53.91
C VAL B 1692 14.20 10.78 54.08
N VAL B 1693 12.90 11.00 53.94
CA VAL B 1693 11.94 9.95 54.24
C VAL B 1693 11.99 8.84 53.19
N ARG B 1694 12.10 9.21 51.91
CA ARG B 1694 12.06 8.23 50.83
C ARG B 1694 13.46 7.81 50.40
N GLY B 1695 14.32 8.75 50.03
CA GLY B 1695 15.64 8.40 49.54
C GLY B 1695 16.65 8.08 50.62
N ARG B 1696 16.35 8.38 51.88
CA ARG B 1696 17.25 8.10 52.99
C ARG B 1696 18.65 8.64 52.72
N VAL B 1697 18.72 9.90 52.28
CA VAL B 1697 20.00 10.50 51.97
C VAL B 1697 20.89 10.47 53.20
N ARG B 1698 22.18 10.23 52.99
CA ARG B 1698 23.16 10.12 54.05
C ARG B 1698 24.31 11.08 53.78
N PRO B 1699 25.05 11.47 54.81
CA PRO B 1699 26.10 12.48 54.61
C PRO B 1699 27.13 12.04 53.58
N GLY B 1700 27.57 12.99 52.76
CA GLY B 1700 28.62 12.75 51.80
C GLY B 1700 28.15 12.22 50.46
N GLU B 1701 26.87 11.89 50.32
CA GLU B 1701 26.38 11.36 49.05
C GLU B 1701 26.24 12.49 48.02
N THR B 1702 26.31 12.10 46.75
CA THR B 1702 26.15 13.03 45.64
C THR B 1702 24.76 12.85 45.03
N LEU B 1703 24.11 13.96 44.68
CA LEU B 1703 22.78 13.89 44.12
C LEU B 1703 22.58 15.02 43.12
N LEU B 1704 21.70 14.77 42.15
CA LEU B 1704 21.38 15.73 41.10
C LEU B 1704 19.98 16.27 41.33
N ILE B 1705 19.85 17.59 41.35
CA ILE B 1705 18.58 18.26 41.61
C ILE B 1705 18.24 19.09 40.38
N HIS B 1706 17.11 18.78 39.74
CA HIS B 1706 16.69 19.50 38.55
C HIS B 1706 15.92 20.75 38.93
N SER B 1707 16.07 21.78 38.10
CA SER B 1707 15.39 23.06 38.31
C SER B 1707 15.76 23.65 39.68
N GLY B 1708 17.05 23.95 39.84
CA GLY B 1708 17.53 24.48 41.10
C GLY B 1708 16.87 25.79 41.48
N SER B 1709 16.59 26.64 40.48
CA SER B 1709 15.99 27.93 40.77
C SER B 1709 14.62 27.78 41.40
N GLY B 1710 13.83 26.83 40.93
CA GLY B 1710 12.48 26.63 41.45
C GLY B 1710 12.48 26.41 42.95
N GLY B 1711 11.28 26.45 43.52
CA GLY B 1711 11.15 26.39 44.96
C GLY B 1711 11.62 25.06 45.54
N VAL B 1712 11.13 23.95 44.97
CA VAL B 1712 11.53 22.65 45.47
C VAL B 1712 13.02 22.43 45.25
N GLY B 1713 13.57 22.94 44.16
CA GLY B 1713 15.00 22.83 43.95
C GLY B 1713 15.79 23.54 45.03
N GLN B 1714 15.39 24.76 45.38
CA GLN B 1714 16.09 25.48 46.44
C GLN B 1714 15.95 24.76 47.77
N ALA B 1715 14.76 24.24 48.06
CA ALA B 1715 14.58 23.49 49.31
C ALA B 1715 15.48 22.27 49.35
N ALA B 1716 15.54 21.52 48.25
CA ALA B 1716 16.38 20.33 48.19
C ALA B 1716 17.84 20.69 48.36
N ILE B 1717 18.28 21.77 47.72
CA ILE B 1717 19.67 22.20 47.87
C ILE B 1717 19.96 22.55 49.33
N ALA B 1718 19.06 23.32 49.95
CA ALA B 1718 19.28 23.71 51.34
C ALA B 1718 19.35 22.49 52.25
N ILE B 1719 18.53 21.47 51.97
CA ILE B 1719 18.57 20.26 52.79
C ILE B 1719 19.88 19.51 52.55
N ALA B 1720 20.28 19.35 51.30
CA ALA B 1720 21.44 18.53 50.97
C ALA B 1720 22.73 19.12 51.54
N LEU B 1721 22.90 20.44 51.43
CA LEU B 1721 24.16 21.05 51.84
C LEU B 1721 24.33 21.05 53.35
N SER B 1722 23.24 20.94 54.12
CA SER B 1722 23.38 20.80 55.56
C SER B 1722 24.06 19.48 55.93
N LEU B 1723 23.95 18.48 55.06
CA LEU B 1723 24.56 17.18 55.27
C LEU B 1723 25.94 17.07 54.62
N GLY B 1724 26.41 18.12 53.95
CA GLY B 1724 27.68 18.06 53.26
C GLY B 1724 27.64 17.41 51.91
N CYS B 1725 26.45 17.07 51.41
CA CYS B 1725 26.34 16.36 50.14
C CYS B 1725 26.86 17.22 48.99
N ARG B 1726 27.48 16.56 48.01
CA ARG B 1726 27.83 17.21 46.76
C ARG B 1726 26.61 17.30 45.86
N VAL B 1727 26.32 18.48 45.36
CA VAL B 1727 25.07 18.76 44.66
C VAL B 1727 25.38 19.20 43.24
N PHE B 1728 24.77 18.53 42.27
CA PHE B 1728 24.67 19.03 40.91
C PHE B 1728 23.28 19.58 40.68
N THR B 1729 23.17 20.65 39.90
CA THR B 1729 21.89 21.28 39.65
C THR B 1729 21.81 21.70 38.19
N THR B 1730 20.57 21.87 37.72
CA THR B 1730 20.30 22.32 36.36
C THR B 1730 19.44 23.58 36.43
N VAL B 1731 19.80 24.58 35.61
CA VAL B 1731 19.10 25.86 35.57
C VAL B 1731 18.93 26.29 34.13
N GLY B 1732 17.78 26.88 33.82
CA GLY B 1732 17.47 27.24 32.46
C GLY B 1732 18.37 28.33 31.89
N SER B 1733 18.62 29.38 32.66
CA SER B 1733 19.31 30.57 32.18
C SER B 1733 20.45 30.95 33.10
N ALA B 1734 21.21 31.96 32.67
CA ALA B 1734 22.37 32.42 33.42
C ALA B 1734 21.99 33.23 34.65
N GLU B 1735 20.88 33.97 34.58
CA GLU B 1735 20.44 34.75 35.74
C GLU B 1735 20.13 33.83 36.92
N LYS B 1736 19.48 32.70 36.65
CA LYS B 1736 19.21 31.74 37.72
C LYS B 1736 20.51 31.15 38.25
N ARG B 1737 21.48 30.90 37.37
CA ARG B 1737 22.77 30.42 37.82
C ARG B 1737 23.41 31.42 38.79
N ALA B 1738 23.38 32.70 38.43
CA ALA B 1738 23.95 33.72 39.29
C ALA B 1738 23.23 33.80 40.62
N TYR B 1739 21.89 33.73 40.59
CA TYR B 1739 21.13 33.78 41.84
C TYR B 1739 21.48 32.61 42.75
N LEU B 1740 21.56 31.41 42.17
CA LEU B 1740 21.92 30.24 42.99
C LEU B 1740 23.32 30.40 43.56
N GLN B 1741 24.27 30.87 42.75
CA GLN B 1741 25.62 31.08 43.26
C GLN B 1741 25.64 32.07 44.41
N ALA B 1742 24.84 33.12 44.30
CA ALA B 1742 24.73 34.08 45.40
C ALA B 1742 24.12 33.44 46.64
N ARG B 1743 23.08 32.63 46.46
CA ARG B 1743 22.37 32.04 47.60
C ARG B 1743 23.25 31.06 48.36
N PHE B 1744 23.87 30.11 47.64
CA PHE B 1744 24.65 29.03 48.23
C PHE B 1744 26.09 29.16 47.78
N PRO B 1745 26.95 29.83 48.56
CA PRO B 1745 28.35 29.98 48.14
C PRO B 1745 29.10 28.68 48.00
N GLN B 1746 28.66 27.59 48.66
CA GLN B 1746 29.39 26.34 48.58
C GLN B 1746 29.41 25.79 47.16
N LEU B 1747 28.39 26.10 46.36
CA LEU B 1747 28.32 25.58 45.01
C LEU B 1747 29.47 26.14 44.17
N ASP B 1748 29.97 25.31 43.26
CA ASP B 1748 31.08 25.64 42.39
C ASP B 1748 30.60 25.77 40.94
N SER B 1749 31.50 26.25 40.08
CA SER B 1749 31.18 26.37 38.67
C SER B 1749 30.95 25.02 38.02
N THR B 1750 31.37 23.93 38.66
CA THR B 1750 31.16 22.59 38.16
C THR B 1750 29.92 21.93 38.77
N SER B 1751 29.13 22.67 39.53
CA SER B 1751 27.91 22.15 40.14
C SER B 1751 26.66 22.61 39.42
N PHE B 1752 26.79 23.15 38.22
CA PHE B 1752 25.65 23.61 37.43
C PHE B 1752 25.68 22.96 36.06
N ALA B 1753 24.51 22.92 35.42
CA ALA B 1753 24.37 22.38 34.08
C ALA B 1753 23.10 22.96 33.47
N ASN B 1754 22.94 22.77 32.16
CA ASN B 1754 21.82 23.34 31.43
C ASN B 1754 20.62 22.40 31.53
N SER B 1755 19.45 22.99 31.77
CA SER B 1755 18.22 22.23 31.95
C SER B 1755 17.38 22.14 30.68
N ARG B 1756 17.43 23.14 29.80
CA ARG B 1756 16.58 23.15 28.62
C ARG B 1756 16.90 22.02 27.66
N ASP B 1757 18.12 21.50 27.69
CA ASP B 1757 18.56 20.44 26.80
C ASP B 1757 19.03 19.25 27.62
N THR B 1758 19.47 18.20 26.93
CA THR B 1758 19.92 16.97 27.56
C THR B 1758 21.43 16.95 27.78
N SER B 1759 22.04 18.12 27.95
CA SER B 1759 23.49 18.22 28.09
C SER B 1759 23.96 17.89 29.51
N PHE B 1760 23.06 17.83 30.48
CA PHE B 1760 23.47 17.59 31.86
C PHE B 1760 23.97 16.16 32.07
N GLU B 1761 23.54 15.21 31.24
CA GLU B 1761 24.00 13.84 31.39
C GLU B 1761 25.52 13.76 31.25
N GLN B 1762 26.05 14.34 30.17
CA GLN B 1762 27.49 14.28 29.95
C GLN B 1762 28.24 15.01 31.06
N HIS B 1763 27.72 16.15 31.50
CA HIS B 1763 28.38 16.91 32.57
C HIS B 1763 28.48 16.08 33.84
N VAL B 1764 27.35 15.50 34.26
CA VAL B 1764 27.35 14.72 35.50
C VAL B 1764 28.26 13.51 35.36
N LEU B 1765 28.18 12.81 34.22
CA LEU B 1765 29.01 11.62 34.05
C LEU B 1765 30.49 11.96 34.05
N TRP B 1766 30.87 13.07 33.42
CA TRP B 1766 32.27 13.46 33.38
C TRP B 1766 32.77 13.85 34.76
N HIS B 1767 32.04 14.73 35.45
CA HIS B 1767 32.52 15.25 36.73
C HIS B 1767 32.38 14.24 37.87
N THR B 1768 31.67 13.14 37.66
CA THR B 1768 31.61 12.06 38.64
C THR B 1768 32.46 10.87 38.25
N GLY B 1769 33.24 10.97 37.18
CA GLY B 1769 34.10 9.88 36.78
C GLY B 1769 33.36 8.70 36.17
N GLY B 1770 32.17 8.93 35.64
CA GLY B 1770 31.35 7.85 35.14
C GLY B 1770 30.59 7.08 36.19
N LYS B 1771 30.83 7.38 37.47
CA LYS B 1771 30.12 6.69 38.54
C LYS B 1771 28.66 7.10 38.61
N GLY B 1772 28.34 8.33 38.21
CA GLY B 1772 27.00 8.83 38.31
C GLY B 1772 26.69 9.35 39.70
N VAL B 1773 25.42 9.65 39.91
CA VAL B 1773 24.95 10.22 41.17
C VAL B 1773 24.16 9.17 41.92
N ASP B 1774 23.85 9.47 43.18
CA ASP B 1774 23.10 8.56 44.05
C ASP B 1774 21.60 8.87 44.04
N LEU B 1775 21.21 10.10 44.34
CA LEU B 1775 19.83 10.53 44.25
C LEU B 1775 19.65 11.48 43.07
N VAL B 1776 18.50 11.38 42.41
CA VAL B 1776 18.17 12.25 41.30
C VAL B 1776 16.75 12.76 41.48
N LEU B 1777 16.60 13.97 42.03
CA LEU B 1777 15.29 14.57 42.23
C LEU B 1777 14.83 15.14 40.90
N ASN B 1778 14.00 14.39 40.19
CA ASN B 1778 13.62 14.70 38.82
C ASN B 1778 12.24 15.35 38.77
N SER B 1779 12.13 16.40 37.96
CA SER B 1779 10.84 17.03 37.66
C SER B 1779 10.64 17.26 36.18
N LEU B 1780 11.57 16.83 35.34
CA LEU B 1780 11.50 17.04 33.90
C LEU B 1780 10.91 15.80 33.21
N ALA B 1781 10.55 15.98 31.94
CA ALA B 1781 9.75 14.99 31.23
C ALA B 1781 10.39 14.61 29.90
N GLU B 1782 9.87 13.53 29.31
CA GLU B 1782 10.22 13.07 27.97
C GLU B 1782 11.70 12.70 27.97
N GLU B 1783 12.48 13.10 26.96
CA GLU B 1783 13.87 12.67 26.87
C GLU B 1783 14.67 13.09 28.10
N LYS B 1784 14.23 14.14 28.80
CA LYS B 1784 14.90 14.54 30.03
C LYS B 1784 14.83 13.43 31.07
N LEU B 1785 13.64 12.83 31.24
CA LEU B 1785 13.47 11.80 32.25
C LEU B 1785 14.34 10.59 31.95
N GLN B 1786 14.37 10.16 30.68
CA GLN B 1786 15.23 9.05 30.31
C GLN B 1786 16.71 9.38 30.54
N ALA B 1787 17.10 10.61 30.23
CA ALA B 1787 18.50 11.00 30.40
C ALA B 1787 18.92 10.96 31.86
N SER B 1788 18.07 11.43 32.76
CA SER B 1788 18.43 11.47 34.17
C SER B 1788 18.63 10.07 34.74
N VAL B 1789 17.87 9.09 34.25
CA VAL B 1789 18.03 7.72 34.72
C VAL B 1789 19.44 7.21 34.44
N ARG B 1790 20.00 7.57 33.29
CA ARG B 1790 21.35 7.15 32.95
C ARG B 1790 22.39 7.76 33.88
N CYS B 1791 22.05 8.80 34.63
CA CYS B 1791 22.97 9.42 35.56
C CYS B 1791 23.15 8.63 36.85
N LEU B 1792 22.33 7.62 37.09
CA LEU B 1792 22.33 6.92 38.37
C LEU B 1792 23.59 6.07 38.53
N ALA B 1793 23.94 5.82 39.79
CA ALA B 1793 25.02 4.92 40.15
C ALA B 1793 24.44 3.66 40.77
N THR B 1794 25.30 2.66 40.96
CA THR B 1794 24.88 1.46 41.67
C THR B 1794 24.41 1.84 43.07
N HIS B 1795 23.27 1.30 43.48
CA HIS B 1795 22.61 1.65 44.73
C HIS B 1795 22.04 3.06 44.68
N GLY B 1796 21.64 3.51 43.49
CA GLY B 1796 21.05 4.83 43.35
C GLY B 1796 19.55 4.82 43.56
N ARG B 1797 19.01 6.01 43.82
CA ARG B 1797 17.59 6.19 44.08
C ARG B 1797 17.06 7.30 43.17
N PHE B 1798 15.98 7.02 42.47
CA PHE B 1798 15.36 7.96 41.54
C PHE B 1798 14.05 8.43 42.13
N LEU B 1799 13.96 9.74 42.42
CA LEU B 1799 12.78 10.35 43.01
C LEU B 1799 12.07 11.15 41.94
N GLU B 1800 10.96 10.61 41.44
CA GLU B 1800 10.17 11.24 40.38
C GLU B 1800 9.01 11.99 41.02
N ILE B 1801 9.02 13.32 40.91
CA ILE B 1801 7.96 14.14 41.47
C ILE B 1801 7.10 14.69 40.33
N GLY B 1802 7.68 14.81 39.14
CA GLY B 1802 6.90 15.21 37.99
C GLY B 1802 5.84 14.17 37.65
N LYS B 1803 4.71 14.65 37.11
CA LYS B 1803 3.55 13.81 36.87
C LYS B 1803 3.12 13.77 35.40
N PHE B 1804 4.03 14.03 34.47
CA PHE B 1804 3.68 13.97 33.06
C PHE B 1804 3.90 12.58 32.47
N ASP B 1805 5.14 12.08 32.55
CA ASP B 1805 5.43 10.75 32.02
C ASP B 1805 4.61 9.69 32.75
N LEU B 1806 4.44 9.84 34.06
CA LEU B 1806 3.64 8.88 34.81
C LEU B 1806 2.21 8.85 34.30
N SER B 1807 1.61 10.03 34.08
CA SER B 1807 0.24 10.08 33.61
C SER B 1807 0.11 9.51 32.21
N GLN B 1808 1.02 9.86 31.30
CA GLN B 1808 0.98 9.33 29.95
C GLN B 1808 1.44 7.89 29.87
N ASN B 1809 1.98 7.33 30.97
CA ASN B 1809 2.37 5.93 31.03
C ASN B 1809 3.42 5.62 29.95
N HIS B 1810 4.57 6.30 30.06
CA HIS B 1810 5.66 6.04 29.14
C HIS B 1810 6.49 4.86 29.61
N PRO B 1811 7.13 4.13 28.70
CA PRO B 1811 7.89 2.95 29.10
C PRO B 1811 9.17 3.32 29.84
N LEU B 1812 9.61 2.41 30.70
CA LEU B 1812 10.85 2.55 31.46
C LEU B 1812 11.57 1.21 31.41
N GLY B 1813 12.66 1.14 30.66
CA GLY B 1813 13.43 -0.07 30.55
C GLY B 1813 13.89 -0.59 31.91
N MET B 1814 13.67 -1.88 32.17
CA MET B 1814 14.03 -2.45 33.46
C MET B 1814 15.50 -2.82 33.57
N ALA B 1815 16.28 -2.66 32.49
CA ALA B 1815 17.70 -2.98 32.56
C ALA B 1815 18.43 -2.11 33.57
N ILE B 1816 17.85 -0.96 33.93
CA ILE B 1816 18.50 -0.08 34.89
C ILE B 1816 18.58 -0.72 36.27
N PHE B 1817 17.76 -1.73 36.54
CA PHE B 1817 17.69 -2.31 37.87
C PHE B 1817 18.76 -3.36 38.12
N LEU B 1818 19.52 -3.77 37.10
CA LEU B 1818 20.66 -4.65 37.36
C LEU B 1818 21.64 -3.97 38.30
N LYS B 1819 21.98 -2.71 38.01
CA LYS B 1819 22.54 -1.85 39.04
C LYS B 1819 21.48 -1.69 40.13
N ASN B 1820 21.83 -2.02 41.37
CA ASN B 1820 20.84 -1.92 42.43
C ASN B 1820 20.29 -0.50 42.44
N VAL B 1821 19.04 -0.34 42.05
CA VAL B 1821 18.45 0.97 41.85
C VAL B 1821 17.03 0.94 42.37
N THR B 1822 16.67 1.96 43.14
CA THR B 1822 15.34 2.10 43.71
C THR B 1822 14.63 3.25 43.00
N PHE B 1823 13.47 2.96 42.43
CA PHE B 1823 12.69 3.94 41.68
C PHE B 1823 11.49 4.34 42.53
N HIS B 1824 11.36 5.63 42.80
CA HIS B 1824 10.35 6.15 43.71
C HIS B 1824 9.33 6.99 42.95
N GLY B 1825 8.05 6.75 43.22
CA GLY B 1825 7.00 7.65 42.79
C GLY B 1825 6.52 8.47 43.96
N VAL B 1826 6.91 9.73 44.02
CA VAL B 1826 6.71 10.57 45.20
C VAL B 1826 5.61 11.58 44.89
N LEU B 1827 4.45 11.37 45.50
CA LEU B 1827 3.35 12.33 45.46
C LEU B 1827 3.04 12.76 46.88
N LEU B 1828 3.05 14.07 47.12
CA LEU B 1828 2.82 14.60 48.46
C LEU B 1828 1.34 14.70 48.81
N ASP B 1829 0.45 14.60 47.82
CA ASP B 1829 -0.97 14.76 48.08
C ASP B 1829 -1.53 13.61 48.92
N ALA B 1830 -0.91 12.43 48.84
CA ALA B 1830 -1.43 11.27 49.56
C ALA B 1830 -1.58 11.57 51.05
N PHE B 1831 -0.65 12.34 51.61
CA PHE B 1831 -0.75 12.69 53.03
C PHE B 1831 -1.99 13.54 53.31
N PHE B 1832 -2.30 14.48 52.43
CA PHE B 1832 -3.33 15.46 52.73
C PHE B 1832 -4.70 14.82 52.91
N ASN B 1833 -4.93 13.66 52.29
CA ASN B 1833 -6.23 13.00 52.36
C ASN B 1833 -6.17 11.63 53.01
N GLU B 1834 -4.99 11.03 53.13
CA GLU B 1834 -4.85 9.73 53.77
C GLU B 1834 -3.45 9.65 54.39
N SER B 1835 -3.17 8.51 55.01
CA SER B 1835 -1.86 8.26 55.62
C SER B 1835 -1.50 9.36 56.62
N SER B 1836 -2.44 9.63 57.54
CA SER B 1836 -2.22 10.69 58.53
C SER B 1836 -1.07 10.32 59.48
N ALA B 1837 -0.98 9.04 59.86
CA ALA B 1837 0.01 8.64 60.86
C ALA B 1837 1.42 8.94 60.40
N ASP B 1838 1.73 8.63 59.13
CA ASP B 1838 3.08 8.83 58.63
C ASP B 1838 3.42 10.31 58.44
N TRP B 1839 2.41 11.17 58.25
CA TRP B 1839 2.69 12.58 57.98
C TRP B 1839 3.53 13.20 59.08
N ARG B 1840 3.37 12.75 60.33
CA ARG B 1840 4.05 13.40 61.44
C ARG B 1840 5.57 13.36 61.29
N GLU B 1841 6.09 12.44 60.48
CA GLU B 1841 7.54 12.38 60.28
C GLU B 1841 8.02 13.59 59.48
N VAL B 1842 7.32 13.91 58.38
CA VAL B 1842 7.69 15.10 57.61
C VAL B 1842 7.50 16.35 58.45
N TRP B 1843 6.43 16.39 59.25
CA TRP B 1843 6.18 17.55 60.10
C TRP B 1843 7.31 17.74 61.09
N ALA B 1844 7.74 16.65 61.74
CA ALA B 1844 8.85 16.76 62.69
C ALA B 1844 10.13 17.17 61.99
N LEU B 1845 10.38 16.63 60.80
CA LEU B 1845 11.58 17.03 60.06
C LEU B 1845 11.57 18.51 59.75
N VAL B 1846 10.43 19.04 59.31
CA VAL B 1846 10.36 20.45 58.96
C VAL B 1846 10.48 21.32 60.21
N GLN B 1847 9.89 20.87 61.33
CA GLN B 1847 10.03 21.63 62.57
C GLN B 1847 11.48 21.68 63.02
N ALA B 1848 12.18 20.55 62.95
CA ALA B 1848 13.59 20.53 63.34
C ALA B 1848 14.42 21.37 62.40
N GLY B 1849 14.11 21.36 61.10
CA GLY B 1849 14.83 22.21 60.18
C GLY B 1849 14.61 23.68 60.46
N ILE B 1850 13.38 24.06 60.78
CA ILE B 1850 13.11 25.45 61.15
C ILE B 1850 13.91 25.84 62.38
N ARG B 1851 13.91 24.97 63.39
CA ARG B 1851 14.63 25.29 64.63
C ARG B 1851 16.13 25.41 64.37
N ASP B 1852 16.70 24.49 63.60
CA ASP B 1852 18.14 24.51 63.35
C ASP B 1852 18.53 25.71 62.50
N GLY B 1853 17.74 26.02 61.48
CA GLY B 1853 18.08 27.06 60.52
C GLY B 1853 18.27 26.57 59.11
N VAL B 1854 18.12 25.28 58.84
CA VAL B 1854 18.23 24.79 57.47
C VAL B 1854 17.14 25.39 56.60
N VAL B 1855 15.91 25.46 57.12
CA VAL B 1855 14.78 26.01 56.38
C VAL B 1855 14.95 27.52 56.33
N ARG B 1856 15.37 28.04 55.17
CA ARG B 1856 15.54 29.47 54.97
C ARG B 1856 14.47 29.94 54.00
N PRO B 1857 13.63 30.91 54.35
CA PRO B 1857 12.52 31.28 53.46
C PRO B 1857 13.00 31.71 52.09
N LEU B 1858 12.28 31.28 51.07
CA LEU B 1858 12.64 31.62 49.70
C LEU B 1858 12.27 33.08 49.40
N LYS B 1859 12.87 33.61 48.35
CA LYS B 1859 12.53 34.96 47.91
C LYS B 1859 11.10 34.99 47.39
N CYS B 1860 10.38 36.05 47.73
CA CYS B 1860 8.95 36.12 47.47
C CYS B 1860 8.63 37.39 46.69
N THR B 1861 7.79 37.25 45.68
CA THR B 1861 7.26 38.37 44.91
C THR B 1861 5.79 38.53 45.28
N VAL B 1862 5.47 39.62 45.96
CA VAL B 1862 4.16 39.80 46.58
C VAL B 1862 3.26 40.59 45.64
N PHE B 1863 2.06 40.06 45.40
CA PHE B 1863 1.04 40.72 44.60
C PHE B 1863 -0.22 40.90 45.44
N HIS B 1864 -0.82 42.07 45.33
CA HIS B 1864 -1.98 42.39 46.15
C HIS B 1864 -3.17 41.52 45.73
N GLY B 1865 -4.16 41.45 46.63
CA GLY B 1865 -5.30 40.59 46.39
C GLY B 1865 -6.08 41.00 45.17
N ALA B 1866 -6.27 42.30 44.96
CA ALA B 1866 -7.04 42.78 43.82
C ALA B 1866 -6.37 42.48 42.49
N GLN B 1867 -5.07 42.18 42.49
CA GLN B 1867 -4.30 41.89 41.29
C GLN B 1867 -3.91 40.41 41.20
N VAL B 1868 -4.79 39.53 41.69
CA VAL B 1868 -4.45 38.10 41.69
C VAL B 1868 -4.29 37.59 40.27
N GLU B 1869 -5.10 38.09 39.34
CA GLU B 1869 -4.94 37.68 37.94
C GLU B 1869 -3.56 38.07 37.42
N ASP B 1870 -3.05 39.23 37.86
CA ASP B 1870 -1.70 39.62 37.48
C ASP B 1870 -0.68 38.66 38.04
N ALA B 1871 -0.89 38.18 39.27
CA ALA B 1871 0.01 37.20 39.84
C ALA B 1871 0.01 35.91 39.03
N PHE B 1872 -1.18 35.44 38.63
CA PHE B 1872 -1.25 34.24 37.81
C PHE B 1872 -0.55 34.44 36.48
N ARG B 1873 -0.74 35.61 35.86
CA ARG B 1873 -0.09 35.88 34.57
C ARG B 1873 1.42 35.90 34.73
N TYR B 1874 1.92 36.55 35.77
CA TYR B 1874 3.37 36.60 36.01
C TYR B 1874 3.92 35.21 36.26
N MET B 1875 3.20 34.38 37.01
CA MET B 1875 3.61 32.99 37.18
C MET B 1875 3.67 32.29 35.83
N ALA B 1876 2.64 32.46 35.01
CA ALA B 1876 2.61 31.78 33.72
C ALA B 1876 3.76 32.20 32.83
N GLN B 1877 4.23 33.45 32.95
CA GLN B 1877 5.34 33.90 32.13
C GLN B 1877 6.57 33.03 32.32
N GLY B 1878 6.77 32.48 33.52
CA GLY B 1878 7.91 31.61 33.75
C GLY B 1878 9.23 32.34 33.92
N LYS B 1879 9.21 33.56 34.45
CA LYS B 1879 10.43 34.32 34.67
C LYS B 1879 10.77 34.48 36.15
N HIS B 1880 9.85 34.14 37.05
CA HIS B 1880 10.09 34.31 38.48
C HIS B 1880 11.21 33.38 38.94
N ILE B 1881 12.10 33.93 39.77
CA ILE B 1881 13.10 33.14 40.49
C ILE B 1881 12.66 33.14 41.95
N GLY B 1882 12.22 31.97 42.43
CA GLY B 1882 11.73 31.87 43.78
C GLY B 1882 10.27 31.48 43.86
N LYS B 1883 9.49 32.21 44.63
CA LYS B 1883 8.08 31.92 44.85
C LYS B 1883 7.25 33.20 44.68
N VAL B 1884 6.02 33.02 44.20
CA VAL B 1884 5.07 34.11 44.04
C VAL B 1884 4.02 33.98 45.13
N VAL B 1885 3.78 35.06 45.86
CA VAL B 1885 2.87 35.06 47.00
C VAL B 1885 1.87 36.19 46.82
N VAL B 1886 0.66 35.98 47.34
CA VAL B 1886 -0.44 36.92 47.22
C VAL B 1886 -0.76 37.47 48.60
N GLN B 1887 -0.84 38.79 48.71
CA GLN B 1887 -1.06 39.48 49.98
C GLN B 1887 -2.55 39.76 50.12
N VAL B 1888 -3.26 38.86 50.81
CA VAL B 1888 -4.67 39.08 51.09
C VAL B 1888 -4.84 40.21 52.11
N LEU B 1889 -4.00 40.21 53.14
CA LEU B 1889 -4.11 41.18 54.22
C LEU B 1889 -2.72 41.63 54.63
N ALA B 1890 -2.66 42.80 55.26
CA ALA B 1890 -1.39 43.40 55.69
C ALA B 1890 -1.08 42.97 57.11
N GLU B 1891 0.16 42.54 57.34
CA GLU B 1891 0.56 42.08 58.65
C GLU B 1891 0.56 43.22 59.66
N GLU B 1892 0.21 42.89 60.92
CA GLU B 1892 0.19 43.88 61.98
C GLU B 1892 1.45 43.78 62.83
N PRO B 1893 1.93 44.89 63.40
CA PRO B 1893 3.14 44.80 64.24
C PRO B 1893 3.01 43.84 65.41
N GLU B 1894 1.83 43.77 66.04
CA GLU B 1894 1.69 42.97 67.25
C GLU B 1894 1.92 41.49 66.96
N ALA B 1895 2.50 40.79 67.93
CA ALA B 1895 2.79 39.37 67.77
C ALA B 1895 1.54 38.52 67.91
N VAL B 1896 0.63 38.90 68.80
CA VAL B 1896 -0.61 38.17 69.04
C VAL B 1896 -1.73 39.20 69.02
N LEU B 1897 -2.39 39.34 67.87
CA LEU B 1897 -3.42 40.36 67.70
C LEU B 1897 -4.78 39.92 68.19
N LYS B 1898 -5.00 38.61 68.36
CA LYS B 1898 -6.30 38.06 68.76
C LYS B 1898 -7.44 38.75 68.02
N GLY B 1899 -7.26 38.90 66.71
CA GLY B 1899 -8.22 39.62 65.91
C GLY B 1899 -9.57 38.92 65.85
N ALA B 1900 -10.61 39.72 65.63
CA ALA B 1900 -11.97 39.20 65.59
C ALA B 1900 -12.30 38.61 64.22
N LYS B 1901 -12.26 39.43 63.18
CA LYS B 1901 -12.60 39.02 61.83
C LYS B 1901 -11.59 39.60 60.84
N PRO B 1902 -11.38 38.94 59.71
CA PRO B 1902 -10.60 39.57 58.63
C PRO B 1902 -11.39 40.68 57.97
N LYS B 1903 -10.65 41.64 57.41
CA LYS B 1903 -11.29 42.78 56.75
C LYS B 1903 -12.18 42.29 55.61
N LEU B 1904 -13.37 42.89 55.50
CA LEU B 1904 -14.34 42.47 54.51
C LEU B 1904 -13.93 42.92 53.12
N MET B 1905 -14.32 42.13 52.12
CA MET B 1905 -14.13 42.48 50.72
C MET B 1905 -15.40 42.17 49.96
N SER B 1906 -15.60 42.87 48.84
CA SER B 1906 -16.77 42.67 47.99
C SER B 1906 -16.46 41.57 46.99
N ALA B 1907 -17.13 40.43 47.14
CA ALA B 1907 -16.90 39.26 46.30
C ALA B 1907 -18.22 38.77 45.73
N ILE B 1908 -18.14 38.05 44.61
CA ILE B 1908 -19.34 37.53 43.97
C ILE B 1908 -20.11 36.67 44.95
N SER B 1909 -21.43 36.86 44.98
CA SER B 1909 -22.29 36.15 45.91
C SER B 1909 -22.79 34.86 45.28
N LYS B 1910 -22.66 33.76 46.02
CA LYS B 1910 -23.18 32.48 45.58
C LYS B 1910 -23.81 31.77 46.78
N THR B 1911 -24.79 30.93 46.50
CA THR B 1911 -25.63 30.36 47.55
C THR B 1911 -24.93 29.23 48.28
N PHE B 1912 -25.08 29.23 49.61
CA PHE B 1912 -24.65 28.11 50.44
C PHE B 1912 -25.65 27.94 51.57
N CYS B 1913 -25.68 26.74 52.13
CA CYS B 1913 -26.68 26.39 53.14
C CYS B 1913 -26.01 25.90 54.42
N PRO B 1914 -26.55 26.28 55.58
CA PRO B 1914 -26.01 25.73 56.84
C PRO B 1914 -26.24 24.22 56.92
N ALA B 1915 -25.39 23.57 57.72
CA ALA B 1915 -25.48 22.13 57.90
C ALA B 1915 -26.62 21.73 58.83
N HIS B 1916 -26.93 22.56 59.83
CA HIS B 1916 -27.89 22.19 60.86
C HIS B 1916 -29.32 22.58 60.51
N LYS B 1917 -29.56 23.26 59.40
CA LYS B 1917 -30.89 23.61 58.97
C LYS B 1917 -31.53 22.45 58.21
N SER B 1918 -32.85 22.49 58.08
CA SER B 1918 -33.62 21.47 57.38
C SER B 1918 -34.30 22.08 56.17
N TYR B 1919 -34.27 21.35 55.05
CA TYR B 1919 -34.79 21.84 53.79
C TYR B 1919 -35.83 20.87 53.25
N ILE B 1920 -36.91 21.42 52.70
CA ILE B 1920 -38.03 20.63 52.17
C ILE B 1920 -38.14 20.91 50.68
N ILE B 1921 -38.39 19.87 49.90
CA ILE B 1921 -38.67 19.99 48.47
C ILE B 1921 -39.98 19.24 48.22
N ALA B 1922 -41.09 19.97 48.28
CA ALA B 1922 -42.38 19.35 47.96
C ALA B 1922 -42.36 18.88 46.50
N GLY B 1923 -42.80 17.65 46.29
CA GLY B 1923 -42.65 17.05 44.98
C GLY B 1923 -41.20 16.92 44.55
N GLY B 1924 -40.30 16.66 45.50
CA GLY B 1924 -38.88 16.59 45.21
C GLY B 1924 -38.41 15.30 44.60
N LEU B 1925 -39.29 14.31 44.47
CA LEU B 1925 -38.93 13.04 43.85
C LEU B 1925 -39.15 13.03 42.35
N GLY B 1926 -39.57 14.15 41.77
CA GLY B 1926 -39.78 14.23 40.34
C GLY B 1926 -38.47 14.37 39.59
N GLY B 1927 -38.59 14.75 38.32
CA GLY B 1927 -37.41 14.90 37.49
C GLY B 1927 -36.51 16.02 37.97
N PHE B 1928 -37.04 17.24 38.04
CA PHE B 1928 -36.25 18.38 38.48
C PHE B 1928 -35.97 18.35 39.98
N GLY B 1929 -36.84 17.73 40.77
CA GLY B 1929 -36.63 17.70 42.20
C GLY B 1929 -35.34 17.01 42.58
N LEU B 1930 -35.05 15.88 41.95
CA LEU B 1930 -33.81 15.16 42.26
C LEU B 1930 -32.59 15.99 41.90
N GLU B 1931 -32.63 16.68 40.76
CA GLU B 1931 -31.50 17.52 40.38
C GLU B 1931 -31.31 18.67 41.33
N LEU B 1932 -32.40 19.31 41.76
CA LEU B 1932 -32.29 20.39 42.73
C LEU B 1932 -31.74 19.87 44.06
N ALA B 1933 -32.18 18.68 44.48
CA ALA B 1933 -31.66 18.10 45.71
C ALA B 1933 -30.17 17.84 45.60
N GLN B 1934 -29.73 17.26 44.48
CA GLN B 1934 -28.31 17.00 44.30
C GLN B 1934 -27.52 18.30 44.30
N TRP B 1935 -28.07 19.35 43.68
CA TRP B 1935 -27.42 20.65 43.69
C TRP B 1935 -27.29 21.17 45.12
N LEU B 1936 -28.34 21.03 45.92
CA LEU B 1936 -28.30 21.52 47.29
C LEU B 1936 -27.26 20.79 48.13
N ILE B 1937 -27.13 19.47 47.93
CA ILE B 1937 -26.16 18.70 48.70
C ILE B 1937 -24.76 19.25 48.48
N GLN B 1938 -24.41 19.57 47.23
CA GLN B 1938 -23.10 20.12 46.95
C GLN B 1938 -22.88 21.44 47.66
N ARG B 1939 -23.96 22.18 47.93
CA ARG B 1939 -23.87 23.48 48.58
C ARG B 1939 -23.97 23.38 50.09
N GLY B 1940 -24.00 22.17 50.65
CA GLY B 1940 -23.86 21.97 52.08
C GLY B 1940 -25.08 21.41 52.78
N VAL B 1941 -26.23 21.34 52.11
CA VAL B 1941 -27.42 20.81 52.76
C VAL B 1941 -27.14 19.41 53.26
N GLN B 1942 -27.51 19.14 54.52
CA GLN B 1942 -27.31 17.83 55.13
C GLN B 1942 -28.58 17.27 55.75
N LYS B 1943 -29.71 17.96 55.65
CA LYS B 1943 -30.97 17.47 56.19
C LYS B 1943 -32.07 17.82 55.20
N LEU B 1944 -32.57 16.80 54.49
CA LEU B 1944 -33.49 16.99 53.38
C LEU B 1944 -34.73 16.15 53.62
N VAL B 1945 -35.90 16.75 53.44
CA VAL B 1945 -37.18 16.05 53.56
C VAL B 1945 -37.87 16.18 52.21
N LEU B 1946 -37.65 15.22 51.34
CA LEU B 1946 -38.39 15.16 50.08
C LEU B 1946 -39.82 14.71 50.36
N THR B 1947 -40.76 15.24 49.59
CA THR B 1947 -42.18 14.92 49.75
C THR B 1947 -42.75 14.47 48.41
N SER B 1948 -43.45 13.34 48.42
CA SER B 1948 -44.14 12.81 47.26
C SER B 1948 -45.46 12.22 47.72
N ARG B 1949 -46.10 11.47 46.82
CA ARG B 1949 -47.35 10.79 47.13
C ARG B 1949 -47.24 9.28 47.00
N SER B 1950 -46.56 8.79 45.97
CA SER B 1950 -46.43 7.35 45.73
C SER B 1950 -45.18 6.75 46.33
N GLY B 1951 -44.35 7.54 47.00
CA GLY B 1951 -43.13 7.00 47.55
C GLY B 1951 -42.09 6.77 46.47
N ILE B 1952 -41.09 5.97 46.83
CA ILE B 1952 -40.01 5.63 45.90
C ILE B 1952 -40.47 4.47 45.04
N ARG B 1953 -40.60 4.72 43.73
CA ARG B 1953 -41.14 3.69 42.84
C ARG B 1953 -40.36 3.63 41.53
N THR B 1954 -39.10 4.05 41.53
CA THR B 1954 -38.27 3.95 40.34
C THR B 1954 -36.82 3.72 40.76
N GLY B 1955 -36.06 3.12 39.85
CA GLY B 1955 -34.68 2.81 40.17
C GLY B 1955 -33.83 4.05 40.38
N TYR B 1956 -34.07 5.09 39.59
CA TYR B 1956 -33.28 6.31 39.70
C TYR B 1956 -33.46 6.96 41.07
N GLN B 1957 -34.71 7.03 41.55
CA GLN B 1957 -34.98 7.65 42.85
C GLN B 1957 -34.31 6.88 43.97
N ALA B 1958 -34.44 5.54 43.95
CA ALA B 1958 -33.80 4.73 44.98
C ALA B 1958 -32.30 4.88 44.93
N LYS B 1959 -31.73 4.90 43.73
CA LYS B 1959 -30.29 5.09 43.57
C LYS B 1959 -29.84 6.39 44.22
N GLN B 1960 -30.51 7.49 43.88
CA GLN B 1960 -30.10 8.79 44.41
C GLN B 1960 -30.26 8.87 45.92
N VAL B 1961 -31.39 8.36 46.43
CA VAL B 1961 -31.61 8.41 47.87
C VAL B 1961 -30.57 7.57 48.61
N ARG B 1962 -30.27 6.38 48.10
CA ARG B 1962 -29.26 5.54 48.73
C ARG B 1962 -27.91 6.22 48.73
N ARG B 1963 -27.51 6.81 47.61
CA ARG B 1963 -26.21 7.48 47.55
C ARG B 1963 -26.15 8.65 48.52
N TRP B 1964 -27.21 9.46 48.56
CA TRP B 1964 -27.19 10.62 49.45
C TRP B 1964 -27.14 10.20 50.91
N ARG B 1965 -27.87 9.13 51.28
CA ARG B 1965 -27.76 8.61 52.64
C ARG B 1965 -26.35 8.10 52.91
N ARG B 1966 -25.75 7.43 51.92
CA ARG B 1966 -24.40 6.89 52.11
C ARG B 1966 -23.38 8.01 52.32
N GLN B 1967 -23.62 9.17 51.72
CA GLN B 1967 -22.74 10.32 51.93
C GLN B 1967 -22.91 10.93 53.31
N GLY B 1968 -23.88 10.48 54.10
CA GLY B 1968 -24.14 11.02 55.41
C GLY B 1968 -25.35 11.92 55.50
N VAL B 1969 -25.92 12.32 54.35
CA VAL B 1969 -27.10 13.17 54.37
C VAL B 1969 -28.27 12.41 54.97
N GLN B 1970 -29.09 13.13 55.72
CA GLN B 1970 -30.28 12.54 56.34
C GLN B 1970 -31.49 12.78 55.43
N VAL B 1971 -31.44 12.16 54.26
CA VAL B 1971 -32.54 12.27 53.30
C VAL B 1971 -33.72 11.46 53.80
N GLN B 1972 -34.86 12.12 53.97
CA GLN B 1972 -36.07 11.49 54.46
C GLN B 1972 -37.20 11.75 53.48
N VAL B 1973 -37.97 10.71 53.18
CA VAL B 1973 -39.08 10.78 52.24
C VAL B 1973 -40.37 10.78 53.03
N SER B 1974 -41.20 11.80 52.82
CA SER B 1974 -42.46 11.96 53.52
C SER B 1974 -43.61 11.91 52.52
N THR B 1975 -44.74 11.39 52.98
CA THR B 1975 -45.97 11.33 52.20
C THR B 1975 -46.97 12.41 52.61
N SER B 1976 -46.55 13.36 53.44
CA SER B 1976 -47.46 14.41 53.86
C SER B 1976 -47.83 15.30 52.68
N ASN B 1977 -49.12 15.42 52.41
CA ASN B 1977 -49.61 16.18 51.27
C ASN B 1977 -49.72 17.65 51.65
N ILE B 1978 -49.01 18.51 50.91
CA ILE B 1978 -49.03 19.94 51.20
C ILE B 1978 -50.36 20.58 50.85
N SER B 1979 -51.24 19.88 50.15
CA SER B 1979 -52.54 20.45 49.82
C SER B 1979 -53.36 20.70 51.08
N SER B 1980 -53.47 19.70 51.94
CA SER B 1980 -54.23 19.83 53.17
C SER B 1980 -53.38 20.51 54.24
N LEU B 1981 -53.96 21.49 54.94
CA LEU B 1981 -53.21 22.21 55.96
C LEU B 1981 -52.63 21.27 57.00
N GLU B 1982 -53.35 20.19 57.33
CA GLU B 1982 -52.81 19.22 58.28
C GLU B 1982 -51.52 18.59 57.75
N GLY B 1983 -51.52 18.23 56.46
CA GLY B 1983 -50.32 17.67 55.87
C GLY B 1983 -49.16 18.64 55.85
N ALA B 1984 -49.43 19.92 55.53
CA ALA B 1984 -48.38 20.91 55.54
C ALA B 1984 -47.79 21.09 56.93
N ARG B 1985 -48.66 21.17 57.94
CA ARG B 1985 -48.17 21.32 59.31
C ARG B 1985 -47.34 20.10 59.72
N GLY B 1986 -47.80 18.90 59.35
CA GLY B 1986 -47.03 17.71 59.66
C GLY B 1986 -45.67 17.69 58.97
N LEU B 1987 -45.63 18.14 57.71
CA LEU B 1987 -44.37 18.17 56.98
C LEU B 1987 -43.39 19.16 57.62
N ILE B 1988 -43.88 20.34 57.99
CA ILE B 1988 -43.00 21.31 58.66
C ILE B 1988 -42.58 20.77 60.02
N ALA B 1989 -43.44 20.03 60.70
CA ALA B 1989 -43.07 19.42 61.97
C ALA B 1989 -41.96 18.39 61.77
N GLU B 1990 -42.05 17.60 60.70
CA GLU B 1990 -40.98 16.66 60.40
C GLU B 1990 -39.67 17.38 60.13
N ALA B 1991 -39.74 18.46 59.35
CA ALA B 1991 -38.53 19.25 59.10
C ALA B 1991 -37.94 19.76 60.40
N ALA B 1992 -38.78 20.29 61.29
CA ALA B 1992 -38.30 20.76 62.58
C ALA B 1992 -37.67 19.62 63.37
N GLN B 1993 -38.28 18.44 63.35
CA GLN B 1993 -37.70 17.27 63.98
C GLN B 1993 -36.28 17.05 63.49
N LEU B 1994 -36.08 17.10 62.18
CA LEU B 1994 -34.73 16.99 61.64
C LEU B 1994 -33.87 18.18 62.06
N GLY B 1995 -34.44 19.38 62.02
CA GLY B 1995 -33.71 20.57 62.39
C GLY B 1995 -34.49 21.82 62.03
N PRO B 1996 -33.98 22.99 62.44
CA PRO B 1996 -34.68 24.24 62.11
C PRO B 1996 -34.89 24.39 60.62
N VAL B 1997 -36.04 24.94 60.25
CA VAL B 1997 -36.47 24.97 58.85
C VAL B 1997 -35.70 26.06 58.13
N GLY B 1998 -34.97 25.67 57.08
CA GLY B 1998 -34.21 26.62 56.30
C GLY B 1998 -34.91 27.11 55.06
N GLY B 1999 -35.40 26.19 54.23
CA GLY B 1999 -35.99 26.55 52.96
C GLY B 1999 -37.13 25.63 52.60
N VAL B 2000 -38.05 26.14 51.79
CA VAL B 2000 -39.22 25.38 51.37
C VAL B 2000 -39.45 25.54 49.87
N PHE B 2001 -39.01 24.55 49.10
CA PHE B 2001 -39.19 24.56 47.66
C PHE B 2001 -40.44 23.77 47.29
N ASN B 2002 -41.22 24.33 46.36
CA ASN B 2002 -42.47 23.72 45.91
C ASN B 2002 -42.37 23.44 44.42
N LEU B 2003 -41.99 22.21 44.06
CA LEU B 2003 -41.87 21.78 42.68
C LEU B 2003 -43.01 20.85 42.25
N ALA B 2004 -43.99 20.62 43.11
CA ALA B 2004 -45.06 19.69 42.79
C ALA B 2004 -45.92 20.22 41.65
N VAL B 2005 -46.44 19.29 40.84
CA VAL B 2005 -47.29 19.66 39.71
C VAL B 2005 -48.12 18.45 39.31
N VAL B 2006 -49.39 18.69 39.04
CA VAL B 2006 -50.29 17.69 38.46
C VAL B 2006 -50.96 18.34 37.27
N LEU B 2007 -50.75 17.76 36.08
CA LEU B 2007 -51.17 18.37 34.83
C LEU B 2007 -52.38 17.66 34.27
N ARG B 2008 -53.42 18.43 33.92
CA ARG B 2008 -54.58 17.94 33.18
C ARG B 2008 -54.79 18.91 32.03
N ASP B 2009 -54.04 18.72 30.95
CA ASP B 2009 -54.09 19.63 29.82
C ASP B 2009 -55.36 19.41 29.01
N GLY B 2010 -55.61 20.33 28.10
CA GLY B 2010 -56.75 20.25 27.20
C GLY B 2010 -57.32 21.63 26.90
N LEU B 2011 -57.89 21.77 25.71
CA LEU B 2011 -58.55 23.01 25.32
C LEU B 2011 -59.73 23.26 26.25
N LEU B 2012 -60.03 24.55 26.47
CA LEU B 2012 -61.04 24.89 27.46
C LEU B 2012 -62.40 24.27 27.13
N GLU B 2013 -62.62 23.91 25.87
CA GLU B 2013 -63.91 23.33 25.51
C GLU B 2013 -64.12 21.97 26.16
N ASN B 2014 -63.05 21.24 26.44
CA ASN B 2014 -63.13 19.94 27.09
C ASN B 2014 -62.61 19.97 28.52
N GLN B 2015 -62.39 21.14 29.09
CA GLN B 2015 -62.00 21.25 30.49
C GLN B 2015 -63.23 21.19 31.39
N THR B 2016 -63.00 20.78 32.63
CA THR B 2016 -64.04 20.69 33.64
C THR B 2016 -63.52 21.24 34.95
N PRO B 2017 -64.41 21.66 35.85
CA PRO B 2017 -63.94 22.22 37.13
C PRO B 2017 -63.08 21.25 37.93
N GLU B 2018 -63.38 19.94 37.86
CA GLU B 2018 -62.58 18.98 38.61
C GLU B 2018 -61.13 18.96 38.14
N PHE B 2019 -60.91 19.07 36.83
CA PHE B 2019 -59.53 19.15 36.33
C PHE B 2019 -58.83 20.38 36.86
N PHE B 2020 -59.52 21.53 36.87
CA PHE B 2020 -58.92 22.74 37.41
C PHE B 2020 -58.57 22.56 38.87
N GLN B 2021 -59.46 21.95 39.65
CA GLN B 2021 -59.19 21.74 41.06
C GLN B 2021 -57.98 20.83 41.24
N ASP B 2022 -57.91 19.75 40.46
CA ASP B 2022 -56.79 18.83 40.57
C ASP B 2022 -55.47 19.55 40.27
N VAL B 2023 -55.45 20.34 39.20
CA VAL B 2023 -54.21 21.02 38.81
C VAL B 2023 -53.82 22.06 39.84
N CYS B 2024 -54.81 22.77 40.39
CA CYS B 2024 -54.49 23.86 41.32
C CYS B 2024 -54.15 23.35 42.71
N LYS B 2025 -54.58 22.12 43.04
CA LYS B 2025 -54.38 21.62 44.39
C LYS B 2025 -52.91 21.55 44.80
N PRO B 2026 -52.01 20.96 44.02
CA PRO B 2026 -50.62 20.85 44.47
C PRO B 2026 -49.87 22.18 44.40
N LYS B 2027 -50.29 23.08 43.51
CA LYS B 2027 -49.53 24.31 43.29
C LYS B 2027 -50.14 25.48 44.06
N TYR B 2028 -51.46 25.60 44.08
CA TYR B 2028 -52.09 26.77 44.66
C TYR B 2028 -52.42 26.56 46.13
N SER B 2029 -53.22 25.54 46.45
CA SER B 2029 -53.53 25.25 47.83
C SER B 2029 -52.27 24.89 48.60
N GLY B 2030 -51.37 24.14 47.98
CA GLY B 2030 -50.12 23.80 48.63
C GLY B 2030 -49.30 25.02 48.98
N THR B 2031 -49.23 25.98 48.05
CA THR B 2031 -48.45 27.20 48.31
C THR B 2031 -49.05 28.01 49.45
N LEU B 2032 -50.38 28.16 49.48
CA LEU B 2032 -51.02 28.89 50.56
C LEU B 2032 -50.79 28.20 51.90
N ASN B 2033 -50.90 26.87 51.91
CA ASN B 2033 -50.77 26.10 53.17
C ASN B 2033 -49.32 26.15 53.64
N LEU B 2034 -48.34 26.12 52.74
CA LEU B 2034 -46.93 26.26 53.13
C LEU B 2034 -46.66 27.67 53.62
N ASP B 2035 -47.21 28.68 52.95
CA ASP B 2035 -47.04 30.05 53.40
C ASP B 2035 -47.55 30.22 54.83
N ARG B 2036 -48.75 29.71 55.11
CA ARG B 2036 -49.30 29.87 56.45
C ARG B 2036 -48.45 29.15 57.48
N VAL B 2037 -48.09 27.90 57.22
CA VAL B 2037 -47.34 27.13 58.22
C VAL B 2037 -45.96 27.74 58.44
N THR B 2038 -45.34 28.25 57.38
CA THR B 2038 -44.03 28.87 57.51
C THR B 2038 -44.12 30.18 58.29
N ARG B 2039 -45.09 31.02 57.96
CA ARG B 2039 -45.31 32.24 58.74
C ARG B 2039 -45.58 31.93 60.19
N GLU B 2040 -46.16 30.76 60.47
CA GLU B 2040 -46.52 30.42 61.85
C GLU B 2040 -45.33 29.90 62.64
N ALA B 2041 -44.69 28.83 62.17
CA ALA B 2041 -43.73 28.07 62.97
C ALA B 2041 -42.42 27.86 62.21
N CYS B 2042 -41.87 28.93 61.65
CA CYS B 2042 -40.56 28.87 60.98
C CYS B 2042 -39.88 30.22 61.09
N PRO B 2043 -39.23 30.49 62.24
CA PRO B 2043 -38.55 31.79 62.40
C PRO B 2043 -37.15 31.83 61.83
N GLU B 2044 -36.62 30.71 61.33
CA GLU B 2044 -35.27 30.65 60.77
C GLU B 2044 -35.27 30.45 59.26
N LEU B 2045 -36.42 30.56 58.62
CA LEU B 2045 -36.51 30.33 57.19
C LEU B 2045 -35.72 31.37 56.42
N ASP B 2046 -34.98 30.92 55.40
CA ASP B 2046 -34.22 31.83 54.54
C ASP B 2046 -34.44 31.58 53.06
N TYR B 2047 -35.34 30.66 52.69
CA TYR B 2047 -35.68 30.43 51.29
C TYR B 2047 -37.13 30.01 51.20
N PHE B 2048 -37.83 30.55 50.20
CA PHE B 2048 -39.21 30.15 49.91
C PHE B 2048 -39.38 30.29 48.41
N VAL B 2049 -39.21 29.19 47.68
CA VAL B 2049 -39.17 29.18 46.23
C VAL B 2049 -40.29 28.32 45.70
N VAL B 2050 -41.02 28.84 44.71
CA VAL B 2050 -41.99 28.09 43.93
C VAL B 2050 -41.53 28.12 42.47
N PHE B 2051 -41.89 27.09 41.72
CA PHE B 2051 -41.44 26.93 40.35
C PHE B 2051 -42.63 27.05 39.41
N SER B 2052 -42.67 28.14 38.64
CA SER B 2052 -43.74 28.42 37.70
C SER B 2052 -43.27 28.10 36.29
N SER B 2053 -44.13 28.41 35.31
CA SER B 2053 -43.86 28.15 33.92
C SER B 2053 -44.06 29.42 33.11
N VAL B 2054 -43.38 29.49 31.96
CA VAL B 2054 -43.51 30.66 31.09
C VAL B 2054 -44.94 30.79 30.57
N SER B 2055 -45.73 29.72 30.65
CA SER B 2055 -47.13 29.81 30.26
C SER B 2055 -47.84 30.91 31.04
N CYS B 2056 -47.52 31.04 32.32
CA CYS B 2056 -48.13 32.09 33.13
C CYS B 2056 -47.77 33.47 32.59
N GLY B 2057 -46.52 33.68 32.22
CA GLY B 2057 -46.06 34.97 31.75
C GLY B 2057 -46.41 35.24 30.31
N ARG B 2058 -45.95 34.38 29.40
CA ARG B 2058 -46.13 34.64 27.98
C ARG B 2058 -47.46 34.08 27.48
N GLY B 2059 -47.79 32.86 27.85
CA GLY B 2059 -49.07 32.27 27.48
C GLY B 2059 -48.88 31.11 26.51
N ASN B 2060 -49.55 29.99 26.81
CA ASN B 2060 -49.57 28.83 25.94
C ASN B 2060 -51.00 28.33 25.84
N ALA B 2061 -51.29 27.65 24.74
CA ALA B 2061 -52.63 27.18 24.44
C ALA B 2061 -52.88 25.82 25.09
N GLY B 2062 -54.05 25.67 25.70
CA GLY B 2062 -54.45 24.41 26.28
C GLY B 2062 -53.95 24.14 27.69
N GLN B 2063 -53.23 25.08 28.28
CA GLN B 2063 -52.75 24.97 29.66
C GLN B 2063 -53.37 26.07 30.52
N SER B 2064 -54.67 26.31 30.33
CA SER B 2064 -55.35 27.36 31.06
C SER B 2064 -55.31 27.09 32.57
N ASN B 2065 -55.61 25.86 32.97
CA ASN B 2065 -55.57 25.52 34.39
C ASN B 2065 -54.15 25.62 34.94
N TYR B 2066 -53.18 25.13 34.19
CA TYR B 2066 -51.79 25.22 34.61
C TYR B 2066 -51.35 26.68 34.72
N GLY B 2067 -51.73 27.50 33.75
CA GLY B 2067 -51.39 28.91 33.81
C GLY B 2067 -52.02 29.60 35.01
N PHE B 2068 -53.29 29.32 35.27
CA PHE B 2068 -53.96 29.91 36.43
C PHE B 2068 -53.26 29.49 37.72
N ALA B 2069 -52.93 28.20 37.85
CA ALA B 2069 -52.28 27.73 39.06
C ALA B 2069 -50.93 28.39 39.26
N ASN B 2070 -50.14 28.51 38.18
CA ASN B 2070 -48.83 29.11 38.30
C ASN B 2070 -48.91 30.61 38.62
N SER B 2071 -49.87 31.30 38.01
CA SER B 2071 -50.00 32.73 38.27
C SER B 2071 -50.42 33.01 39.70
N ALA B 2072 -51.23 32.14 40.29
CA ALA B 2072 -51.62 32.32 41.69
C ALA B 2072 -50.42 32.23 42.61
N MET B 2073 -49.50 31.31 42.32
CA MET B 2073 -48.31 31.16 43.17
C MET B 2073 -47.49 32.44 43.20
N GLU B 2074 -47.35 33.11 42.05
CA GLU B 2074 -46.52 34.30 42.00
C GLU B 2074 -47.05 35.39 42.92
N ARG B 2075 -48.37 35.56 42.96
CA ARG B 2075 -48.94 36.60 43.81
C ARG B 2075 -48.63 36.34 45.28
N ILE B 2076 -48.65 35.08 45.71
CA ILE B 2076 -48.35 34.75 47.10
C ILE B 2076 -46.92 35.16 47.42
N CYS B 2077 -45.98 34.82 46.54
CA CYS B 2077 -44.59 35.18 46.78
C CYS B 2077 -44.41 36.69 46.77
N GLU B 2078 -45.08 37.39 45.86
CA GLU B 2078 -44.98 38.84 45.84
C GLU B 2078 -45.47 39.44 47.15
N LYS B 2079 -46.59 38.95 47.67
CA LYS B 2079 -47.07 39.44 48.95
C LYS B 2079 -46.08 39.14 50.06
N ARG B 2080 -45.54 37.91 50.09
CA ARG B 2080 -44.60 37.54 51.13
C ARG B 2080 -43.41 38.48 51.15
N ARG B 2081 -42.78 38.70 50.00
CA ARG B 2081 -41.60 39.57 49.94
C ARG B 2081 -41.91 40.97 50.44
N HIS B 2082 -43.12 41.47 50.16
CA HIS B 2082 -43.48 42.81 50.61
C HIS B 2082 -43.49 42.89 52.14
N GLU B 2083 -44.04 41.88 52.80
CA GLU B 2083 -44.15 41.91 54.25
C GLU B 2083 -42.82 41.72 54.95
N GLY B 2084 -41.76 41.37 54.23
CA GLY B 2084 -40.43 41.21 54.80
C GLY B 2084 -39.92 39.79 54.83
N LEU B 2085 -40.74 38.81 54.48
CA LEU B 2085 -40.31 37.43 54.44
C LEU B 2085 -39.71 37.10 53.08
N PRO B 2086 -38.88 36.06 52.99
CA PRO B 2086 -38.33 35.68 51.69
C PRO B 2086 -39.38 35.07 50.79
N GLY B 2087 -39.16 35.23 49.48
CA GLY B 2087 -40.04 34.62 48.50
C GLY B 2087 -39.48 34.75 47.10
N LEU B 2088 -39.84 33.81 46.22
CA LEU B 2088 -39.33 33.81 44.85
C LEU B 2088 -40.12 32.83 44.03
N ALA B 2089 -40.49 33.23 42.81
CA ALA B 2089 -41.14 32.36 41.85
C ALA B 2089 -40.35 32.43 40.56
N VAL B 2090 -39.86 31.28 40.11
CA VAL B 2090 -38.97 31.20 38.96
C VAL B 2090 -39.77 30.64 37.79
N GLN B 2091 -40.01 31.47 36.78
CA GLN B 2091 -40.69 31.03 35.57
C GLN B 2091 -39.69 30.34 34.66
N TRP B 2092 -39.92 29.08 34.38
CA TRP B 2092 -39.05 28.29 33.53
C TRP B 2092 -39.68 28.07 32.16
N GLY B 2093 -38.84 27.67 31.22
CA GLY B 2093 -39.29 27.37 29.87
C GLY B 2093 -39.54 25.89 29.74
N ALA B 2094 -38.62 25.17 29.10
CA ALA B 2094 -38.66 23.72 29.04
C ALA B 2094 -37.34 23.18 29.56
N ILE B 2095 -37.41 22.22 30.48
CA ILE B 2095 -36.22 21.61 31.07
C ILE B 2095 -35.83 20.40 30.24
N GLY B 2096 -34.53 20.26 29.98
CA GLY B 2096 -34.06 19.32 28.99
C GLY B 2096 -33.84 17.90 29.49
N ASP B 2097 -32.98 17.74 30.50
CA ASP B 2097 -32.54 16.40 30.88
C ASP B 2097 -33.65 15.65 31.62
N VAL B 2098 -34.35 16.31 32.53
CA VAL B 2098 -35.35 15.64 33.35
C VAL B 2098 -36.68 15.62 32.60
N SER B 2113 -44.88 27.63 22.55
CA SER B 2113 -44.04 28.57 23.27
C SER B 2113 -42.82 28.96 22.45
N GLY B 2114 -42.42 28.09 21.53
CA GLY B 2114 -41.26 28.35 20.71
C GLY B 2114 -39.98 28.52 21.49
N THR B 2115 -39.85 27.83 22.62
CA THR B 2115 -38.70 27.94 23.49
C THR B 2115 -38.01 26.60 23.58
N LEU B 2116 -36.76 26.54 23.11
CA LEU B 2116 -36.01 25.31 23.11
C LEU B 2116 -35.73 24.85 24.54
N PRO B 2117 -35.68 23.54 24.78
CA PRO B 2117 -35.39 23.06 26.14
C PRO B 2117 -34.05 23.56 26.65
N GLN B 2118 -33.99 23.76 27.97
CA GLN B 2118 -32.81 24.28 28.63
C GLN B 2118 -32.11 23.17 29.40
N ARG B 2119 -30.80 23.05 29.21
CA ARG B 2119 -30.04 21.99 29.86
C ARG B 2119 -30.07 22.15 31.38
N MET B 2120 -29.82 21.05 32.09
CA MET B 2120 -29.96 21.07 33.55
C MET B 2120 -28.92 21.96 34.21
N ALA B 2121 -27.67 21.89 33.74
CA ALA B 2121 -26.61 22.71 34.34
C ALA B 2121 -26.91 24.19 34.18
N SER B 2122 -27.38 24.59 33.00
CA SER B 2122 -27.73 25.99 32.79
C SER B 2122 -28.85 26.41 33.73
N CYS B 2123 -29.85 25.54 33.91
CA CYS B 2123 -30.94 25.85 34.83
C CYS B 2123 -30.43 26.04 36.24
N LEU B 2124 -29.53 25.16 36.68
CA LEU B 2124 -28.99 25.28 38.04
C LEU B 2124 -28.18 26.56 38.20
N GLU B 2125 -27.38 26.92 37.18
CA GLU B 2125 -26.61 28.15 37.25
C GLU B 2125 -27.53 29.37 37.35
N VAL B 2126 -28.53 29.45 36.48
CA VAL B 2126 -29.42 30.60 36.51
C VAL B 2126 -30.20 30.64 37.82
N LEU B 2127 -30.58 29.47 38.36
CA LEU B 2127 -31.21 29.46 39.67
C LEU B 2127 -30.27 29.99 40.74
N ASP B 2128 -28.99 29.64 40.65
CA ASP B 2128 -28.01 30.19 41.57
C ASP B 2128 -27.98 31.71 41.46
N LEU B 2129 -28.12 32.23 40.25
CA LEU B 2129 -28.17 33.68 40.09
C LEU B 2129 -29.44 34.26 40.68
N PHE B 2130 -30.59 33.63 40.43
CA PHE B 2130 -31.87 34.21 40.83
C PHE B 2130 -31.98 34.33 42.35
N LEU B 2131 -31.53 33.31 43.08
CA LEU B 2131 -31.71 33.31 44.53
C LEU B 2131 -31.01 34.49 45.20
N ASN B 2132 -30.04 35.12 44.53
CA ASN B 2132 -29.33 36.24 45.11
C ASN B 2132 -29.95 37.59 44.74
N GLN B 2133 -30.73 37.66 43.67
CA GLN B 2133 -31.32 38.92 43.26
C GLN B 2133 -32.41 39.34 44.24
N PRO B 2134 -32.70 40.64 44.34
CA PRO B 2134 -33.76 41.11 45.24
C PRO B 2134 -35.16 41.13 44.65
N HIS B 2135 -35.40 40.50 43.51
CA HIS B 2135 -36.68 40.57 42.84
C HIS B 2135 -37.62 39.52 43.41
N MET B 2136 -38.80 39.39 42.81
CA MET B 2136 -39.83 38.46 43.26
C MET B 2136 -40.14 37.40 42.21
N VAL B 2137 -40.36 37.80 40.97
CA VAL B 2137 -40.63 36.88 39.87
C VAL B 2137 -39.50 37.03 38.86
N LEU B 2138 -38.87 35.92 38.52
CA LEU B 2138 -37.77 35.90 37.56
C LEU B 2138 -38.02 34.77 36.57
N SER B 2139 -37.56 34.96 35.33
CA SER B 2139 -37.82 34.02 34.26
C SER B 2139 -36.53 33.69 33.51
N SER B 2140 -36.46 32.46 33.00
CA SER B 2140 -35.32 32.01 32.22
C SER B 2140 -35.81 31.05 31.14
N PHE B 2141 -35.34 31.24 29.92
CA PHE B 2141 -35.68 30.34 28.82
C PHE B 2141 -34.70 30.57 27.68
N VAL B 2142 -34.71 29.64 26.73
CA VAL B 2142 -33.81 29.66 25.58
C VAL B 2142 -34.66 29.79 24.33
N LEU B 2143 -34.20 30.62 23.40
CA LEU B 2143 -34.98 30.97 22.21
C LEU B 2143 -34.72 30.00 21.07
N ALA B 2144 -35.78 29.68 20.34
CA ALA B 2144 -35.65 28.84 19.16
C ALA B 2144 -35.04 29.65 18.02
N GLU B 2145 -34.04 29.08 17.36
CA GLU B 2145 -33.27 29.75 16.31
C GLU B 2145 -33.05 31.23 16.65
PA NDP C . 14.51 -22.62 44.10
O1A NDP C . 15.01 -23.25 42.84
O2A NDP C . 15.00 -23.15 45.41
O5B NDP C . 12.91 -22.64 44.08
C5B NDP C . 12.27 -22.37 42.81
C4B NDP C . 10.84 -22.01 43.03
O4B NDP C . 10.35 -21.31 41.86
C3B NDP C . 9.85 -23.18 43.16
O3B NDP C . 8.71 -22.76 43.89
C2B NDP C . 9.64 -23.57 41.70
O2B NDP C . 8.33 -24.06 41.34
C1B NDP C . 9.92 -22.28 40.94
N9A NDP C . 10.96 -22.44 39.93
C8A NDP C . 12.11 -21.72 39.77
N7A NDP C . 12.85 -22.13 38.77
C5A NDP C . 12.16 -23.20 38.25
C6A NDP C . 12.42 -24.06 37.17
N6A NDP C . 13.50 -23.97 36.40
N1A NDP C . 11.52 -25.03 36.89
C2A NDP C . 10.42 -25.11 37.67
N3A NDP C . 10.07 -24.36 38.71
C4A NDP C . 10.98 -23.41 38.94
O3 NDP C . 14.79 -21.05 44.03
PN NDP C . 14.90 -19.98 45.23
O1N NDP C . 13.55 -19.83 45.83
O2N NDP C . 16.04 -20.39 46.10
O5D NDP C . 15.29 -18.64 44.43
C5D NDP C . 14.32 -17.58 44.33
C4D NDP C . 14.67 -16.69 43.15
O4D NDP C . 15.41 -15.55 43.64
C3D NDP C . 15.54 -17.33 42.07
O3D NDP C . 15.21 -16.84 40.78
C2D NDP C . 16.93 -16.87 42.50
O2D NDP C . 17.87 -16.89 41.43
C1D NDP C . 16.63 -15.45 42.97
N1N NDP C . 17.66 -14.92 43.90
C2N NDP C . 18.30 -13.75 43.61
C3N NDP C . 19.07 -13.10 44.53
C7N NDP C . 19.31 -11.64 44.34
O7N NDP C . 19.66 -11.23 43.23
N7N NDP C . 19.13 -10.84 45.37
C4N NDP C . 19.61 -13.88 45.67
C5N NDP C . 18.84 -15.12 45.93
C6N NDP C . 17.97 -15.58 45.07
P2B NDP C . 6.96 -23.32 41.75
O1X NDP C . 6.00 -23.67 40.62
O2X NDP C . 7.18 -21.83 41.83
O3X NDP C . 6.49 -23.89 43.07
H51A NDP C . 12.34 -23.16 42.23
H52A NDP C . 12.74 -21.62 42.36
H4B NDP C . 10.77 -21.42 43.81
H3B NDP C . 10.30 -23.92 43.64
HO3A NDP C . 8.96 -22.45 44.65
H2B NDP C . 10.31 -24.25 41.46
H1B NDP C . 9.09 -21.97 40.49
H8A NDP C . 12.34 -20.99 40.32
H61A NDP C . 13.74 -23.20 36.06
H62A NDP C . 13.98 -24.68 36.24
H2A NDP C . 9.82 -25.80 37.44
H51N NDP C . 14.31 -17.04 45.15
H52N NDP C . 13.41 -17.95 44.19
H4D NDP C . 13.83 -16.38 42.75
H3D NDP C . 15.48 -18.32 42.09
HO3N NDP C . 14.96 -16.03 40.86
H2D NDP C . 17.25 -17.42 43.25
HO2N NDP C . 17.83 -17.66 41.06
H1D NDP C . 16.55 -14.85 42.19
H2N NDP C . 18.22 -13.38 42.75
H71N NDP C . 18.97 -9.97 45.23
H72N NDP C . 19.19 -11.14 46.19
H41N NDP C . 19.63 -13.33 46.47
H42N NDP C . 20.54 -14.13 45.46
H5N NDP C . 18.98 -15.57 46.75
H6N NDP C . 17.53 -16.40 45.25
PA NDP D . 59.35 -15.56 18.07
O1A NDP D . 60.05 -15.35 16.77
O2A NDP D . 58.70 -14.40 18.72
O5B NDP D . 60.37 -16.25 19.11
C5B NDP D . 61.59 -15.54 19.43
C4B NDP D . 61.33 -14.65 20.62
O4B NDP D . 62.45 -14.75 21.54
C3B NDP D . 61.21 -13.15 20.32
O3B NDP D . 60.40 -12.50 21.29
C2B NDP D . 62.66 -12.71 20.38
O2B NDP D . 62.72 -11.31 20.66
C1B NDP D . 63.17 -13.55 21.55
N9A NDP D . 64.60 -13.88 21.45
C8A NDP D . 65.33 -14.12 20.32
N7A NDP D . 66.59 -14.37 20.57
C5A NDP D . 66.68 -14.31 21.94
C6A NDP D . 67.76 -14.51 22.83
N6A NDP D . 69.00 -14.80 22.44
N1A NDP D . 67.52 -14.36 24.16
C2A NDP D . 66.28 -14.06 24.55
N3A NDP D . 65.19 -13.86 23.82
C4A NDP D . 65.46 -14.01 22.51
O3 NDP D . 58.29 -16.76 17.91
PN NDP D . 57.43 -17.49 19.05
O1N NDP D . 57.56 -16.66 20.30
O2N NDP D . 56.07 -17.78 18.52
O5D NDP D . 58.23 -18.86 19.25
C5D NDP D . 58.30 -19.37 20.61
C4D NDP D . 58.83 -20.79 20.60
O4D NDP D . 57.97 -21.60 19.77
C3D NDP D . 60.26 -20.98 20.06
O3D NDP D . 61.13 -21.43 21.08
C2D NDP D . 60.08 -22.03 18.96
O2D NDP D . 61.09 -23.01 18.99
C1D NDP D . 58.73 -22.65 19.25
N1N NDP D . 58.06 -23.18 18.02
C2N NDP D . 57.27 -22.39 17.23
C3N NDP D . 56.30 -22.93 16.44
C7N NDP D . 55.37 -22.01 15.76
O7N NDP D . 55.04 -20.95 16.29
N7N NDP D . 54.91 -22.36 14.57
C4N NDP D . 56.22 -24.42 16.31
C5N NDP D . 57.22 -25.14 17.12
C6N NDP D . 58.22 -24.49 17.64
P2B NDP D . 64.09 -10.63 20.15
O1X NDP D . 64.19 -10.87 18.66
O2X NDP D . 63.98 -9.15 20.48
O3X NDP D . 65.20 -11.29 20.92
H51A NDP D . 61.88 -15.00 18.67
H52A NDP D . 62.30 -16.19 19.66
H4B NDP D . 60.52 -14.96 21.08
H3B NDP D . 60.85 -13.01 19.40
HO3A NDP D . 60.46 -12.93 22.01
H2B NDP D . 63.14 -12.93 19.54
H1B NDP D . 63.01 -13.07 22.39
H8A NDP D . 64.96 -14.09 19.45
H61A NDP D . 69.19 -14.77 21.57
H62A NDP D . 69.60 -15.02 23.03
H2A NDP D . 66.16 -13.98 25.48
H51N NDP D . 57.41 -19.34 21.03
H52N NDP D . 58.91 -18.80 21.14
H4D NDP D . 58.79 -21.12 21.53
H3D NDP D . 60.59 -20.12 19.67
HO3N NDP D . 60.76 -22.08 21.48
H2D NDP D . 60.07 -21.58 18.07
HO2N NDP D . 60.82 -23.70 18.58
H1D NDP D . 58.82 -23.37 19.91
H2N NDP D . 57.39 -21.46 17.25
H71N NDP D . 54.37 -21.83 14.11
H72N NDP D . 55.12 -23.15 14.22
H41N NDP D . 56.33 -24.67 15.36
H42N NDP D . 55.32 -24.72 16.57
H5N NDP D . 57.12 -26.08 17.26
H6N NDP D . 59.05 -24.90 17.76
PA NDP E . 8.53 26.54 40.27
O1A NDP E . 7.46 26.98 39.32
O2A NDP E . 8.90 27.47 41.38
O5B NDP E . 9.84 26.14 39.45
C5B NDP E . 9.76 25.03 38.53
C4B NDP E . 10.75 25.24 37.42
O4B NDP E . 10.08 25.09 36.14
C3B NDP E . 11.40 26.62 37.33
O3B NDP E . 12.48 26.74 38.25
C2B NDP E . 11.85 26.64 35.88
O2B NDP E . 13.07 25.89 35.76
C1B NDP E . 10.68 25.95 35.18
N9A NDP E . 9.68 26.89 34.68
C8A NDP E . 9.81 27.67 33.57
N7A NDP E . 8.76 28.42 33.34
C5A NDP E . 7.88 28.12 34.37
C6A NDP E . 6.60 28.59 34.69
N6A NDP E . 5.95 29.50 33.97
N1A NDP E . 6.00 28.08 35.79
C2A NDP E . 6.66 27.16 36.50
N3A NDP E . 7.87 26.65 36.31
C4A NDP E . 8.44 27.17 35.21
O3 NDP E . 8.12 25.12 40.89
PN NDP E . 8.79 24.28 42.09
O1N NDP E . 10.26 24.22 41.86
O2N NDP E . 8.29 24.82 43.38
O5D NDP E . 8.15 22.84 41.83
C5D NDP E . 9.05 21.79 41.41
C4D NDP E . 8.27 20.60 40.92
O4D NDP E . 7.76 19.86 42.06
C3D NDP E . 7.04 20.93 40.06
O3D NDP E . 7.06 20.19 38.84
C2D NDP E . 5.87 20.51 40.95
O2D NDP E . 4.74 20.08 40.21
C1D NDP E . 6.48 19.37 41.75
N1N NDP E . 5.75 19.06 43.00
C2N NDP E . 4.85 18.04 43.03
C3N NDP E . 4.69 17.29 44.15
C7N NDP E . 4.28 15.88 43.97
O7N NDP E . 3.11 15.55 44.15
N7N NDP E . 5.21 15.02 43.60
C4N NDP E . 4.96 17.94 45.46
C5N NDP E . 5.68 19.24 45.33
C6N NDP E . 5.97 19.76 44.17
P2B NDP E . 13.70 25.89 34.28
O1X NDP E . 15.19 25.80 34.49
O2X NDP E . 13.30 27.17 33.57
O3X NDP E . 13.16 24.66 33.58
H51A NDP E . 8.85 24.98 38.16
H52A NDP E . 9.96 24.19 39.00
H4B NDP E . 11.44 24.55 37.49
H3B NDP E . 10.73 27.33 37.48
HO3A NDP E . 12.58 25.99 38.64
H2B NDP E . 11.98 27.56 35.55
H1B NDP E . 11.02 25.41 34.43
H8A NDP E . 10.57 27.66 33.02
H61A NDP E . 6.05 29.54 33.11
H62A NDP E . 5.41 30.08 34.38
H2A NDP E . 6.20 26.84 37.26
H51N NDP E . 9.63 21.51 42.16
H52N NDP E . 9.64 22.12 40.68
H4D NDP E . 8.87 20.02 40.42
H3D NDP E . 6.99 21.90 39.87
HO3N NDP E . 7.33 19.39 39.02
H2D NDP E . 5.62 21.26 41.55
HO2N NDP E . 4.59 19.26 40.40
H1D NDP E . 6.56 18.57 41.19
H2N NDP E . 4.33 17.84 42.26
H71N NDP E . 4.98 14.22 43.28
H72N NDP E . 6.07 15.22 43.68
H41N NDP E . 5.49 17.34 46.02
H42N NDP E . 4.11 18.09 45.92
H5N NDP E . 5.95 19.68 46.13
H6N NDP E . 6.33 20.63 44.11
PA NDP F . -42.84 16.16 37.81
O1A NDP F . -43.24 16.04 36.38
O2A NDP F . -41.87 15.17 38.33
O5B NDP F . -44.15 16.17 38.73
C5B NDP F . -44.17 16.78 40.05
C4B NDP F . -43.38 15.94 41.02
O4B NDP F . -43.88 16.21 42.35
C3B NDP F . -43.46 14.42 40.87
O3B NDP F . -42.32 13.80 41.44
C2B NDP F . -44.70 14.09 41.68
O2B NDP F . -44.56 12.75 42.18
C1B NDP F . -44.64 15.12 42.81
N9A NDP F . -45.95 15.61 43.21
C8A NDP F . -47.00 15.93 42.39
N7A NDP F . -48.06 16.35 43.04
C5A NDP F . -47.68 16.31 44.36
C6A NDP F . -48.36 16.64 45.55
N6A NDP F . -49.61 17.09 45.58
N1A NDP F . -47.69 16.50 46.72
C2A NDP F . -46.43 16.04 46.68
N3A NDP F . -45.69 15.69 45.62
C4A NDP F . -46.38 15.86 44.48
O3 NDP F . -42.23 17.64 38.03
PN NDP F . -41.28 18.51 37.07
O1N NDP F . -40.15 17.65 36.62
O2N NDP F . -42.12 19.17 36.04
O5D NDP F . -40.71 19.61 38.09
C5D NDP F . -40.28 20.90 37.58
C4D NDP F . -40.97 22.00 38.34
O4D NDP F . -40.99 23.20 37.55
C3D NDP F . -42.45 21.76 38.69
O3D NDP F . -42.87 22.60 39.77
C2D NDP F . -43.11 22.17 37.39
O2D NDP F . -44.48 22.45 37.60
C1D NDP F . -42.29 23.41 37.02
N1N NDP F . -42.17 23.60 35.55
C2N NDP F . -41.72 22.58 34.74
C3N NDP F . -41.03 22.85 33.61
C7N NDP F . -40.44 21.70 32.90
O7N NDP F . -40.58 21.61 31.67
N7N NDP F . -39.74 20.81 33.59
C4N NDP F . -40.91 24.27 33.17
C5N NDP F . -41.75 25.21 33.93
C6N NDP F . -42.46 24.80 34.96
P2B NDP F . -45.95 12.09 42.67
O1X NDP F . -45.65 10.63 42.99
O2X NDP F . -46.91 12.22 41.51
O3X NDP F . -46.39 12.86 43.89
H51A NDP F . -45.10 16.85 40.37
H52A NDP F . -43.79 17.69 40.00
H4B NDP F . -42.44 16.23 40.98
H3B NDP F . -43.57 14.15 39.94
HO3A NDP F . -42.09 14.22 42.14
H2B NDP F . -45.51 14.19 41.14
H1B NDP F . -44.19 14.70 43.59
H8A NDP F . -46.97 15.85 41.45
H61A NDP F . -50.27 16.57 45.33
H62A NDP F . -49.77 17.91 45.86
H2A NDP F . -46.01 15.95 47.52
H51N NDP F . -40.51 20.97 36.63
H52N NDP F . -39.30 20.99 37.68
H4D NDP F . -40.47 22.17 39.17
H3D NDP F . -42.64 20.81 38.88
HO3N NDP F . -42.28 23.17 39.91
H2D NDP F . -42.99 21.46 36.72
HO2N NDP F . -44.94 21.93 37.10
H1D NDP F . -42.69 24.22 37.42
H2N NDP F . -41.89 21.69 34.98
H71N NDP F . -39.84 20.76 34.47
H72N NDP F . -39.18 20.27 33.18
H41N NDP F . -41.17 24.33 32.23
H42N NDP F . -39.97 24.54 33.23
H5N NDP F . -41.76 26.14 33.69
H6N NDP F . -43.16 25.32 35.30
#